data_9P6B
#
_entry.id   9P6B
#
_cell.length_a   1.00
_cell.length_b   1.00
_cell.length_c   1.00
_cell.angle_alpha   90.00
_cell.angle_beta   90.00
_cell.angle_gamma   90.00
#
_symmetry.space_group_name_H-M   'P 1'
#
loop_
_entity.id
_entity.type
_entity.pdbx_description
1 polymer 'Transient receptor potential cation channel subfamily V member 1'
2 non-polymer '(2S)-3-(hexadecanoyloxy)-2-[(9Z)-octadec-9-enoyloxy]propyl 2-(trimethylammonio)ethyl phosphate'
3 non-polymer '(2R)-3-{[(R)-hydroxy{[(1S,2R,3R,4S,5S,6R)-2,3,4,5,6-pentahydroxycyclohexyl]oxy}phosphoryl]oxy}propane-1,2-diyl dioctadecanoate'
4 non-polymer TRIDECANE
5 non-polymer 'SODIUM ION'
6 water water
#
_entity_poly.entity_id   1
_entity_poly.type   'polypeptide(L)'
_entity_poly.pdbx_seq_one_letter_code
;MTSKKWSSTDLGAAADPLQKDTCPDPLDGDPNSRPPPAKPQLSTAKSRTRLFGKGDSEEAFPVDCPHEEGELDSCPTITV
SPVITIQRPGDGPTGARLLSQDSVAASTEKTLRLYDRRSIFEAVAQNNCQDLESLLLFLQKSKKHLTDNEFKDPETGKTC
LLKAMLNLHDGQNTTIPLLLEIARQTDSLKELVNASYTDSYYKGQTALHIAIERRNMALVTLLVENGADVQAAAHGDFFK
KTKGRPGFYFGELPLSLAACTNQLGIVKFLLQNSWQTADISARDSVGNTVLHALVEVADNTADNTKFVTSMYNEILMLGA
KLHPTLKLEELTNKKGMTPLALAAGTGKIGVLAYILQREIQEPECRHLSRKFTEWAYGPVHSSLYDLSCIDTCEKNSVLE
VIAYSSSETPNRHDMLLVEPLNRLLQDKWDRFVKRIFYFNFLVYCLYMIIFTMAAYYRPVDGLPPFKMEKTGDYFRVTGE
ILSVLGGVYFFFRGIQYFLQRRPSMKTLFVDSYSEMLFFLQSLFMLATVVLYFSHLKEYVASMVFSLALGWTNMLYYTRG
FQQMGIYAVMIEKMILRDLCRFMFVYIVFLFGFSTAVVTLIEDGKNDSLPSESTSHRWRGPACRPPDSSYNSLYSTCLEL
FKFTIGMGDLEFTENYDFKAVFIILLLAYVILTYILLLNMLIALMGETVNKIAQESKNIWKLQRAITILDTEKSFLKCMR
KAFRSGKLLQVGYTPDGKDDYRWCFRVDEVNWTTWNTNVGIINEDPGNCEGVKRTLSFSLRSSRVSGRHWKNFALVPLLR
EASARDRQSAQPEEVYLRQFSGSLKPEDAEVFKSPAASGEKLVPRGSAAAAVSKGEELFTGVVPILVELDGDVNGHKFSV
SGEGEGDATYGKLTLKFICTTGKLPVPWPTLVTTLTYGVQCFSRYPDHMKQHDFFKSAMPEGYVQERTIFFKDDGNYKTR
AEVKFEGDTLVNRIELKGIDFKEDGNILGHKLEYNYNSHNVYIMADKQKNGIKVNFKIRHNIEDGSVQLADHYQQNTPIG
DGPVLLPDNHYLSTQSKLSKDPNEKRDHMVLLEFVTAAGITLGMDELYKSGLRSWSHPQFEK
;
_entity_poly.pdbx_strand_id   A,B,C,D
#
loop_
_chem_comp.id
_chem_comp.type
_chem_comp.name
_chem_comp.formula
8IJ non-polymer '(2R)-3-{[(R)-hydroxy{[(1S,2R,3R,4S,5S,6R)-2,3,4,5,6-pentahydroxycyclohexyl]oxy}phosphoryl]oxy}propane-1,2-diyl dioctadecanoate' 'C45 H87 O13 P'
NA non-polymer 'SODIUM ION' 'Na 1'
POV non-polymer '(2S)-3-(hexadecanoyloxy)-2-[(9Z)-octadec-9-enoyloxy]propyl 2-(trimethylammonio)ethyl phosphate' 'C42 H82 N O8 P'
TRD non-polymer TRIDECANE 'C13 H28'
#
# COMPACT_ATOMS: atom_id res chain seq x y z
N ARG A 117 -18.15 -10.50 63.49
CA ARG A 117 -16.97 -11.05 64.20
C ARG A 117 -15.97 -11.57 63.17
N ARG A 118 -15.03 -12.41 63.62
CA ARG A 118 -14.03 -12.96 62.69
C ARG A 118 -14.54 -14.25 62.04
N SER A 119 -15.18 -15.11 62.82
CA SER A 119 -15.59 -16.41 62.30
C SER A 119 -16.80 -16.32 61.38
N ILE A 120 -17.56 -15.22 61.46
CA ILE A 120 -18.78 -15.12 60.65
C ILE A 120 -18.41 -14.82 59.20
N PHE A 121 -17.50 -13.87 58.97
CA PHE A 121 -17.05 -13.63 57.61
C PHE A 121 -16.30 -14.83 57.07
N GLU A 122 -15.63 -15.59 57.94
CA GLU A 122 -15.00 -16.85 57.56
C GLU A 122 -16.04 -17.86 57.10
N ALA A 123 -17.19 -17.88 57.78
CA ALA A 123 -18.22 -18.88 57.47
C ALA A 123 -19.13 -18.41 56.34
N VAL A 124 -19.30 -17.09 56.20
CA VAL A 124 -20.05 -16.54 55.07
C VAL A 124 -19.18 -16.63 53.82
N ALA A 125 -17.86 -16.56 53.99
CA ALA A 125 -16.93 -16.73 52.87
C ALA A 125 -16.94 -18.18 52.40
N GLN A 126 -16.54 -19.10 53.27
CA GLN A 126 -16.58 -20.52 52.96
C GLN A 126 -18.02 -20.96 52.77
N ASN A 127 -18.34 -21.57 51.63
CA ASN A 127 -19.71 -22.02 51.43
C ASN A 127 -20.00 -23.20 52.36
N ASN A 128 -20.48 -22.89 53.56
CA ASN A 128 -20.69 -23.90 54.59
C ASN A 128 -21.88 -23.42 55.42
N CYS A 129 -23.07 -23.88 55.04
CA CYS A 129 -24.31 -23.40 55.63
C CYS A 129 -24.75 -24.31 56.79
N GLN A 130 -23.82 -24.63 57.68
CA GLN A 130 -24.10 -25.43 58.86
C GLN A 130 -23.81 -24.63 60.12
N ASP A 131 -22.65 -23.98 60.16
CA ASP A 131 -22.30 -23.13 61.29
C ASP A 131 -23.18 -21.90 61.36
N LEU A 132 -23.83 -21.52 60.26
CA LEU A 132 -24.67 -20.33 60.26
C LEU A 132 -25.91 -20.54 61.12
N GLU A 133 -26.56 -21.70 60.95
CA GLU A 133 -27.76 -22.01 61.75
C GLU A 133 -27.47 -21.97 63.23
N SER A 134 -26.26 -22.34 63.64
CA SER A 134 -25.86 -22.19 65.04
C SER A 134 -25.82 -20.73 65.46
N LEU A 135 -25.53 -19.84 64.49
CA LEU A 135 -25.47 -18.41 64.79
C LEU A 135 -26.77 -17.69 64.44
N LEU A 136 -27.64 -18.30 63.63
CA LEU A 136 -29.05 -17.92 63.66
C LEU A 136 -29.58 -18.05 65.08
N LEU A 137 -29.22 -19.14 65.74
CA LEU A 137 -29.63 -19.40 67.11
C LEU A 137 -28.98 -18.40 68.07
N PHE A 138 -27.77 -17.95 67.76
CA PHE A 138 -27.07 -17.03 68.65
C PHE A 138 -27.65 -15.63 68.57
N LEU A 139 -27.82 -15.10 67.36
CA LEU A 139 -28.29 -13.73 67.21
C LEU A 139 -29.77 -13.60 67.60
N GLN A 140 -30.49 -14.72 67.63
CA GLN A 140 -31.86 -14.74 68.14
C GLN A 140 -31.89 -14.22 69.58
N LYS A 141 -30.87 -14.57 70.36
CA LYS A 141 -30.94 -14.41 71.82
C LYS A 141 -30.41 -13.04 72.27
N SER A 142 -29.99 -12.21 71.31
CA SER A 142 -29.80 -10.79 71.63
C SER A 142 -30.74 -9.86 70.85
N LYS A 143 -30.48 -9.64 69.56
CA LYS A 143 -31.41 -8.88 68.73
C LYS A 143 -31.36 -9.15 67.23
N LYS A 144 -30.17 -9.49 66.74
CA LYS A 144 -29.75 -9.54 65.32
C LYS A 144 -29.59 -8.17 64.67
N HIS A 145 -30.14 -7.09 65.23
CA HIS A 145 -30.19 -5.84 64.46
C HIS A 145 -28.91 -5.04 64.59
N LEU A 146 -28.59 -4.54 65.79
CA LEU A 146 -27.33 -3.84 65.98
C LEU A 146 -26.16 -4.82 65.87
N THR A 147 -26.39 -6.07 66.26
CA THR A 147 -25.30 -7.04 66.29
C THR A 147 -24.81 -7.36 64.89
N ASP A 148 -25.70 -7.41 63.90
CA ASP A 148 -25.25 -7.44 62.51
C ASP A 148 -24.60 -6.12 62.13
N ASN A 149 -25.13 -5.00 62.64
CA ASN A 149 -24.51 -3.72 62.35
C ASN A 149 -23.15 -3.60 63.03
N GLU A 150 -22.96 -4.28 64.16
CA GLU A 150 -21.65 -4.37 64.78
C GLU A 150 -20.78 -5.45 64.14
N PHE A 151 -21.40 -6.42 63.47
CA PHE A 151 -20.69 -7.40 62.65
C PHE A 151 -20.55 -6.95 61.19
N LYS A 152 -20.61 -5.65 60.93
CA LYS A 152 -20.20 -5.10 59.64
C LYS A 152 -18.68 -4.99 59.69
N ASP A 153 -18.02 -5.50 58.64
CA ASP A 153 -16.56 -5.49 58.54
C ASP A 153 -16.05 -4.06 58.70
N PRO A 154 -15.32 -3.71 59.79
CA PRO A 154 -14.84 -2.34 59.92
C PRO A 154 -13.90 -1.92 58.80
N GLU A 155 -13.81 -0.61 58.56
CA GLU A 155 -13.05 0.01 57.48
C GLU A 155 -13.61 -0.25 56.08
N THR A 156 -14.71 -1.02 55.98
CA THR A 156 -15.38 -1.24 54.71
C THR A 156 -16.90 -1.11 54.80
N GLY A 157 -17.48 -1.48 55.95
CA GLY A 157 -18.92 -1.46 56.11
C GLY A 157 -19.63 -2.70 55.60
N LYS A 158 -18.90 -3.76 55.25
CA LYS A 158 -19.51 -4.97 54.72
C LYS A 158 -20.29 -5.73 55.78
N THR A 159 -21.61 -5.68 55.73
CA THR A 159 -22.41 -6.67 56.44
C THR A 159 -22.22 -8.03 55.77
N CYS A 160 -22.74 -9.07 56.43
CA CYS A 160 -22.56 -10.43 55.93
C CYS A 160 -23.16 -10.64 54.54
N LEU A 161 -24.13 -9.82 54.14
CA LEU A 161 -24.78 -10.00 52.85
C LEU A 161 -23.83 -9.69 51.70
N LEU A 162 -23.22 -8.50 51.72
CA LEU A 162 -22.30 -8.11 50.67
C LEU A 162 -21.13 -9.08 50.57
N LYS A 163 -20.69 -9.59 51.71
CA LYS A 163 -19.58 -10.55 51.74
C LYS A 163 -19.92 -11.82 50.97
N ALA A 164 -21.20 -12.19 50.93
CA ALA A 164 -21.57 -13.48 50.38
C ALA A 164 -21.44 -13.51 48.86
N MET A 165 -22.00 -12.51 48.18
CA MET A 165 -21.94 -12.51 46.73
C MET A 165 -20.54 -12.25 46.21
N LEU A 166 -19.66 -11.68 47.03
CA LEU A 166 -18.26 -11.51 46.65
C LEU A 166 -17.59 -12.87 46.46
N ASN A 167 -17.71 -13.75 47.45
CA ASN A 167 -17.13 -15.08 47.40
C ASN A 167 -18.22 -16.07 46.98
N LEU A 168 -18.50 -16.09 45.68
CA LEU A 168 -19.48 -17.01 45.11
C LEU A 168 -18.76 -18.23 44.54
N HIS A 169 -19.54 -19.26 44.23
CA HIS A 169 -19.01 -20.48 43.63
C HIS A 169 -20.07 -21.01 42.67
N ASP A 170 -19.76 -20.94 41.37
CA ASP A 170 -20.67 -21.38 40.31
C ASP A 170 -21.99 -20.62 40.38
N GLY A 171 -21.94 -19.37 40.81
CA GLY A 171 -23.11 -18.51 40.80
C GLY A 171 -24.02 -18.67 42.00
N GLN A 172 -23.50 -19.22 43.10
CA GLN A 172 -24.29 -19.36 44.31
C GLN A 172 -23.36 -19.73 45.46
N ASN A 173 -23.59 -19.09 46.62
CA ASN A 173 -22.87 -19.41 47.85
C ASN A 173 -23.60 -20.43 48.71
N THR A 174 -24.93 -20.41 48.70
CA THR A 174 -25.82 -21.24 49.52
C THR A 174 -25.88 -20.75 50.97
N THR A 175 -25.12 -19.71 51.31
CA THR A 175 -25.37 -18.96 52.54
C THR A 175 -26.28 -17.76 52.26
N ILE A 176 -26.35 -17.32 51.01
CA ILE A 176 -27.17 -16.17 50.65
C ILE A 176 -28.64 -16.48 50.92
N PRO A 177 -29.17 -17.65 50.54
CA PRO A 177 -30.55 -17.97 50.99
C PRO A 177 -30.69 -18.00 52.49
N LEU A 178 -29.70 -18.56 53.19
CA LEU A 178 -29.78 -18.64 54.65
C LEU A 178 -29.71 -17.27 55.30
N LEU A 179 -28.73 -16.45 54.88
CA LEU A 179 -28.58 -15.13 55.51
C LEU A 179 -29.81 -14.26 55.30
N LEU A 180 -30.59 -14.53 54.26
CA LEU A 180 -31.89 -13.87 54.10
C LEU A 180 -32.90 -14.45 55.09
N GLU A 181 -32.77 -15.75 55.43
CA GLU A 181 -33.68 -16.38 56.37
C GLU A 181 -33.50 -15.85 57.78
N ILE A 182 -32.25 -15.54 58.15
CA ILE A 182 -31.97 -14.95 59.46
C ILE A 182 -32.62 -13.57 59.53
N ALA A 183 -32.73 -12.89 58.39
CA ALA A 183 -33.13 -11.48 58.39
C ALA A 183 -34.64 -11.32 58.21
N ARG A 184 -35.32 -12.33 57.68
CA ARG A 184 -36.76 -12.21 57.46
C ARG A 184 -37.54 -12.64 58.70
N GLN A 185 -37.12 -13.71 59.38
CA GLN A 185 -37.75 -14.10 60.63
C GLN A 185 -37.50 -13.04 61.69
N THR A 186 -36.23 -12.83 62.01
CA THR A 186 -35.84 -11.85 63.01
C THR A 186 -35.89 -10.46 62.38
N ASP A 187 -36.35 -9.48 63.15
CA ASP A 187 -36.82 -8.19 62.65
C ASP A 187 -35.73 -7.44 61.88
N SER A 188 -36.13 -6.38 61.16
CA SER A 188 -35.24 -5.50 60.42
C SER A 188 -34.50 -6.17 59.27
N LEU A 189 -35.24 -6.63 58.27
CA LEU A 189 -34.67 -7.15 57.02
C LEU A 189 -34.07 -6.06 56.14
N LYS A 190 -34.61 -4.84 56.18
CA LYS A 190 -34.18 -3.80 55.25
C LYS A 190 -32.71 -3.43 55.46
N GLU A 191 -32.28 -3.36 56.71
CA GLU A 191 -30.94 -2.87 57.01
C GLU A 191 -29.84 -3.85 56.65
N LEU A 192 -30.19 -5.03 56.11
CA LEU A 192 -29.20 -5.94 55.56
C LEU A 192 -29.04 -5.73 54.06
N VAL A 193 -30.15 -5.46 53.37
CA VAL A 193 -30.12 -5.32 51.91
C VAL A 193 -29.86 -3.88 51.51
N ASN A 194 -30.41 -2.93 52.26
CA ASN A 194 -30.14 -1.52 52.00
C ASN A 194 -28.73 -1.16 52.46
N ALA A 195 -28.11 -2.02 53.26
CA ALA A 195 -26.73 -1.79 53.70
C ALA A 195 -25.79 -1.75 52.50
N SER A 196 -24.63 -1.13 52.73
CA SER A 196 -23.64 -0.96 51.69
C SER A 196 -22.28 -0.83 52.35
N TYR A 197 -21.24 -0.64 51.53
CA TYR A 197 -19.96 -0.27 52.06
C TYR A 197 -20.07 1.09 52.72
N THR A 198 -19.28 1.30 53.79
CA THR A 198 -19.25 2.57 54.50
C THR A 198 -18.10 3.46 54.04
N ASP A 199 -17.04 2.87 53.51
CA ASP A 199 -15.86 3.63 53.11
C ASP A 199 -16.20 4.62 52.01
N SER A 200 -15.44 5.71 51.96
CA SER A 200 -15.62 6.72 50.92
C SER A 200 -15.26 6.20 49.53
N TYR A 201 -14.57 5.06 49.43
CA TYR A 201 -14.09 4.57 48.16
C TYR A 201 -15.05 3.58 47.49
N TYR A 202 -15.93 2.94 48.27
CA TYR A 202 -17.06 2.19 47.73
C TYR A 202 -18.38 2.71 48.28
N LYS A 203 -18.45 4.00 48.59
CA LYS A 203 -19.59 4.60 49.25
C LYS A 203 -20.88 4.39 48.46
N GLY A 204 -21.80 3.61 49.03
CA GLY A 204 -23.12 3.43 48.47
C GLY A 204 -23.30 2.20 47.61
N GLN A 205 -22.24 1.40 47.46
CA GLN A 205 -22.33 0.17 46.67
C GLN A 205 -23.08 -0.88 47.48
N THR A 206 -24.39 -0.92 47.27
CA THR A 206 -25.20 -1.94 47.91
C THR A 206 -24.89 -3.30 47.31
N ALA A 207 -25.32 -4.35 48.01
CA ALA A 207 -25.18 -5.71 47.53
C ALA A 207 -25.90 -5.95 46.22
N LEU A 208 -26.90 -5.13 45.88
CA LEU A 208 -27.59 -5.27 44.61
C LEU A 208 -26.66 -4.99 43.44
N HIS A 209 -25.72 -4.06 43.63
CA HIS A 209 -24.75 -3.77 42.58
C HIS A 209 -23.86 -4.96 42.31
N ILE A 210 -23.57 -5.74 43.35
CA ILE A 210 -22.67 -6.88 43.21
C ILE A 210 -23.26 -7.92 42.26
N ALA A 211 -24.54 -8.26 42.47
CA ALA A 211 -25.17 -9.28 41.65
C ALA A 211 -25.22 -8.87 40.19
N ILE A 212 -25.25 -7.56 39.92
CA ILE A 212 -25.36 -7.07 38.55
C ILE A 212 -24.01 -7.20 37.84
N GLU A 213 -22.91 -7.06 38.59
CA GLU A 213 -21.60 -7.18 37.96
C GLU A 213 -21.22 -8.64 37.74
N ARG A 214 -21.63 -9.51 38.66
CA ARG A 214 -21.26 -10.92 38.58
C ARG A 214 -22.16 -11.70 37.64
N ARG A 215 -23.09 -11.02 36.94
CA ARG A 215 -23.96 -11.62 35.95
C ARG A 215 -24.76 -12.78 36.54
N ASN A 216 -25.42 -12.54 37.67
CA ASN A 216 -26.29 -13.52 38.32
C ASN A 216 -27.70 -12.95 38.23
N MET A 217 -28.44 -13.39 37.21
CA MET A 217 -29.83 -12.97 37.07
C MET A 217 -30.64 -13.31 38.31
N ALA A 218 -30.39 -14.48 38.91
CA ALA A 218 -31.16 -14.93 40.05
C ALA A 218 -31.04 -13.98 41.22
N LEU A 219 -29.80 -13.70 41.65
CA LEU A 219 -29.59 -12.92 42.86
C LEU A 219 -30.15 -11.51 42.72
N VAL A 220 -30.25 -11.01 41.49
CA VAL A 220 -30.96 -9.75 41.26
C VAL A 220 -32.43 -9.92 41.58
N THR A 221 -33.00 -11.07 41.20
CA THR A 221 -34.38 -11.37 41.55
C THR A 221 -34.54 -11.53 43.06
N LEU A 222 -33.66 -12.33 43.69
CA LEU A 222 -33.81 -12.65 45.11
C LEU A 222 -33.76 -11.40 45.97
N LEU A 223 -32.82 -10.49 45.69
CA LEU A 223 -32.63 -9.35 46.56
C LEU A 223 -33.75 -8.32 46.40
N VAL A 224 -34.23 -8.13 45.17
CA VAL A 224 -35.24 -7.10 44.94
C VAL A 224 -36.59 -7.53 45.53
N GLU A 225 -36.79 -8.83 45.68
CA GLU A 225 -37.94 -9.33 46.43
C GLU A 225 -37.91 -8.81 47.86
N ASN A 226 -36.74 -8.86 48.49
CA ASN A 226 -36.58 -8.56 49.91
C ASN A 226 -36.26 -7.08 50.17
N GLY A 227 -36.70 -6.20 49.28
CA GLY A 227 -36.33 -4.79 49.34
C GLY A 227 -35.25 -4.45 48.31
N ALA A 228 -34.05 -4.11 48.80
CA ALA A 228 -32.90 -3.92 47.93
C ALA A 228 -33.18 -2.82 46.91
N ASP A 229 -33.28 -1.58 47.37
CA ASP A 229 -33.59 -0.40 46.56
C ASP A 229 -32.81 -0.38 45.25
N VAL A 230 -33.52 -0.20 44.14
CA VAL A 230 -32.93 -0.17 42.81
C VAL A 230 -32.45 1.23 42.45
N GLN A 231 -32.41 2.15 43.44
CA GLN A 231 -31.94 3.51 43.22
C GLN A 231 -30.78 3.85 44.15
N ALA A 232 -30.03 2.85 44.58
CA ALA A 232 -28.91 3.08 45.48
C ALA A 232 -27.73 3.65 44.71
N ALA A 233 -27.27 4.83 45.14
CA ALA A 233 -26.23 5.57 44.45
C ALA A 233 -24.87 5.08 44.93
N ALA A 234 -24.16 4.36 44.07
CA ALA A 234 -22.79 3.94 44.35
C ALA A 234 -21.87 5.15 44.18
N HIS A 235 -21.81 5.96 45.24
CA HIS A 235 -21.11 7.24 45.17
C HIS A 235 -19.60 7.07 45.01
N GLY A 236 -19.04 5.98 45.54
CA GLY A 236 -17.61 5.86 45.82
C GLY A 236 -16.65 6.29 44.74
N ASP A 237 -15.43 6.66 45.15
CA ASP A 237 -14.43 7.19 44.23
C ASP A 237 -14.08 6.19 43.13
N PHE A 238 -14.22 4.90 43.42
CA PHE A 238 -14.14 3.86 42.41
C PHE A 238 -15.20 4.06 41.33
N PHE A 239 -16.33 4.64 41.73
CA PHE A 239 -17.52 4.76 40.89
C PHE A 239 -17.74 6.18 40.37
N LYS A 240 -16.72 7.02 40.40
CA LYS A 240 -16.81 8.40 39.95
C LYS A 240 -16.12 8.54 38.61
N LYS A 241 -16.14 9.77 38.07
CA LYS A 241 -15.59 10.08 36.77
C LYS A 241 -14.13 9.65 36.68
N THR A 242 -13.61 9.53 35.45
CA THR A 242 -12.38 8.79 35.11
C THR A 242 -11.25 8.91 36.12
N LYS A 243 -10.99 10.11 36.65
CA LYS A 243 -10.12 10.37 37.78
C LYS A 243 -8.62 10.15 37.47
N GLY A 244 -8.29 9.62 36.30
CA GLY A 244 -6.91 9.20 36.04
C GLY A 244 -6.41 8.10 36.96
N ARG A 245 -7.32 7.39 37.63
CA ARG A 245 -7.03 6.30 38.54
C ARG A 245 -7.87 5.10 38.18
N PRO A 246 -7.57 3.92 38.74
CA PRO A 246 -8.39 2.74 38.43
C PRO A 246 -9.83 2.92 38.86
N GLY A 247 -10.75 2.48 38.01
CA GLY A 247 -12.16 2.61 38.30
C GLY A 247 -13.04 2.32 37.09
N PHE A 248 -14.33 2.09 37.34
CA PHE A 248 -15.31 1.90 36.28
C PHE A 248 -16.51 2.76 36.58
N TYR A 249 -16.72 3.79 35.77
CA TYR A 249 -17.90 4.63 35.88
C TYR A 249 -19.00 4.06 35.00
N PHE A 250 -20.16 3.81 35.62
CA PHE A 250 -21.35 3.38 34.90
C PHE A 250 -22.53 4.31 35.07
N GLY A 251 -22.54 5.20 36.07
CA GLY A 251 -23.66 6.07 36.34
C GLY A 251 -24.22 5.94 37.74
N GLU A 252 -23.54 5.18 38.61
CA GLU A 252 -23.79 5.13 40.04
C GLU A 252 -25.09 4.44 40.45
N LEU A 253 -25.96 4.11 39.49
CA LEU A 253 -27.26 3.56 39.78
C LEU A 253 -27.36 2.16 39.18
N PRO A 254 -28.04 1.21 39.86
CA PRO A 254 -27.99 -0.18 39.37
C PRO A 254 -28.54 -0.38 37.98
N LEU A 255 -29.48 0.46 37.54
CA LEU A 255 -30.00 0.31 36.18
C LEU A 255 -28.94 0.65 35.15
N SER A 256 -28.08 1.61 35.48
CA SER A 256 -27.03 2.02 34.56
C SER A 256 -25.90 0.99 34.55
N LEU A 257 -25.69 0.31 35.67
CA LEU A 257 -24.72 -0.78 35.73
C LEU A 257 -25.11 -1.90 34.77
N ALA A 258 -26.39 -2.27 34.76
CA ALA A 258 -26.85 -3.34 33.90
C ALA A 258 -26.75 -2.96 32.43
N ALA A 259 -27.06 -1.70 32.12
CA ALA A 259 -26.98 -1.25 30.73
C ALA A 259 -25.53 -1.25 30.24
N CYS A 260 -24.59 -0.88 31.11
CA CYS A 260 -23.18 -0.81 30.74
C CYS A 260 -22.44 -2.12 30.93
N THR A 261 -23.16 -3.22 31.23
CA THR A 261 -22.56 -4.51 31.54
C THR A 261 -22.97 -5.60 30.55
N ASN A 262 -23.79 -5.27 29.55
CA ASN A 262 -24.44 -6.23 28.68
C ASN A 262 -25.27 -7.18 29.50
N GLN A 263 -26.26 -6.61 30.19
CA GLN A 263 -27.29 -7.34 30.88
C GLN A 263 -28.62 -6.69 30.50
N LEU A 264 -29.15 -7.07 29.34
CA LEU A 264 -30.42 -6.51 28.89
C LEU A 264 -31.58 -7.15 29.63
N GLY A 265 -31.44 -8.42 30.00
CA GLY A 265 -32.44 -9.06 30.83
C GLY A 265 -32.61 -8.37 32.16
N ILE A 266 -31.51 -7.89 32.73
CA ILE A 266 -31.58 -7.21 34.04
C ILE A 266 -32.13 -5.80 33.87
N VAL A 267 -31.96 -5.20 32.69
CA VAL A 267 -32.60 -3.91 32.44
C VAL A 267 -34.11 -4.07 32.47
N LYS A 268 -34.65 -4.94 31.61
CA LYS A 268 -36.09 -5.11 31.51
C LYS A 268 -36.69 -5.59 32.83
N PHE A 269 -35.92 -6.35 33.60
CA PHE A 269 -36.41 -6.82 34.90
C PHE A 269 -36.61 -5.67 35.87
N LEU A 270 -35.57 -4.84 36.04
CA LEU A 270 -35.61 -3.80 37.06
C LEU A 270 -36.68 -2.75 36.78
N LEU A 271 -37.20 -2.68 35.55
CA LEU A 271 -38.25 -1.72 35.24
C LEU A 271 -39.64 -2.32 35.43
N GLN A 272 -39.82 -3.61 35.12
CA GLN A 272 -41.08 -4.32 35.37
C GLN A 272 -40.76 -5.67 36.04
N ASN A 273 -40.57 -5.66 37.37
CA ASN A 273 -40.27 -6.90 38.07
C ASN A 273 -41.53 -7.48 38.74
N SER A 274 -41.87 -7.06 39.95
CA SER A 274 -43.24 -6.87 40.41
C SER A 274 -43.36 -5.76 41.45
N TRP A 275 -42.25 -5.47 42.17
CA TRP A 275 -42.28 -4.79 43.46
C TRP A 275 -41.81 -3.34 43.39
N GLN A 276 -40.58 -3.13 42.93
CA GLN A 276 -39.98 -1.80 42.88
C GLN A 276 -39.34 -1.64 41.51
N THR A 277 -39.80 -0.62 40.78
CA THR A 277 -39.37 -0.40 39.40
C THR A 277 -38.30 0.68 39.37
N ALA A 278 -37.24 0.43 38.62
CA ALA A 278 -36.18 1.42 38.46
C ALA A 278 -36.72 2.66 37.76
N ASP A 279 -36.04 3.78 37.96
CA ASP A 279 -36.42 5.05 37.33
C ASP A 279 -35.50 5.31 36.14
N ILE A 280 -36.05 5.17 34.94
CA ILE A 280 -35.38 5.59 33.72
C ILE A 280 -34.88 7.02 33.82
N SER A 281 -35.62 7.89 34.51
CA SER A 281 -35.32 9.32 34.51
C SER A 281 -34.33 9.74 35.58
N ALA A 282 -33.96 8.84 36.50
CA ALA A 282 -33.18 9.25 37.66
C ALA A 282 -31.76 9.62 37.26
N ARG A 283 -31.11 10.39 38.12
CA ARG A 283 -29.80 10.97 37.86
C ARG A 283 -28.81 10.54 38.92
N ASP A 284 -27.53 10.60 38.56
CA ASP A 284 -26.44 10.28 39.47
C ASP A 284 -25.92 11.55 40.13
N SER A 285 -24.78 11.45 40.81
CA SER A 285 -24.17 12.58 41.48
C SER A 285 -23.83 13.70 40.49
N VAL A 286 -23.33 13.31 39.31
CA VAL A 286 -22.94 14.27 38.28
C VAL A 286 -24.12 14.58 37.35
N GLY A 287 -25.33 14.15 37.72
CA GLY A 287 -26.51 14.43 36.93
C GLY A 287 -26.71 13.53 35.74
N ASN A 288 -25.75 12.68 35.41
CA ASN A 288 -25.87 11.82 34.24
C ASN A 288 -26.97 10.78 34.48
N THR A 289 -27.96 10.77 33.61
CA THR A 289 -28.97 9.72 33.59
C THR A 289 -28.35 8.44 33.04
N VAL A 290 -29.16 7.41 32.83
CA VAL A 290 -28.64 6.18 32.25
C VAL A 290 -28.08 6.45 30.85
N LEU A 291 -28.77 7.24 30.04
CA LEU A 291 -28.34 7.41 28.65
C LEU A 291 -27.06 8.23 28.58
N HIS A 292 -26.95 9.27 29.41
CA HIS A 292 -25.67 9.96 29.56
C HIS A 292 -24.56 8.96 29.92
N ALA A 293 -24.88 8.01 30.79
CA ALA A 293 -23.88 7.05 31.23
C ALA A 293 -23.54 6.05 30.13
N LEU A 294 -24.47 5.81 29.22
CA LEU A 294 -24.13 5.02 28.03
C LEU A 294 -23.17 5.78 27.13
N VAL A 295 -23.12 7.11 27.26
CA VAL A 295 -22.21 7.91 26.44
C VAL A 295 -20.84 7.97 27.08
N GLU A 296 -20.80 8.20 28.40
CA GLU A 296 -19.54 8.23 29.13
C GLU A 296 -18.77 6.92 29.00
N VAL A 297 -19.47 5.79 28.87
CA VAL A 297 -18.83 4.49 28.84
C VAL A 297 -18.35 4.10 27.46
N ALA A 298 -18.83 4.76 26.41
CA ALA A 298 -18.39 4.45 25.06
C ALA A 298 -16.92 4.83 24.89
N ASP A 299 -16.21 4.05 24.05
CA ASP A 299 -14.77 4.18 23.89
C ASP A 299 -14.34 4.07 22.43
N ASN A 300 -15.26 4.24 21.49
CA ASN A 300 -14.95 4.33 20.07
C ASN A 300 -14.34 3.07 19.49
N THR A 301 -14.57 1.93 20.14
CA THR A 301 -14.25 0.62 19.58
C THR A 301 -15.53 -0.04 19.10
N ALA A 302 -15.38 -0.97 18.14
CA ALA A 302 -16.53 -1.46 17.40
C ALA A 302 -17.46 -2.29 18.28
N ASP A 303 -16.89 -3.14 19.13
CA ASP A 303 -17.71 -4.02 19.95
C ASP A 303 -18.44 -3.24 21.03
N ASN A 304 -17.78 -2.22 21.58
CA ASN A 304 -18.46 -1.29 22.48
C ASN A 304 -19.51 -0.49 21.73
N THR A 305 -19.17 -0.02 20.53
CA THR A 305 -20.10 0.77 19.74
C THR A 305 -21.28 -0.07 19.28
N LYS A 306 -21.02 -1.32 18.89
CA LYS A 306 -22.07 -2.25 18.54
C LYS A 306 -23.03 -2.40 19.71
N PHE A 307 -22.48 -2.46 20.92
CA PHE A 307 -23.31 -2.72 22.09
C PHE A 307 -24.05 -1.47 22.55
N VAL A 308 -23.31 -0.41 22.87
CA VAL A 308 -23.88 0.78 23.48
C VAL A 308 -25.01 1.33 22.63
N THR A 309 -24.85 1.26 21.32
CA THR A 309 -25.90 1.72 20.43
C THR A 309 -27.10 0.77 20.46
N SER A 310 -26.85 -0.53 20.62
CA SER A 310 -27.93 -1.47 20.85
C SER A 310 -28.64 -1.18 22.17
N MET A 311 -27.89 -1.00 23.24
CA MET A 311 -28.48 -0.77 24.55
C MET A 311 -29.04 0.64 24.65
N TYR A 312 -28.45 1.60 23.95
CA TYR A 312 -29.03 2.93 23.89
C TYR A 312 -30.43 2.87 23.30
N ASN A 313 -30.61 2.01 22.30
CA ASN A 313 -31.92 1.85 21.68
C ASN A 313 -32.95 1.34 22.68
N GLU A 314 -32.61 0.28 23.40
CA GLU A 314 -33.61 -0.49 24.15
C GLU A 314 -34.20 0.30 25.31
N ILE A 315 -33.36 0.93 26.14
CA ILE A 315 -33.88 1.81 27.18
C ILE A 315 -34.64 2.97 26.57
N LEU A 316 -34.12 3.51 25.47
CA LEU A 316 -34.76 4.62 24.80
C LEU A 316 -36.09 4.20 24.20
N MET A 317 -36.16 2.95 23.71
CA MET A 317 -37.44 2.39 23.29
C MET A 317 -38.32 2.04 24.49
N LEU A 318 -37.75 1.44 25.53
CA LEU A 318 -38.49 1.12 26.73
C LEU A 318 -39.13 2.36 27.34
N GLY A 319 -38.47 3.51 27.25
CA GLY A 319 -39.02 4.72 27.82
C GLY A 319 -40.19 5.30 27.06
N ALA A 320 -40.58 4.66 25.95
CA ALA A 320 -41.85 4.98 25.29
C ALA A 320 -42.95 4.03 25.73
N LYS A 321 -42.61 2.77 26.02
CA LYS A 321 -43.59 1.86 26.60
C LYS A 321 -44.02 2.35 27.97
N LEU A 322 -43.06 2.47 28.90
CA LEU A 322 -43.27 3.08 30.19
C LEU A 322 -42.89 4.56 30.11
N HIS A 323 -43.68 5.42 30.76
CA HIS A 323 -43.46 6.86 30.76
C HIS A 323 -43.44 7.41 29.33
N PRO A 324 -44.57 7.37 28.62
CA PRO A 324 -44.56 7.69 27.18
C PRO A 324 -44.51 9.17 26.84
N THR A 325 -44.28 10.04 27.82
CA THR A 325 -44.37 11.49 27.62
C THR A 325 -43.18 12.23 28.21
N LEU A 326 -41.95 11.76 27.96
CA LEU A 326 -40.77 12.26 28.66
C LEU A 326 -39.71 12.85 27.74
N LYS A 327 -39.35 12.16 26.66
CA LYS A 327 -38.21 12.54 25.82
C LYS A 327 -36.91 12.59 26.61
N LEU A 328 -36.41 11.41 27.03
CA LEU A 328 -35.16 11.28 27.77
C LEU A 328 -34.01 12.08 27.19
N GLU A 329 -33.81 12.06 25.88
CA GLU A 329 -32.68 12.72 25.25
C GLU A 329 -32.63 14.21 25.50
N GLU A 330 -33.75 14.84 25.88
CA GLU A 330 -33.75 16.24 26.26
C GLU A 330 -33.26 16.48 27.68
N LEU A 331 -33.00 15.42 28.45
CA LEU A 331 -32.57 15.58 29.83
C LEU A 331 -31.14 16.07 29.87
N THR A 332 -30.88 17.06 30.72
CA THR A 332 -29.58 17.70 30.83
C THR A 332 -28.99 17.44 32.21
N ASN A 333 -27.71 17.08 32.23
CA ASN A 333 -27.02 16.76 33.47
C ASN A 333 -26.61 18.05 34.17
N LYS A 334 -25.75 17.94 35.19
CA LYS A 334 -25.30 19.11 35.93
C LYS A 334 -24.61 20.12 35.03
N LYS A 335 -23.88 19.62 34.02
CA LYS A 335 -23.18 20.48 33.07
C LYS A 335 -24.09 20.88 31.91
N GLY A 336 -25.39 20.65 32.03
CA GLY A 336 -26.32 21.11 31.04
C GLY A 336 -26.24 20.37 29.72
N MET A 337 -25.66 19.17 29.75
CA MET A 337 -25.35 18.42 28.53
C MET A 337 -26.36 17.30 28.35
N THR A 338 -26.87 17.15 27.14
CA THR A 338 -27.72 16.04 26.76
C THR A 338 -26.86 14.84 26.38
N PRO A 339 -27.46 13.66 26.20
CA PRO A 339 -26.66 12.51 25.76
C PRO A 339 -26.07 12.70 24.37
N LEU A 340 -26.76 13.45 23.50
CA LEU A 340 -26.23 13.73 22.18
C LEU A 340 -25.07 14.70 22.24
N ALA A 341 -25.24 15.82 22.95
CA ALA A 341 -24.17 16.79 23.07
C ALA A 341 -22.99 16.23 23.85
N LEU A 342 -23.27 15.36 24.81
CA LEU A 342 -22.20 14.73 25.57
C LEU A 342 -21.44 13.73 24.73
N ALA A 343 -22.11 13.14 23.74
CA ALA A 343 -21.42 12.27 22.80
C ALA A 343 -20.57 13.07 21.83
N ALA A 344 -21.01 14.30 21.55
CA ALA A 344 -20.28 15.16 20.64
C ALA A 344 -19.18 15.96 21.33
N GLY A 345 -19.38 16.31 22.60
CA GLY A 345 -18.36 17.00 23.35
C GLY A 345 -17.24 16.11 23.82
N THR A 346 -17.52 14.81 23.91
CA THR A 346 -16.57 13.82 24.40
C THR A 346 -16.01 12.93 23.30
N GLY A 347 -16.31 13.22 22.04
CA GLY A 347 -15.68 12.51 20.95
C GLY A 347 -16.28 11.18 20.59
N LYS A 348 -17.56 10.98 20.87
CA LYS A 348 -18.19 9.67 20.74
C LYS A 348 -18.96 9.60 19.43
N ILE A 349 -18.20 9.21 18.39
CA ILE A 349 -18.69 9.26 17.02
C ILE A 349 -19.65 8.11 16.73
N GLY A 350 -19.42 6.94 17.33
CA GLY A 350 -20.29 5.81 17.08
C GLY A 350 -21.67 6.03 17.67
N VAL A 351 -21.70 6.55 18.89
CA VAL A 351 -22.98 6.88 19.52
C VAL A 351 -23.63 8.04 18.78
N LEU A 352 -22.82 9.04 18.43
CA LEU A 352 -23.32 10.17 17.63
C LEU A 352 -23.91 9.70 16.31
N ALA A 353 -23.17 8.86 15.59
CA ALA A 353 -23.70 8.26 14.36
C ALA A 353 -24.99 7.50 14.62
N TYR A 354 -25.08 6.80 15.75
CA TYR A 354 -26.30 6.07 16.03
C TYR A 354 -27.46 7.03 16.28
N ILE A 355 -27.25 8.01 17.15
CA ILE A 355 -28.33 8.92 17.55
C ILE A 355 -28.83 9.71 16.35
N LEU A 356 -27.93 10.07 15.43
CA LEU A 356 -28.30 10.91 14.30
C LEU A 356 -28.95 10.15 13.16
N GLN A 357 -28.43 8.98 12.77
CA GLN A 357 -29.07 8.13 11.76
C GLN A 357 -30.11 7.19 12.37
N ARG A 358 -30.62 7.50 13.55
CA ARG A 358 -31.53 6.58 14.24
C ARG A 358 -32.85 6.51 13.50
N GLU A 359 -33.22 5.32 13.05
CA GLU A 359 -34.53 5.04 12.50
C GLU A 359 -35.09 3.81 13.23
N ILE A 360 -36.23 4.02 13.89
CA ILE A 360 -36.93 2.96 14.61
C ILE A 360 -38.21 2.65 13.84
N GLN A 361 -38.37 1.40 13.45
CA GLN A 361 -39.51 0.99 12.63
C GLN A 361 -40.73 0.59 13.44
N GLU A 362 -40.60 0.44 14.77
CA GLU A 362 -41.73 0.00 15.55
C GLU A 362 -42.77 1.13 15.62
N PRO A 363 -44.08 0.83 15.62
CA PRO A 363 -45.06 1.93 15.61
C PRO A 363 -45.02 2.83 16.83
N GLU A 364 -45.14 2.27 18.04
CA GLU A 364 -45.21 3.09 19.24
C GLU A 364 -43.84 3.63 19.67
N CYS A 365 -42.77 3.30 18.96
CA CYS A 365 -41.44 3.84 19.20
C CYS A 365 -40.89 4.48 17.93
N ARG A 366 -41.78 4.92 17.05
CA ARG A 366 -41.38 5.61 15.83
C ARG A 366 -41.05 7.08 16.07
N HIS A 367 -41.79 7.75 16.95
CA HIS A 367 -41.49 9.14 17.28
C HIS A 367 -40.08 9.31 17.82
N LEU A 368 -39.51 8.26 18.41
CA LEU A 368 -38.13 8.25 18.85
C LEU A 368 -37.17 8.03 17.70
N SER A 369 -37.66 7.71 16.51
CA SER A 369 -36.78 7.71 15.36
C SER A 369 -36.27 9.12 15.12
N ARG A 370 -35.18 9.21 14.37
CA ARG A 370 -34.62 10.48 14.01
C ARG A 370 -34.25 10.57 12.53
N LYS A 371 -34.00 9.45 11.87
CA LYS A 371 -33.85 9.40 10.42
C LYS A 371 -35.12 8.81 9.85
N PHE A 372 -35.89 9.64 9.15
CA PHE A 372 -37.17 9.24 8.60
C PHE A 372 -37.01 9.03 7.11
N THR A 373 -38.09 8.57 6.49
CA THR A 373 -38.19 8.45 5.03
C THR A 373 -39.48 9.16 4.66
N GLU A 374 -39.40 10.07 3.68
CA GLU A 374 -40.58 10.82 3.26
C GLU A 374 -41.18 10.27 1.98
N TRP A 375 -40.41 9.58 1.16
CA TRP A 375 -41.00 8.87 0.02
C TRP A 375 -39.97 7.91 -0.53
N ALA A 376 -40.48 6.92 -1.26
CA ALA A 376 -39.63 5.91 -1.86
C ALA A 376 -40.34 5.44 -3.12
N TYR A 377 -39.95 6.02 -4.26
CA TYR A 377 -40.46 5.61 -5.56
C TYR A 377 -39.37 4.83 -6.26
N GLY A 378 -39.37 3.51 -6.06
CA GLY A 378 -38.40 2.66 -6.70
C GLY A 378 -37.12 2.64 -5.91
N PRO A 379 -35.96 2.63 -6.58
CA PRO A 379 -34.70 2.66 -5.83
C PRO A 379 -34.48 3.96 -5.08
N VAL A 380 -35.08 5.04 -5.54
CA VAL A 380 -34.93 6.33 -4.89
C VAL A 380 -35.70 6.30 -3.58
N HIS A 381 -35.14 6.92 -2.54
CA HIS A 381 -35.87 7.15 -1.31
C HIS A 381 -35.29 8.38 -0.62
N SER A 382 -36.17 9.29 -0.24
CA SER A 382 -35.80 10.59 0.33
C SER A 382 -35.86 10.48 1.84
N SER A 383 -34.70 10.57 2.49
CA SER A 383 -34.62 10.52 3.93
C SER A 383 -34.72 11.91 4.52
N LEU A 384 -35.22 11.97 5.75
CA LEU A 384 -35.29 13.21 6.53
C LEU A 384 -34.52 12.98 7.83
N TYR A 385 -33.55 13.85 8.09
CA TYR A 385 -32.85 13.89 9.36
C TYR A 385 -33.36 15.07 10.16
N ASP A 386 -33.81 14.81 11.38
CA ASP A 386 -34.18 15.87 12.30
C ASP A 386 -32.98 16.80 12.48
N LEU A 387 -33.22 18.05 12.83
CA LEU A 387 -32.14 19.00 13.13
C LEU A 387 -32.31 19.62 14.50
N SER A 388 -33.04 18.95 15.38
CA SER A 388 -33.11 19.34 16.79
C SER A 388 -31.71 19.19 17.37
N CYS A 389 -31.24 20.26 18.01
CA CYS A 389 -29.99 20.28 18.78
C CYS A 389 -28.74 20.20 17.91
N ILE A 390 -28.85 20.44 16.60
CA ILE A 390 -27.71 20.55 15.69
C ILE A 390 -27.54 21.98 15.19
N ASP A 391 -28.62 22.60 14.76
CA ASP A 391 -28.57 23.97 14.23
C ASP A 391 -28.36 24.91 15.41
N THR A 392 -28.42 26.23 15.20
CA THR A 392 -28.15 27.15 16.30
C THR A 392 -29.28 27.06 17.32
N CYS A 393 -29.23 25.99 18.13
CA CYS A 393 -30.25 25.69 19.13
C CYS A 393 -30.02 26.52 20.38
N GLU A 394 -30.69 26.16 21.48
CA GLU A 394 -30.66 26.96 22.69
C GLU A 394 -29.38 26.75 23.49
N LYS A 395 -29.15 25.52 23.96
CA LYS A 395 -28.12 25.26 24.95
C LYS A 395 -26.80 24.85 24.33
N ASN A 396 -26.78 23.72 23.62
CA ASN A 396 -25.55 23.13 23.09
C ASN A 396 -25.87 22.46 21.76
N SER A 397 -25.46 23.10 20.68
CA SER A 397 -25.63 22.50 19.36
C SER A 397 -24.51 21.49 19.09
N VAL A 398 -24.88 20.42 18.40
CA VAL A 398 -23.91 19.40 18.04
C VAL A 398 -22.82 19.97 17.15
N LEU A 399 -23.15 20.96 16.33
CA LEU A 399 -22.14 21.60 15.50
C LEU A 399 -21.23 22.48 16.35
N GLU A 400 -21.81 23.27 17.26
CA GLU A 400 -21.01 24.07 18.17
C GLU A 400 -20.13 23.20 19.06
N VAL A 401 -20.72 22.17 19.66
CA VAL A 401 -19.98 21.30 20.56
C VAL A 401 -18.86 20.57 19.82
N ILE A 402 -19.08 20.21 18.56
CA ILE A 402 -18.00 19.68 17.73
C ILE A 402 -17.05 20.77 17.26
N ALA A 403 -17.57 21.86 16.70
CA ALA A 403 -16.74 22.91 16.14
C ALA A 403 -15.94 23.64 17.20
N TYR A 404 -16.56 23.95 18.33
CA TYR A 404 -15.92 24.69 19.41
C TYR A 404 -15.42 23.77 20.50
N SER A 405 -14.91 22.61 20.12
CA SER A 405 -14.43 21.62 21.05
C SER A 405 -13.01 21.94 21.50
N SER A 406 -12.68 21.48 22.70
CA SER A 406 -11.29 21.52 23.15
C SER A 406 -10.47 20.61 22.24
N SER A 407 -9.15 20.73 22.28
CA SER A 407 -8.33 20.10 21.27
C SER A 407 -8.13 18.61 21.51
N GLU A 408 -8.37 18.10 22.72
CA GLU A 408 -8.15 16.68 22.96
C GLU A 408 -9.31 15.86 22.39
N THR A 409 -10.51 15.97 23.03
CA THR A 409 -11.85 15.80 22.47
C THR A 409 -11.89 14.89 21.26
N PRO A 410 -11.58 13.59 21.42
CA PRO A 410 -11.17 12.76 20.27
C PRO A 410 -12.13 12.81 19.10
N ASN A 411 -11.58 12.66 17.90
CA ASN A 411 -12.36 12.63 16.67
C ASN A 411 -13.13 13.94 16.46
N ARG A 412 -12.48 15.07 16.76
CA ARG A 412 -13.04 16.37 16.37
C ARG A 412 -13.31 16.38 14.89
N HIS A 413 -12.42 15.78 14.13
CA HIS A 413 -12.40 15.89 12.69
C HIS A 413 -13.25 14.83 12.00
N ASP A 414 -13.58 13.74 12.69
CA ASP A 414 -14.46 12.70 12.17
C ASP A 414 -15.91 12.88 12.57
N MET A 415 -16.19 13.62 13.65
CA MET A 415 -17.56 13.78 14.11
C MET A 415 -18.43 14.53 13.11
N LEU A 416 -17.84 15.28 12.18
CA LEU A 416 -18.60 16.00 11.16
C LEU A 416 -18.78 15.19 9.89
N LEU A 417 -18.00 14.13 9.70
CA LEU A 417 -18.25 13.22 8.59
C LEU A 417 -19.50 12.40 8.80
N VAL A 418 -20.00 12.33 10.04
CA VAL A 418 -21.27 11.70 10.33
C VAL A 418 -22.37 12.44 9.60
N GLU A 419 -23.00 11.77 8.64
CA GLU A 419 -24.16 12.33 7.95
C GLU A 419 -25.22 12.69 8.98
N PRO A 420 -25.97 13.78 8.81
CA PRO A 420 -26.11 14.81 7.76
C PRO A 420 -25.23 16.04 7.94
N LEU A 421 -24.18 15.95 8.75
CA LEU A 421 -23.46 17.14 9.18
C LEU A 421 -22.64 17.75 8.05
N ASN A 422 -22.06 16.91 7.19
CA ASN A 422 -21.44 17.43 5.96
C ASN A 422 -22.44 18.21 5.14
N ARG A 423 -23.52 17.54 4.73
CA ARG A 423 -24.52 18.14 3.86
C ARG A 423 -25.16 19.37 4.49
N LEU A 424 -25.34 19.34 5.81
CA LEU A 424 -25.97 20.46 6.49
C LEU A 424 -25.10 21.70 6.45
N LEU A 425 -23.79 21.52 6.64
CA LEU A 425 -22.87 22.64 6.55
C LEU A 425 -22.67 23.08 5.11
N GLN A 426 -22.51 22.11 4.21
CA GLN A 426 -22.44 22.40 2.79
C GLN A 426 -23.72 23.05 2.27
N ASP A 427 -24.84 22.83 2.96
CA ASP A 427 -26.06 23.55 2.66
C ASP A 427 -25.96 25.00 3.12
N LYS A 428 -25.52 25.22 4.36
CA LYS A 428 -25.30 26.57 4.86
C LYS A 428 -24.25 27.28 4.04
N TRP A 429 -23.24 26.55 3.59
CA TRP A 429 -22.19 27.14 2.77
C TRP A 429 -22.76 27.69 1.47
N ASP A 430 -23.40 26.82 0.70
CA ASP A 430 -23.89 27.17 -0.62
C ASP A 430 -25.06 28.13 -0.60
N ARG A 431 -25.69 28.37 0.56
CA ARG A 431 -26.87 29.20 0.65
C ARG A 431 -26.62 30.60 1.18
N PHE A 432 -25.83 30.77 2.25
CA PHE A 432 -25.51 32.13 2.69
C PHE A 432 -24.05 32.36 3.08
N VAL A 433 -23.31 31.35 3.53
CA VAL A 433 -21.98 31.62 4.07
C VAL A 433 -20.96 31.82 2.96
N LYS A 434 -21.13 31.13 1.82
CA LYS A 434 -20.19 31.26 0.73
C LYS A 434 -20.17 32.68 0.19
N ARG A 435 -21.35 33.30 0.08
CA ARG A 435 -21.44 34.66 -0.44
C ARG A 435 -20.97 35.69 0.58
N ILE A 436 -20.97 35.32 1.86
CA ILE A 436 -20.49 36.22 2.90
C ILE A 436 -18.98 36.08 3.06
N PHE A 437 -18.50 34.83 3.02
CA PHE A 437 -17.08 34.56 3.16
C PHE A 437 -16.27 35.23 2.05
N TYR A 438 -16.80 35.21 0.83
CA TYR A 438 -16.10 35.83 -0.28
C TYR A 438 -16.14 37.34 -0.17
N PHE A 439 -17.13 37.88 0.55
CA PHE A 439 -17.13 39.30 0.86
C PHE A 439 -16.14 39.61 1.96
N ASN A 440 -15.94 38.66 2.88
CA ASN A 440 -14.90 38.82 3.88
C ASN A 440 -13.51 38.73 3.26
N PHE A 441 -13.33 37.88 2.25
CA PHE A 441 -12.06 37.83 1.56
C PHE A 441 -11.81 39.11 0.78
N LEU A 442 -12.84 39.68 0.19
CA LEU A 442 -12.69 40.92 -0.55
C LEU A 442 -12.31 42.07 0.37
N VAL A 443 -13.08 42.27 1.44
CA VAL A 443 -12.84 43.40 2.34
C VAL A 443 -11.50 43.27 3.03
N TYR A 444 -10.97 42.04 3.14
CA TYR A 444 -9.64 41.86 3.69
C TYR A 444 -8.57 42.16 2.65
N CYS A 445 -8.82 41.76 1.40
CA CYS A 445 -7.89 42.09 0.31
C CYS A 445 -7.78 43.60 0.12
N LEU A 446 -8.91 44.30 0.06
CA LEU A 446 -8.90 45.76 -0.02
C LEU A 446 -8.13 46.35 1.16
N TYR A 447 -8.39 45.84 2.35
CA TYR A 447 -7.68 46.28 3.54
C TYR A 447 -6.18 46.09 3.42
N MET A 448 -5.76 45.00 2.76
CA MET A 448 -4.34 44.73 2.56
C MET A 448 -3.78 45.56 1.42
N ILE A 449 -4.62 45.93 0.45
CA ILE A 449 -4.18 46.81 -0.63
C ILE A 449 -4.03 48.23 -0.13
N ILE A 450 -4.76 48.58 0.94
CA ILE A 450 -4.78 49.94 1.43
C ILE A 450 -3.73 50.14 2.51
N PHE A 451 -3.53 49.15 3.37
CA PHE A 451 -2.43 49.21 4.33
C PHE A 451 -1.08 49.03 3.66
N THR A 452 -1.09 48.61 2.39
CA THR A 452 0.16 48.38 1.67
C THR A 452 0.59 49.64 0.93
N MET A 453 -0.35 50.35 0.32
CA MET A 453 -0.04 51.64 -0.29
C MET A 453 0.25 52.69 0.77
N ALA A 454 -0.50 52.69 1.86
CA ALA A 454 -0.24 53.61 2.95
C ALA A 454 1.12 53.34 3.60
N ALA A 455 1.68 52.15 3.41
CA ALA A 455 3.00 51.80 3.89
C ALA A 455 4.10 51.97 2.84
N TYR A 456 3.82 51.57 1.60
CA TYR A 456 4.73 51.82 0.49
C TYR A 456 5.01 53.31 0.33
N TYR A 457 3.98 54.13 0.46
CA TYR A 457 4.09 55.57 0.23
C TYR A 457 4.25 56.33 1.53
N ARG A 458 4.98 55.75 2.47
CA ARG A 458 5.18 56.37 3.76
C ARG A 458 6.17 57.54 3.64
N PRO A 459 6.19 58.44 4.62
CA PRO A 459 7.24 59.47 4.65
C PRO A 459 8.60 58.87 4.92
N VAL A 460 9.60 59.40 4.23
CA VAL A 460 10.99 58.97 4.37
C VAL A 460 11.87 60.14 4.81
N ASP A 461 11.29 61.14 5.47
CA ASP A 461 12.01 62.33 5.91
C ASP A 461 11.30 62.91 7.13
N GLY A 462 12.08 63.29 8.13
CA GLY A 462 11.52 63.76 9.38
C GLY A 462 11.09 62.62 10.27
N LEU A 463 10.58 62.99 11.45
CA LEU A 463 10.12 62.06 12.46
C LEU A 463 8.59 62.06 12.53
N PRO A 464 7.97 60.99 13.03
CA PRO A 464 6.51 60.95 13.05
C PRO A 464 5.95 61.71 14.24
N PRO A 465 4.66 62.11 14.20
CA PRO A 465 3.73 62.02 13.08
C PRO A 465 4.03 63.05 12.00
N PHE A 466 3.45 62.89 10.83
CA PHE A 466 3.83 63.63 9.64
C PHE A 466 2.65 64.45 9.13
N LYS A 467 2.85 65.77 9.06
CA LYS A 467 1.81 66.68 8.57
C LYS A 467 1.49 66.39 7.11
N MET A 468 0.37 66.95 6.65
CA MET A 468 -0.13 66.74 5.30
C MET A 468 0.10 67.97 4.44
N GLU A 469 0.60 67.75 3.22
CA GLU A 469 0.90 68.83 2.29
C GLU A 469 0.05 68.78 1.04
N LYS A 470 0.10 67.65 0.31
CA LYS A 470 -0.49 67.55 -1.01
C LYS A 470 -1.70 66.61 -0.99
N THR A 471 -2.34 66.45 -2.15
CA THR A 471 -3.51 65.58 -2.23
C THR A 471 -3.10 64.12 -2.12
N GLY A 472 -1.98 63.72 -2.74
CA GLY A 472 -1.49 62.37 -2.59
C GLY A 472 -1.21 62.00 -1.14
N ASP A 473 -0.90 63.01 -0.32
CA ASP A 473 -0.64 62.77 1.09
C ASP A 473 -1.93 62.76 1.89
N TYR A 474 -3.04 63.19 1.28
CA TYR A 474 -4.35 63.07 1.91
C TYR A 474 -4.89 61.67 1.73
N PHE A 475 -4.73 61.10 0.53
CA PHE A 475 -5.26 59.77 0.25
C PHE A 475 -4.67 58.73 1.19
N ARG A 476 -3.36 58.83 1.49
CA ARG A 476 -2.74 57.83 2.35
C ARG A 476 -3.28 57.89 3.76
N VAL A 477 -3.59 59.08 4.27
CA VAL A 477 -4.12 59.19 5.63
C VAL A 477 -5.47 58.52 5.72
N THR A 478 -6.29 58.67 4.67
CA THR A 478 -7.50 57.86 4.57
C THR A 478 -7.14 56.39 4.58
N GLY A 479 -6.00 56.04 3.97
CA GLY A 479 -5.53 54.67 4.00
C GLY A 479 -4.87 54.30 5.31
N GLU A 480 -4.29 55.28 6.01
CA GLU A 480 -3.67 55.00 7.30
C GLU A 480 -4.70 54.95 8.42
N ILE A 481 -5.61 55.93 8.48
CA ILE A 481 -6.73 55.86 9.43
C ILE A 481 -7.49 54.56 9.23
N LEU A 482 -8.02 54.36 8.03
CA LEU A 482 -8.79 53.15 7.69
C LEU A 482 -8.01 51.87 7.96
N SER A 483 -6.68 51.94 7.92
CA SER A 483 -5.88 50.75 8.17
C SER A 483 -5.82 50.43 9.66
N VAL A 484 -5.82 51.46 10.51
CA VAL A 484 -5.82 51.23 11.95
C VAL A 484 -7.17 50.71 12.40
N LEU A 485 -8.24 51.07 11.68
CA LEU A 485 -9.58 50.59 12.04
C LEU A 485 -9.65 49.08 12.00
N GLY A 486 -9.07 48.47 10.95
CA GLY A 486 -9.06 47.03 10.88
C GLY A 486 -8.25 46.39 11.99
N GLY A 487 -7.15 47.03 12.38
CA GLY A 487 -6.38 46.53 13.49
C GLY A 487 -7.18 46.57 14.77
N VAL A 488 -7.94 47.65 14.99
CA VAL A 488 -8.88 47.69 16.11
C VAL A 488 -9.93 46.61 15.94
N TYR A 489 -10.40 46.40 14.71
CA TYR A 489 -11.39 45.37 14.44
C TYR A 489 -10.84 43.99 14.74
N PHE A 490 -9.72 43.63 14.12
CA PHE A 490 -9.12 42.32 14.35
C PHE A 490 -8.56 42.19 15.76
N PHE A 491 -8.45 43.29 16.50
CA PHE A 491 -8.04 43.21 17.90
C PHE A 491 -9.19 42.76 18.78
N PHE A 492 -10.37 43.35 18.58
CA PHE A 492 -11.53 42.97 19.38
C PHE A 492 -12.05 41.59 18.99
N ARG A 493 -11.98 41.22 17.71
CA ARG A 493 -12.39 39.88 17.31
C ARG A 493 -11.52 38.81 17.97
N GLY A 494 -10.33 39.18 18.43
CA GLY A 494 -9.51 38.28 19.21
C GLY A 494 -9.83 38.33 20.69
N ILE A 495 -10.39 39.44 21.15
CA ILE A 495 -10.88 39.51 22.53
C ILE A 495 -12.22 38.79 22.63
N GLN A 496 -13.09 38.97 21.64
CA GLN A 496 -14.34 38.21 21.59
C GLN A 496 -14.07 36.71 21.59
N TYR A 497 -13.18 36.26 20.70
CA TYR A 497 -12.78 34.86 20.65
C TYR A 497 -12.23 34.36 21.99
N PHE A 498 -11.69 35.27 22.79
CA PHE A 498 -11.16 34.90 24.09
C PHE A 498 -12.28 34.73 25.11
N LEU A 499 -13.18 35.71 25.18
CA LEU A 499 -14.23 35.72 26.20
C LEU A 499 -15.47 34.94 25.79
N GLN A 500 -15.73 34.80 24.49
CA GLN A 500 -16.82 33.95 24.04
C GLN A 500 -16.53 32.47 24.21
N ARG A 501 -15.25 32.11 24.33
CA ARG A 501 -14.82 30.72 24.46
C ARG A 501 -14.13 30.42 25.78
N ARG A 502 -13.30 31.33 26.28
CA ARG A 502 -12.40 31.08 27.40
C ARG A 502 -11.53 29.88 27.09
N PRO A 503 -10.65 29.96 26.09
CA PRO A 503 -9.77 28.83 25.80
C PRO A 503 -8.64 28.75 26.81
N SER A 504 -8.29 27.52 27.18
CA SER A 504 -7.19 27.30 28.09
C SER A 504 -5.89 27.72 27.43
N MET A 505 -4.83 27.84 28.24
CA MET A 505 -3.51 28.17 27.74
C MET A 505 -3.08 27.18 26.67
N LYS A 506 -3.41 25.91 26.86
CA LYS A 506 -3.11 24.88 25.88
C LYS A 506 -3.83 25.14 24.56
N THR A 507 -5.16 25.14 24.60
CA THR A 507 -5.99 25.35 23.41
C THR A 507 -5.64 26.65 22.71
N LEU A 508 -5.21 27.64 23.49
CA LEU A 508 -4.80 28.93 22.93
C LEU A 508 -3.65 28.82 21.96
N PHE A 509 -2.71 27.87 22.16
CA PHE A 509 -1.51 27.80 21.33
C PHE A 509 -1.47 26.58 20.39
N VAL A 510 -2.50 25.73 20.36
CA VAL A 510 -2.37 24.41 19.74
C VAL A 510 -3.44 24.15 18.67
N ASP A 511 -4.53 24.94 18.66
CA ASP A 511 -5.52 24.80 17.59
C ASP A 511 -6.09 26.13 17.08
N SER A 512 -5.67 27.24 17.65
CA SER A 512 -6.22 28.57 17.32
C SER A 512 -5.25 29.36 16.45
N TYR A 513 -4.64 28.69 15.49
CA TYR A 513 -3.49 29.26 14.78
C TYR A 513 -3.90 30.45 13.92
N SER A 514 -5.17 30.56 13.58
CA SER A 514 -5.64 31.71 12.83
C SER A 514 -5.79 32.92 13.73
N GLU A 515 -6.64 32.81 14.75
CA GLU A 515 -6.93 33.93 15.65
C GLU A 515 -5.67 34.48 16.28
N MET A 516 -4.67 33.64 16.49
CA MET A 516 -3.38 34.14 16.96
C MET A 516 -2.77 35.10 15.96
N LEU A 517 -2.87 34.78 14.66
CA LEU A 517 -2.10 35.50 13.66
C LEU A 517 -2.83 36.71 13.10
N PHE A 518 -4.15 36.81 13.33
CA PHE A 518 -4.86 38.05 13.07
C PHE A 518 -4.77 38.99 14.26
N PHE A 519 -4.87 38.46 15.46
CA PHE A 519 -4.65 39.25 16.67
C PHE A 519 -3.23 39.77 16.72
N LEU A 520 -2.26 38.94 16.38
CA LEU A 520 -0.86 39.34 16.38
C LEU A 520 -0.60 40.43 15.36
N GLN A 521 -1.16 40.28 14.17
CA GLN A 521 -1.20 41.34 13.18
C GLN A 521 -1.77 42.63 13.77
N SER A 522 -2.79 42.50 14.62
CA SER A 522 -3.42 43.67 15.19
C SER A 522 -2.52 44.36 16.21
N LEU A 523 -1.68 43.58 16.89
CA LEU A 523 -0.81 44.16 17.90
C LEU A 523 0.31 44.96 17.27
N PHE A 524 0.89 44.44 16.19
CA PHE A 524 1.87 45.21 15.44
C PHE A 524 1.26 46.48 14.86
N MET A 525 -0.04 46.44 14.55
CA MET A 525 -0.71 47.64 14.09
C MET A 525 -0.81 48.68 15.19
N LEU A 526 -1.26 48.29 16.37
CA LEU A 526 -1.45 49.27 17.43
C LEU A 526 -0.11 49.77 17.93
N ALA A 527 0.87 48.88 18.06
CA ALA A 527 2.24 49.31 18.32
C ALA A 527 2.73 50.28 17.24
N THR A 528 2.32 50.07 15.99
CA THR A 528 2.67 51.01 14.93
C THR A 528 1.97 52.34 15.13
N VAL A 529 0.85 52.35 15.86
CA VAL A 529 0.17 53.60 16.18
C VAL A 529 0.79 54.23 17.43
N VAL A 530 1.10 53.41 18.43
CA VAL A 530 1.70 53.93 19.66
C VAL A 530 3.04 54.60 19.35
N LEU A 531 3.77 54.06 18.38
CA LEU A 531 5.11 54.56 18.07
C LEU A 531 5.07 55.68 17.05
N TYR A 532 4.04 55.72 16.20
CA TYR A 532 3.88 56.82 15.26
C TYR A 532 3.48 58.11 15.97
N PHE A 533 2.97 58.02 17.19
CA PHE A 533 2.68 59.19 18.01
C PHE A 533 3.62 59.34 19.20
N SER A 534 4.59 58.43 19.36
CA SER A 534 5.63 58.56 20.38
C SER A 534 6.93 59.05 19.78
N HIS A 535 6.93 59.52 18.53
CA HIS A 535 8.11 60.06 17.88
C HIS A 535 9.26 59.05 17.87
N LEU A 536 9.06 57.93 17.19
CA LEU A 536 10.05 56.87 17.14
C LEU A 536 9.89 56.14 15.80
N LYS A 537 11.01 55.92 15.13
CA LYS A 537 11.04 55.29 13.82
C LYS A 537 10.70 53.81 13.84
N GLU A 538 10.54 53.21 15.02
CA GLU A 538 10.25 51.78 15.10
C GLU A 538 8.82 51.45 14.69
N TYR A 539 8.02 52.44 14.31
CA TYR A 539 6.70 52.15 13.75
C TYR A 539 6.83 51.33 12.48
N VAL A 540 7.90 51.55 11.72
CA VAL A 540 8.13 50.83 10.48
C VAL A 540 8.42 49.38 10.80
N ALA A 541 9.15 49.14 11.88
CA ALA A 541 9.51 47.77 12.26
C ALA A 541 8.26 46.93 12.53
N SER A 542 7.25 47.54 13.13
CA SER A 542 6.01 46.83 13.39
C SER A 542 5.09 46.86 12.17
N MET A 543 5.20 47.91 11.37
CA MET A 543 4.27 48.11 10.26
C MET A 543 4.53 47.09 9.14
N VAL A 544 5.77 46.66 9.01
CA VAL A 544 6.12 45.72 7.94
C VAL A 544 5.78 44.29 8.36
N PHE A 545 5.91 44.00 9.64
CA PHE A 545 5.47 42.71 10.16
C PHE A 545 3.96 42.55 9.98
N SER A 546 3.21 43.62 10.24
CA SER A 546 1.76 43.58 10.11
C SER A 546 1.33 43.37 8.67
N LEU A 547 2.15 43.83 7.70
CA LEU A 547 1.92 43.51 6.29
C LEU A 547 2.17 42.06 6.00
N ALA A 548 3.37 41.58 6.33
CA ALA A 548 3.77 40.22 6.03
C ALA A 548 2.86 39.21 6.68
N LEU A 549 2.49 39.43 7.95
CA LEU A 549 1.44 38.65 8.56
C LEU A 549 0.15 38.74 7.76
N GLY A 550 -0.23 39.95 7.39
CA GLY A 550 -1.50 40.17 6.75
C GLY A 550 -1.67 39.43 5.43
N TRP A 551 -0.64 39.46 4.59
CA TRP A 551 -0.73 38.77 3.31
C TRP A 551 -0.66 37.26 3.49
N THR A 552 0.22 36.79 4.39
CA THR A 552 0.20 35.38 4.77
C THR A 552 -1.16 34.96 5.31
N ASN A 553 -1.88 35.88 5.95
CA ASN A 553 -3.19 35.56 6.50
C ASN A 553 -4.30 35.55 5.46
N MET A 554 -3.98 35.75 4.19
CA MET A 554 -4.93 35.40 3.13
C MET A 554 -5.01 33.90 2.95
N LEU A 555 -4.01 33.17 3.44
CA LEU A 555 -4.02 31.71 3.43
C LEU A 555 -5.09 31.19 4.39
N TYR A 556 -5.55 32.04 5.32
CA TYR A 556 -6.79 31.78 6.00
C TYR A 556 -7.94 31.57 5.03
N TYR A 557 -8.10 32.45 4.06
CA TYR A 557 -9.28 32.47 3.22
C TYR A 557 -9.22 31.47 2.09
N THR A 558 -8.22 30.60 2.07
CA THR A 558 -8.20 29.42 1.23
C THR A 558 -9.15 28.33 1.72
N ARG A 559 -9.81 28.53 2.86
CA ARG A 559 -10.70 27.54 3.42
C ARG A 559 -12.12 27.63 2.89
N GLY A 560 -12.44 28.64 2.08
CA GLY A 560 -13.63 28.57 1.28
C GLY A 560 -13.50 27.70 0.04
N PHE A 561 -12.32 27.16 -0.20
CA PHE A 561 -12.00 26.41 -1.39
C PHE A 561 -11.38 25.09 -0.96
N GLN A 562 -11.95 23.98 -1.46
CA GLN A 562 -11.59 22.65 -1.00
C GLN A 562 -10.13 22.31 -1.28
N GLN A 563 -9.65 22.66 -2.47
CA GLN A 563 -8.31 22.24 -2.85
C GLN A 563 -7.27 23.16 -2.26
N MET A 564 -7.59 24.46 -2.16
CA MET A 564 -6.68 25.40 -1.55
C MET A 564 -6.74 25.33 -0.03
N GLY A 565 -7.91 25.00 0.53
CA GLY A 565 -8.00 24.83 1.96
C GLY A 565 -7.23 23.63 2.46
N ILE A 566 -7.40 22.49 1.80
CA ILE A 566 -6.62 21.30 2.13
C ILE A 566 -5.14 21.58 1.93
N TYR A 567 -4.80 22.36 0.90
CA TYR A 567 -3.42 22.73 0.68
C TYR A 567 -2.87 23.51 1.86
N ALA A 568 -3.68 24.39 2.44
CA ALA A 568 -3.23 25.22 3.54
C ALA A 568 -3.25 24.47 4.87
N VAL A 569 -4.02 23.40 4.97
CA VAL A 569 -3.92 22.54 6.13
C VAL A 569 -2.61 21.78 6.11
N MET A 570 -2.23 21.26 4.95
CA MET A 570 -0.94 20.62 4.82
C MET A 570 0.19 21.57 5.18
N ILE A 571 0.10 22.84 4.78
CA ILE A 571 1.09 23.84 5.18
C ILE A 571 1.18 23.92 6.70
N GLU A 572 0.02 23.93 7.37
CA GLU A 572 0.01 23.94 8.83
C GLU A 572 0.75 22.74 9.40
N LYS A 573 0.39 21.54 8.96
CA LYS A 573 0.99 20.33 9.50
C LYS A 573 2.48 20.27 9.20
N MET A 574 2.89 20.66 7.99
CA MET A 574 4.31 20.67 7.65
C MET A 574 5.10 21.57 8.57
N ILE A 575 4.55 22.74 8.89
CA ILE A 575 5.25 23.66 9.78
C ILE A 575 5.44 23.05 11.15
N LEU A 576 4.45 22.29 11.62
CA LEU A 576 4.44 21.84 13.01
C LEU A 576 5.23 20.56 13.24
N ARG A 577 5.06 19.54 12.41
CA ARG A 577 5.83 18.31 12.57
C ARG A 577 7.12 18.33 11.75
N ASP A 578 7.07 18.63 10.45
CA ASP A 578 8.25 18.43 9.62
C ASP A 578 9.27 19.55 9.78
N LEU A 579 8.80 20.80 9.79
CA LEU A 579 9.73 21.93 9.77
C LEU A 579 10.26 22.26 11.16
N CYS A 580 9.46 22.06 12.20
CA CYS A 580 9.93 22.34 13.55
C CYS A 580 10.93 21.29 14.02
N ARG A 581 10.69 20.03 13.68
CA ARG A 581 11.72 19.01 13.87
C ARG A 581 12.98 19.37 13.10
N PHE A 582 12.80 19.86 11.87
CA PHE A 582 13.93 20.24 11.02
C PHE A 582 14.72 21.39 11.61
N MET A 583 14.04 22.46 12.02
CA MET A 583 14.73 23.69 12.33
C MET A 583 15.43 23.62 13.68
N PHE A 584 15.01 22.73 14.57
CA PHE A 584 15.81 22.44 15.74
C PHE A 584 17.18 21.92 15.34
N VAL A 585 17.19 20.80 14.61
CA VAL A 585 18.44 20.14 14.25
C VAL A 585 19.27 21.03 13.34
N TYR A 586 18.62 21.85 12.51
CA TYR A 586 19.36 22.72 11.61
C TYR A 586 20.02 23.86 12.37
N ILE A 587 19.33 24.41 13.36
CA ILE A 587 19.89 25.52 14.14
C ILE A 587 20.97 25.00 15.09
N VAL A 588 20.85 23.75 15.53
CA VAL A 588 21.89 23.14 16.34
C VAL A 588 23.16 22.93 15.52
N PHE A 589 23.00 22.38 14.32
CA PHE A 589 24.12 22.24 13.41
C PHE A 589 24.68 23.60 13.03
N LEU A 590 23.81 24.52 12.60
CA LEU A 590 24.25 25.85 12.18
C LEU A 590 25.03 26.54 13.27
N PHE A 591 24.43 26.72 14.43
CA PHE A 591 25.11 27.37 15.54
C PHE A 591 26.32 26.54 15.99
N GLY A 592 26.24 25.24 15.83
CA GLY A 592 27.35 24.36 16.17
C GLY A 592 28.59 24.58 15.35
N PHE A 593 28.48 24.44 14.03
CA PHE A 593 29.63 24.65 13.17
C PHE A 593 29.96 26.14 13.06
N SER A 594 28.97 27.01 13.21
CA SER A 594 29.21 28.46 13.22
C SER A 594 30.23 28.86 14.26
N THR A 595 30.01 28.46 15.50
CA THR A 595 30.98 28.70 16.57
C THR A 595 32.34 28.10 16.23
N ALA A 596 32.34 26.95 15.59
CA ALA A 596 33.58 26.29 15.22
C ALA A 596 34.32 27.04 14.12
N VAL A 597 33.57 27.74 13.27
CA VAL A 597 34.18 28.53 12.20
C VAL A 597 34.71 29.85 12.73
N VAL A 598 33.87 30.64 13.40
CA VAL A 598 34.30 31.94 13.89
C VAL A 598 35.38 31.81 14.95
N THR A 599 35.37 30.73 15.71
CA THR A 599 36.49 30.41 16.58
C THR A 599 37.80 30.29 15.80
N LEU A 600 37.71 29.72 14.60
CA LEU A 600 38.90 29.50 13.80
C LEU A 600 39.32 30.77 13.06
N ILE A 601 38.38 31.66 12.79
CA ILE A 601 38.65 32.90 12.08
C ILE A 601 39.35 33.86 13.02
N GLU A 602 40.29 34.63 12.47
CA GLU A 602 41.05 35.63 13.20
C GLU A 602 41.00 36.93 12.41
N ASP A 603 40.15 37.86 12.84
CA ASP A 603 40.01 39.17 12.20
C ASP A 603 39.64 39.02 10.72
N SER A 629 34.16 42.43 8.85
CA SER A 629 34.81 41.15 8.61
C SER A 629 34.00 40.01 9.23
N TYR A 630 34.34 38.78 8.83
CA TYR A 630 33.60 37.61 9.28
C TYR A 630 34.10 37.05 10.61
N ASN A 631 34.78 37.85 11.43
CA ASN A 631 35.11 37.45 12.79
C ASN A 631 33.95 37.80 13.71
N SER A 632 32.76 37.35 13.37
CA SER A 632 31.56 37.56 14.16
C SER A 632 30.70 36.33 14.09
N LEU A 633 29.84 36.17 15.08
CA LEU A 633 28.97 35.01 15.15
C LEU A 633 27.74 35.19 14.27
N TYR A 634 27.33 36.43 14.03
CA TYR A 634 26.20 36.67 13.15
C TYR A 634 26.60 36.40 11.69
N SER A 635 27.70 36.99 11.25
CA SER A 635 28.11 36.90 9.86
C SER A 635 28.50 35.48 9.48
N THR A 636 28.90 34.68 10.46
CA THR A 636 29.22 33.28 10.20
C THR A 636 27.96 32.43 10.20
N CYS A 637 27.06 32.67 11.16
CA CYS A 637 25.75 32.03 11.11
C CYS A 637 24.97 32.47 9.89
N LEU A 638 25.19 33.70 9.44
CA LEU A 638 24.49 34.20 8.26
C LEU A 638 25.08 33.62 6.98
N GLU A 639 26.40 33.44 6.93
CA GLU A 639 27.02 32.82 5.77
C GLU A 639 26.75 31.32 5.72
N LEU A 640 26.62 30.68 6.88
CA LEU A 640 26.31 29.26 6.90
C LEU A 640 24.84 28.97 6.64
N PHE A 641 23.98 29.98 6.70
CA PHE A 641 22.61 29.82 6.22
C PHE A 641 22.52 30.09 4.72
N LYS A 642 23.55 30.66 4.12
CA LYS A 642 23.53 30.84 2.68
C LYS A 642 23.70 29.52 1.94
N PHE A 643 24.32 28.52 2.57
CA PHE A 643 24.51 27.23 1.93
C PHE A 643 23.19 26.53 1.64
N THR A 644 22.29 26.51 2.63
CA THR A 644 21.02 25.82 2.46
C THR A 644 20.18 26.47 1.36
N ILE A 645 20.31 27.78 1.21
CA ILE A 645 19.62 28.49 0.15
C ILE A 645 20.45 28.56 -1.13
N GLY A 646 21.55 27.81 -1.17
CA GLY A 646 22.35 27.74 -2.36
C GLY A 646 23.14 28.99 -2.66
N MET A 647 23.74 29.62 -1.65
CA MET A 647 24.49 30.84 -1.83
C MET A 647 25.74 30.83 -0.97
N GLY A 648 26.28 29.63 -0.74
CA GLY A 648 27.40 29.45 0.14
C GLY A 648 28.74 29.44 -0.55
N ASP A 649 29.57 30.43 -0.24
CA ASP A 649 30.93 30.46 -0.69
C ASP A 649 31.73 29.60 0.28
N LEU A 650 32.47 28.63 -0.25
CA LEU A 650 33.35 27.82 0.58
C LEU A 650 34.66 28.55 0.89
N GLU A 651 34.79 29.79 0.43
CA GLU A 651 35.99 30.58 0.62
C GLU A 651 35.61 32.00 1.02
N PHE A 652 34.64 32.14 1.92
CA PHE A 652 34.24 33.46 2.38
C PHE A 652 35.21 34.05 3.39
N THR A 653 36.27 33.34 3.74
CA THR A 653 37.39 33.92 4.46
C THR A 653 38.67 33.28 3.99
N GLU A 654 39.73 34.09 3.99
CA GLU A 654 41.09 33.61 4.13
C GLU A 654 41.66 33.98 5.49
N ASN A 655 40.89 34.65 6.35
CA ASN A 655 41.35 35.10 7.65
C ASN A 655 41.29 33.97 8.66
N TYR A 656 42.01 32.89 8.38
CA TYR A 656 42.18 31.77 9.27
C TYR A 656 43.62 31.31 9.17
N ASP A 657 43.99 30.29 9.94
CA ASP A 657 45.33 29.73 9.89
C ASP A 657 45.36 28.27 9.46
N PHE A 658 44.23 27.58 9.42
CA PHE A 658 44.15 26.18 9.03
C PHE A 658 43.06 26.02 7.99
N LYS A 659 43.44 25.51 6.82
CA LYS A 659 42.51 25.42 5.69
C LYS A 659 41.84 24.05 5.63
N ALA A 660 42.56 22.99 5.97
CA ALA A 660 41.91 21.69 6.13
C ALA A 660 40.83 21.77 7.19
N VAL A 661 41.12 22.46 8.29
CA VAL A 661 40.15 22.60 9.38
C VAL A 661 38.94 23.38 8.89
N PHE A 662 39.17 24.41 8.08
CA PHE A 662 38.09 25.29 7.68
C PHE A 662 37.13 24.60 6.72
N ILE A 663 37.66 23.72 5.86
CA ILE A 663 36.86 23.16 4.78
C ILE A 663 36.31 21.79 5.17
N ILE A 664 37.07 21.00 5.93
CA ILE A 664 36.51 19.79 6.54
C ILE A 664 35.30 20.15 7.40
N LEU A 665 35.34 21.34 7.99
CA LEU A 665 34.30 21.77 8.90
C LEU A 665 33.08 22.30 8.15
N LEU A 666 33.30 22.91 6.98
CA LEU A 666 32.18 23.36 6.15
C LEU A 666 31.63 22.23 5.29
N LEU A 667 32.49 21.33 4.81
CA LEU A 667 32.00 20.15 4.12
C LEU A 667 31.17 19.28 5.05
N ALA A 668 31.64 19.07 6.28
CA ALA A 668 30.82 18.48 7.32
C ALA A 668 29.48 19.18 7.46
N TYR A 669 29.46 20.50 7.28
CA TYR A 669 28.24 21.26 7.44
C TYR A 669 27.32 21.10 6.25
N VAL A 670 27.85 21.23 5.04
CA VAL A 670 27.00 21.23 3.86
C VAL A 670 26.76 19.82 3.33
N ILE A 671 27.13 18.80 4.10
CA ILE A 671 26.71 17.42 3.88
C ILE A 671 25.58 17.06 4.83
N LEU A 672 25.74 17.42 6.09
CA LEU A 672 24.80 17.06 7.13
C LEU A 672 23.59 17.97 7.17
N THR A 673 23.65 19.11 6.48
CA THR A 673 22.57 20.08 6.42
C THR A 673 21.94 20.17 5.04
N TYR A 674 22.76 20.31 4.01
CA TYR A 674 22.27 20.51 2.66
C TYR A 674 21.95 19.15 2.03
N ILE A 675 22.96 18.29 1.92
CA ILE A 675 22.78 17.01 1.24
C ILE A 675 21.84 16.14 2.07
N LEU A 676 22.14 15.97 3.34
CA LEU A 676 21.36 15.08 4.18
C LEU A 676 20.02 15.69 4.57
N LEU A 677 20.05 16.80 5.29
CA LEU A 677 18.95 17.15 6.18
C LEU A 677 17.86 17.93 5.46
N LEU A 678 18.21 18.63 4.38
CA LEU A 678 17.19 19.23 3.52
C LEU A 678 16.54 18.20 2.64
N ASN A 679 17.32 17.31 2.03
CA ASN A 679 16.74 16.29 1.20
C ASN A 679 15.98 15.28 2.03
N MET A 680 16.42 15.08 3.27
CA MET A 680 15.66 14.32 4.24
C MET A 680 14.33 14.98 4.55
N LEU A 681 14.30 16.31 4.64
CA LEU A 681 13.05 17.02 4.89
C LEU A 681 12.02 16.72 3.82
N ILE A 682 12.43 16.77 2.55
CA ILE A 682 11.54 16.43 1.45
C ILE A 682 10.97 15.04 1.63
N ALA A 683 11.84 14.10 2.00
CA ALA A 683 11.42 12.73 2.24
C ALA A 683 10.40 12.65 3.37
N LEU A 684 10.60 13.44 4.42
CA LEU A 684 9.66 13.44 5.53
C LEU A 684 8.33 14.03 5.11
N MET A 685 8.34 15.09 4.32
CA MET A 685 7.11 15.68 3.84
C MET A 685 6.31 14.69 3.01
N GLY A 686 6.97 13.98 2.10
CA GLY A 686 6.28 12.95 1.32
C GLY A 686 5.63 11.90 2.19
N GLU A 687 6.33 11.47 3.24
CA GLU A 687 5.73 10.59 4.23
C GLU A 687 4.52 11.25 4.88
N THR A 688 4.64 12.55 5.16
CA THR A 688 3.54 13.28 5.78
C THR A 688 2.35 13.38 4.84
N VAL A 689 2.56 13.88 3.62
CA VAL A 689 1.46 14.08 2.66
C VAL A 689 0.69 12.78 2.44
N ASN A 690 1.41 11.66 2.41
CA ASN A 690 0.75 10.36 2.20
C ASN A 690 -0.23 10.07 3.34
N LYS A 691 0.07 10.54 4.54
CA LYS A 691 -0.72 10.23 5.71
C LYS A 691 -1.83 11.24 5.98
N ILE A 692 -1.56 12.53 5.82
CA ILE A 692 -2.50 13.57 6.21
C ILE A 692 -3.47 13.94 5.10
N ALA A 693 -3.56 13.14 4.05
CA ALA A 693 -4.45 13.42 2.93
C ALA A 693 -5.91 13.51 3.38
N GLN A 694 -6.39 12.50 4.11
CA GLN A 694 -7.76 12.52 4.59
C GLN A 694 -7.88 13.36 5.86
N GLU A 695 -6.85 13.35 6.70
CA GLU A 695 -6.85 14.19 7.90
C GLU A 695 -6.91 15.66 7.53
N SER A 696 -6.27 16.05 6.43
CA SER A 696 -6.27 17.45 6.03
C SER A 696 -7.59 17.85 5.40
N LYS A 697 -8.29 16.88 4.78
CA LYS A 697 -9.62 17.17 4.27
C LYS A 697 -10.63 17.34 5.39
N ASN A 698 -10.36 16.74 6.55
CA ASN A 698 -11.33 16.77 7.63
C ASN A 698 -10.99 17.83 8.65
N ILE A 699 -9.75 18.34 8.63
CA ILE A 699 -9.46 19.61 9.29
C ILE A 699 -9.99 20.76 8.47
N TRP A 700 -9.96 20.64 7.14
CA TRP A 700 -10.55 21.67 6.29
C TRP A 700 -12.05 21.83 6.55
N LYS A 701 -12.79 20.73 6.56
CA LYS A 701 -14.23 20.82 6.77
C LYS A 701 -14.56 21.36 8.15
N LEU A 702 -13.67 21.19 9.11
CA LEU A 702 -13.85 21.78 10.43
C LEU A 702 -13.48 23.25 10.41
N GLN A 703 -12.43 23.62 9.69
CA GLN A 703 -12.15 25.03 9.45
C GLN A 703 -13.34 25.73 8.82
N ARG A 704 -13.84 25.19 7.70
CA ARG A 704 -15.03 25.75 7.06
C ARG A 704 -16.23 25.78 7.99
N ALA A 705 -16.35 24.78 8.86
CA ALA A 705 -17.49 24.72 9.77
C ALA A 705 -17.45 25.85 10.78
N ILE A 706 -16.28 26.13 11.36
CA ILE A 706 -16.13 27.21 12.33
C ILE A 706 -16.43 28.55 11.66
N THR A 707 -16.19 28.63 10.36
CA THR A 707 -16.54 29.82 9.60
C THR A 707 -18.05 29.90 9.40
N ILE A 708 -18.68 28.75 9.17
CA ILE A 708 -20.14 28.71 9.04
C ILE A 708 -20.80 29.15 10.34
N LEU A 709 -20.31 28.64 11.47
CA LEU A 709 -20.91 28.96 12.75
C LEU A 709 -20.67 30.41 13.13
N ASP A 710 -19.42 30.88 13.02
CA ASP A 710 -19.12 32.27 13.33
C ASP A 710 -19.90 33.21 12.42
N THR A 711 -20.11 32.83 11.17
CA THR A 711 -20.92 33.64 10.27
C THR A 711 -22.36 33.71 10.74
N GLU A 712 -22.94 32.57 11.12
CA GLU A 712 -24.23 32.56 11.78
C GLU A 712 -24.23 33.45 13.02
N LYS A 713 -23.24 33.27 13.90
CA LYS A 713 -23.23 33.97 15.17
C LYS A 713 -22.84 35.43 15.06
N SER A 714 -22.23 35.84 13.96
CA SER A 714 -21.94 37.24 13.70
C SER A 714 -23.16 37.99 13.19
N PHE A 715 -24.16 37.27 12.65
CA PHE A 715 -25.32 37.89 12.04
C PHE A 715 -26.62 37.47 12.74
N LEU A 716 -26.65 37.48 14.07
CA LEU A 716 -27.92 37.49 14.79
C LEU A 716 -28.70 38.78 14.58
N LYS A 717 -28.05 39.84 14.13
CA LYS A 717 -28.66 41.16 13.98
C LYS A 717 -28.67 41.59 12.52
N CYS A 718 -27.65 41.17 11.76
CA CYS A 718 -27.46 41.69 10.41
C CYS A 718 -28.60 41.33 9.47
N MET A 719 -28.80 40.04 9.13
CA MET A 719 -29.78 39.68 8.13
C MET A 719 -31.08 39.27 8.85
N ARG A 720 -31.17 38.05 9.39
CA ARG A 720 -31.84 37.91 10.68
C ARG A 720 -31.08 36.99 11.62
N LYS A 721 -30.94 35.69 11.28
CA LYS A 721 -30.18 34.77 12.11
C LYS A 721 -29.21 33.88 11.33
N ALA A 722 -29.77 32.90 10.59
CA ALA A 722 -28.98 31.93 9.85
C ALA A 722 -29.68 31.36 8.62
N PHE A 723 -30.90 31.84 8.31
CA PHE A 723 -31.78 31.25 7.29
C PHE A 723 -32.22 29.82 7.59
N ARG A 724 -31.98 29.32 8.82
CA ARG A 724 -32.69 28.18 9.41
C ARG A 724 -32.32 26.80 8.84
N SER A 725 -31.63 26.74 7.70
CA SER A 725 -31.06 25.53 7.10
C SER A 725 -31.92 24.28 7.24
N GLY A 726 -33.16 24.33 6.77
CA GLY A 726 -34.08 23.23 6.95
C GLY A 726 -35.52 23.66 6.72
N LYS A 727 -36.42 22.75 7.05
CA LYS A 727 -37.85 22.95 6.83
C LYS A 727 -38.62 22.24 7.93
N LEU A 728 -39.72 22.85 8.37
CA LEU A 728 -40.56 22.29 9.42
C LEU A 728 -41.57 21.32 8.81
N LEU A 729 -41.29 20.02 8.93
CA LEU A 729 -42.09 18.97 8.31
C LEU A 729 -42.78 18.13 9.38
N GLN A 730 -43.95 17.61 9.02
CA GLN A 730 -44.67 16.65 9.86
C GLN A 730 -44.08 15.26 9.61
N VAL A 731 -43.30 14.76 10.56
CA VAL A 731 -42.75 13.41 10.42
C VAL A 731 -43.78 12.37 10.81
N GLY A 732 -44.65 12.69 11.75
CA GLY A 732 -45.71 11.79 12.15
C GLY A 732 -46.60 12.43 13.20
N TYR A 733 -46.92 11.67 14.25
CA TYR A 733 -47.66 12.18 15.39
C TYR A 733 -46.94 11.79 16.67
N THR A 734 -46.97 12.68 17.65
CA THR A 734 -46.39 12.43 18.96
C THR A 734 -47.18 11.30 19.62
N PRO A 735 -46.65 10.63 20.65
CA PRO A 735 -47.41 9.52 21.24
C PRO A 735 -48.70 9.95 21.91
N ASP A 736 -48.84 11.23 22.25
CA ASP A 736 -50.10 11.78 22.74
C ASP A 736 -51.05 12.19 21.62
N GLY A 737 -50.77 11.78 20.38
CA GLY A 737 -51.67 12.02 19.26
C GLY A 737 -51.42 13.32 18.52
N LYS A 738 -50.78 14.30 19.17
CA LYS A 738 -50.54 15.59 18.53
C LYS A 738 -49.56 15.42 17.38
N ASP A 739 -49.41 16.49 16.60
CA ASP A 739 -48.51 16.52 15.46
C ASP A 739 -47.07 16.51 15.94
N ASP A 740 -46.21 15.81 15.20
CA ASP A 740 -44.76 15.87 15.42
C ASP A 740 -44.15 16.65 14.26
N TYR A 741 -44.10 17.97 14.40
CA TYR A 741 -43.41 18.83 13.45
C TYR A 741 -41.96 18.95 13.89
N ARG A 742 -41.04 18.83 12.93
CA ARG A 742 -39.62 18.88 13.21
C ARG A 742 -38.90 19.59 12.08
N TRP A 743 -37.81 20.27 12.45
CA TRP A 743 -36.92 20.91 11.48
C TRP A 743 -35.99 19.85 10.94
N CYS A 744 -36.18 19.48 9.67
CA CYS A 744 -35.61 18.29 9.09
C CYS A 744 -34.85 18.58 7.80
N PHE A 745 -33.79 17.82 7.58
CA PHE A 745 -32.91 17.99 6.43
C PHE A 745 -33.11 16.82 5.47
N ARG A 746 -33.41 17.13 4.23
CA ARG A 746 -33.70 16.11 3.24
C ARG A 746 -32.42 15.64 2.55
N VAL A 747 -32.35 14.34 2.31
CA VAL A 747 -31.23 13.71 1.62
C VAL A 747 -31.78 12.64 0.69
N ASP A 748 -31.86 12.96 -0.61
CA ASP A 748 -32.25 11.95 -1.57
C ASP A 748 -31.17 10.87 -1.67
N GLU A 749 -31.63 9.62 -1.73
CA GLU A 749 -30.74 8.48 -1.75
C GLU A 749 -31.29 7.43 -2.70
N VAL A 750 -30.39 6.62 -3.24
CA VAL A 750 -30.71 5.62 -4.25
C VAL A 750 -30.14 4.29 -3.78
N ASN A 751 -30.86 3.21 -4.10
CA ASN A 751 -30.53 1.88 -3.60
C ASN A 751 -30.91 0.84 -4.65
N TRP A 752 -29.91 0.08 -5.11
CA TRP A 752 -30.09 -0.89 -6.18
C TRP A 752 -30.05 -2.33 -5.68
N THR A 753 -30.25 -2.55 -4.38
CA THR A 753 -30.17 -3.88 -3.77
C THR A 753 -31.39 -4.19 -2.92
N THR A 754 -31.92 -3.20 -2.22
CA THR A 754 -33.02 -3.38 -1.27
C THR A 754 -34.33 -3.02 -1.94
N TRP A 755 -34.49 -3.47 -3.19
CA TRP A 755 -35.59 -3.13 -4.08
C TRP A 755 -36.95 -3.05 -3.40
N ASN A 756 -37.39 -4.16 -2.82
CA ASN A 756 -38.79 -4.23 -2.42
C ASN A 756 -39.02 -3.38 -1.17
N THR A 757 -38.42 -3.74 -0.03
CA THR A 757 -38.40 -2.94 1.17
C THR A 757 -39.78 -2.36 1.49
N ASN A 758 -40.74 -3.20 1.89
CA ASN A 758 -42.05 -2.64 2.17
C ASN A 758 -41.99 -1.76 3.40
N VAL A 759 -41.61 -0.49 3.23
CA VAL A 759 -41.20 0.35 4.34
C VAL A 759 -42.38 0.56 5.28
N GLY A 760 -43.41 1.29 4.82
CA GLY A 760 -44.51 1.70 5.68
C GLY A 760 -44.21 2.92 6.54
N ILE A 761 -42.97 2.99 7.02
CA ILE A 761 -42.40 4.08 7.81
C ILE A 761 -42.26 5.34 6.98
N ILE A 762 -42.46 5.22 5.66
CA ILE A 762 -42.53 6.38 4.76
C ILE A 762 -43.62 7.30 5.30
N ASN A 763 -43.31 8.59 5.41
CA ASN A 763 -44.20 9.47 6.17
C ASN A 763 -45.19 10.20 5.25
N GLU A 764 -44.81 10.43 4.00
CA GLU A 764 -45.71 11.08 3.03
C GLU A 764 -45.63 10.46 1.63
N ASP A 765 -45.71 9.15 1.54
CA ASP A 765 -45.64 8.41 0.28
C ASP A 765 -46.60 8.90 -0.81
N PRO A 766 -47.91 9.15 -0.51
CA PRO A 766 -48.88 9.38 -1.61
C PRO A 766 -48.59 10.56 -2.52
N GLY A 767 -47.68 11.45 -2.12
CA GLY A 767 -47.28 12.57 -2.94
C GLY A 767 -45.85 12.48 -3.44
N ASN A 768 -45.09 11.53 -2.92
CA ASN A 768 -43.82 11.08 -3.48
C ASN A 768 -42.77 12.17 -3.76
N CYS A 769 -42.92 13.36 -3.18
CA CYS A 769 -41.89 14.40 -3.26
C CYS A 769 -42.22 15.61 -2.40
N GLU A 770 -41.38 16.66 -2.52
CA GLU A 770 -41.75 17.99 -2.05
C GLU A 770 -43.09 18.43 -2.63
N GLY A 771 -43.11 18.66 -3.95
CA GLY A 771 -44.28 19.12 -4.69
C GLY A 771 -45.12 20.18 -4.01
N VAL A 772 -46.39 19.83 -3.76
CA VAL A 772 -47.28 20.57 -2.87
C VAL A 772 -47.53 19.67 -1.68
N LYS A 773 -48.30 20.15 -0.70
CA LYS A 773 -48.55 19.41 0.53
C LYS A 773 -49.12 18.01 0.23
N ARG A 774 -48.80 17.08 1.12
CA ARG A 774 -49.00 15.65 0.86
C ARG A 774 -50.18 15.15 1.70
N THR A 775 -50.44 13.85 1.61
CA THR A 775 -51.58 13.21 2.25
C THR A 775 -51.32 12.78 3.70
N LEU A 776 -50.05 12.57 4.08
CA LEU A 776 -49.59 12.03 5.36
C LEU A 776 -49.72 10.51 5.43
N SER A 777 -50.38 9.87 4.46
CA SER A 777 -50.34 8.41 4.39
C SER A 777 -50.93 7.75 5.63
N PHE A 778 -52.27 7.58 5.68
CA PHE A 778 -52.99 7.02 6.84
C PHE A 778 -52.31 5.82 7.49
N SER A 779 -51.39 5.14 6.81
CA SER A 779 -50.51 4.16 7.45
C SER A 779 -49.71 4.83 8.58
N LEU A 780 -48.76 4.09 9.15
CA LEU A 780 -48.53 3.96 10.59
C LEU A 780 -49.13 5.05 11.47
N ARG A 781 -48.99 6.32 11.11
CA ARG A 781 -49.68 7.40 11.80
C ARG A 781 -51.18 7.17 11.84
N SER A 782 -51.80 7.40 13.01
CA SER A 782 -53.25 7.37 13.14
C SER A 782 -53.65 8.39 14.20
N SER A 783 -53.99 9.59 13.75
CA SER A 783 -54.49 10.65 14.62
C SER A 783 -55.03 11.80 13.80
N ARG B 117 -65.76 12.96 -2.75
CA ARG B 117 -66.12 13.73 -1.52
C ARG B 117 -65.01 13.55 -0.49
N ARG B 118 -65.29 13.85 0.78
CA ARG B 118 -64.28 13.71 1.83
C ARG B 118 -64.30 12.30 2.42
N SER B 119 -65.50 11.75 2.64
CA SER B 119 -65.61 10.46 3.31
C SER B 119 -65.22 9.30 2.39
N ILE B 120 -65.24 9.51 1.07
CA ILE B 120 -64.95 8.42 0.14
C ILE B 120 -63.46 8.10 0.14
N PHE B 121 -62.63 9.15 0.05
CA PHE B 121 -61.19 8.92 0.15
C PHE B 121 -60.80 8.41 1.53
N GLU B 122 -61.56 8.81 2.54
CA GLU B 122 -61.37 8.27 3.89
C GLU B 122 -61.67 6.77 3.92
N ALA B 123 -62.71 6.36 3.18
CA ALA B 123 -63.13 4.95 3.21
C ALA B 123 -62.34 4.12 2.21
N VAL B 124 -61.87 4.73 1.13
CA VAL B 124 -61.00 4.04 0.18
C VAL B 124 -59.61 3.93 0.80
N ALA B 125 -59.24 4.89 1.65
CA ALA B 125 -57.96 4.84 2.37
C ALA B 125 -58.00 3.73 3.42
N GLN B 126 -58.91 3.84 4.39
CA GLN B 126 -59.09 2.82 5.41
C GLN B 126 -59.60 1.54 4.75
N ASN B 127 -58.91 0.42 4.95
CA ASN B 127 -59.39 -0.82 4.34
C ASN B 127 -60.68 -1.25 5.05
N ASN B 128 -61.81 -0.79 4.52
CA ASN B 128 -63.10 -1.03 5.15
C ASN B 128 -64.13 -1.09 4.01
N CYS B 129 -64.38 -2.31 3.54
CA CYS B 129 -65.22 -2.52 2.37
C CYS B 129 -66.67 -2.78 2.76
N GLN B 130 -67.20 -1.95 3.66
CA GLN B 130 -68.59 -2.04 4.09
C GLN B 130 -69.34 -0.76 3.74
N ASP B 131 -68.73 0.39 4.05
CA ASP B 131 -69.33 1.66 3.69
C ASP B 131 -69.33 1.89 2.18
N LEU B 132 -68.50 1.17 1.43
CA LEU B 132 -68.44 1.35 -0.01
C LEU B 132 -69.71 0.84 -0.67
N GLU B 133 -70.18 -0.34 -0.27
CA GLU B 133 -71.41 -0.90 -0.83
C GLU B 133 -72.60 0.03 -0.61
N SER B 134 -72.61 0.79 0.48
CA SER B 134 -73.64 1.79 0.69
C SER B 134 -73.52 2.90 -0.35
N LEU B 135 -72.30 3.15 -0.84
CA LEU B 135 -72.09 4.19 -1.84
C LEU B 135 -72.05 3.64 -3.26
N LEU B 136 -71.86 2.32 -3.42
CA LEU B 136 -72.29 1.68 -4.65
C LEU B 136 -73.78 1.95 -4.87
N LEU B 137 -74.56 1.83 -3.81
CA LEU B 137 -75.99 2.09 -3.87
C LEU B 137 -76.28 3.57 -4.13
N PHE B 138 -75.41 4.46 -3.65
CA PHE B 138 -75.64 5.89 -3.82
C PHE B 138 -75.35 6.33 -5.25
N LEU B 139 -74.19 5.95 -5.79
CA LEU B 139 -73.82 6.40 -7.13
C LEU B 139 -74.66 5.72 -8.20
N GLN B 140 -75.32 4.61 -7.87
CA GLN B 140 -76.27 3.98 -8.77
C GLN B 140 -77.37 4.97 -9.13
N LYS B 141 -77.79 5.78 -8.17
CA LYS B 141 -79.03 6.55 -8.28
C LYS B 141 -78.81 7.92 -8.92
N SER B 142 -77.55 8.22 -9.29
CA SER B 142 -77.33 9.35 -10.18
C SER B 142 -76.70 8.95 -11.52
N LYS B 143 -75.41 8.61 -11.55
CA LYS B 143 -74.80 8.07 -12.77
C LYS B 143 -73.55 7.21 -12.57
N LYS B 144 -72.78 7.53 -11.53
CA LYS B 144 -71.41 7.08 -11.24
C LYS B 144 -70.34 7.68 -12.15
N HIS B 145 -70.70 8.26 -13.31
CA HIS B 145 -69.67 8.59 -14.29
C HIS B 145 -69.04 9.96 -14.01
N LEU B 146 -69.82 11.04 -14.13
CA LEU B 146 -69.30 12.36 -13.78
C LEU B 146 -69.07 12.46 -12.28
N THR B 147 -69.89 11.76 -11.50
CA THR B 147 -69.81 11.86 -10.05
C THR B 147 -68.49 11.31 -9.52
N ASP B 148 -67.98 10.23 -10.12
CA ASP B 148 -66.62 9.82 -9.83
C ASP B 148 -65.62 10.85 -10.36
N ASN B 149 -65.92 11.42 -11.54
CA ASN B 149 -65.03 12.45 -12.07
C ASN B 149 -65.08 13.71 -11.22
N GLU B 150 -66.21 13.98 -10.56
CA GLU B 150 -66.30 15.05 -9.59
C GLU B 150 -65.74 14.65 -8.23
N PHE B 151 -65.69 13.33 -7.94
CA PHE B 151 -65.01 12.81 -6.77
C PHE B 151 -63.55 12.45 -7.04
N LYS B 152 -62.93 13.08 -8.05
CA LYS B 152 -61.49 13.05 -8.21
C LYS B 152 -60.92 14.09 -7.26
N ASP B 153 -59.91 13.70 -6.47
CA ASP B 153 -59.29 14.58 -5.49
C ASP B 153 -58.78 15.84 -6.19
N PRO B 154 -59.35 17.04 -5.93
CA PRO B 154 -58.87 18.24 -6.61
C PRO B 154 -57.40 18.54 -6.31
N GLU B 155 -56.75 19.27 -7.22
CA GLU B 155 -55.32 19.61 -7.20
C GLU B 155 -54.40 18.40 -7.42
N THR B 156 -54.97 17.20 -7.60
CA THR B 156 -54.17 16.02 -7.93
C THR B 156 -54.78 15.19 -9.05
N GLY B 157 -56.12 15.15 -9.15
CA GLY B 157 -56.79 14.32 -10.12
C GLY B 157 -56.99 12.88 -9.70
N LYS B 158 -56.74 12.54 -8.44
CA LYS B 158 -56.88 11.16 -7.98
C LYS B 158 -58.34 10.73 -7.92
N THR B 159 -58.78 9.90 -8.85
CA THR B 159 -60.00 9.14 -8.64
C THR B 159 -59.77 8.12 -7.53
N CYS B 160 -60.86 7.47 -7.10
CA CYS B 160 -60.79 6.53 -5.98
C CYS B 160 -59.86 5.35 -6.28
N LEU B 161 -59.62 5.04 -7.55
CA LEU B 161 -58.79 3.88 -7.89
C LEU B 161 -57.34 4.12 -7.51
N LEU B 162 -56.76 5.22 -7.97
CA LEU B 162 -55.37 5.54 -7.67
C LEU B 162 -55.14 5.65 -6.17
N LYS B 163 -56.14 6.18 -5.45
CA LYS B 163 -56.04 6.32 -4.00
C LYS B 163 -55.89 4.96 -3.31
N ALA B 164 -56.45 3.91 -3.91
CA ALA B 164 -56.52 2.63 -3.23
C ALA B 164 -55.15 1.97 -3.15
N MET B 165 -54.45 1.87 -4.30
CA MET B 165 -53.16 1.20 -4.30
C MET B 165 -52.10 1.99 -3.55
N LEU B 166 -52.32 3.30 -3.35
CA LEU B 166 -51.41 4.10 -2.55
C LEU B 166 -51.41 3.62 -1.09
N ASN B 167 -52.59 3.50 -0.51
CA ASN B 167 -52.75 3.04 0.88
C ASN B 167 -53.10 1.55 0.86
N LEU B 168 -52.08 0.72 0.64
CA LEU B 168 -52.23 -0.73 0.64
C LEU B 168 -51.84 -1.28 2.01
N HIS B 169 -52.18 -2.54 2.23
CA HIS B 169 -51.84 -3.24 3.47
C HIS B 169 -51.56 -4.68 3.13
N ASP B 170 -50.29 -5.09 3.25
CA ASP B 170 -49.84 -6.44 2.92
C ASP B 170 -50.16 -6.78 1.47
N GLY B 171 -50.13 -5.79 0.59
CA GLY B 171 -50.29 -6.03 -0.83
C GLY B 171 -51.73 -6.11 -1.30
N GLN B 172 -52.66 -5.59 -0.51
CA GLN B 172 -54.06 -5.57 -0.92
C GLN B 172 -54.83 -4.64 0.01
N ASN B 173 -55.73 -3.85 -0.56
CA ASN B 173 -56.63 -2.98 0.19
C ASN B 173 -57.97 -3.65 0.47
N THR B 174 -58.46 -4.48 -0.46
CA THR B 174 -59.76 -5.14 -0.42
C THR B 174 -60.90 -4.19 -0.78
N THR B 175 -60.59 -2.91 -1.02
CA THR B 175 -61.53 -2.02 -1.71
C THR B 175 -61.25 -2.02 -3.20
N ILE B 176 -60.05 -2.40 -3.62
CA ILE B 176 -59.68 -2.40 -5.03
C ILE B 176 -60.56 -3.39 -5.79
N PRO B 177 -60.80 -4.62 -5.30
CA PRO B 177 -61.80 -5.47 -5.98
C PRO B 177 -63.18 -4.84 -6.01
N LEU B 178 -63.60 -4.21 -4.91
CA LEU B 178 -64.92 -3.61 -4.86
C LEU B 178 -65.03 -2.42 -5.81
N LEU B 179 -64.05 -1.51 -5.77
CA LEU B 179 -64.13 -0.32 -6.61
C LEU B 179 -64.14 -0.67 -8.09
N LEU B 180 -63.60 -1.84 -8.45
CA LEU B 180 -63.75 -2.33 -9.81
C LEU B 180 -65.18 -2.85 -10.05
N GLU B 181 -65.82 -3.39 -8.99
CA GLU B 181 -67.19 -3.89 -9.13
C GLU B 181 -68.18 -2.75 -9.35
N ILE B 182 -67.94 -1.59 -8.72
CA ILE B 182 -68.80 -0.44 -8.93
C ILE B 182 -68.67 0.02 -10.38
N ALA B 183 -67.50 -0.20 -10.99
CA ALA B 183 -67.22 0.40 -12.30
C ALA B 183 -67.57 -0.54 -13.45
N ARG B 184 -67.68 -1.85 -13.17
CA ARG B 184 -67.99 -2.80 -14.24
C ARG B 184 -69.50 -2.95 -14.43
N GLN B 185 -70.27 -3.00 -13.33
CA GLN B 185 -71.72 -3.03 -13.44
C GLN B 185 -72.22 -1.71 -14.02
N THR B 186 -71.97 -0.63 -13.30
CA THR B 186 -72.38 0.69 -13.73
C THR B 186 -71.42 1.19 -14.80
N ASP B 187 -71.97 1.87 -15.82
CA ASP B 187 -71.30 2.10 -17.10
C ASP B 187 -69.98 2.86 -16.93
N SER B 188 -69.18 2.90 -18.00
CA SER B 188 -67.92 3.65 -18.07
C SER B 188 -66.84 3.15 -17.10
N LEU B 189 -66.38 1.91 -17.30
CA LEU B 189 -65.25 1.35 -16.57
C LEU B 189 -63.92 1.96 -16.99
N LYS B 190 -63.78 2.38 -18.25
CA LYS B 190 -62.47 2.82 -18.74
C LYS B 190 -62.00 4.07 -18.01
N GLU B 191 -62.91 5.00 -17.74
CA GLU B 191 -62.52 6.30 -17.19
C GLU B 191 -62.10 6.22 -15.73
N LEU B 192 -62.12 5.03 -15.11
CA LEU B 192 -61.55 4.85 -13.79
C LEU B 192 -60.11 4.35 -13.88
N VAL B 193 -59.84 3.46 -14.85
CA VAL B 193 -58.51 2.86 -14.97
C VAL B 193 -57.62 3.69 -15.87
N ASN B 194 -58.19 4.27 -16.93
CA ASN B 194 -57.42 5.18 -17.79
C ASN B 194 -57.18 6.51 -17.07
N ALA B 195 -57.91 6.78 -16.01
CA ALA B 195 -57.71 8.00 -15.24
C ALA B 195 -56.30 8.05 -14.66
N SER B 196 -55.88 9.26 -14.32
CA SER B 196 -54.54 9.49 -13.81
C SER B 196 -54.57 10.75 -12.96
N TYR B 197 -53.41 11.11 -12.42
CA TYR B 197 -53.26 12.42 -11.81
C TYR B 197 -53.46 13.50 -12.87
N THR B 198 -54.04 14.63 -12.46
CA THR B 198 -54.25 15.75 -13.36
C THR B 198 -53.15 16.79 -13.25
N ASP B 199 -52.46 16.86 -12.11
CA ASP B 199 -51.44 17.87 -11.88
C ASP B 199 -50.29 17.71 -12.87
N SER B 200 -49.63 18.83 -13.17
CA SER B 200 -48.47 18.82 -14.04
C SER B 200 -47.30 18.05 -13.47
N TYR B 201 -47.30 17.76 -12.17
CA TYR B 201 -46.16 17.14 -11.51
C TYR B 201 -46.24 15.63 -11.46
N TYR B 202 -47.45 15.06 -11.56
CA TYR B 202 -47.63 13.63 -11.78
C TYR B 202 -48.45 13.36 -13.04
N LYS B 203 -48.34 14.25 -14.04
CA LYS B 203 -49.16 14.20 -15.23
C LYS B 203 -49.02 12.88 -15.97
N GLY B 204 -50.10 12.11 -16.00
CA GLY B 204 -50.16 10.89 -16.78
C GLY B 204 -49.86 9.62 -16.02
N GLN B 205 -49.58 9.73 -14.72
CA GLN B 205 -49.31 8.55 -13.90
C GLN B 205 -50.63 7.86 -13.61
N THR B 206 -50.95 6.89 -14.46
CA THR B 206 -52.13 6.07 -14.25
C THR B 206 -51.91 5.15 -13.04
N ALA B 207 -53.01 4.59 -12.56
CA ALA B 207 -52.96 3.62 -11.47
C ALA B 207 -52.16 2.39 -11.81
N LEU B 208 -51.98 2.09 -13.10
CA LEU B 208 -51.18 0.95 -13.51
C LEU B 208 -49.72 1.14 -13.11
N HIS B 209 -49.24 2.38 -13.16
CA HIS B 209 -47.87 2.67 -12.75
C HIS B 209 -47.67 2.38 -11.27
N ILE B 210 -48.71 2.60 -10.47
CA ILE B 210 -48.60 2.42 -9.02
C ILE B 210 -48.32 0.96 -8.69
N ALA B 211 -49.09 0.05 -9.29
CA ALA B 211 -48.93 -1.37 -9.00
C ALA B 211 -47.54 -1.86 -9.37
N ILE B 212 -46.91 -1.23 -10.36
CA ILE B 212 -45.59 -1.66 -10.84
C ILE B 212 -44.52 -1.23 -9.85
N GLU B 213 -44.72 -0.08 -9.18
CA GLU B 213 -43.72 0.37 -8.22
C GLU B 213 -43.84 -0.38 -6.90
N ARG B 214 -45.06 -0.72 -6.52
CA ARG B 214 -45.29 -1.37 -5.23
C ARG B 214 -45.05 -2.87 -5.29
N ARG B 215 -44.57 -3.38 -6.44
CA ARG B 215 -44.23 -4.79 -6.60
C ARG B 215 -45.41 -5.69 -6.28
N ASN B 216 -46.56 -5.42 -6.88
CA ASN B 216 -47.76 -6.25 -6.72
C ASN B 216 -48.03 -6.84 -8.10
N MET B 217 -47.56 -8.07 -8.31
CA MET B 217 -47.82 -8.77 -9.55
C MET B 217 -49.32 -8.89 -9.82
N ALA B 218 -50.11 -9.13 -8.77
CA ALA B 218 -51.53 -9.35 -8.94
C ALA B 218 -52.21 -8.12 -9.52
N LEU B 219 -52.04 -6.96 -8.88
CA LEU B 219 -52.77 -5.76 -9.27
C LEU B 219 -52.42 -5.35 -10.70
N VAL B 220 -51.23 -5.71 -11.17
CA VAL B 220 -50.91 -5.51 -12.58
C VAL B 220 -51.79 -6.39 -13.44
N THR B 221 -52.02 -7.63 -12.98
CA THR B 221 -52.94 -8.51 -13.69
C THR B 221 -54.37 -7.98 -13.64
N LEU B 222 -54.84 -7.61 -12.44
CA LEU B 222 -56.23 -7.19 -12.26
C LEU B 222 -56.58 -5.99 -13.13
N LEU B 223 -55.70 -4.98 -13.16
CA LEU B 223 -56.03 -3.74 -13.86
C LEU B 223 -56.00 -3.93 -15.37
N VAL B 224 -55.05 -4.71 -15.88
CA VAL B 224 -54.89 -4.85 -17.32
C VAL B 224 -56.04 -5.67 -17.90
N GLU B 225 -56.66 -6.51 -17.07
CA GLU B 225 -57.90 -7.17 -17.47
C GLU B 225 -58.98 -6.16 -17.79
N ASN B 226 -59.11 -5.13 -16.95
CA ASN B 226 -60.19 -4.16 -17.02
C ASN B 226 -59.84 -2.94 -17.88
N GLY B 227 -58.95 -3.12 -18.84
CA GLY B 227 -58.42 -2.01 -19.64
C GLY B 227 -57.02 -1.62 -19.18
N ALA B 228 -56.89 -0.42 -18.61
CA ALA B 228 -55.64 0.01 -18.00
C ALA B 228 -54.51 -0.02 -19.01
N ASP B 229 -54.58 0.90 -19.99
CA ASP B 229 -53.61 1.02 -21.08
C ASP B 229 -52.16 0.89 -20.62
N VAL B 230 -51.41 0.01 -21.27
CA VAL B 230 -50.01 -0.25 -20.92
C VAL B 230 -49.08 0.73 -21.63
N GLN B 231 -49.65 1.78 -22.25
CA GLN B 231 -48.85 2.78 -22.95
C GLN B 231 -49.12 4.17 -22.39
N ALA B 232 -49.53 4.27 -21.13
CA ALA B 232 -49.83 5.55 -20.51
C ALA B 232 -48.53 6.27 -20.16
N ALA B 233 -48.37 7.48 -20.70
CA ALA B 233 -47.15 8.25 -20.56
C ALA B 233 -47.21 9.06 -19.27
N ALA B 234 -46.41 8.64 -18.28
CA ALA B 234 -46.29 9.40 -17.04
C ALA B 234 -45.42 10.63 -17.31
N HIS B 235 -46.06 11.67 -17.84
CA HIS B 235 -45.35 12.86 -18.30
C HIS B 235 -44.69 13.62 -17.17
N GLY B 236 -45.28 13.58 -15.97
CA GLY B 236 -45.03 14.55 -14.92
C GLY B 236 -43.59 14.90 -14.60
N ASP B 237 -43.37 16.09 -14.04
CA ASP B 237 -42.04 16.60 -13.77
C ASP B 237 -41.25 15.69 -12.84
N PHE B 238 -41.96 14.96 -11.97
CA PHE B 238 -41.37 13.90 -11.17
C PHE B 238 -40.77 12.82 -12.08
N PHE B 239 -41.36 12.64 -13.26
CA PHE B 239 -41.04 11.56 -14.17
C PHE B 239 -40.22 12.01 -15.38
N LYS B 240 -39.60 13.19 -15.30
CA LYS B 240 -38.81 13.75 -16.40
C LYS B 240 -37.34 13.61 -16.08
N LYS B 241 -36.50 14.07 -17.01
CA LYS B 241 -35.04 13.98 -16.90
C LYS B 241 -34.57 14.60 -15.60
N THR B 242 -33.33 14.26 -15.18
CA THR B 242 -32.81 14.43 -13.83
C THR B 242 -33.24 15.71 -13.11
N LYS B 243 -33.22 16.85 -13.81
CA LYS B 243 -33.80 18.12 -13.38
C LYS B 243 -33.04 18.78 -12.23
N GLY B 244 -32.06 18.11 -11.62
CA GLY B 244 -31.45 18.61 -10.40
C GLY B 244 -32.40 18.71 -9.23
N ARG B 245 -33.54 18.02 -9.30
CA ARG B 245 -34.57 18.01 -8.27
C ARG B 245 -34.95 16.56 -7.97
N PRO B 246 -35.69 16.31 -6.88
CA PRO B 246 -36.10 14.94 -6.58
C PRO B 246 -36.96 14.34 -7.68
N GLY B 247 -36.69 13.08 -8.00
CA GLY B 247 -37.44 12.40 -9.04
C GLY B 247 -36.80 11.09 -9.45
N PHE B 248 -37.56 10.25 -10.14
CA PHE B 248 -37.07 9.00 -10.70
C PHE B 248 -37.51 8.90 -12.15
N TYR B 249 -36.56 9.01 -13.06
CA TYR B 249 -36.83 8.80 -14.48
C TYR B 249 -36.66 7.33 -14.82
N PHE B 250 -37.71 6.76 -15.40
CA PHE B 250 -37.67 5.39 -15.92
C PHE B 250 -37.97 5.27 -17.40
N GLY B 251 -38.56 6.29 -18.03
CA GLY B 251 -38.94 6.24 -19.42
C GLY B 251 -40.43 6.48 -19.66
N GLU B 252 -41.16 6.88 -18.62
CA GLU B 252 -42.53 7.39 -18.71
C GLU B 252 -43.57 6.35 -19.07
N LEU B 253 -43.17 5.13 -19.44
CA LEU B 253 -44.08 4.11 -19.91
C LEU B 253 -44.03 2.91 -18.96
N PRO B 254 -45.17 2.25 -18.70
CA PRO B 254 -45.16 1.21 -17.65
C PRO B 254 -44.21 0.05 -17.92
N LEU B 255 -43.91 -0.25 -19.19
CA LEU B 255 -42.98 -1.33 -19.47
C LEU B 255 -41.57 -0.95 -19.03
N SER B 256 -41.24 0.34 -19.16
CA SER B 256 -39.92 0.80 -18.77
C SER B 256 -39.80 0.89 -17.25
N LEU B 257 -40.92 1.16 -16.58
CA LEU B 257 -40.94 1.15 -15.12
C LEU B 257 -40.60 -0.23 -14.58
N ALA B 258 -41.19 -1.27 -15.17
CA ALA B 258 -40.94 -2.63 -14.72
C ALA B 258 -39.50 -3.04 -14.97
N ALA B 259 -38.94 -2.64 -16.11
CA ALA B 259 -37.57 -2.99 -16.43
C ALA B 259 -36.59 -2.31 -15.47
N CYS B 260 -36.89 -1.08 -15.08
CA CYS B 260 -36.02 -0.31 -14.19
C CYS B 260 -36.32 -0.55 -12.72
N THR B 261 -37.18 -1.50 -12.39
CA THR B 261 -37.64 -1.76 -11.03
C THR B 261 -37.26 -3.15 -10.52
N ASN B 262 -36.60 -3.95 -11.35
CA ASN B 262 -36.38 -5.37 -11.10
C ASN B 262 -37.71 -6.08 -10.94
N GLN B 263 -38.50 -6.02 -12.01
CA GLN B 263 -39.71 -6.78 -12.16
C GLN B 263 -39.67 -7.41 -13.54
N LEU B 264 -38.97 -8.55 -13.66
CA LEU B 264 -38.88 -9.23 -14.94
C LEU B 264 -40.17 -9.99 -15.24
N GLY B 265 -40.83 -10.48 -14.20
CA GLY B 265 -42.13 -11.10 -14.37
C GLY B 265 -43.14 -10.15 -14.96
N ILE B 266 -43.08 -8.89 -14.56
CA ILE B 266 -44.04 -7.90 -15.06
C ILE B 266 -43.66 -7.47 -16.48
N VAL B 267 -42.37 -7.58 -16.84
CA VAL B 267 -41.99 -7.34 -18.23
C VAL B 267 -42.64 -8.37 -19.13
N LYS B 268 -42.36 -9.65 -18.88
CA LYS B 268 -42.86 -10.71 -19.74
C LYS B 268 -44.39 -10.74 -19.75
N PHE B 269 -45.02 -10.34 -18.63
CA PHE B 269 -46.47 -10.30 -18.59
C PHE B 269 -47.03 -9.26 -19.55
N LEU B 270 -46.53 -8.02 -19.46
CA LEU B 270 -47.12 -6.93 -20.22
C LEU B 270 -46.95 -7.10 -21.72
N LEU B 271 -46.05 -7.99 -22.16
CA LEU B 271 -45.87 -8.23 -23.58
C LEU B 271 -46.74 -9.38 -24.08
N GLN B 272 -46.94 -10.43 -23.25
CA GLN B 272 -47.86 -11.54 -23.58
C GLN B 272 -48.74 -11.82 -22.35
N ASN B 273 -49.82 -11.04 -22.20
CA ASN B 273 -50.71 -11.26 -21.07
C ASN B 273 -51.95 -12.08 -21.46
N SER B 274 -53.01 -11.45 -21.97
CA SER B 274 -53.87 -11.99 -23.02
C SER B 274 -54.47 -10.89 -23.90
N TRP B 275 -54.59 -9.66 -23.34
CA TRP B 275 -55.52 -8.64 -23.82
C TRP B 275 -54.83 -7.51 -24.56
N GLN B 276 -53.90 -6.82 -23.90
CA GLN B 276 -53.22 -5.67 -24.47
C GLN B 276 -51.73 -5.83 -24.21
N THR B 277 -50.94 -5.87 -25.28
CA THR B 277 -49.51 -6.13 -25.21
C THR B 277 -48.76 -4.81 -25.27
N ALA B 278 -47.77 -4.66 -24.40
CA ALA B 278 -46.94 -3.47 -24.40
C ALA B 278 -46.14 -3.41 -25.70
N ASP B 279 -45.70 -2.20 -26.06
CA ASP B 279 -44.91 -1.98 -27.26
C ASP B 279 -43.45 -1.82 -26.86
N ILE B 280 -42.65 -2.84 -27.18
CA ILE B 280 -41.19 -2.75 -27.06
C ILE B 280 -40.64 -1.53 -27.79
N SER B 281 -41.26 -1.14 -28.90
CA SER B 281 -40.70 -0.10 -29.75
C SER B 281 -41.15 1.31 -29.36
N ALA B 282 -42.09 1.45 -28.42
CA ALA B 282 -42.68 2.75 -28.15
C ALA B 282 -41.67 3.68 -27.48
N ARG B 283 -41.96 4.98 -27.59
CA ARG B 283 -41.05 6.04 -27.14
C ARG B 283 -41.74 6.92 -26.12
N ASP B 284 -40.91 7.58 -25.30
CA ASP B 284 -41.41 8.53 -24.30
C ASP B 284 -41.41 9.95 -24.88
N SER B 285 -41.60 10.94 -24.02
CA SER B 285 -41.60 12.34 -24.42
C SER B 285 -40.26 12.73 -25.03
N VAL B 286 -39.17 12.24 -24.44
CA VAL B 286 -37.83 12.57 -24.92
C VAL B 286 -37.35 11.56 -25.95
N GLY B 287 -38.27 10.72 -26.45
CA GLY B 287 -37.92 9.75 -27.47
C GLY B 287 -37.25 8.49 -26.99
N ASN B 288 -36.86 8.43 -25.72
CA ASN B 288 -36.16 7.27 -25.21
C ASN B 288 -37.10 6.08 -25.17
N THR B 289 -36.71 5.01 -25.87
CA THR B 289 -37.40 3.73 -25.77
C THR B 289 -37.08 3.09 -24.43
N VAL B 290 -37.53 1.85 -24.23
CA VAL B 290 -37.20 1.15 -22.99
C VAL B 290 -35.70 1.00 -22.84
N LEU B 291 -35.00 0.63 -23.91
CA LEU B 291 -33.57 0.35 -23.79
C LEU B 291 -32.77 1.61 -23.52
N HIS B 292 -33.12 2.71 -24.19
CA HIS B 292 -32.57 4.01 -23.82
C HIS B 292 -32.77 4.29 -22.34
N ALA B 293 -33.95 3.94 -21.82
CA ALA B 293 -34.27 4.22 -20.43
C ALA B 293 -33.49 3.29 -19.49
N LEU B 294 -33.11 2.11 -19.97
CA LEU B 294 -32.19 1.28 -19.20
C LEU B 294 -30.81 1.90 -19.12
N VAL B 295 -30.49 2.79 -20.06
CA VAL B 295 -29.18 3.45 -20.06
C VAL B 295 -29.21 4.68 -19.17
N GLU B 296 -30.28 5.47 -19.26
CA GLU B 296 -30.44 6.64 -18.42
C GLU B 296 -30.44 6.29 -16.94
N VAL B 297 -30.94 5.10 -16.59
CA VAL B 297 -31.08 4.71 -15.20
C VAL B 297 -29.80 4.11 -14.62
N ALA B 298 -28.87 3.69 -15.46
CA ALA B 298 -27.62 3.13 -14.97
C ALA B 298 -26.81 4.21 -14.25
N ASP B 299 -26.05 3.78 -13.23
CA ASP B 299 -25.33 4.70 -12.36
C ASP B 299 -23.93 4.18 -12.02
N ASN B 300 -23.40 3.24 -12.80
CA ASN B 300 -22.01 2.82 -12.70
C ASN B 300 -21.68 2.15 -11.37
N THR B 301 -22.68 1.64 -10.67
CA THR B 301 -22.49 0.79 -9.50
C THR B 301 -22.75 -0.66 -9.89
N ALA B 302 -22.14 -1.58 -9.15
CA ALA B 302 -22.08 -2.97 -9.58
C ALA B 302 -23.45 -3.63 -9.58
N ASP B 303 -24.25 -3.36 -8.54
CA ASP B 303 -25.54 -4.02 -8.42
C ASP B 303 -26.52 -3.49 -9.46
N ASN B 304 -26.44 -2.19 -9.75
CA ASN B 304 -27.18 -1.62 -10.86
C ASN B 304 -26.67 -2.18 -12.19
N THR B 305 -25.35 -2.26 -12.33
CA THR B 305 -24.76 -2.75 -13.57
C THR B 305 -25.07 -4.23 -13.76
N LYS B 306 -25.02 -5.01 -12.67
CA LYS B 306 -25.39 -6.41 -12.72
C LYS B 306 -26.82 -6.54 -13.22
N PHE B 307 -27.69 -5.63 -12.77
CA PHE B 307 -29.10 -5.75 -13.11
C PHE B 307 -29.39 -5.25 -14.51
N VAL B 308 -29.07 -3.98 -14.78
CA VAL B 308 -29.44 -3.32 -16.03
C VAL B 308 -28.96 -4.12 -17.22
N THR B 309 -27.78 -4.71 -17.10
CA THR B 309 -27.24 -5.53 -18.17
C THR B 309 -28.02 -6.84 -18.28
N SER B 310 -28.46 -7.39 -17.15
CA SER B 310 -29.36 -8.54 -17.18
C SER B 310 -30.68 -8.18 -17.85
N MET B 311 -31.28 -7.05 -17.43
CA MET B 311 -32.58 -6.66 -17.97
C MET B 311 -32.45 -6.12 -19.38
N TYR B 312 -31.31 -5.50 -19.71
CA TYR B 312 -31.06 -5.10 -21.08
C TYR B 312 -31.09 -6.31 -22.00
N ASN B 313 -30.56 -7.43 -21.52
CA ASN B 313 -30.55 -8.67 -22.30
C ASN B 313 -31.96 -9.14 -22.60
N GLU B 314 -32.80 -9.20 -21.56
CA GLU B 314 -34.06 -9.94 -21.65
C GLU B 314 -35.06 -9.27 -22.61
N ILE B 315 -35.26 -7.96 -22.48
CA ILE B 315 -36.11 -7.26 -23.45
C ILE B 315 -35.48 -7.33 -24.84
N LEU B 316 -34.16 -7.22 -24.90
CA LEU B 316 -33.47 -7.28 -26.18
C LEU B 316 -33.58 -8.68 -26.78
N MET B 317 -33.56 -9.71 -25.94
CA MET B 317 -33.85 -11.06 -26.39
C MET B 317 -35.33 -11.24 -26.70
N LEU B 318 -36.22 -10.73 -25.83
CA LEU B 318 -37.65 -10.81 -26.08
C LEU B 318 -38.03 -10.18 -27.41
N GLY B 319 -37.34 -9.11 -27.81
CA GLY B 319 -37.68 -8.45 -29.05
C GLY B 319 -37.27 -9.23 -30.29
N ALA B 320 -36.64 -10.40 -30.11
CA ALA B 320 -36.44 -11.32 -31.22
C ALA B 320 -37.53 -12.38 -31.25
N LYS B 321 -38.05 -12.78 -30.09
CA LYS B 321 -39.20 -13.66 -30.07
C LYS B 321 -40.42 -12.98 -30.68
N LEU B 322 -40.83 -11.84 -30.10
CA LEU B 322 -41.85 -10.98 -30.66
C LEU B 322 -41.17 -9.89 -31.50
N HIS B 323 -41.77 -9.56 -32.63
CA HIS B 323 -41.24 -8.56 -33.55
C HIS B 323 -39.82 -8.91 -33.97
N PRO B 324 -39.62 -9.99 -34.74
CA PRO B 324 -38.26 -10.49 -35.00
C PRO B 324 -37.48 -9.74 -36.06
N THR B 325 -37.99 -8.58 -36.52
CA THR B 325 -37.39 -7.88 -37.65
C THR B 325 -37.24 -6.39 -37.38
N LEU B 326 -36.70 -6.01 -36.21
CA LEU B 326 -36.72 -4.62 -35.75
C LEU B 326 -35.33 -4.03 -35.50
N LYS B 327 -34.46 -4.75 -34.78
CA LYS B 327 -33.19 -4.21 -34.33
C LYS B 327 -33.38 -2.98 -33.44
N LEU B 328 -33.93 -3.16 -32.24
CA LEU B 328 -34.15 -2.09 -31.27
C LEU B 328 -32.96 -1.15 -31.09
N GLU B 329 -31.75 -1.68 -30.99
CA GLU B 329 -30.57 -0.88 -30.72
C GLU B 329 -30.30 0.18 -31.77
N GLU B 330 -30.85 0.03 -32.98
CA GLU B 330 -30.76 1.06 -34.01
C GLU B 330 -31.74 2.20 -33.80
N LEU B 331 -32.65 2.10 -32.84
CA LEU B 331 -33.64 3.14 -32.63
C LEU B 331 -32.99 4.37 -32.01
N THR B 332 -33.32 5.54 -32.55
CA THR B 332 -32.73 6.80 -32.14
C THR B 332 -33.79 7.68 -31.51
N ASN B 333 -33.45 8.29 -30.37
CA ASN B 333 -34.37 9.14 -29.63
C ASN B 333 -34.43 10.52 -30.29
N LYS B 334 -35.02 11.49 -29.60
CA LYS B 334 -35.15 12.85 -30.14
C LYS B 334 -33.79 13.45 -30.44
N LYS B 335 -32.80 13.12 -29.60
CA LYS B 335 -31.43 13.62 -29.79
C LYS B 335 -30.63 12.72 -30.73
N GLY B 336 -31.29 11.82 -31.44
CA GLY B 336 -30.62 11.01 -32.44
C GLY B 336 -29.68 9.98 -31.86
N MET B 337 -29.85 9.64 -30.59
CA MET B 337 -28.91 8.80 -29.86
C MET B 337 -29.49 7.39 -29.73
N THR B 338 -28.66 6.39 -30.00
CA THR B 338 -29.00 5.01 -29.76
C THR B 338 -28.72 4.64 -28.31
N PRO B 339 -29.15 3.46 -27.85
CA PRO B 339 -28.82 3.07 -26.48
C PRO B 339 -27.33 2.88 -26.26
N LEU B 340 -26.60 2.48 -27.30
CA LEU B 340 -25.16 2.34 -27.18
C LEU B 340 -24.47 3.69 -27.11
N ALA B 341 -24.81 4.59 -28.03
CA ALA B 341 -24.21 5.91 -28.03
C ALA B 341 -24.63 6.71 -26.79
N LEU B 342 -25.84 6.47 -26.31
CA LEU B 342 -26.30 7.15 -25.11
C LEU B 342 -25.59 6.62 -23.88
N ALA B 343 -25.16 5.35 -23.92
CA ALA B 343 -24.35 4.81 -22.84
C ALA B 343 -22.94 5.37 -22.88
N ALA B 344 -22.47 5.68 -24.08
CA ALA B 344 -21.13 6.21 -24.26
C ALA B 344 -21.09 7.73 -24.08
N GLY B 345 -22.15 8.43 -24.43
CA GLY B 345 -22.21 9.87 -24.24
C GLY B 345 -22.49 10.27 -22.80
N THR B 346 -23.07 9.35 -22.03
CA THR B 346 -23.46 9.59 -20.65
C THR B 346 -22.56 8.89 -19.65
N GLY B 347 -21.48 8.26 -20.10
CA GLY B 347 -20.51 7.70 -19.19
C GLY B 347 -20.84 6.35 -18.62
N LYS B 348 -21.62 5.55 -19.34
CA LYS B 348 -22.16 4.30 -18.80
C LYS B 348 -21.31 3.13 -19.30
N ILE B 349 -20.25 2.86 -18.54
CA ILE B 349 -19.22 1.92 -18.94
C ILE B 349 -19.69 0.48 -18.76
N GLY B 350 -20.48 0.22 -17.72
CA GLY B 350 -20.94 -1.13 -17.49
C GLY B 350 -21.91 -1.59 -18.55
N VAL B 351 -22.84 -0.71 -18.93
CA VAL B 351 -23.75 -1.01 -20.02
C VAL B 351 -22.98 -1.08 -21.33
N LEU B 352 -22.06 -0.15 -21.54
CA LEU B 352 -21.20 -0.17 -22.72
C LEU B 352 -20.42 -1.47 -22.81
N ALA B 353 -19.77 -1.86 -21.71
CA ALA B 353 -19.08 -3.14 -21.67
C ALA B 353 -20.03 -4.30 -21.97
N TYR B 354 -21.27 -4.23 -21.48
CA TYR B 354 -22.20 -5.30 -21.77
C TYR B 354 -22.54 -5.34 -23.25
N ILE B 355 -22.94 -4.19 -23.81
CA ILE B 355 -23.39 -4.14 -25.19
C ILE B 355 -22.30 -4.57 -26.14
N LEU B 356 -21.04 -4.23 -25.82
CA LEU B 356 -19.92 -4.49 -26.72
C LEU B 356 -19.41 -5.93 -26.65
N GLN B 357 -19.24 -6.49 -25.44
CA GLN B 357 -18.86 -7.90 -25.27
C GLN B 357 -20.07 -8.83 -25.27
N ARG B 358 -21.21 -8.40 -25.81
CA ARG B 358 -22.43 -9.18 -25.73
C ARG B 358 -22.30 -10.43 -26.59
N GLU B 359 -22.42 -11.60 -25.97
CA GLU B 359 -22.51 -12.87 -26.67
C GLU B 359 -23.74 -13.60 -26.13
N ILE B 360 -24.67 -13.88 -27.03
CA ILE B 360 -25.90 -14.61 -26.71
C ILE B 360 -25.79 -15.97 -27.37
N GLN B 361 -25.91 -17.03 -26.57
CA GLN B 361 -25.75 -18.39 -27.06
C GLN B 361 -27.05 -19.01 -27.57
N GLU B 362 -28.19 -18.37 -27.33
CA GLU B 362 -29.45 -18.98 -27.75
C GLU B 362 -29.54 -18.92 -29.27
N PRO B 363 -30.12 -19.93 -29.95
CA PRO B 363 -30.14 -19.90 -31.42
C PRO B 363 -30.91 -18.73 -32.01
N GLU B 364 -32.18 -18.56 -31.65
CA GLU B 364 -33.00 -17.52 -32.27
C GLU B 364 -32.71 -16.13 -31.74
N CYS B 365 -31.78 -16.00 -30.79
CA CYS B 365 -31.33 -14.72 -30.28
C CYS B 365 -29.81 -14.60 -30.41
N ARG B 366 -29.24 -15.33 -31.38
CA ARG B 366 -27.81 -15.24 -31.64
C ARG B 366 -27.44 -14.04 -32.48
N HIS B 367 -28.27 -13.67 -33.46
CA HIS B 367 -28.02 -12.49 -34.26
C HIS B 367 -27.91 -11.23 -33.41
N LEU B 368 -28.53 -11.22 -32.24
CA LEU B 368 -28.42 -10.13 -31.30
C LEU B 368 -27.11 -10.20 -30.52
N SER B 369 -26.36 -11.28 -30.64
CA SER B 369 -25.02 -11.30 -30.08
C SER B 369 -24.18 -10.24 -30.78
N ARG B 370 -23.10 -9.85 -30.12
CA ARG B 370 -22.17 -8.91 -30.69
C ARG B 370 -20.72 -9.34 -30.55
N LYS B 371 -20.38 -10.17 -29.58
CA LYS B 371 -19.08 -10.81 -29.48
C LYS B 371 -19.25 -12.26 -29.92
N PHE B 372 -18.67 -12.59 -31.07
CA PHE B 372 -18.79 -13.91 -31.65
C PHE B 372 -17.49 -14.66 -31.44
N THR B 373 -17.49 -15.92 -31.84
CA THR B 373 -16.30 -16.76 -31.87
C THR B 373 -16.23 -17.32 -33.28
N GLU B 374 -15.06 -17.21 -33.91
CA GLU B 374 -14.90 -17.70 -35.27
C GLU B 374 -14.19 -19.05 -35.31
N TRP B 375 -13.39 -19.37 -34.30
CA TRP B 375 -12.84 -20.72 -34.22
C TRP B 375 -12.28 -20.91 -32.83
N ALA B 376 -12.13 -22.19 -32.46
CA ALA B 376 -11.61 -22.54 -31.16
C ALA B 376 -10.91 -23.89 -31.33
N TYR B 377 -9.60 -23.85 -31.53
CA TYR B 377 -8.78 -25.05 -31.60
C TYR B 377 -8.00 -25.17 -30.31
N GLY B 378 -8.58 -25.87 -29.34
CA GLY B 378 -7.92 -26.08 -28.08
C GLY B 378 -8.15 -24.89 -27.17
N PRO B 379 -7.13 -24.48 -26.39
CA PRO B 379 -7.31 -23.30 -25.55
C PRO B 379 -7.47 -22.02 -26.32
N VAL B 380 -6.96 -21.97 -27.55
CA VAL B 380 -7.07 -20.78 -28.38
C VAL B 380 -8.51 -20.65 -28.84
N HIS B 381 -9.01 -19.43 -28.88
CA HIS B 381 -10.29 -19.15 -29.52
C HIS B 381 -10.29 -17.71 -30.02
N SER B 382 -10.68 -17.54 -31.27
CA SER B 382 -10.63 -16.24 -31.94
C SER B 382 -12.00 -15.61 -31.88
N SER B 383 -12.10 -14.51 -31.15
CA SER B 383 -13.35 -13.78 -31.01
C SER B 383 -13.48 -12.73 -32.08
N LEU B 384 -14.72 -12.41 -32.43
CA LEU B 384 -15.04 -11.33 -33.36
C LEU B 384 -15.95 -10.35 -32.64
N TYR B 385 -15.55 -9.09 -32.62
CA TYR B 385 -16.38 -8.00 -32.14
C TYR B 385 -16.90 -7.22 -33.33
N ASP B 386 -18.23 -7.08 -33.41
CA ASP B 386 -18.83 -6.21 -34.41
C ASP B 386 -18.25 -4.82 -34.27
N LEU B 387 -18.26 -4.04 -35.35
CA LEU B 387 -17.82 -2.65 -35.31
C LEU B 387 -18.90 -1.71 -35.84
N SER B 388 -20.15 -2.15 -35.82
CA SER B 388 -21.28 -1.27 -36.11
C SER B 388 -21.31 -0.19 -35.05
N CYS B 389 -21.35 1.06 -35.50
CA CYS B 389 -21.55 2.24 -34.65
C CYS B 389 -20.35 2.56 -33.77
N ILE B 390 -19.18 1.99 -34.06
CA ILE B 390 -17.92 2.35 -33.39
C ILE B 390 -16.98 3.07 -34.33
N ASP B 391 -16.81 2.56 -35.55
CA ASP B 391 -15.90 3.15 -36.51
C ASP B 391 -16.57 4.42 -37.03
N THR B 392 -15.99 5.07 -38.05
CA THR B 392 -16.56 6.33 -38.53
C THR B 392 -17.91 6.05 -39.19
N CYS B 393 -18.93 5.84 -38.35
CA CYS B 393 -20.27 5.51 -38.78
C CYS B 393 -21.03 6.75 -39.21
N GLU B 394 -22.34 6.64 -39.37
CA GLU B 394 -23.15 7.73 -39.90
C GLU B 394 -23.43 8.80 -38.86
N LYS B 395 -24.13 8.44 -37.78
CA LYS B 395 -24.70 9.43 -36.87
C LYS B 395 -23.79 9.71 -35.69
N ASN B 396 -23.51 8.69 -34.88
CA ASN B 396 -22.78 8.86 -33.62
C ASN B 396 -21.95 7.61 -33.38
N SER B 397 -20.65 7.72 -33.60
CA SER B 397 -19.74 6.62 -33.31
C SER B 397 -19.41 6.59 -31.82
N VAL B 398 -19.26 5.38 -31.30
CA VAL B 398 -18.91 5.20 -29.90
C VAL B 398 -17.54 5.80 -29.62
N LEU B 399 -16.64 5.79 -30.59
CA LEU B 399 -15.34 6.42 -30.40
C LEU B 399 -15.46 7.93 -30.40
N GLU B 400 -16.24 8.48 -31.35
CA GLU B 400 -16.48 9.92 -31.37
C GLU B 400 -17.20 10.38 -30.12
N VAL B 401 -18.27 9.67 -29.74
CA VAL B 401 -19.06 10.07 -28.57
C VAL B 401 -18.22 9.98 -27.30
N ILE B 402 -17.30 9.01 -27.22
CA ILE B 402 -16.34 8.97 -26.12
C ILE B 402 -15.24 10.00 -26.29
N ALA B 403 -14.60 10.05 -27.46
CA ALA B 403 -13.48 10.94 -27.69
C ALA B 403 -13.88 12.40 -27.66
N TYR B 404 -15.00 12.74 -28.28
CA TYR B 404 -15.46 14.12 -28.36
C TYR B 404 -16.52 14.41 -27.31
N SER B 405 -16.36 13.84 -26.12
CA SER B 405 -17.30 14.02 -25.04
C SER B 405 -17.06 15.32 -24.31
N SER B 406 -18.13 15.85 -23.70
CA SER B 406 -17.99 16.96 -22.78
C SER B 406 -17.18 16.50 -21.58
N SER B 407 -16.67 17.43 -20.79
CA SER B 407 -15.68 17.09 -19.79
C SER B 407 -16.28 16.41 -18.55
N GLU B 408 -17.58 16.56 -18.30
CA GLU B 408 -18.16 15.95 -17.10
C GLU B 408 -18.36 14.46 -17.30
N THR B 409 -19.32 14.07 -18.17
CA THR B 409 -19.38 12.84 -18.97
C THR B 409 -18.63 11.68 -18.36
N PRO B 410 -19.05 11.17 -17.19
CA PRO B 410 -18.15 10.38 -16.34
C PRO B 410 -17.47 9.23 -17.06
N ASN B 411 -16.27 8.91 -16.61
CA ASN B 411 -15.49 7.80 -17.15
C ASN B 411 -15.19 7.99 -18.63
N ARG B 412 -14.87 9.23 -19.02
CA ARG B 412 -14.34 9.47 -20.36
C ARG B 412 -13.13 8.58 -20.60
N HIS B 413 -12.31 8.42 -19.57
CA HIS B 413 -11.02 7.79 -19.68
C HIS B 413 -11.07 6.28 -19.50
N ASP B 414 -12.14 5.75 -18.90
CA ASP B 414 -12.32 4.32 -18.74
C ASP B 414 -13.17 3.70 -19.85
N MET B 415 -13.98 4.49 -20.54
CA MET B 415 -14.85 3.94 -21.59
C MET B 415 -14.07 3.36 -22.75
N LEU B 416 -12.80 3.73 -22.92
CA LEU B 416 -11.98 3.18 -24.00
C LEU B 416 -11.18 1.97 -23.56
N LEU B 417 -11.06 1.73 -22.25
CA LEU B 417 -10.46 0.49 -21.80
C LEU B 417 -11.37 -0.70 -22.02
N VAL B 418 -12.66 -0.45 -22.28
CA VAL B 418 -13.58 -1.50 -22.67
C VAL B 418 -13.12 -2.10 -23.98
N GLU B 419 -12.72 -3.37 -23.94
CA GLU B 419 -12.40 -4.11 -25.15
C GLU B 419 -13.58 -4.06 -26.10
N PRO B 420 -13.36 -3.96 -27.42
CA PRO B 420 -12.19 -3.95 -28.29
C PRO B 420 -11.62 -2.56 -28.60
N LEU B 421 -11.98 -1.56 -27.81
CA LEU B 421 -11.70 -0.18 -28.19
C LEU B 421 -10.21 0.16 -28.11
N ASN B 422 -9.50 -0.39 -27.13
CA ASN B 422 -8.05 -0.28 -27.12
C ASN B 422 -7.46 -0.85 -28.40
N ARG B 423 -7.72 -2.13 -28.65
CA ARG B 423 -7.14 -2.83 -29.78
C ARG B 423 -7.55 -2.20 -31.10
N LEU B 424 -8.77 -1.68 -31.16
CA LEU B 424 -9.26 -1.08 -32.40
C LEU B 424 -8.50 0.20 -32.72
N LEU B 425 -8.25 1.02 -31.70
CA LEU B 425 -7.48 2.23 -31.90
C LEU B 425 -6.01 1.92 -32.13
N GLN B 426 -5.46 0.99 -31.33
CA GLN B 426 -4.10 0.53 -31.54
C GLN B 426 -3.93 -0.14 -32.90
N ASP B 427 -5.02 -0.65 -33.47
CA ASP B 427 -4.99 -1.14 -34.85
C ASP B 427 -4.90 0.02 -35.83
N LYS B 428 -5.75 1.02 -35.65
CA LYS B 428 -5.68 2.22 -36.48
C LYS B 428 -4.35 2.92 -36.33
N TRP B 429 -3.81 2.91 -35.10
CA TRP B 429 -2.52 3.54 -34.86
C TRP B 429 -1.42 2.86 -35.68
N ASP B 430 -1.26 1.56 -35.50
CA ASP B 430 -0.18 0.82 -36.12
C ASP B 430 -0.34 0.66 -37.63
N ARG B 431 -1.51 0.98 -38.19
CA ARG B 431 -1.78 0.77 -39.60
C ARG B 431 -1.71 2.02 -40.45
N PHE B 432 -2.29 3.15 -40.01
CA PHE B 432 -2.14 4.39 -40.78
C PHE B 432 -1.86 5.65 -39.95
N VAL B 433 -2.29 5.71 -38.69
CA VAL B 433 -2.18 6.99 -37.97
C VAL B 433 -0.76 7.21 -37.46
N LYS B 434 -0.06 6.14 -37.10
CA LYS B 434 1.30 6.29 -36.59
C LYS B 434 2.22 6.89 -37.65
N ARG B 435 2.06 6.46 -38.90
CA ARG B 435 2.91 6.97 -39.97
C ARG B 435 2.51 8.38 -40.38
N ILE B 436 1.28 8.78 -40.09
CA ILE B 436 0.82 10.13 -40.39
C ILE B 436 1.20 11.08 -39.26
N PHE B 437 1.04 10.62 -38.02
CA PHE B 437 1.36 11.43 -36.85
C PHE B 437 2.83 11.79 -36.83
N TYR B 438 3.70 10.86 -37.20
CA TYR B 438 5.12 11.13 -37.22
C TYR B 438 5.49 12.07 -38.36
N PHE B 439 4.67 12.12 -39.40
CA PHE B 439 4.83 13.12 -40.45
C PHE B 439 4.33 14.47 -39.97
N ASN B 440 3.31 14.48 -39.11
CA ASN B 440 2.86 15.71 -38.49
C ASN B 440 3.90 16.25 -37.51
N PHE B 441 4.58 15.36 -36.78
CA PHE B 441 5.66 15.79 -35.90
C PHE B 441 6.83 16.35 -36.69
N LEU B 442 7.14 15.74 -37.84
CA LEU B 442 8.22 16.23 -38.67
C LEU B 442 7.92 17.60 -39.23
N VAL B 443 6.76 17.76 -39.87
CA VAL B 443 6.42 19.02 -40.52
C VAL B 443 6.28 20.14 -39.49
N TYR B 444 6.00 19.79 -38.23
CA TYR B 444 5.95 20.79 -37.18
C TYR B 444 7.36 21.14 -36.70
N CYS B 445 8.24 20.14 -36.61
CA CYS B 445 9.64 20.39 -36.26
C CYS B 445 10.32 21.28 -37.30
N LEU B 446 10.16 20.95 -38.58
CA LEU B 446 10.68 21.80 -39.64
C LEU B 446 10.13 23.22 -39.53
N TYR B 447 8.83 23.32 -39.30
CA TYR B 447 8.20 24.62 -39.11
C TYR B 447 8.80 25.40 -37.95
N MET B 448 9.20 24.68 -36.90
CA MET B 448 9.82 25.32 -35.75
C MET B 448 11.29 25.62 -36.00
N ILE B 449 11.93 24.84 -36.86
CA ILE B 449 13.32 25.12 -37.23
C ILE B 449 13.38 26.32 -38.18
N ILE B 450 12.29 26.59 -38.89
CA ILE B 450 12.26 27.63 -39.90
C ILE B 450 11.78 28.95 -39.31
N PHE B 451 10.79 28.89 -38.42
CA PHE B 451 10.38 30.09 -37.69
C PHE B 451 11.42 30.51 -36.66
N THR B 452 12.39 29.64 -36.40
CA THR B 452 13.42 29.94 -35.41
C THR B 452 14.62 30.61 -36.06
N MET B 453 15.02 30.14 -37.24
CA MET B 453 16.07 30.82 -37.98
C MET B 453 15.58 32.16 -38.54
N ALA B 454 14.35 32.21 -39.02
CA ALA B 454 13.77 33.46 -39.47
C ALA B 454 13.64 34.48 -38.36
N ALA B 455 13.64 34.03 -37.10
CA ALA B 455 13.60 34.89 -35.94
C ALA B 455 14.98 35.16 -35.34
N TYR B 456 15.84 34.14 -35.28
CA TYR B 456 17.22 34.34 -34.87
C TYR B 456 17.93 35.33 -35.79
N TYR B 457 17.69 35.24 -37.09
CA TYR B 457 18.39 36.06 -38.07
C TYR B 457 17.54 37.24 -38.48
N ARG B 458 16.82 37.81 -37.54
CA ARG B 458 15.96 38.95 -37.84
C ARG B 458 16.79 40.21 -38.02
N PRO B 459 16.23 41.25 -38.65
CA PRO B 459 16.92 42.54 -38.69
C PRO B 459 17.00 43.18 -37.31
N VAL B 460 18.14 43.80 -37.05
CA VAL B 460 18.40 44.49 -35.80
C VAL B 460 18.72 45.97 -36.05
N ASP B 461 18.23 46.52 -37.16
CA ASP B 461 18.48 47.90 -37.53
C ASP B 461 17.35 48.40 -38.41
N GLY B 462 16.88 49.61 -38.13
CA GLY B 462 15.72 50.15 -38.82
C GLY B 462 14.43 49.61 -38.25
N LEU B 463 13.32 50.10 -38.83
CA LEU B 463 11.97 49.73 -38.43
C LEU B 463 11.34 48.80 -39.47
N PRO B 464 10.34 48.00 -39.09
CA PRO B 464 9.76 47.06 -40.04
C PRO B 464 8.76 47.74 -40.96
N PRO B 465 8.43 47.15 -42.12
CA PRO B 465 9.03 45.95 -42.71
C PRO B 465 10.40 46.24 -43.30
N PHE B 466 11.16 45.20 -43.61
CA PHE B 466 12.58 45.32 -43.92
C PHE B 466 12.83 44.82 -45.34
N LYS B 467 13.38 45.69 -46.18
CA LYS B 467 13.70 45.35 -47.56
C LYS B 467 14.77 44.27 -47.60
N MET B 468 14.92 43.66 -48.79
CA MET B 468 15.85 42.56 -49.01
C MET B 468 17.07 43.04 -49.79
N GLU B 469 18.25 42.62 -49.31
CA GLU B 469 19.52 43.01 -49.93
C GLU B 469 20.28 41.83 -50.51
N LYS B 470 20.58 40.83 -49.67
CA LYS B 470 21.48 39.75 -50.02
C LYS B 470 20.72 38.44 -50.15
N THR B 471 21.44 37.37 -50.50
CA THR B 471 20.81 36.06 -50.64
C THR B 471 20.41 35.49 -49.29
N GLY B 472 21.23 35.68 -48.27
CA GLY B 472 20.87 35.23 -46.92
C GLY B 472 19.60 35.91 -46.43
N ASP B 473 19.32 37.10 -46.94
CA ASP B 473 18.11 37.81 -46.55
C ASP B 473 16.92 37.37 -47.40
N TYR B 474 17.17 36.63 -48.49
CA TYR B 474 16.10 36.04 -49.26
C TYR B 474 15.61 34.75 -48.60
N PHE B 475 16.54 33.93 -48.11
CA PHE B 475 16.18 32.66 -47.48
C PHE B 475 15.24 32.88 -46.30
N ARG B 476 15.50 33.90 -45.48
CA ARG B 476 14.68 34.12 -44.30
C ARG B 476 13.25 34.50 -44.68
N VAL B 477 13.08 35.26 -45.75
CA VAL B 477 11.73 35.66 -46.15
C VAL B 477 10.93 34.43 -46.57
N THR B 478 11.57 33.50 -47.26
CA THR B 478 10.97 32.19 -47.48
C THR B 478 10.64 31.54 -46.14
N GLY B 479 11.48 31.75 -45.15
CA GLY B 479 11.21 31.25 -43.82
C GLY B 479 10.19 32.08 -43.05
N GLU B 480 10.10 33.38 -43.37
CA GLU B 480 9.12 34.23 -42.71
C GLU B 480 7.74 34.09 -43.33
N ILE B 481 7.65 34.12 -44.67
CA ILE B 481 6.40 33.84 -45.35
C ILE B 481 5.87 32.48 -44.92
N LEU B 482 6.66 31.43 -45.16
CA LEU B 482 6.29 30.07 -44.81
C LEU B 482 5.95 29.91 -43.33
N SER B 483 6.51 30.78 -42.47
CA SER B 483 6.21 30.70 -41.05
C SER B 483 4.83 31.27 -40.74
N VAL B 484 4.42 32.31 -41.46
CA VAL B 484 3.09 32.86 -41.26
C VAL B 484 2.03 31.91 -41.78
N LEU B 485 2.37 31.09 -42.79
CA LEU B 485 1.40 30.14 -43.33
C LEU B 485 0.95 29.16 -42.26
N GLY B 486 1.88 28.65 -41.46
CA GLY B 486 1.50 27.76 -40.39
C GLY B 486 0.64 28.43 -39.34
N GLY B 487 0.91 29.69 -39.06
CA GLY B 487 0.06 30.43 -38.14
C GLY B 487 -1.35 30.57 -38.67
N VAL B 488 -1.48 30.84 -39.97
CA VAL B 488 -2.80 30.81 -40.60
C VAL B 488 -3.38 29.41 -40.53
N TYR B 489 -2.54 28.39 -40.74
CA TYR B 489 -3.00 27.01 -40.65
C TYR B 489 -3.48 26.67 -39.24
N PHE B 490 -2.63 26.86 -38.24
CA PHE B 490 -3.02 26.57 -36.87
C PHE B 490 -4.09 27.53 -36.35
N PHE B 491 -4.34 28.63 -37.07
CA PHE B 491 -5.43 29.52 -36.69
C PHE B 491 -6.77 28.95 -37.13
N PHE B 492 -6.86 28.45 -38.36
CA PHE B 492 -8.11 27.88 -38.84
C PHE B 492 -8.40 26.53 -38.18
N ARG B 493 -7.37 25.73 -37.90
CA ARG B 493 -7.59 24.48 -37.20
C ARG B 493 -8.17 24.71 -35.81
N GLY B 494 -8.00 25.90 -35.26
CA GLY B 494 -8.67 26.25 -34.02
C GLY B 494 -10.06 26.80 -34.23
N ILE B 495 -10.33 27.34 -35.42
CA ILE B 495 -11.69 27.73 -35.76
C ILE B 495 -12.52 26.51 -36.13
N GLN B 496 -11.92 25.58 -36.88
CA GLN B 496 -12.57 24.31 -37.17
C GLN B 496 -12.94 23.57 -35.89
N TYR B 497 -11.97 23.45 -34.98
CA TYR B 497 -12.21 22.83 -33.67
C TYR B 497 -13.33 23.52 -32.91
N PHE B 498 -13.55 24.81 -33.18
CA PHE B 498 -14.60 25.56 -32.51
C PHE B 498 -15.96 25.24 -33.13
N LEU B 499 -16.06 25.29 -34.45
CA LEU B 499 -17.33 25.13 -35.14
C LEU B 499 -17.68 23.66 -35.41
N GLN B 500 -16.69 22.78 -35.53
CA GLN B 500 -16.96 21.36 -35.65
C GLN B 500 -17.47 20.74 -34.36
N ARG B 501 -17.21 21.39 -33.22
CA ARG B 501 -17.59 20.90 -31.91
C ARG B 501 -18.58 21.79 -31.18
N ARG B 502 -18.42 23.11 -31.28
CA ARG B 502 -19.14 24.08 -30.46
C ARG B 502 -18.92 23.76 -28.99
N PRO B 503 -17.69 23.87 -28.49
CA PRO B 503 -17.46 23.61 -27.06
C PRO B 503 -17.95 24.77 -26.21
N SER B 504 -18.52 24.44 -25.07
CA SER B 504 -18.97 25.44 -24.13
C SER B 504 -17.77 26.20 -23.57
N MET B 505 -18.05 27.34 -22.93
CA MET B 505 -17.02 28.14 -22.29
C MET B 505 -16.23 27.29 -21.30
N LYS B 506 -16.92 26.40 -20.58
CA LYS B 506 -16.25 25.50 -19.64
C LYS B 506 -15.30 24.56 -20.37
N THR B 507 -15.83 23.73 -21.27
CA THR B 507 -15.05 22.76 -22.02
C THR B 507 -13.89 23.43 -22.74
N LEU B 508 -14.10 24.66 -23.17
CA LEU B 508 -13.07 25.43 -23.86
C LEU B 508 -11.82 25.62 -23.02
N PHE B 509 -11.94 25.74 -21.69
CA PHE B 509 -10.79 26.05 -20.84
C PHE B 509 -10.33 24.90 -19.94
N VAL B 510 -10.96 23.72 -20.01
CA VAL B 510 -10.77 22.71 -18.98
C VAL B 510 -10.32 21.35 -19.53
N ASP B 511 -10.47 21.13 -20.85
CA ASP B 511 -9.95 19.90 -21.44
C ASP B 511 -9.30 20.08 -22.82
N SER B 512 -9.30 21.30 -23.35
CA SER B 512 -8.80 21.58 -24.70
C SER B 512 -7.44 22.26 -24.66
N TYR B 513 -6.57 21.77 -23.77
CA TYR B 513 -5.35 22.50 -23.44
C TYR B 513 -4.38 22.55 -24.62
N SER B 514 -4.53 21.63 -25.57
CA SER B 514 -3.69 21.67 -26.75
C SER B 514 -4.15 22.74 -27.71
N GLU B 515 -5.40 22.63 -28.19
CA GLU B 515 -5.95 23.54 -29.18
C GLU B 515 -5.86 24.99 -28.72
N MET B 516 -5.92 25.23 -27.41
CA MET B 516 -5.70 26.57 -26.89
C MET B 516 -4.29 27.04 -27.22
N LEU B 517 -3.30 26.16 -27.08
CA LEU B 517 -1.90 26.59 -27.12
C LEU B 517 -1.33 26.57 -28.52
N PHE B 518 -1.98 25.91 -29.47
CA PHE B 518 -1.64 26.08 -30.88
C PHE B 518 -2.34 27.28 -31.49
N PHE B 519 -3.60 27.49 -31.11
CA PHE B 519 -4.32 28.69 -31.52
C PHE B 519 -3.68 29.93 -30.94
N LEU B 520 -3.27 29.88 -29.68
CA LEU B 520 -2.63 31.01 -29.03
C LEU B 520 -1.30 31.34 -29.69
N GLN B 521 -0.52 30.31 -29.98
CA GLN B 521 0.67 30.45 -30.82
C GLN B 521 0.33 31.14 -32.14
N SER B 522 -0.83 30.83 -32.71
CA SER B 522 -1.20 31.41 -34.00
C SER B 522 -1.54 32.89 -33.84
N LEU B 523 -2.06 33.28 -32.69
CA LEU B 523 -2.44 34.68 -32.50
C LEU B 523 -1.22 35.56 -32.36
N PHE B 524 -0.21 35.09 -31.61
CA PHE B 524 1.04 35.82 -31.53
C PHE B 524 1.72 35.90 -32.89
N MET B 525 1.48 34.91 -33.75
CA MET B 525 2.02 34.99 -35.10
C MET B 525 1.33 36.08 -35.90
N LEU B 526 0.01 36.13 -35.89
CA LEU B 526 -0.67 37.11 -36.71
C LEU B 526 -0.46 38.51 -36.16
N ALA B 527 -0.48 38.66 -34.83
CA ALA B 527 -0.05 39.91 -34.21
C ALA B 527 1.37 40.28 -34.63
N THR B 528 2.24 39.30 -34.78
CA THR B 528 3.59 39.55 -35.27
C THR B 528 3.56 40.02 -36.72
N VAL B 529 2.51 39.66 -37.46
CA VAL B 529 2.36 40.14 -38.83
C VAL B 529 1.71 41.52 -38.85
N VAL B 530 0.70 41.71 -38.01
CA VAL B 530 0.01 43.00 -37.95
C VAL B 530 0.98 44.10 -37.54
N LEU B 531 1.93 43.77 -36.67
CA LEU B 531 2.85 44.76 -36.15
C LEU B 531 4.09 44.92 -37.04
N TYR B 532 4.46 43.88 -37.78
CA TYR B 532 5.56 43.98 -38.73
C TYR B 532 5.20 44.85 -39.92
N PHE B 533 3.90 45.07 -40.17
CA PHE B 533 3.44 45.99 -41.20
C PHE B 533 2.82 47.25 -40.64
N SER B 534 2.75 47.39 -39.32
CA SER B 534 2.29 48.62 -38.68
C SER B 534 3.45 49.47 -38.16
N HIS B 535 4.68 49.12 -38.56
CA HIS B 535 5.86 49.89 -38.17
C HIS B 535 5.99 50.01 -36.65
N LEU B 536 6.16 48.87 -35.98
CA LEU B 536 6.25 48.83 -34.53
C LEU B 536 7.12 47.65 -34.14
N LYS B 537 8.07 47.90 -33.22
CA LYS B 537 9.03 46.90 -32.79
C LYS B 537 8.42 45.80 -31.92
N GLU B 538 7.14 45.92 -31.57
CA GLU B 538 6.52 44.91 -30.70
C GLU B 538 6.23 43.61 -31.44
N TYR B 539 6.59 43.51 -32.73
CA TYR B 539 6.48 42.23 -33.42
C TYR B 539 7.38 41.20 -32.77
N VAL B 540 8.51 41.64 -32.22
CA VAL B 540 9.46 40.76 -31.58
C VAL B 540 8.85 40.21 -30.30
N ALA B 541 8.10 41.06 -29.59
CA ALA B 541 7.48 40.65 -28.34
C ALA B 541 6.52 39.48 -28.55
N SER B 542 5.79 39.50 -29.66
CA SER B 542 4.89 38.41 -29.98
C SER B 542 5.62 37.26 -30.66
N MET B 543 6.68 37.57 -31.38
CA MET B 543 7.37 36.55 -32.18
C MET B 543 8.11 35.57 -31.29
N VAL B 544 8.57 36.03 -30.13
CA VAL B 544 9.34 35.17 -29.24
C VAL B 544 8.41 34.30 -28.40
N PHE B 545 7.24 34.83 -28.07
CA PHE B 545 6.22 34.03 -27.40
C PHE B 545 5.77 32.88 -28.31
N SER B 546 5.59 33.18 -29.60
CA SER B 546 5.14 32.17 -30.55
C SER B 546 6.19 31.06 -30.72
N LEU B 547 7.47 31.40 -30.53
CA LEU B 547 8.52 30.38 -30.51
C LEU B 547 8.41 29.52 -29.27
N ALA B 548 8.43 30.16 -28.10
CA ALA B 548 8.43 29.45 -26.83
C ALA B 548 7.19 28.57 -26.68
N LEU B 549 6.03 29.10 -27.07
CA LEU B 549 4.84 28.25 -27.19
C LEU B 549 5.09 27.10 -28.15
N GLY B 550 5.65 27.40 -29.30
CA GLY B 550 5.81 26.42 -30.34
C GLY B 550 6.66 25.24 -29.94
N TRP B 551 7.79 25.49 -29.31
CA TRP B 551 8.66 24.40 -28.89
C TRP B 551 8.06 23.63 -27.73
N THR B 552 7.46 24.33 -26.76
CA THR B 552 6.67 23.66 -25.73
C THR B 552 5.57 22.81 -26.31
N ASN B 553 5.03 23.21 -27.46
CA ASN B 553 3.95 22.46 -28.10
C ASN B 553 4.44 21.25 -28.86
N MET B 554 5.75 20.94 -28.84
CA MET B 554 6.20 19.62 -29.26
C MET B 554 5.86 18.57 -28.20
N LEU B 555 5.58 19.01 -26.98
CA LEU B 555 5.13 18.12 -25.93
C LEU B 555 3.73 17.60 -26.23
N TYR B 556 3.01 18.27 -27.14
CA TYR B 556 1.86 17.65 -27.77
C TYR B 556 2.22 16.33 -28.41
N TYR B 557 3.29 16.28 -29.20
CA TYR B 557 3.57 15.13 -30.04
C TYR B 557 4.28 14.02 -29.29
N THR B 558 4.40 14.14 -27.97
CA THR B 558 4.78 13.03 -27.12
C THR B 558 3.65 12.01 -26.94
N ARG B 559 2.48 12.26 -27.51
CA ARG B 559 1.34 11.37 -27.36
C ARG B 559 1.30 10.26 -28.40
N GLY B 560 2.19 10.28 -29.38
CA GLY B 560 2.43 9.09 -30.16
C GLY B 560 3.29 8.06 -29.47
N PHE B 561 3.78 8.37 -28.27
CA PHE B 561 4.70 7.53 -27.53
C PHE B 561 4.15 7.33 -26.13
N GLN B 562 4.03 6.07 -25.73
CA GLN B 562 3.34 5.73 -24.49
C GLN B 562 4.03 6.30 -23.26
N GLN B 563 5.35 6.25 -23.22
CA GLN B 563 6.08 6.65 -22.03
C GLN B 563 6.23 8.16 -21.98
N MET B 564 6.42 8.78 -23.15
CA MET B 564 6.51 10.22 -23.21
C MET B 564 5.15 10.88 -23.15
N GLY B 565 4.13 10.22 -23.68
CA GLY B 565 2.78 10.75 -23.58
C GLY B 565 2.26 10.76 -22.16
N ILE B 566 2.41 9.64 -21.46
CA ILE B 566 2.05 9.58 -20.05
C ILE B 566 2.87 10.59 -19.25
N TYR B 567 4.13 10.77 -19.63
CA TYR B 567 4.97 11.77 -18.98
C TYR B 567 4.37 13.16 -19.14
N ALA B 568 3.84 13.46 -20.33
CA ALA B 568 3.30 14.78 -20.59
C ALA B 568 1.91 14.96 -20.02
N VAL B 569 1.20 13.86 -19.75
CA VAL B 569 -0.06 13.98 -19.02
C VAL B 569 0.22 14.35 -17.57
N MET B 570 1.22 13.72 -16.97
CA MET B 570 1.62 14.08 -15.63
C MET B 570 2.02 15.55 -15.56
N ILE B 571 2.73 16.06 -16.57
CA ILE B 571 3.06 17.48 -16.61
C ILE B 571 1.79 18.33 -16.58
N GLU B 572 0.77 17.92 -17.34
CA GLU B 572 -0.50 18.63 -17.32
C GLU B 572 -1.09 18.66 -15.93
N LYS B 573 -1.22 17.49 -15.29
CA LYS B 573 -1.85 17.41 -13.99
C LYS B 573 -1.05 18.16 -12.93
N MET B 574 0.29 18.07 -12.98
CA MET B 574 1.12 18.81 -12.04
C MET B 574 0.90 20.31 -12.14
N ILE B 575 0.77 20.82 -13.36
CA ILE B 575 0.55 22.25 -13.55
C ILE B 575 -0.77 22.66 -12.92
N LEU B 576 -1.79 21.81 -13.02
CA LEU B 576 -3.14 22.20 -12.66
C LEU B 576 -3.45 22.05 -11.18
N ARG B 577 -3.10 20.93 -10.56
CA ARG B 577 -3.33 20.75 -9.14
C ARG B 577 -2.13 21.19 -8.31
N ASP B 578 -0.93 20.70 -8.58
CA ASP B 578 0.18 20.92 -7.67
C ASP B 578 0.78 22.32 -7.80
N LEU B 579 0.98 22.80 -9.03
CA LEU B 579 1.68 24.05 -9.24
C LEU B 579 0.78 25.26 -9.08
N CYS B 580 -0.48 25.13 -9.44
CA CYS B 580 -1.41 26.25 -9.30
C CYS B 580 -1.77 26.48 -7.84
N ARG B 581 -1.96 25.40 -7.08
CA ARG B 581 -2.06 25.54 -5.63
C ARG B 581 -0.79 26.18 -5.06
N PHE B 582 0.36 25.77 -5.59
CA PHE B 582 1.64 26.29 -5.12
C PHE B 582 1.79 27.78 -5.41
N MET B 583 1.50 28.19 -6.65
CA MET B 583 1.88 29.52 -7.08
C MET B 583 0.95 30.58 -6.51
N PHE B 584 -0.27 30.20 -6.13
CA PHE B 584 -1.09 31.11 -5.34
C PHE B 584 -0.38 31.47 -4.04
N VAL B 585 -0.10 30.44 -3.23
CA VAL B 585 0.49 30.67 -1.91
C VAL B 585 1.87 31.28 -2.03
N TYR B 586 2.59 30.96 -3.09
CA TYR B 586 3.94 31.53 -3.26
C TYR B 586 3.87 33.00 -3.62
N ILE B 587 2.92 33.37 -4.47
CA ILE B 587 2.79 34.76 -4.88
C ILE B 587 2.20 35.61 -3.74
N VAL B 588 1.39 34.99 -2.89
CA VAL B 588 0.87 35.68 -1.71
C VAL B 588 2.01 35.95 -0.74
N PHE B 589 2.82 34.93 -0.47
CA PHE B 589 3.99 35.13 0.37
C PHE B 589 4.96 36.11 -0.26
N LEU B 590 5.29 35.90 -1.53
CA LEU B 590 6.24 36.78 -2.22
C LEU B 590 5.79 38.23 -2.18
N PHE B 591 4.61 38.51 -2.70
CA PHE B 591 4.11 39.87 -2.68
C PHE B 591 3.91 40.36 -1.25
N GLY B 592 3.61 39.46 -0.32
CA GLY B 592 3.45 39.79 1.07
C GLY B 592 4.70 40.32 1.72
N PHE B 593 5.77 39.52 1.73
CA PHE B 593 7.02 39.95 2.30
C PHE B 593 7.70 41.00 1.44
N SER B 594 7.47 40.98 0.13
CA SER B 594 8.01 42.00 -0.77
C SER B 594 7.60 43.40 -0.35
N THR B 595 6.31 43.63 -0.16
CA THR B 595 5.82 44.90 0.34
C THR B 595 6.43 45.23 1.69
N ALA B 596 6.63 44.23 2.53
CA ALA B 596 7.21 44.44 3.84
C ALA B 596 8.68 44.83 3.75
N VAL B 597 9.37 44.36 2.71
CA VAL B 597 10.78 44.69 2.51
C VAL B 597 10.93 46.09 1.91
N VAL B 598 10.26 46.36 0.79
CA VAL B 598 10.41 47.65 0.13
C VAL B 598 9.85 48.77 0.99
N THR B 599 8.84 48.48 1.80
CA THR B 599 8.39 49.43 2.83
C THR B 599 9.53 49.79 3.75
N LEU B 600 10.37 48.82 4.10
CA LEU B 600 11.46 49.06 5.04
C LEU B 600 12.64 49.73 4.36
N ILE B 601 12.80 49.53 3.05
CA ILE B 601 13.91 50.11 2.31
C ILE B 601 13.65 51.59 2.11
N GLU B 602 14.73 52.37 2.16
CA GLU B 602 14.68 53.81 1.96
C GLU B 602 15.76 54.18 0.95
N ASP B 603 15.36 54.41 -0.29
CA ASP B 603 16.26 54.79 -1.37
C ASP B 603 17.37 53.76 -1.55
N SER B 629 18.02 51.43 -7.83
CA SER B 629 18.07 50.95 -6.45
C SER B 629 16.87 50.05 -6.14
N TYR B 630 16.96 49.34 -5.02
CA TYR B 630 15.93 48.37 -4.65
C TYR B 630 14.79 49.00 -3.86
N ASN B 631 14.57 50.32 -3.97
CA ASN B 631 13.39 50.95 -3.41
C ASN B 631 12.25 50.87 -4.42
N SER B 632 11.97 49.67 -4.91
CA SER B 632 10.89 49.43 -5.85
C SER B 632 10.25 48.10 -5.53
N LEU B 633 9.01 47.94 -5.98
CA LEU B 633 8.26 46.72 -5.70
C LEU B 633 8.62 45.62 -6.69
N TYR B 634 9.06 45.99 -7.88
CA TYR B 634 9.50 45.00 -8.85
C TYR B 634 10.83 44.38 -8.43
N SER B 635 11.81 45.22 -8.11
CA SER B 635 13.15 44.74 -7.82
C SER B 635 13.19 43.96 -6.53
N THR B 636 12.24 44.21 -5.63
CA THR B 636 12.15 43.44 -4.40
C THR B 636 11.40 42.13 -4.63
N CYS B 637 10.32 42.17 -5.38
CA CYS B 637 9.66 40.93 -5.80
C CYS B 637 10.58 40.10 -6.68
N LEU B 638 11.43 40.77 -7.45
CA LEU B 638 12.36 40.05 -8.33
C LEU B 638 13.51 39.45 -7.54
N GLU B 639 13.99 40.16 -6.52
CA GLU B 639 15.05 39.61 -5.66
C GLU B 639 14.53 38.52 -4.75
N LEU B 640 13.26 38.61 -4.34
CA LEU B 640 12.69 37.58 -3.50
C LEU B 640 12.27 36.35 -4.28
N PHE B 641 12.22 36.43 -5.61
CA PHE B 641 12.08 35.23 -6.42
C PHE B 641 13.43 34.60 -6.73
N LYS B 642 14.52 35.31 -6.47
CA LYS B 642 15.82 34.71 -6.66
C LYS B 642 16.13 33.67 -5.60
N PHE B 643 15.50 33.77 -4.42
CA PHE B 643 15.73 32.79 -3.36
C PHE B 643 15.26 31.40 -3.75
N THR B 644 14.06 31.29 -4.31
CA THR B 644 13.52 29.98 -4.66
C THR B 644 14.36 29.31 -5.74
N ILE B 645 14.96 30.11 -6.63
CA ILE B 645 15.84 29.58 -7.65
C ILE B 645 17.29 29.54 -7.17
N GLY B 646 17.50 29.76 -5.88
CA GLY B 646 18.83 29.65 -5.31
C GLY B 646 19.76 30.76 -5.71
N MET B 647 19.30 32.00 -5.75
CA MET B 647 20.12 33.13 -6.14
C MET B 647 19.84 34.33 -5.25
N GLY B 648 19.46 34.06 -4.01
CA GLY B 648 19.06 35.10 -3.09
C GLY B 648 20.15 35.60 -2.19
N ASP B 649 20.50 36.87 -2.34
CA ASP B 649 21.42 37.54 -1.46
C ASP B 649 20.60 37.99 -0.26
N LEU B 650 21.05 37.62 0.94
CA LEU B 650 20.39 38.10 2.15
C LEU B 650 20.84 39.51 2.51
N GLU B 651 21.67 40.13 1.66
CA GLU B 651 22.20 41.46 1.91
C GLU B 651 22.16 42.26 0.61
N PHE B 652 21.05 42.17 -0.12
CA PHE B 652 20.91 42.94 -1.35
C PHE B 652 20.57 44.40 -1.10
N THR B 653 20.45 44.81 0.16
CA THR B 653 20.40 46.22 0.51
C THR B 653 21.10 46.42 1.83
N GLU B 654 21.75 47.58 1.94
CA GLU B 654 21.98 48.21 3.22
C GLU B 654 21.13 49.46 3.37
N ASN B 655 20.30 49.80 2.38
CA ASN B 655 19.48 51.00 2.41
C ASN B 655 18.21 50.76 3.23
N TYR B 656 18.40 50.43 4.50
CA TYR B 656 17.32 50.30 5.46
C TYR B 656 17.82 50.89 6.78
N ASP B 657 16.97 50.88 7.79
CA ASP B 657 17.33 51.38 9.11
C ASP B 657 17.27 50.30 10.19
N PHE B 658 16.66 49.15 9.93
CA PHE B 658 16.54 48.08 10.91
C PHE B 658 16.99 46.77 10.25
N LYS B 659 18.00 46.14 10.85
CA LYS B 659 18.60 44.95 10.26
C LYS B 659 17.98 43.67 10.81
N ALA B 660 17.62 43.66 12.09
CA ALA B 660 16.84 42.54 12.62
C ALA B 660 15.54 42.42 11.84
N VAL B 661 14.90 43.55 11.57
CA VAL B 661 13.64 43.55 10.84
C VAL B 661 13.85 43.02 9.43
N PHE B 662 14.96 43.39 8.81
CA PHE B 662 15.18 43.04 7.41
C PHE B 662 15.45 41.55 7.25
N ILE B 663 16.11 40.94 8.23
CA ILE B 663 16.58 39.57 8.07
C ILE B 663 15.61 38.59 8.72
N ILE B 664 14.99 38.97 9.84
CA ILE B 664 13.88 38.17 10.36
C ILE B 664 12.79 38.04 9.30
N LEU B 665 12.65 39.06 8.47
CA LEU B 665 11.59 39.11 7.47
C LEU B 665 11.97 38.30 6.24
N LEU B 666 13.25 38.23 5.91
CA LEU B 666 13.70 37.39 4.80
C LEU B 666 13.89 35.94 5.24
N LEU B 667 14.35 35.71 6.46
CA LEU B 667 14.41 34.35 6.98
C LEU B 667 13.02 33.75 7.09
N ALA B 668 12.06 34.53 7.59
CA ALA B 668 10.65 34.16 7.50
C ALA B 668 10.25 33.80 6.08
N TYR B 669 10.80 34.49 5.10
CA TYR B 669 10.44 34.25 3.71
C TYR B 669 11.09 32.99 3.17
N VAL B 670 12.39 32.82 3.40
CA VAL B 670 13.11 31.71 2.80
C VAL B 670 13.04 30.44 3.66
N ILE B 671 12.18 30.44 4.68
CA ILE B 671 11.80 29.24 5.40
C ILE B 671 10.43 28.77 4.94
N LEU B 672 9.50 29.69 4.81
CA LEU B 672 8.12 29.38 4.46
C LEU B 672 7.92 29.20 2.98
N THR B 673 8.90 29.59 2.17
CA THR B 673 8.85 29.45 0.72
C THR B 673 9.85 28.43 0.19
N TYR B 674 11.10 28.54 0.60
CA TYR B 674 12.16 27.68 0.10
C TYR B 674 12.16 26.35 0.86
N ILE B 675 12.38 26.44 2.17
CA ILE B 675 12.50 25.23 2.97
C ILE B 675 11.16 24.50 3.00
N LEU B 676 10.10 25.22 3.36
CA LEU B 676 8.79 24.59 3.52
C LEU B 676 8.15 24.29 2.18
N LEU B 677 7.87 25.33 1.40
CA LEU B 677 6.80 25.27 0.42
C LEU B 677 7.26 24.70 -0.92
N LEU B 678 8.55 24.82 -1.22
CA LEU B 678 9.11 24.11 -2.38
C LEU B 678 9.31 22.64 -2.09
N ASN B 679 9.85 22.32 -0.92
CA ASN B 679 10.06 20.93 -0.58
C ASN B 679 8.72 20.26 -0.33
N MET B 680 7.75 21.01 0.14
CA MET B 680 6.38 20.54 0.23
C MET B 680 5.81 20.24 -1.16
N LEU B 681 6.13 21.07 -2.15
CA LEU B 681 5.67 20.83 -3.51
C LEU B 681 6.12 19.47 -4.02
N ILE B 682 7.39 19.14 -3.81
CA ILE B 682 7.93 17.83 -4.21
C ILE B 682 7.13 16.72 -3.55
N ALA B 683 6.83 16.89 -2.27
CA ALA B 683 6.04 15.93 -1.53
C ALA B 683 4.65 15.79 -2.13
N LEU B 684 4.05 16.89 -2.55
CA LEU B 684 2.73 16.83 -3.16
C LEU B 684 2.78 16.13 -4.50
N MET B 685 3.80 16.41 -5.30
CA MET B 685 3.95 15.74 -6.57
C MET B 685 4.06 14.23 -6.41
N GLY B 686 4.89 13.78 -5.47
CA GLY B 686 4.99 12.35 -5.20
C GLY B 686 3.65 11.73 -4.83
N GLU B 687 2.87 12.42 -4.03
CA GLU B 687 1.51 11.99 -3.75
C GLU B 687 0.70 11.94 -5.04
N THR B 688 0.90 12.93 -5.90
CA THR B 688 0.17 12.98 -7.17
C THR B 688 0.57 11.82 -8.08
N VAL B 689 1.87 11.67 -8.34
CA VAL B 689 2.36 10.63 -9.25
C VAL B 689 1.87 9.25 -8.82
N ASN B 690 1.81 9.01 -7.52
CA ASN B 690 1.34 7.72 -7.01
C ASN B 690 -0.10 7.46 -7.43
N LYS B 691 -0.90 8.53 -7.53
CA LYS B 691 -2.32 8.40 -7.81
C LYS B 691 -2.65 8.44 -9.29
N ILE B 692 -2.00 9.31 -10.07
CA ILE B 692 -2.38 9.53 -11.46
C ILE B 692 -1.65 8.60 -12.42
N ALA B 693 -1.02 7.54 -11.91
CA ALA B 693 -0.29 6.61 -12.77
C ALA B 693 -1.20 5.96 -13.79
N GLN B 694 -2.32 5.41 -13.36
CA GLN B 694 -3.26 4.78 -14.29
C GLN B 694 -4.14 5.82 -14.95
N GLU B 695 -4.50 6.88 -14.22
CA GLU B 695 -5.29 7.96 -14.81
C GLU B 695 -4.52 8.63 -15.95
N SER B 696 -3.20 8.73 -15.83
CA SER B 696 -2.43 9.38 -16.87
C SER B 696 -2.24 8.48 -18.07
N LYS B 697 -2.26 7.16 -17.86
CA LYS B 697 -2.23 6.22 -18.97
C LYS B 697 -3.53 6.25 -19.76
N ASN B 698 -4.63 6.61 -19.10
CA ASN B 698 -5.93 6.54 -19.75
C ASN B 698 -6.36 7.90 -20.28
N ILE B 699 -5.72 8.97 -19.81
CA ILE B 699 -5.80 10.24 -20.52
C ILE B 699 -4.91 10.19 -21.76
N TRP B 700 -3.78 9.50 -21.69
CA TRP B 700 -2.94 9.34 -22.86
C TRP B 700 -3.68 8.60 -23.99
N LYS B 701 -4.30 7.48 -23.67
CA LYS B 701 -5.00 6.72 -24.71
C LYS B 701 -6.16 7.50 -25.30
N LEU B 702 -6.73 8.44 -24.53
CA LEU B 702 -7.75 9.31 -25.06
C LEU B 702 -7.15 10.42 -25.90
N GLN B 703 -6.01 10.96 -25.48
CA GLN B 703 -5.25 11.88 -26.33
C GLN B 703 -4.93 11.23 -27.67
N ARG B 704 -4.32 10.05 -27.63
CA ARG B 704 -4.01 9.32 -28.87
C ARG B 704 -5.27 9.03 -29.68
N ALA B 705 -6.38 8.76 -29.01
CA ALA B 705 -7.63 8.46 -29.71
C ALA B 705 -8.14 9.66 -30.48
N ILE B 706 -8.12 10.84 -29.87
CA ILE B 706 -8.58 12.06 -30.55
C ILE B 706 -7.70 12.35 -31.74
N THR B 707 -6.44 11.93 -31.69
CA THR B 707 -5.54 12.03 -32.82
C THR B 707 -5.90 11.03 -33.91
N ILE B 708 -6.30 9.83 -33.50
CA ILE B 708 -6.74 8.82 -34.45
C ILE B 708 -7.98 9.30 -35.19
N LEU B 709 -8.94 9.85 -34.45
CA LEU B 709 -10.19 10.29 -35.06
C LEU B 709 -9.98 11.49 -35.95
N ASP B 710 -9.27 12.52 -35.46
CA ASP B 710 -8.99 13.69 -36.27
C ASP B 710 -8.21 13.33 -37.51
N THR B 711 -7.30 12.34 -37.41
CA THR B 711 -6.57 11.89 -38.57
C THR B 711 -7.50 11.25 -39.59
N GLU B 712 -8.40 10.38 -39.12
CA GLU B 712 -9.46 9.87 -39.99
C GLU B 712 -10.27 11.01 -40.59
N LYS B 713 -10.73 11.95 -39.77
CA LYS B 713 -11.62 13.00 -40.24
C LYS B 713 -10.92 14.07 -41.05
N SER B 714 -9.60 14.17 -40.97
CA SER B 714 -8.84 15.07 -41.82
C SER B 714 -8.61 14.51 -43.21
N PHE B 715 -8.73 13.18 -43.37
CA PHE B 715 -8.44 12.50 -44.64
C PHE B 715 -9.67 11.77 -45.19
N LEU B 716 -10.84 12.41 -45.18
CA LEU B 716 -11.94 11.95 -46.02
C LEU B 716 -11.65 12.13 -47.50
N LYS B 717 -10.68 12.98 -47.86
CA LYS B 717 -10.36 13.30 -49.24
C LYS B 717 -8.96 12.84 -49.60
N CYS B 718 -8.04 12.87 -48.63
CA CYS B 718 -6.63 12.64 -48.92
C CYS B 718 -6.35 11.24 -49.46
N MET B 719 -6.53 10.19 -48.65
CA MET B 719 -6.14 8.85 -49.07
C MET B 719 -7.38 8.14 -49.62
N ARG B 720 -8.26 7.62 -48.78
CA ARG B 720 -9.68 7.73 -49.10
C ARG B 720 -10.52 8.12 -47.88
N LYS B 721 -10.57 7.26 -46.84
CA LYS B 721 -11.29 7.59 -45.61
C LYS B 721 -10.52 7.29 -44.33
N ALA B 722 -10.40 5.99 -44.01
CA ALA B 722 -9.75 5.54 -42.78
C ALA B 722 -9.12 4.15 -42.87
N PHE B 723 -9.16 3.51 -44.05
CA PHE B 723 -8.78 2.11 -44.25
C PHE B 723 -9.65 1.12 -43.47
N ARG B 724 -10.79 1.57 -42.91
CA ARG B 724 -11.92 0.72 -42.54
C ARG B 724 -11.72 -0.15 -41.29
N SER B 725 -10.47 -0.30 -40.81
CA SER B 725 -10.11 -0.96 -39.56
C SER B 725 -10.95 -2.19 -39.21
N GLY B 726 -10.99 -3.17 -40.10
CA GLY B 726 -11.84 -4.33 -39.92
C GLY B 726 -12.04 -5.10 -41.21
N LYS B 727 -12.95 -6.06 -41.14
CA LYS B 727 -13.23 -6.95 -42.26
C LYS B 727 -14.70 -7.33 -42.23
N LEU B 728 -15.30 -7.45 -43.41
CA LEU B 728 -16.70 -7.81 -43.54
C LEU B 728 -16.85 -9.32 -43.52
N LEU B 729 -17.26 -9.87 -42.37
CA LEU B 729 -17.35 -11.31 -42.15
C LEU B 729 -18.80 -11.73 -41.98
N GLN B 730 -19.09 -12.96 -42.39
CA GLN B 730 -20.38 -13.58 -42.15
C GLN B 730 -20.37 -14.18 -40.74
N VAL B 731 -21.08 -13.52 -39.82
CA VAL B 731 -21.16 -14.04 -38.45
C VAL B 731 -22.22 -15.14 -38.38
N GLY B 732 -23.27 -15.04 -39.18
CA GLY B 732 -24.30 -16.06 -39.22
C GLY B 732 -25.34 -15.73 -40.25
N TYR B 733 -26.62 -15.88 -39.89
CA TYR B 733 -27.73 -15.49 -40.73
C TYR B 733 -28.69 -14.64 -39.91
N THR B 734 -29.29 -13.65 -40.56
CA THR B 734 -30.30 -12.81 -39.96
C THR B 734 -31.53 -13.66 -39.65
N PRO B 735 -32.42 -13.23 -38.76
CA PRO B 735 -33.57 -14.09 -38.44
C PRO B 735 -34.51 -14.32 -39.61
N ASP B 736 -34.46 -13.48 -40.65
CA ASP B 736 -35.19 -13.71 -41.88
C ASP B 736 -34.43 -14.61 -42.86
N GLY B 737 -33.37 -15.28 -42.40
CA GLY B 737 -32.67 -16.23 -43.22
C GLY B 737 -31.52 -15.67 -44.02
N LYS B 738 -31.55 -14.36 -44.30
CA LYS B 738 -30.50 -13.75 -45.10
C LYS B 738 -29.17 -13.78 -44.35
N ASP B 739 -28.10 -13.42 -45.05
CA ASP B 739 -26.75 -13.39 -44.49
C ASP B 739 -26.64 -12.25 -43.50
N ASP B 740 -25.89 -12.47 -42.43
CA ASP B 740 -25.52 -11.41 -41.48
C ASP B 740 -24.04 -11.12 -41.68
N TYR B 741 -23.73 -10.24 -42.62
CA TYR B 741 -22.37 -9.74 -42.80
C TYR B 741 -22.18 -8.53 -41.90
N ARG B 742 -21.04 -8.50 -41.22
CA ARG B 742 -20.73 -7.42 -40.28
C ARG B 742 -19.25 -7.08 -40.35
N TRP B 743 -18.95 -5.81 -40.09
CA TRP B 743 -17.58 -5.33 -39.99
C TRP B 743 -17.08 -5.64 -38.60
N CYS B 744 -16.17 -6.60 -38.51
CA CYS B 744 -15.82 -7.24 -37.24
C CYS B 744 -14.32 -7.20 -36.99
N PHE B 745 -13.96 -7.10 -35.72
CA PHE B 745 -12.58 -7.00 -35.27
C PHE B 745 -12.18 -8.28 -34.58
N ARG B 746 -11.10 -8.90 -35.05
CA ARG B 746 -10.66 -10.18 -34.52
C ARG B 746 -9.73 -9.98 -33.33
N VAL B 747 -9.91 -10.84 -32.31
CA VAL B 747 -9.08 -10.84 -31.12
C VAL B 747 -8.80 -12.28 -30.74
N ASP B 748 -7.60 -12.77 -31.06
CA ASP B 748 -7.21 -14.10 -30.60
C ASP B 748 -7.07 -14.12 -29.09
N GLU B 749 -7.57 -15.18 -28.48
CA GLU B 749 -7.58 -15.31 -27.03
C GLU B 749 -7.27 -16.75 -26.66
N VAL B 750 -6.73 -16.93 -25.47
CA VAL B 750 -6.27 -18.23 -24.98
C VAL B 750 -6.89 -18.45 -23.61
N ASN B 751 -7.22 -19.69 -23.30
CA ASN B 751 -7.93 -20.04 -22.08
C ASN B 751 -7.47 -21.42 -21.62
N TRP B 752 -6.94 -21.47 -20.39
CA TRP B 752 -6.38 -22.69 -19.82
C TRP B 752 -7.25 -23.29 -18.72
N THR B 753 -8.52 -22.92 -18.66
CA THR B 753 -9.45 -23.36 -17.61
C THR B 753 -10.74 -23.91 -18.18
N THR B 754 -11.25 -23.31 -19.26
CA THR B 754 -12.54 -23.65 -19.84
C THR B 754 -12.32 -24.59 -21.01
N TRP B 755 -11.44 -25.58 -20.81
CA TRP B 755 -10.97 -26.50 -21.85
C TRP B 755 -12.04 -26.99 -22.80
N ASN B 756 -13.07 -27.66 -22.27
CA ASN B 756 -13.97 -28.38 -23.14
C ASN B 756 -14.86 -27.41 -23.89
N THR B 757 -15.75 -26.70 -23.19
CA THR B 757 -16.55 -25.61 -23.73
C THR B 757 -17.17 -25.98 -25.08
N ASN B 758 -18.13 -26.91 -25.11
CA ASN B 758 -18.70 -27.27 -26.40
C ASN B 758 -19.48 -26.09 -26.97
N VAL B 759 -18.78 -25.18 -27.65
CA VAL B 759 -19.34 -23.87 -27.97
C VAL B 759 -20.53 -24.04 -28.89
N GLY B 760 -20.29 -24.47 -30.13
CA GLY B 760 -21.33 -24.52 -31.15
C GLY B 760 -21.58 -23.17 -31.82
N ILE B 761 -21.52 -22.11 -31.03
CA ILE B 761 -21.67 -20.71 -31.41
C ILE B 761 -20.48 -20.26 -32.27
N ILE B 762 -19.44 -21.10 -32.36
CA ILE B 762 -18.33 -20.90 -33.28
C ILE B 762 -18.92 -20.77 -34.68
N ASN B 763 -18.50 -19.74 -35.43
CA ASN B 763 -19.22 -19.40 -36.64
C ASN B 763 -18.57 -20.03 -37.88
N GLU B 764 -17.25 -20.27 -37.83
CA GLU B 764 -16.54 -20.92 -38.94
C GLU B 764 -15.48 -21.92 -38.48
N ASP B 765 -15.85 -22.81 -37.56
CA ASP B 765 -14.95 -23.82 -37.00
C ASP B 765 -14.20 -24.66 -38.05
N PRO B 766 -14.87 -25.19 -39.12
CA PRO B 766 -14.21 -26.20 -39.96
C PRO B 766 -12.93 -25.76 -40.66
N GLY B 767 -12.67 -24.45 -40.69
CA GLY B 767 -11.45 -23.92 -41.27
C GLY B 767 -10.50 -23.31 -40.25
N ASN B 768 -10.98 -23.14 -39.02
CA ASN B 768 -10.14 -22.89 -37.84
C ASN B 768 -9.17 -21.70 -37.94
N CYS B 769 -9.37 -20.80 -38.90
CA CYS B 769 -8.58 -19.56 -38.97
C CYS B 769 -9.08 -18.62 -40.06
N GLU B 770 -8.34 -17.52 -40.28
CA GLU B 770 -8.48 -16.73 -41.49
C GLU B 770 -8.33 -17.59 -42.75
N GLY B 771 -7.11 -18.11 -42.96
CA GLY B 771 -6.75 -18.93 -44.11
C GLY B 771 -7.35 -18.50 -45.44
N VAL B 772 -8.14 -19.39 -46.04
CA VAL B 772 -9.02 -19.07 -47.16
C VAL B 772 -10.44 -19.20 -46.63
N LYS B 773 -11.43 -18.92 -47.48
CA LYS B 773 -12.84 -18.92 -47.06
C LYS B 773 -13.22 -20.27 -46.44
N ARG B 774 -14.16 -20.21 -45.50
CA ARG B 774 -14.46 -21.31 -44.60
C ARG B 774 -15.79 -21.95 -44.99
N THR B 775 -16.22 -22.95 -44.22
CA THR B 775 -17.40 -23.74 -44.50
C THR B 775 -18.69 -23.13 -43.98
N LEU B 776 -18.62 -22.26 -42.95
CA LEU B 776 -19.73 -21.68 -42.21
C LEU B 776 -20.31 -22.64 -41.17
N SER B 777 -19.91 -23.91 -41.17
CA SER B 777 -20.30 -24.80 -40.08
C SER B 777 -21.81 -24.97 -39.95
N PHE B 778 -22.39 -25.90 -40.73
CA PHE B 778 -23.85 -26.12 -40.78
C PHE B 778 -24.55 -26.10 -39.40
N SER B 779 -23.82 -26.26 -38.30
CA SER B 779 -24.35 -25.99 -36.98
C SER B 779 -24.83 -24.52 -36.89
N LEU B 780 -25.20 -24.09 -35.68
CA LEU B 780 -26.43 -23.32 -35.40
C LEU B 780 -27.08 -22.61 -36.59
N ARG B 781 -26.30 -21.93 -37.43
CA ARG B 781 -26.84 -21.39 -38.68
C ARG B 781 -27.51 -22.46 -39.53
N SER B 782 -28.68 -22.14 -40.07
CA SER B 782 -29.35 -23.02 -41.03
C SER B 782 -30.11 -22.14 -42.03
N SER B 783 -29.47 -21.87 -43.16
CA SER B 783 -30.09 -21.12 -44.24
C SER B 783 -29.21 -21.16 -45.49
N ARG C 117 -18.12 -35.69 -53.65
CA ARG C 117 -19.09 -34.88 -54.42
C ARG C 117 -19.64 -33.76 -53.51
N ARG C 118 -20.77 -33.17 -53.90
CA ARG C 118 -21.36 -32.11 -53.08
C ARG C 118 -22.30 -32.67 -52.03
N SER C 119 -23.12 -33.66 -52.42
CA SER C 119 -24.14 -34.17 -51.52
C SER C 119 -23.55 -35.07 -50.44
N ILE C 120 -22.32 -35.58 -50.63
CA ILE C 120 -21.74 -36.50 -49.66
C ILE C 120 -21.27 -35.73 -48.42
N PHE C 121 -20.57 -34.62 -48.64
CA PHE C 121 -20.18 -33.79 -47.50
C PHE C 121 -21.40 -33.19 -46.82
N GLU C 122 -22.46 -32.95 -47.60
CA GLU C 122 -23.74 -32.50 -47.04
C GLU C 122 -24.33 -33.58 -46.13
N ALA C 123 -24.19 -34.84 -46.54
CA ALA C 123 -24.80 -35.94 -45.78
C ALA C 123 -23.89 -36.41 -44.66
N VAL C 124 -22.58 -36.26 -44.83
CA VAL C 124 -21.63 -36.57 -43.75
C VAL C 124 -21.69 -35.45 -42.72
N ALA C 125 -22.01 -34.24 -43.17
CA ALA C 125 -22.18 -33.10 -42.25
C ALA C 125 -23.45 -33.29 -41.42
N GLN C 126 -24.60 -33.33 -42.09
CA GLN C 126 -25.87 -33.57 -41.43
C GLN C 126 -25.88 -34.98 -40.84
N ASN C 127 -26.14 -35.11 -39.54
CA ASN C 127 -26.16 -36.45 -38.97
C ASN C 127 -27.39 -37.20 -39.48
N ASN C 128 -27.21 -37.90 -40.61
CA ASN C 128 -28.31 -38.57 -41.28
C ASN C 128 -27.72 -39.81 -41.95
N CYS C 129 -27.77 -40.93 -41.23
CA CYS C 129 -27.12 -42.15 -41.66
C CYS C 129 -28.08 -43.05 -42.44
N GLN C 130 -28.82 -42.46 -43.38
CA GLN C 130 -29.74 -43.21 -44.24
C GLN C 130 -29.31 -43.08 -45.70
N ASP C 131 -29.02 -41.86 -46.13
CA ASP C 131 -28.54 -41.65 -47.49
C ASP C 131 -27.15 -42.24 -47.71
N LEU C 132 -26.39 -42.49 -46.63
CA LEU C 132 -25.06 -43.04 -46.77
C LEU C 132 -25.10 -44.48 -47.27
N GLU C 133 -26.00 -45.29 -46.69
CA GLU C 133 -26.14 -46.68 -47.12
C GLU C 133 -26.48 -46.79 -48.60
N SER C 134 -27.22 -45.82 -49.13
CA SER C 134 -27.47 -45.77 -50.56
C SER C 134 -26.18 -45.53 -51.34
N LEU C 135 -25.22 -44.84 -50.72
CA LEU C 135 -23.94 -44.55 -51.38
C LEU C 135 -22.86 -45.54 -50.98
N LEU C 136 -23.04 -46.30 -49.88
CA LEU C 136 -22.32 -47.55 -49.72
C LEU C 136 -22.59 -48.45 -50.93
N LEU C 137 -23.86 -48.51 -51.34
CA LEU C 137 -24.26 -49.29 -52.49
C LEU C 137 -23.68 -48.73 -53.78
N PHE C 138 -23.52 -47.40 -53.85
CA PHE C 138 -23.01 -46.77 -55.06
C PHE C 138 -21.52 -47.02 -55.24
N LEU C 139 -20.74 -46.76 -54.19
CA LEU C 139 -19.29 -46.89 -54.31
C LEU C 139 -18.86 -48.35 -54.41
N GLN C 140 -19.74 -49.27 -54.01
CA GLN C 140 -19.51 -50.70 -54.22
C GLN C 140 -19.29 -50.99 -55.70
N LYS C 141 -20.04 -50.30 -56.55
CA LYS C 141 -20.16 -50.69 -57.96
C LYS C 141 -19.11 -50.04 -58.84
N SER C 142 -18.23 -49.23 -58.23
CA SER C 142 -17.01 -48.84 -58.93
C SER C 142 -15.73 -49.33 -58.25
N LYS C 143 -15.33 -48.71 -57.14
CA LYS C 143 -14.20 -49.22 -56.37
C LYS C 143 -14.17 -48.85 -54.89
N LYS C 144 -14.70 -47.67 -54.57
CA LYS C 144 -14.57 -46.92 -53.31
C LYS C 144 -13.19 -46.30 -53.07
N HIS C 145 -12.14 -46.75 -53.77
CA HIS C 145 -10.79 -46.35 -53.35
C HIS C 145 -10.38 -45.01 -53.94
N LEU C 146 -10.24 -44.91 -55.26
CA LEU C 146 -9.95 -43.62 -55.88
C LEU C 146 -11.15 -42.70 -55.76
N THR C 147 -12.36 -43.26 -55.76
CA THR C 147 -13.57 -42.45 -55.75
C THR C 147 -13.71 -41.68 -54.44
N ASP C 148 -13.32 -42.29 -53.32
CA ASP C 148 -13.19 -41.52 -52.09
C ASP C 148 -12.04 -40.53 -52.19
N ASN C 149 -10.94 -40.93 -52.86
CA ASN C 149 -9.83 -40.01 -53.04
C ASN C 149 -10.22 -38.88 -53.98
N GLU C 150 -11.13 -39.12 -54.91
CA GLU C 150 -11.69 -38.07 -55.75
C GLU C 150 -12.80 -37.30 -55.03
N PHE C 151 -13.42 -37.91 -54.02
CA PHE C 151 -14.37 -37.23 -53.14
C PHE C 151 -13.68 -36.64 -51.91
N LYS C 152 -12.39 -36.36 -51.98
CA LYS C 152 -11.71 -35.53 -50.99
C LYS C 152 -12.02 -34.08 -51.36
N ASP C 153 -12.45 -33.29 -50.38
CA ASP C 153 -12.81 -31.90 -50.57
C ASP C 153 -11.62 -31.15 -51.19
N PRO C 154 -11.71 -30.67 -52.46
CA PRO C 154 -10.55 -29.97 -53.03
C PRO C 154 -10.19 -28.71 -52.27
N GLU C 155 -8.92 -28.30 -52.39
CA GLU C 155 -8.31 -27.16 -51.68
C GLU C 155 -8.13 -27.40 -50.18
N THR C 156 -8.55 -28.57 -49.68
CA THR C 156 -8.34 -28.93 -48.28
C THR C 156 -7.84 -30.35 -48.10
N GLY C 157 -8.25 -31.27 -48.97
CA GLY C 157 -7.91 -32.67 -48.83
C GLY C 157 -8.78 -33.46 -47.89
N LYS C 158 -9.89 -32.90 -47.43
CA LYS C 158 -10.77 -33.60 -46.50
C LYS C 158 -11.51 -34.76 -47.16
N THR C 159 -11.10 -35.98 -46.86
CA THR C 159 -11.98 -37.12 -47.11
C THR C 159 -13.18 -37.05 -46.16
N CYS C 160 -14.15 -37.93 -46.41
CA CYS C 160 -15.39 -37.91 -45.63
C CYS C 160 -15.14 -38.16 -44.16
N LEU C 161 -14.03 -38.80 -43.79
CA LEU C 161 -13.78 -39.14 -42.38
C LEU C 161 -13.50 -37.88 -41.57
N LEU C 162 -12.55 -37.06 -42.02
CA LEU C 162 -12.20 -35.85 -41.30
C LEU C 162 -13.40 -34.90 -41.20
N LYS C 163 -14.24 -34.89 -42.24
CA LYS C 163 -15.43 -34.05 -42.24
C LYS C 163 -16.38 -34.43 -41.11
N ALA C 164 -16.39 -35.71 -40.73
CA ALA C 164 -17.40 -36.18 -39.80
C ALA C 164 -17.16 -35.67 -38.39
N MET C 165 -15.94 -35.83 -37.89
CA MET C 165 -15.65 -35.40 -36.52
C MET C 165 -15.67 -33.89 -36.38
N LEU C 166 -15.52 -33.15 -37.48
CA LEU C 166 -15.65 -31.70 -37.44
C LEU C 166 -17.06 -31.30 -37.05
N ASN C 167 -18.07 -31.84 -37.74
CA ASN C 167 -19.47 -31.55 -37.46
C ASN C 167 -20.04 -32.68 -36.60
N LEU C 168 -19.72 -32.63 -35.30
CA LEU C 168 -20.21 -33.59 -34.33
C LEU C 168 -21.44 -33.01 -33.62
N HIS C 169 -22.15 -33.88 -32.91
CA HIS C 169 -23.32 -33.48 -32.13
C HIS C 169 -23.35 -34.34 -30.87
N ASP C 170 -23.11 -33.70 -29.73
CA ASP C 170 -23.06 -34.38 -28.44
C ASP C 170 -22.01 -35.49 -28.43
N GLY C 171 -20.93 -35.30 -29.16
CA GLY C 171 -19.82 -36.23 -29.14
C GLY C 171 -19.97 -37.42 -30.06
N GLN C 172 -20.85 -37.33 -31.05
CA GLN C 172 -21.02 -38.40 -32.02
C GLN C 172 -21.84 -37.90 -33.19
N ASN C 173 -21.42 -38.27 -34.40
CA ASN C 173 -22.15 -37.98 -35.62
C ASN C 173 -23.10 -39.10 -36.02
N THR C 174 -22.72 -40.35 -35.77
CA THR C 174 -23.44 -41.57 -36.14
C THR C 174 -23.26 -41.90 -37.62
N THR C 175 -22.55 -41.05 -38.38
CA THR C 175 -22.02 -41.46 -39.67
C THR C 175 -20.60 -41.99 -39.54
N ILE C 176 -19.91 -41.65 -38.46
CA ILE C 176 -18.53 -42.09 -38.25
C ILE C 176 -18.50 -43.62 -38.13
N PRO C 177 -19.39 -44.26 -37.37
CA PRO C 177 -19.42 -45.74 -37.43
C PRO C 177 -19.72 -46.26 -38.82
N LEU C 178 -20.64 -45.62 -39.53
CA LEU C 178 -21.00 -46.09 -40.86
C LEU C 178 -19.85 -45.90 -41.85
N LEU C 179 -19.25 -44.71 -41.86
CA LEU C 179 -18.18 -44.46 -42.83
C LEU C 179 -16.99 -45.39 -42.61
N LEU C 180 -16.82 -45.91 -41.39
CA LEU C 180 -15.84 -46.96 -41.16
C LEU C 180 -16.32 -48.29 -41.75
N GLU C 181 -17.65 -48.51 -41.75
CA GLU C 181 -18.19 -49.75 -42.31
C GLU C 181 -18.03 -49.82 -43.81
N ILE C 182 -18.13 -48.68 -44.49
CA ILE C 182 -17.92 -48.63 -45.94
C ILE C 182 -16.45 -48.97 -46.22
N ALA C 183 -15.55 -48.65 -45.29
CA ALA C 183 -14.12 -48.74 -45.58
C ALA C 183 -13.53 -50.08 -45.15
N ARG C 184 -14.20 -50.80 -44.25
CA ARG C 184 -13.69 -52.08 -43.79
C ARG C 184 -14.13 -53.23 -44.69
N GLN C 185 -15.39 -53.22 -45.15
CA GLN C 185 -15.85 -54.22 -46.10
C GLN C 185 -15.13 -54.04 -47.42
N THR C 186 -15.33 -52.88 -48.04
CA THR C 186 -14.70 -52.56 -49.31
C THR C 186 -13.26 -52.16 -49.07
N ASP C 187 -12.36 -52.59 -49.95
CA ASP C 187 -10.91 -52.63 -49.72
C ASP C 187 -10.33 -51.25 -49.40
N SER C 188 -9.09 -51.23 -48.91
CA SER C 188 -8.33 -50.02 -48.61
C SER C 188 -8.94 -49.16 -47.51
N LEU C 189 -8.97 -49.70 -46.29
CA LEU C 189 -9.35 -48.95 -45.09
C LEU C 189 -8.31 -47.94 -44.65
N LYS C 190 -7.02 -48.21 -44.91
CA LYS C 190 -5.97 -47.35 -44.38
C LYS C 190 -6.04 -45.94 -44.96
N GLU C 191 -6.34 -45.83 -46.25
CA GLU C 191 -6.28 -44.55 -46.93
C GLU C 191 -7.43 -43.61 -46.56
N LEU C 192 -8.34 -44.05 -45.68
CA LEU C 192 -9.35 -43.16 -45.11
C LEU C 192 -8.88 -42.58 -43.78
N VAL C 193 -8.20 -43.40 -42.97
CA VAL C 193 -7.79 -42.97 -41.64
C VAL C 193 -6.40 -42.33 -41.68
N ASN C 194 -5.52 -42.84 -42.52
CA ASN C 194 -4.21 -42.23 -42.70
C ASN C 194 -4.33 -40.94 -43.50
N ALA C 195 -5.46 -40.74 -44.17
CA ALA C 195 -5.68 -39.51 -44.91
C ALA C 195 -5.66 -38.30 -43.98
N SER C 196 -5.43 -37.14 -44.59
CA SER C 196 -5.31 -35.89 -43.85
C SER C 196 -5.67 -34.75 -44.78
N TYR C 197 -5.60 -33.54 -44.25
CA TYR C 197 -5.68 -32.37 -45.11
C TYR C 197 -4.51 -32.36 -46.07
N THR C 198 -4.73 -31.85 -47.28
CA THR C 198 -3.68 -31.74 -48.28
C THR C 198 -3.05 -30.36 -48.31
N ASP C 199 -3.77 -29.33 -47.87
CA ASP C 199 -3.28 -27.97 -47.93
C ASP C 199 -2.04 -27.80 -47.07
N SER C 200 -1.19 -26.85 -47.45
CA SER C 200 0.01 -26.53 -46.69
C SER C 200 -0.29 -25.96 -45.32
N TYR C 201 -1.53 -25.51 -45.07
CA TYR C 201 -1.86 -24.83 -43.83
C TYR C 201 -2.40 -25.78 -42.76
N TYR C 202 -2.94 -26.93 -43.15
CA TYR C 202 -3.24 -28.02 -42.22
C TYR C 202 -2.53 -29.30 -42.62
N LYS C 203 -1.34 -29.18 -43.22
CA LYS C 203 -0.62 -30.31 -43.77
C LYS C 203 -0.32 -31.36 -42.72
N GLY C 204 -0.94 -32.54 -42.87
CA GLY C 204 -0.64 -33.68 -42.04
C GLY C 204 -1.59 -33.88 -40.87
N GLN C 205 -2.59 -33.01 -40.72
CA GLN C 205 -3.56 -33.14 -39.65
C GLN C 205 -4.52 -34.27 -40.00
N THR C 206 -4.18 -35.47 -39.53
CA THR C 206 -5.06 -36.60 -39.71
C THR C 206 -6.31 -36.44 -38.85
N ALA C 207 -7.33 -37.25 -39.17
CA ALA C 207 -8.55 -37.27 -38.38
C ALA C 207 -8.32 -37.67 -36.94
N LEU C 208 -7.23 -38.35 -36.63
CA LEU C 208 -6.92 -38.71 -35.26
C LEU C 208 -6.67 -37.47 -34.42
N HIS C 209 -6.07 -36.44 -35.01
CA HIS C 209 -5.82 -35.19 -34.29
C HIS C 209 -7.14 -34.53 -33.91
N ILE C 210 -8.16 -34.68 -34.74
CA ILE C 210 -9.45 -34.04 -34.50
C ILE C 210 -10.07 -34.56 -33.21
N ALA C 211 -10.11 -35.88 -33.08
CA ALA C 211 -10.74 -36.49 -31.90
C ALA C 211 -10.04 -36.07 -30.61
N ILE C 212 -8.74 -35.77 -30.70
CA ILE C 212 -7.98 -35.42 -29.51
C ILE C 212 -8.30 -33.99 -29.08
N GLU C 213 -8.61 -33.11 -30.04
CA GLU C 213 -8.93 -31.74 -29.68
C GLU C 213 -10.37 -31.63 -29.17
N ARG C 214 -11.27 -32.43 -29.73
CA ARG C 214 -12.69 -32.35 -29.36
C ARG C 214 -13.00 -33.12 -28.08
N ARG C 215 -11.97 -33.67 -27.43
CA ARG C 215 -12.12 -34.38 -26.16
C ARG C 215 -13.12 -35.52 -26.26
N ASN C 216 -12.94 -36.38 -27.26
CA ASN C 216 -13.78 -37.57 -27.45
C ASN C 216 -12.85 -38.76 -27.23
N MET C 217 -12.87 -39.30 -26.00
CA MET C 217 -12.09 -40.48 -25.70
C MET C 217 -12.44 -41.64 -26.62
N ALA C 218 -13.74 -41.78 -26.93
CA ALA C 218 -14.20 -42.91 -27.75
C ALA C 218 -13.57 -42.89 -29.13
N LEU C 219 -13.71 -41.78 -29.84
CA LEU C 219 -13.27 -41.71 -31.24
C LEU C 219 -11.76 -41.93 -31.35
N VAL C 220 -11.02 -41.61 -30.30
CA VAL C 220 -9.59 -41.95 -30.27
C VAL C 220 -9.44 -43.47 -30.23
N THR C 221 -10.30 -44.13 -29.46
CA THR C 221 -10.31 -45.59 -29.44
C THR C 221 -10.71 -46.17 -30.79
N LEU C 222 -11.82 -45.66 -31.35
CA LEU C 222 -12.38 -46.22 -32.59
C LEU C 222 -11.37 -46.15 -33.73
N LEU C 223 -10.72 -44.99 -33.89
CA LEU C 223 -9.85 -44.80 -35.05
C LEU C 223 -8.57 -45.60 -34.93
N VAL C 224 -8.01 -45.71 -33.73
CA VAL C 224 -6.72 -46.39 -33.57
C VAL C 224 -6.89 -47.90 -33.74
N GLU C 225 -8.10 -48.40 -33.51
CA GLU C 225 -8.42 -49.78 -33.87
C GLU C 225 -8.23 -50.02 -35.36
N ASN C 226 -8.71 -49.08 -36.17
CA ASN C 226 -8.75 -49.23 -37.62
C ASN C 226 -7.50 -48.68 -38.31
N GLY C 227 -6.37 -48.69 -37.61
CA GLY C 227 -5.14 -48.07 -38.10
C GLY C 227 -4.91 -46.72 -37.43
N ALA C 228 -4.99 -45.64 -38.22
CA ALA C 228 -4.93 -44.29 -37.68
C ALA C 228 -3.62 -44.07 -36.93
N ASP C 229 -2.51 -44.04 -37.68
CA ASP C 229 -1.16 -43.88 -37.15
C ASP C 229 -1.06 -42.80 -36.07
N VAL C 230 -0.48 -43.15 -34.93
CA VAL C 230 -0.35 -42.24 -33.80
C VAL C 230 0.92 -41.40 -33.91
N GLN C 231 1.57 -41.44 -35.09
CA GLN C 231 2.78 -40.65 -35.32
C GLN C 231 2.62 -39.72 -36.52
N ALA C 232 1.39 -39.32 -36.83
CA ALA C 232 1.13 -38.46 -37.96
C ALA C 232 1.52 -37.03 -37.61
N ALA C 233 2.42 -36.46 -38.41
CA ALA C 233 3.00 -35.15 -38.16
C ALA C 233 2.09 -34.09 -38.76
N ALA C 234 1.39 -33.34 -37.90
CA ALA C 234 0.58 -32.21 -38.33
C ALA C 234 1.52 -31.05 -38.67
N HIS C 235 2.05 -31.09 -39.90
CA HIS C 235 3.09 -30.15 -40.30
C HIS C 235 2.57 -28.72 -40.40
N GLY C 236 1.29 -28.55 -40.73
CA GLY C 236 0.76 -27.30 -41.25
C GLY C 236 1.12 -26.02 -40.53
N ASP C 237 1.07 -24.90 -41.26
CA ASP C 237 1.49 -23.61 -40.73
C ASP C 237 0.69 -23.21 -39.50
N PHE C 238 -0.56 -23.68 -39.41
CA PHE C 238 -1.36 -23.55 -38.20
C PHE C 238 -0.67 -24.24 -37.03
N PHE C 239 0.09 -25.30 -37.32
CA PHE C 239 0.68 -26.17 -36.33
C PHE C 239 2.18 -25.96 -36.16
N LYS C 240 2.71 -24.82 -36.60
CA LYS C 240 4.12 -24.51 -36.52
C LYS C 240 4.35 -23.49 -35.42
N LYS C 241 5.62 -23.13 -35.23
CA LYS C 241 6.04 -22.21 -34.18
C LYS C 241 5.27 -20.89 -34.28
N THR C 242 5.26 -20.11 -33.20
CA THR C 242 4.32 -19.01 -32.93
C THR C 242 3.92 -18.19 -34.14
N LYS C 243 4.88 -17.83 -34.99
CA LYS C 243 4.68 -17.23 -36.32
C LYS C 243 4.15 -15.79 -36.25
N GLY C 244 3.79 -15.28 -35.09
CA GLY C 244 3.10 -14.01 -35.02
C GLY C 244 1.74 -14.00 -35.69
N ARG C 245 1.17 -15.17 -35.96
CA ARG C 245 -0.12 -15.34 -36.60
C ARG C 245 -0.96 -16.30 -35.78
N PRO C 246 -2.27 -16.41 -36.06
CA PRO C 246 -3.11 -17.34 -35.30
C PRO C 246 -2.64 -18.78 -35.47
N GLY C 247 -2.65 -19.52 -34.38
CA GLY C 247 -2.22 -20.90 -34.39
C GLY C 247 -2.02 -21.47 -33.01
N PHE C 248 -1.96 -22.80 -32.92
CA PHE C 248 -1.66 -23.50 -31.67
C PHE C 248 -0.60 -24.53 -31.94
N TYR C 249 0.60 -24.31 -31.40
CA TYR C 249 1.68 -25.28 -31.47
C TYR C 249 1.59 -26.22 -30.29
N PHE C 250 1.53 -27.52 -30.57
CA PHE C 250 1.59 -28.55 -29.54
C PHE C 250 2.73 -29.53 -29.71
N GLY C 251 3.38 -29.60 -30.88
CA GLY C 251 4.44 -30.54 -31.14
C GLY C 251 4.17 -31.47 -32.31
N GLU C 252 3.10 -31.19 -33.08
CA GLU C 252 2.83 -31.81 -34.37
C GLU C 252 2.44 -33.28 -34.32
N LEU C 253 2.55 -33.92 -33.15
CA LEU C 253 2.31 -35.34 -33.01
C LEU C 253 1.12 -35.57 -32.07
N PRO C 254 0.27 -36.57 -32.34
CA PRO C 254 -0.95 -36.69 -31.53
C PRO C 254 -0.72 -36.90 -30.05
N LEU C 255 0.41 -37.50 -29.66
CA LEU C 255 0.67 -37.68 -28.23
C LEU C 255 0.93 -36.35 -27.56
N SER C 256 1.56 -35.42 -28.29
CA SER C 256 1.84 -34.11 -27.73
C SER C 256 0.58 -33.25 -27.69
N LEU C 257 -0.35 -33.48 -28.62
CA LEU C 257 -1.63 -32.81 -28.58
C LEU C 257 -2.40 -33.15 -27.31
N ALA C 258 -2.41 -34.43 -26.96
CA ALA C 258 -3.13 -34.88 -25.77
C ALA C 258 -2.49 -34.32 -24.51
N ALA C 259 -1.16 -34.27 -24.46
CA ALA C 259 -0.48 -33.75 -23.29
C ALA C 259 -0.75 -32.26 -23.11
N CYS C 260 -0.83 -31.52 -24.22
CA CYS C 260 -1.05 -30.09 -24.18
C CYS C 260 -2.53 -29.71 -24.17
N THR C 261 -3.43 -30.67 -24.02
CA THR C 261 -4.86 -30.46 -24.10
C THR C 261 -5.59 -30.81 -22.80
N ASN C 262 -4.86 -31.27 -21.78
CA ASN C 262 -5.43 -31.86 -20.57
C ASN C 262 -6.28 -33.05 -20.94
N GLN C 263 -5.62 -34.04 -21.54
CA GLN C 263 -6.18 -35.34 -21.80
C GLN C 263 -5.14 -36.36 -21.34
N LEU C 264 -5.12 -36.64 -20.04
CA LEU C 264 -4.18 -37.62 -19.51
C LEU C 264 -4.63 -39.03 -19.81
N GLY C 265 -5.94 -39.26 -19.86
CA GLY C 265 -6.46 -40.55 -20.28
C GLY C 265 -6.02 -40.90 -21.68
N ILE C 266 -5.97 -39.91 -22.57
CA ILE C 266 -5.59 -40.18 -23.95
C ILE C 266 -4.07 -40.36 -24.06
N VAL C 267 -3.32 -39.78 -23.13
CA VAL C 267 -1.88 -40.05 -23.09
C VAL C 267 -1.64 -41.52 -22.78
N LYS C 268 -2.15 -41.98 -21.64
CA LYS C 268 -1.91 -43.36 -21.21
C LYS C 268 -2.47 -44.35 -22.22
N PHE C 269 -3.56 -43.99 -22.90
CA PHE C 269 -4.13 -44.87 -23.91
C PHE C 269 -3.18 -45.07 -25.09
N LEU C 270 -2.70 -43.96 -25.66
CA LEU C 270 -1.92 -44.05 -26.89
C LEU C 270 -0.59 -44.77 -26.68
N LEU C 271 -0.15 -44.93 -25.44
CA LEU C 271 1.10 -45.65 -25.17
C LEU C 271 0.85 -47.13 -24.93
N GLN C 272 -0.26 -47.49 -24.25
CA GLN C 272 -0.65 -48.90 -24.06
C GLN C 272 -2.14 -49.04 -24.41
N ASN C 273 -2.44 -49.19 -25.71
CA ASN C 273 -3.84 -49.35 -26.12
C ASN C 273 -4.20 -50.82 -26.35
N SER C 274 -3.95 -51.37 -27.53
CA SER C 274 -3.52 -52.75 -27.74
C SER C 274 -2.64 -52.89 -28.99
N TRP C 275 -2.80 -51.97 -29.96
CA TRP C 275 -2.42 -52.19 -31.36
C TRP C 275 -1.15 -51.43 -31.75
N GLN C 276 -1.18 -50.10 -31.62
CA GLN C 276 -0.08 -49.25 -32.04
C GLN C 276 0.19 -48.27 -30.91
N THR C 277 1.42 -48.31 -30.39
CA THR C 277 1.80 -47.50 -29.23
C THR C 277 2.55 -46.27 -29.69
N ALA C 278 2.19 -45.11 -29.12
CA ALA C 278 2.88 -43.88 -29.45
C ALA C 278 4.32 -43.95 -29.00
N ASP C 279 5.17 -43.12 -29.61
CA ASP C 279 6.59 -43.06 -29.27
C ASP C 279 6.83 -41.84 -28.39
N ILE C 280 7.10 -42.08 -27.10
CA ILE C 280 7.56 -41.04 -26.19
C ILE C 280 8.77 -40.30 -26.75
N SER C 281 9.64 -41.01 -27.48
CA SER C 281 10.91 -40.43 -27.91
C SER C 281 10.83 -39.68 -29.23
N ALA C 282 9.70 -39.75 -29.94
CA ALA C 282 9.64 -39.22 -31.30
C ALA C 282 9.71 -37.70 -31.30
N ARG C 283 10.09 -37.15 -32.44
CA ARG C 283 10.36 -35.73 -32.61
C ARG C 283 9.47 -35.15 -33.70
N ASP C 284 9.27 -33.84 -33.62
CA ASP C 284 8.50 -33.10 -34.62
C ASP C 284 9.44 -32.52 -35.68
N SER C 285 8.90 -31.64 -36.52
CA SER C 285 9.68 -31.01 -37.58
C SER C 285 10.84 -30.20 -36.98
N VAL C 286 10.58 -29.50 -35.87
CA VAL C 286 11.60 -28.69 -35.23
C VAL C 286 12.38 -29.49 -34.19
N GLY C 287 12.22 -30.81 -34.19
CA GLY C 287 12.95 -31.66 -33.28
C GLY C 287 12.39 -31.75 -31.88
N ASN C 288 11.41 -30.92 -31.54
CA ASN C 288 10.87 -30.92 -30.18
C ASN C 288 10.12 -32.23 -29.93
N THR C 289 10.54 -32.94 -28.90
CA THR C 289 9.81 -34.11 -28.42
C THR C 289 8.56 -33.65 -27.69
N VAL C 290 7.84 -34.57 -27.06
CA VAL C 290 6.67 -34.19 -26.30
C VAL C 290 7.05 -33.25 -25.17
N LEU C 291 8.14 -33.52 -24.45
CA LEU C 291 8.48 -32.73 -23.28
C LEU C 291 8.93 -31.33 -23.67
N HIS C 292 9.71 -31.21 -24.75
CA HIS C 292 9.99 -29.90 -25.32
C HIS C 292 8.70 -29.16 -25.62
N ALA C 293 7.71 -29.88 -26.14
CA ALA C 293 6.45 -29.24 -26.51
C ALA C 293 5.64 -28.85 -25.29
N LEU C 294 5.84 -29.54 -24.17
CA LEU C 294 5.24 -29.08 -22.92
C LEU C 294 5.89 -27.79 -22.46
N VAL C 295 7.11 -27.50 -22.92
CA VAL C 295 7.78 -26.27 -22.53
C VAL C 295 7.36 -25.13 -23.44
N GLU C 296 7.30 -25.37 -24.75
CA GLU C 296 6.85 -24.36 -25.69
C GLU C 296 5.45 -23.88 -25.39
N VAL C 297 4.60 -24.74 -24.83
CA VAL C 297 3.20 -24.40 -24.61
C VAL C 297 2.99 -23.65 -23.29
N ALA C 298 3.95 -23.71 -22.37
CA ALA C 298 3.82 -23.02 -21.10
C ALA C 298 3.81 -21.51 -21.33
N ASP C 299 3.07 -20.79 -20.49
CA ASP C 299 2.86 -19.35 -20.66
C ASP C 299 2.93 -18.60 -19.33
N ASN C 300 3.52 -19.19 -18.30
CA ASN C 300 3.82 -18.52 -17.04
C ASN C 300 2.57 -18.06 -16.29
N THR C 301 1.43 -18.68 -16.57
CA THR C 301 0.22 -18.50 -15.77
C THR C 301 0.02 -19.73 -14.88
N ALA C 302 -0.69 -19.52 -13.77
CA ALA C 302 -0.71 -20.52 -12.71
C ALA C 302 -1.42 -21.79 -13.15
N ASP C 303 -2.55 -21.65 -13.85
CA ASP C 303 -3.34 -22.81 -14.23
C ASP C 303 -2.62 -23.62 -15.31
N ASN C 304 -1.94 -22.93 -16.22
CA ASN C 304 -1.07 -23.60 -17.18
C ASN C 304 0.11 -24.24 -16.46
N THR C 305 0.70 -23.52 -15.51
CA THR C 305 1.86 -24.03 -14.79
C THR C 305 1.46 -25.20 -13.90
N LYS C 306 0.29 -25.10 -13.26
CA LYS C 306 -0.25 -26.21 -12.48
C LYS C 306 -0.36 -27.44 -13.36
N PHE C 307 -0.82 -27.25 -14.60
CA PHE C 307 -1.08 -28.38 -15.47
C PHE C 307 0.20 -28.94 -16.07
N VAL C 308 0.93 -28.10 -16.80
CA VAL C 308 2.10 -28.56 -17.58
C VAL C 308 3.08 -29.30 -16.69
N THR C 309 3.23 -28.82 -15.46
CA THR C 309 4.12 -29.50 -14.53
C THR C 309 3.53 -30.83 -14.08
N SER C 310 2.21 -30.90 -13.94
CA SER C 310 1.54 -32.18 -13.70
C SER C 310 1.74 -33.13 -14.87
N MET C 311 1.51 -32.64 -16.08
CA MET C 311 1.62 -33.50 -17.26
C MET C 311 3.06 -33.77 -17.61
N TYR C 312 3.96 -32.82 -17.32
CA TYR C 312 5.38 -33.09 -17.49
C TYR C 312 5.80 -34.27 -16.64
N ASN C 313 5.24 -34.36 -15.43
CA ASN C 313 5.55 -35.47 -14.53
C ASN C 313 5.15 -36.81 -15.14
N GLU C 314 3.91 -36.89 -15.63
CA GLU C 314 3.29 -38.17 -15.94
C GLU C 314 3.96 -38.87 -17.12
N ILE C 315 4.17 -38.16 -18.23
CA ILE C 315 4.92 -38.74 -19.34
C ILE C 315 6.34 -39.06 -18.91
N LEU C 316 6.93 -38.18 -18.11
CA LEU C 316 8.29 -38.38 -17.64
C LEU C 316 8.35 -39.57 -16.69
N MET C 317 7.29 -39.77 -15.89
CA MET C 317 7.18 -41.00 -15.10
C MET C 317 6.84 -42.19 -15.96
N LEU C 318 5.90 -42.04 -16.90
CA LEU C 318 5.55 -43.12 -17.82
C LEU C 318 6.78 -43.63 -18.58
N GLY C 319 7.70 -42.74 -18.92
CA GLY C 319 8.88 -43.16 -19.67
C GLY C 319 9.88 -43.96 -18.86
N ALA C 320 9.60 -44.17 -17.57
CA ALA C 320 10.37 -45.13 -16.78
C ALA C 320 9.67 -46.47 -16.73
N LYS C 321 8.34 -46.49 -16.74
CA LYS C 321 7.61 -47.75 -16.86
C LYS C 321 7.90 -48.41 -18.20
N LEU C 322 7.59 -47.71 -19.30
CA LEU C 322 7.96 -48.12 -20.64
C LEU C 322 9.28 -47.43 -21.02
N HIS C 323 10.16 -48.16 -21.69
CA HIS C 323 11.47 -47.67 -22.10
C HIS C 323 12.25 -47.16 -20.90
N PRO C 324 12.67 -48.06 -20.00
CA PRO C 324 13.25 -47.61 -18.72
C PRO C 324 14.71 -47.17 -18.78
N THR C 325 15.27 -47.02 -20.00
CA THR C 325 16.70 -46.76 -20.14
C THR C 325 16.97 -45.64 -21.14
N LEU C 326 16.26 -44.51 -21.03
CA LEU C 326 16.28 -43.47 -22.06
C LEU C 326 16.75 -42.11 -21.55
N LYS C 327 16.22 -41.64 -20.41
CA LYS C 327 16.46 -40.27 -19.95
C LYS C 327 16.00 -39.24 -20.97
N LEU C 328 14.68 -39.12 -21.16
CA LEU C 328 14.07 -38.15 -22.08
C LEU C 328 14.64 -36.75 -21.97
N GLU C 329 14.85 -36.24 -20.76
CA GLU C 329 15.29 -34.87 -20.56
C GLU C 329 16.65 -34.57 -21.18
N GLU C 330 17.46 -35.59 -21.49
CA GLU C 330 18.69 -35.41 -22.21
C GLU C 330 18.50 -35.26 -23.71
N LEU C 331 17.28 -35.43 -24.21
CA LEU C 331 17.05 -35.34 -25.65
C LEU C 331 17.14 -33.90 -26.10
N THR C 332 17.82 -33.67 -27.21
CA THR C 332 18.07 -32.34 -27.74
C THR C 332 17.39 -32.18 -29.09
N ASN C 333 16.70 -31.06 -29.27
CA ASN C 333 15.98 -30.78 -30.50
C ASN C 333 16.95 -30.32 -31.58
N LYS C 334 16.42 -29.78 -32.68
CA LYS C 334 17.26 -29.31 -33.78
C LYS C 334 18.21 -28.22 -33.31
N LYS C 335 17.75 -27.37 -32.39
CA LYS C 335 18.57 -26.29 -31.85
C LYS C 335 19.43 -26.77 -30.68
N GLY C 336 19.52 -28.07 -30.47
CA GLY C 336 20.41 -28.62 -29.45
C GLY C 336 19.94 -28.35 -28.04
N MET C 337 18.65 -28.05 -27.87
CA MET C 337 18.11 -27.61 -26.59
C MET C 337 17.35 -28.75 -25.93
N THR C 338 17.60 -28.94 -24.64
CA THR C 338 16.84 -29.89 -23.84
C THR C 338 15.56 -29.22 -23.34
N PRO C 339 14.64 -29.98 -22.75
CA PRO C 339 13.44 -29.34 -22.19
C PRO C 339 13.74 -28.41 -21.04
N LEU C 340 14.79 -28.68 -20.28
CA LEU C 340 15.19 -27.78 -19.20
C LEU C 340 15.79 -26.49 -19.75
N ALA C 341 16.76 -26.61 -20.66
CA ALA C 341 17.37 -25.43 -21.25
C ALA C 341 16.38 -24.63 -22.07
N LEU C 342 15.43 -25.32 -22.70
CA LEU C 342 14.41 -24.63 -23.48
C LEU C 342 13.44 -23.90 -22.57
N ALA C 343 13.25 -24.41 -21.35
CA ALA C 343 12.44 -23.69 -20.37
C ALA C 343 13.17 -22.48 -19.83
N ALA C 344 14.50 -22.56 -19.79
CA ALA C 344 15.31 -21.47 -19.30
C ALA C 344 15.64 -20.44 -20.38
N GLY C 345 15.75 -20.88 -21.62
CA GLY C 345 16.00 -19.97 -22.72
C GLY C 345 14.76 -19.22 -23.17
N THR C 346 13.59 -19.76 -22.86
CA THR C 346 12.31 -19.21 -23.26
C THR C 346 11.55 -18.58 -22.10
N GLY C 347 12.15 -18.48 -20.93
CA GLY C 347 11.55 -17.75 -19.84
C GLY C 347 10.52 -18.49 -19.03
N LYS C 348 10.61 -19.82 -18.99
CA LYS C 348 9.56 -20.65 -18.41
C LYS C 348 9.96 -21.05 -16.99
N ILE C 349 9.60 -20.16 -16.07
CA ILE C 349 10.05 -20.26 -14.68
C ILE C 349 9.28 -21.33 -13.92
N GLY C 350 7.99 -21.50 -14.24
CA GLY C 350 7.22 -22.49 -13.53
C GLY C 350 7.64 -23.90 -13.88
N VAL C 351 7.90 -24.15 -15.16
CA VAL C 351 8.42 -25.43 -15.58
C VAL C 351 9.83 -25.62 -15.05
N LEU C 352 10.65 -24.58 -15.13
CA LEU C 352 11.99 -24.60 -14.57
C LEU C 352 11.96 -24.92 -13.09
N ALA C 353 11.12 -24.21 -12.32
CA ALA C 353 10.96 -24.51 -10.91
C ALA C 353 10.52 -25.96 -10.71
N TYR C 354 9.64 -26.47 -11.57
CA TYR C 354 9.23 -27.85 -11.41
C TYR C 354 10.38 -28.80 -11.65
N ILE C 355 11.08 -28.64 -12.79
CA ILE C 355 12.13 -29.57 -13.17
C ILE C 355 13.24 -29.57 -12.14
N LEU C 356 13.53 -28.42 -11.54
CA LEU C 356 14.66 -28.29 -10.62
C LEU C 356 14.34 -28.78 -9.20
N GLN C 357 13.18 -28.44 -8.64
CA GLN C 357 12.75 -28.96 -7.35
C GLN C 357 12.01 -30.28 -7.47
N ARG C 358 12.19 -31.01 -8.57
CA ARG C 358 11.43 -32.23 -8.80
C ARG C 358 11.85 -33.30 -7.82
N GLU C 359 10.91 -33.78 -7.02
CA GLU C 359 11.10 -34.94 -6.15
C GLU C 359 9.94 -35.91 -6.41
N ILE C 360 10.30 -37.10 -6.86
CA ILE C 360 9.34 -38.16 -7.13
C ILE C 360 9.54 -39.24 -6.08
N GLN C 361 8.47 -39.56 -5.35
CA GLN C 361 8.55 -40.51 -4.24
C GLN C 361 8.33 -41.95 -4.67
N GLU C 362 7.88 -42.19 -5.90
CA GLU C 362 7.60 -43.56 -6.31
C GLU C 362 8.92 -44.32 -6.47
N PRO C 363 8.98 -45.62 -6.12
CA PRO C 363 10.28 -46.32 -6.19
C PRO C 363 10.87 -46.40 -7.59
N GLU C 364 10.13 -46.95 -8.57
CA GLU C 364 10.68 -47.15 -9.90
C GLU C 364 10.74 -45.86 -10.72
N CYS C 365 10.30 -44.73 -10.17
CA CYS C 365 10.41 -43.42 -10.80
C CYS C 365 11.13 -42.45 -9.88
N ARG C 366 11.96 -42.98 -8.98
CA ARG C 366 12.75 -42.14 -8.09
C ARG C 366 14.00 -41.59 -8.75
N HIS C 367 14.66 -42.37 -9.61
CA HIS C 367 15.81 -41.89 -10.34
C HIS C 367 15.50 -40.65 -11.18
N LEU C 368 14.25 -40.49 -11.57
CA LEU C 368 13.79 -39.30 -12.27
C LEU C 368 13.56 -38.13 -11.33
N SER C 369 13.62 -38.36 -10.01
CA SER C 369 13.63 -37.24 -9.09
C SER C 369 14.88 -36.41 -9.34
N ARG C 370 14.82 -35.17 -8.88
CA ARG C 370 15.96 -34.28 -8.97
C ARG C 370 16.24 -33.54 -7.67
N LYS C 371 15.26 -33.36 -6.80
CA LYS C 371 15.47 -32.86 -5.44
C LYS C 371 15.35 -34.04 -4.50
N PHE C 372 16.47 -34.42 -3.90
CA PHE C 372 16.54 -35.57 -3.02
C PHE C 372 16.60 -35.08 -1.59
N THR C 373 16.57 -36.04 -0.66
CA THR C 373 16.78 -35.78 0.75
C THR C 373 17.87 -36.75 1.19
N GLU C 374 18.90 -36.25 1.87
CA GLU C 374 19.99 -37.09 2.30
C GLU C 374 19.89 -37.46 3.77
N TRP C 375 19.21 -36.66 4.58
CA TRP C 375 18.92 -37.06 5.94
C TRP C 375 17.86 -36.16 6.51
N ALA C 376 17.20 -36.65 7.55
CA ALA C 376 16.15 -35.89 8.21
C ALA C 376 16.15 -36.34 9.67
N TYR C 377 16.82 -35.57 10.52
CA TYR C 377 16.83 -35.80 11.96
C TYR C 377 15.94 -34.76 12.60
N GLY C 378 14.67 -35.08 12.75
CA GLY C 378 13.74 -34.18 13.38
C GLY C 378 13.22 -33.17 12.38
N PRO C 379 13.05 -31.90 12.78
CA PRO C 379 12.60 -30.90 11.82
C PRO C 379 13.62 -30.62 10.73
N VAL C 380 14.89 -30.84 11.00
CA VAL C 380 15.95 -30.60 10.02
C VAL C 380 15.85 -31.67 8.95
N HIS C 381 16.06 -31.28 7.70
CA HIS C 381 16.23 -32.23 6.62
C HIS C 381 17.10 -31.61 5.54
N SER C 382 18.12 -32.36 5.12
CA SER C 382 19.12 -31.88 4.19
C SER C 382 18.74 -32.36 2.78
N SER C 383 18.40 -31.40 1.93
CA SER C 383 18.02 -31.71 0.56
C SER C 383 19.25 -31.67 -0.34
N LEU C 384 19.20 -32.44 -1.43
CA LEU C 384 20.21 -32.45 -2.47
C LEU C 384 19.54 -32.10 -3.79
N TYR C 385 20.06 -31.08 -4.45
CA TYR C 385 19.65 -30.72 -5.79
C TYR C 385 20.75 -31.16 -6.76
N ASP C 386 20.37 -31.97 -7.75
CA ASP C 386 21.28 -32.32 -8.83
C ASP C 386 21.80 -31.05 -9.47
N LEU C 387 22.99 -31.10 -10.08
CA LEU C 387 23.53 -29.97 -10.82
C LEU C 387 23.88 -30.35 -12.24
N SER C 388 23.27 -31.40 -12.76
CA SER C 388 23.37 -31.75 -14.17
C SER C 388 22.75 -30.60 -14.97
N CYS C 389 23.51 -30.10 -15.94
CA CYS C 389 23.04 -29.12 -16.91
C CYS C 389 22.83 -27.73 -16.32
N ILE C 390 23.35 -27.46 -15.12
CA ILE C 390 23.32 -26.13 -14.53
C ILE C 390 24.72 -25.53 -14.46
N ASP C 391 25.70 -26.32 -13.99
CA ASP C 391 27.06 -25.85 -13.86
C ASP C 391 27.66 -25.76 -15.26
N THR C 392 28.97 -25.49 -15.39
CA THR C 392 29.56 -25.33 -16.71
C THR C 392 29.56 -26.68 -17.43
N CYS C 393 28.38 -27.06 -17.92
CA CYS C 393 28.15 -28.33 -18.59
C CYS C 393 28.62 -28.27 -20.04
N GLU C 394 28.23 -29.26 -20.85
CA GLU C 394 28.74 -29.37 -22.21
C GLU C 394 28.03 -28.41 -23.16
N LYS C 395 26.72 -28.57 -23.33
CA LYS C 395 26.01 -27.90 -24.42
C LYS C 395 25.41 -26.58 -23.98
N ASN C 396 24.48 -26.61 -23.03
CA ASN C 396 23.71 -25.44 -22.61
C ASN C 396 23.42 -25.54 -21.13
N SER C 397 24.14 -24.74 -20.34
CA SER C 397 23.89 -24.69 -18.92
C SER C 397 22.70 -23.78 -18.62
N VAL C 398 21.93 -24.16 -17.62
CA VAL C 398 20.77 -23.36 -17.21
C VAL C 398 21.21 -21.99 -16.73
N LEU C 399 22.40 -21.89 -16.14
CA LEU C 399 22.92 -20.59 -15.74
C LEU C 399 23.33 -19.77 -16.94
N GLU C 400 24.04 -20.38 -17.88
CA GLU C 400 24.41 -19.69 -19.12
C GLU C 400 23.18 -19.28 -19.90
N VAL C 401 22.24 -20.20 -20.09
CA VAL C 401 21.04 -19.91 -20.87
C VAL C 401 20.22 -18.81 -20.21
N ILE C 402 20.19 -18.76 -18.88
CA ILE C 402 19.57 -17.65 -18.17
C ILE C 402 20.44 -16.41 -18.20
N ALA C 403 21.72 -16.53 -17.84
CA ALA C 403 22.62 -15.39 -17.75
C ALA C 403 22.89 -14.75 -19.10
N TYR C 404 23.11 -15.56 -20.12
CA TYR C 404 23.42 -15.08 -21.47
C TYR C 404 22.20 -15.08 -22.36
N SER C 405 21.05 -14.74 -21.80
CA SER C 405 19.80 -14.72 -22.53
C SER C 405 19.64 -13.44 -23.31
N SER C 406 18.87 -13.51 -24.40
CA SER C 406 18.46 -12.31 -25.11
C SER C 406 17.57 -11.49 -24.18
N SER C 407 17.35 -10.24 -24.51
CA SER C 407 16.73 -9.33 -23.56
C SER C 407 15.23 -9.51 -23.43
N GLU C 408 14.56 -10.14 -24.41
CA GLU C 408 13.11 -10.29 -24.31
C GLU C 408 12.76 -11.41 -23.34
N THR C 409 13.05 -12.67 -23.72
CA THR C 409 13.34 -13.84 -22.88
C THR C 409 12.74 -13.76 -21.50
N PRO C 410 11.40 -13.77 -21.37
CA PRO C 410 10.74 -13.26 -20.16
C PRO C 410 11.28 -13.86 -18.87
N ASN C 411 11.24 -13.06 -17.82
CA ASN C 411 11.66 -13.49 -16.49
C ASN C 411 13.13 -13.90 -16.47
N ARG C 412 13.97 -13.14 -17.18
CA ARG C 412 15.43 -13.30 -17.02
C ARG C 412 15.81 -13.17 -15.58
N HIS C 413 15.16 -12.25 -14.87
CA HIS C 413 15.54 -11.84 -13.54
C HIS C 413 14.91 -12.69 -12.46
N ASP C 414 13.83 -13.40 -12.77
CA ASP C 414 13.18 -14.31 -11.82
C ASP C 414 13.64 -15.75 -11.96
N MET C 415 14.20 -16.13 -13.12
CA MET C 415 14.62 -17.51 -13.32
C MET C 415 15.75 -17.93 -12.39
N LEU C 416 16.49 -16.98 -11.82
CA LEU C 416 17.57 -17.29 -10.90
C LEU C 416 17.12 -17.30 -9.45
N LEU C 417 15.95 -16.74 -9.15
CA LEU C 417 15.38 -16.87 -7.82
C LEU C 417 14.88 -18.29 -7.56
N VAL C 418 14.70 -19.08 -8.61
CA VAL C 418 14.38 -20.49 -8.47
C VAL C 418 15.52 -21.19 -7.74
N GLU C 419 15.24 -21.67 -6.54
CA GLU C 419 16.21 -22.48 -5.81
C GLU C 419 16.61 -23.67 -6.66
N PRO C 420 17.88 -24.11 -6.63
CA PRO C 420 19.09 -23.76 -5.87
C PRO C 420 20.00 -22.72 -6.53
N LEU C 421 19.47 -21.95 -7.48
CA LEU C 421 20.32 -21.14 -8.34
C LEU C 421 20.91 -19.95 -7.59
N ASN C 422 20.14 -19.35 -6.68
CA ASN C 422 20.71 -18.35 -5.78
C ASN C 422 21.88 -18.92 -5.00
N ARG C 423 21.61 -19.99 -4.23
CA ARG C 423 22.61 -20.58 -3.36
C ARG C 423 23.81 -21.08 -4.14
N LEU C 424 23.57 -21.60 -5.34
CA LEU C 424 24.64 -22.14 -6.15
C LEU C 424 25.59 -21.05 -6.60
N LEU C 425 25.05 -19.90 -7.01
CA LEU C 425 25.88 -18.78 -7.40
C LEU C 425 26.54 -18.13 -6.18
N GLN C 426 25.77 -17.96 -5.10
CA GLN C 426 26.31 -17.46 -3.85
C GLN C 426 27.36 -18.41 -3.28
N ASP C 427 27.30 -19.69 -3.65
CA ASP C 427 28.36 -20.62 -3.31
C ASP C 427 29.62 -20.33 -4.13
N LYS C 428 29.45 -20.20 -5.44
CA LYS C 428 30.56 -19.84 -6.30
C LYS C 428 31.14 -18.48 -5.93
N TRP C 429 30.27 -17.56 -5.53
CA TRP C 429 30.73 -16.24 -5.11
C TRP C 429 31.64 -16.33 -3.90
N ASP C 430 31.15 -16.93 -2.82
CA ASP C 430 31.88 -16.97 -1.57
C ASP C 430 33.09 -17.90 -1.60
N ARG C 431 33.24 -18.73 -2.63
CA ARG C 431 34.31 -19.70 -2.69
C ARG C 431 35.46 -19.31 -3.61
N PHE C 432 35.21 -18.80 -4.82
CA PHE C 432 36.31 -18.34 -5.66
C PHE C 432 36.08 -17.01 -6.37
N VAL C 433 34.83 -16.64 -6.68
CA VAL C 433 34.64 -15.46 -7.52
C VAL C 433 34.78 -14.17 -6.73
N LYS C 434 34.40 -14.18 -5.45
CA LYS C 434 34.50 -12.99 -4.63
C LYS C 434 35.95 -12.54 -4.49
N ARG C 435 36.87 -13.49 -4.31
CA ARG C 435 38.27 -13.17 -4.16
C ARG C 435 38.91 -12.78 -5.47
N ILE C 436 38.32 -13.18 -6.60
CA ILE C 436 38.82 -12.81 -7.90
C ILE C 436 38.26 -11.45 -8.32
N PHE C 437 36.97 -11.25 -8.06
CA PHE C 437 36.32 -9.99 -8.41
C PHE C 437 36.96 -8.81 -7.69
N TYR C 438 37.33 -9.00 -6.43
CA TYR C 438 37.95 -7.92 -5.67
C TYR C 438 39.38 -7.68 -6.16
N PHE C 439 39.99 -8.68 -6.78
CA PHE C 439 41.27 -8.48 -7.43
C PHE C 439 41.09 -7.76 -8.76
N ASN C 440 39.95 -8.00 -9.42
CA ASN C 440 39.62 -7.24 -10.61
C ASN C 440 39.31 -5.79 -10.29
N PHE C 441 38.66 -5.54 -9.15
CA PHE C 441 38.42 -4.17 -8.73
C PHE C 441 39.72 -3.46 -8.37
N LEU C 442 40.65 -4.18 -7.76
CA LEU C 442 41.93 -3.59 -7.41
C LEU C 442 42.73 -3.24 -8.65
N VAL C 443 42.91 -4.19 -9.56
CA VAL C 443 43.73 -3.96 -10.75
C VAL C 443 43.12 -2.89 -11.64
N TYR C 444 41.81 -2.68 -11.53
CA TYR C 444 41.18 -1.59 -12.27
C TYR C 444 41.37 -0.26 -11.57
N CYS C 445 41.33 -0.25 -10.24
CA CYS C 445 41.62 0.96 -9.48
C CYS C 445 43.05 1.43 -9.71
N LEU C 446 44.01 0.52 -9.61
CA LEU C 446 45.40 0.85 -9.91
C LEU C 446 45.53 1.40 -11.32
N TYR C 447 44.88 0.74 -12.28
CA TYR C 447 44.86 1.21 -13.66
C TYR C 447 44.31 2.61 -13.79
N MET C 448 43.31 2.95 -12.97
CA MET C 448 42.73 4.28 -12.99
C MET C 448 43.59 5.28 -12.24
N ILE C 449 44.35 4.82 -11.25
CA ILE C 449 45.29 5.69 -10.54
C ILE C 449 46.50 5.99 -11.41
N ILE C 450 46.80 5.11 -12.37
CA ILE C 450 48.00 5.23 -13.18
C ILE C 450 47.69 6.00 -14.46
N PHE C 451 46.53 5.77 -15.06
CA PHE C 451 46.10 6.57 -16.21
C PHE C 451 45.72 7.98 -15.79
N THR C 452 45.58 8.21 -14.48
CA THR C 452 45.19 9.51 -13.99
C THR C 452 46.41 10.38 -13.70
N MET C 453 47.45 9.79 -13.12
CA MET C 453 48.70 10.51 -12.95
C MET C 453 49.41 10.73 -14.27
N ALA C 454 49.39 9.73 -15.15
CA ALA C 454 49.96 9.90 -16.47
C ALA C 454 49.23 10.96 -17.29
N ALA C 455 48.00 11.29 -16.91
CA ALA C 455 47.22 12.34 -17.55
C ALA C 455 47.31 13.67 -16.80
N TYR C 456 47.26 13.64 -15.47
CA TYR C 456 47.48 14.85 -14.67
C TYR C 456 48.85 15.46 -14.96
N TYR C 457 49.87 14.62 -15.10
CA TYR C 457 51.24 15.07 -15.25
C TYR C 457 51.65 15.05 -16.72
N ARG C 458 50.72 15.38 -17.60
CA ARG C 458 51.01 15.37 -19.02
C ARG C 458 51.87 16.57 -19.41
N PRO C 459 52.51 16.53 -20.58
CA PRO C 459 53.20 17.72 -21.07
C PRO C 459 52.23 18.82 -21.45
N VAL C 460 52.61 20.04 -21.14
CA VAL C 460 51.82 21.24 -21.43
C VAL C 460 52.60 22.20 -22.33
N ASP C 461 53.57 21.69 -23.09
CA ASP C 461 54.41 22.49 -23.95
C ASP C 461 54.91 21.64 -25.11
N GLY C 462 54.85 22.20 -26.31
CA GLY C 462 55.19 21.44 -27.51
C GLY C 462 54.05 20.57 -27.97
N LEU C 463 54.30 19.88 -29.07
CA LEU C 463 53.32 18.98 -29.70
C LEU C 463 53.72 17.53 -29.47
N PRO C 464 52.77 16.60 -29.54
CA PRO C 464 53.09 15.19 -29.26
C PRO C 464 53.73 14.52 -30.46
N PRO C 465 54.45 13.39 -30.27
CA PRO C 465 54.83 12.78 -29.00
C PRO C 465 55.95 13.55 -28.32
N PHE C 466 56.18 13.27 -27.04
CA PHE C 466 57.03 14.08 -26.18
C PHE C 466 58.20 13.27 -25.68
N LYS C 467 59.41 13.74 -25.99
CA LYS C 467 60.64 13.09 -25.56
C LYS C 467 60.75 13.09 -24.03
N MET C 468 61.66 12.27 -23.53
CA MET C 468 61.86 12.09 -22.09
C MET C 468 63.14 12.78 -21.64
N GLU C 469 63.04 13.52 -20.52
CA GLU C 469 64.17 14.28 -19.99
C GLU C 469 64.60 13.77 -18.61
N LYS C 470 63.67 13.77 -17.66
CA LYS C 470 63.99 13.54 -16.26
C LYS C 470 63.42 12.19 -15.80
N THR C 471 63.66 11.85 -14.53
CA THR C 471 63.16 10.60 -13.99
C THR C 471 61.65 10.64 -13.80
N GLY C 472 61.12 11.79 -13.35
CA GLY C 472 59.67 11.93 -13.23
C GLY C 472 58.97 11.75 -14.57
N ASP C 473 59.68 12.04 -15.66
CA ASP C 473 59.10 11.88 -16.98
C ASP C 473 59.26 10.44 -17.47
N TYR C 474 60.09 9.64 -16.79
CA TYR C 474 60.18 8.22 -17.10
C TYR C 474 59.03 7.46 -16.45
N PHE C 475 58.70 7.80 -15.20
CA PHE C 475 57.63 7.12 -14.50
C PHE C 475 56.30 7.21 -15.24
N ARG C 476 56.00 8.38 -15.81
CA ARG C 476 54.73 8.55 -16.48
C ARG C 476 54.64 7.68 -17.73
N VAL C 477 55.75 7.51 -18.46
CA VAL C 477 55.70 6.69 -19.67
C VAL C 477 55.41 5.25 -19.29
N THR C 478 55.97 4.77 -18.19
CA THR C 478 55.54 3.49 -17.64
C THR C 478 54.06 3.53 -17.34
N GLY C 479 53.55 4.69 -16.91
CA GLY C 479 52.13 4.84 -16.67
C GLY C 479 51.34 5.05 -17.95
N GLU C 480 51.98 5.62 -18.98
CA GLU C 480 51.30 5.82 -20.26
C GLU C 480 51.29 4.56 -21.09
N ILE C 481 52.44 3.87 -21.22
CA ILE C 481 52.47 2.57 -21.87
C ILE C 481 51.48 1.62 -21.20
N LEU C 482 51.67 1.39 -19.91
CA LEU C 482 50.81 0.50 -19.13
C LEU C 482 49.34 0.91 -19.20
N SER C 483 49.07 2.19 -19.44
CA SER C 483 47.68 2.64 -19.55
C SER C 483 47.06 2.25 -20.88
N VAL C 484 47.86 2.26 -21.95
CA VAL C 484 47.36 1.84 -23.25
C VAL C 484 47.13 0.32 -23.27
N LEU C 485 47.88 -0.42 -22.47
CA LEU C 485 47.72 -1.87 -22.42
C LEU C 485 46.31 -2.24 -21.97
N GLY C 486 45.80 -1.55 -20.95
CA GLY C 486 44.44 -1.83 -20.51
C GLY C 486 43.42 -1.47 -21.55
N GLY C 487 43.66 -0.41 -22.30
CA GLY C 487 42.75 -0.07 -23.39
C GLY C 487 42.74 -1.15 -24.45
N VAL C 488 43.91 -1.68 -24.78
CA VAL C 488 43.97 -2.85 -25.66
C VAL C 488 43.25 -4.03 -25.01
N TYR C 489 43.44 -4.20 -23.70
CA TYR C 489 42.77 -5.28 -22.98
C TYR C 489 41.26 -5.12 -23.03
N PHE C 490 40.75 -3.97 -22.56
CA PHE C 490 39.31 -3.74 -22.57
C PHE C 490 38.77 -3.60 -23.99
N PHE C 491 39.63 -3.45 -24.99
CA PHE C 491 39.17 -3.44 -26.37
C PHE C 491 38.86 -4.84 -26.86
N PHE C 492 39.76 -5.78 -26.58
CA PHE C 492 39.54 -7.16 -27.01
C PHE C 492 38.45 -7.84 -26.19
N ARG C 493 38.35 -7.52 -24.90
CA ARG C 493 37.26 -8.07 -24.09
C ARG C 493 35.90 -7.65 -24.62
N GLY C 494 35.84 -6.56 -25.37
CA GLY C 494 34.63 -6.18 -26.05
C GLY C 494 34.46 -6.85 -27.39
N ILE C 495 35.56 -7.27 -28.01
CA ILE C 495 35.47 -8.07 -29.23
C ILE C 495 35.11 -9.50 -28.88
N GLN C 496 35.70 -10.04 -27.81
CA GLN C 496 35.33 -11.36 -27.31
C GLN C 496 33.85 -11.41 -26.98
N TYR C 497 33.36 -10.44 -26.20
CA TYR C 497 31.96 -10.33 -25.88
C TYR C 497 31.07 -10.27 -27.13
N PHE C 498 31.62 -9.77 -28.22
CA PHE C 498 30.87 -9.68 -29.47
C PHE C 498 30.80 -11.03 -30.16
N LEU C 499 31.95 -11.69 -30.30
CA LEU C 499 32.03 -12.94 -31.05
C LEU C 499 31.69 -14.17 -30.22
N GLN C 500 31.89 -14.12 -28.90
CA GLN C 500 31.46 -15.21 -28.03
C GLN C 500 29.95 -15.28 -27.88
N ARG C 501 29.25 -14.18 -28.15
CA ARG C 501 27.81 -14.09 -28.01
C ARG C 501 27.07 -13.84 -29.32
N ARG C 502 27.63 -12.99 -30.19
CA ARG C 502 26.94 -12.48 -31.36
C ARG C 502 25.63 -11.82 -30.93
N PRO C 503 25.67 -10.73 -30.18
CA PRO C 503 24.44 -10.05 -29.79
C PRO C 503 23.87 -9.26 -30.95
N SER C 504 22.54 -9.28 -31.06
CA SER C 504 21.86 -8.51 -32.09
C SER C 504 22.05 -7.03 -31.82
N MET C 505 21.73 -6.21 -32.83
CA MET C 505 21.80 -4.76 -32.72
C MET C 505 20.96 -4.28 -31.54
N LYS C 506 19.81 -4.91 -31.32
CA LYS C 506 18.96 -4.59 -30.19
C LYS C 506 19.67 -4.87 -28.86
N THR C 507 20.00 -6.16 -28.63
CA THR C 507 20.65 -6.59 -27.41
C THR C 507 21.92 -5.80 -27.15
N LEU C 508 22.60 -5.39 -28.21
CA LEU C 508 23.81 -4.61 -28.11
C LEU C 508 23.61 -3.29 -27.39
N PHE C 509 22.43 -2.65 -27.52
CA PHE C 509 22.22 -1.32 -26.95
C PHE C 509 21.25 -1.29 -25.76
N VAL C 510 20.72 -2.43 -25.31
CA VAL C 510 19.56 -2.41 -24.41
C VAL C 510 19.81 -3.21 -23.12
N ASP C 511 20.84 -4.07 -23.09
CA ASP C 511 21.18 -4.76 -21.84
C ASP C 511 22.69 -4.90 -21.59
N SER C 512 23.52 -4.42 -22.50
CA SER C 512 24.97 -4.59 -22.42
C SER C 512 25.64 -3.29 -22.00
N TYR C 513 25.05 -2.59 -21.03
CA TYR C 513 25.43 -1.22 -20.75
C TYR C 513 26.84 -1.13 -20.16
N SER C 514 27.34 -2.23 -19.61
CA SER C 514 28.70 -2.24 -19.10
C SER C 514 29.70 -2.37 -20.24
N GLU C 515 29.61 -3.45 -21.01
CA GLU C 515 30.56 -3.73 -22.07
C GLU C 515 30.63 -2.59 -23.08
N MET C 516 29.53 -1.86 -23.26
CA MET C 516 29.57 -0.67 -24.08
C MET C 516 30.52 0.37 -23.50
N LEU C 517 30.51 0.53 -22.17
CA LEU C 517 31.19 1.68 -21.57
C LEU C 517 32.64 1.36 -21.21
N PHE C 518 33.02 0.08 -21.18
CA PHE C 518 34.44 -0.26 -21.11
C PHE C 518 35.06 -0.29 -22.49
N PHE C 519 34.34 -0.80 -23.49
CA PHE C 519 34.79 -0.73 -24.86
C PHE C 519 34.91 0.70 -25.34
N LEU C 520 33.93 1.53 -24.99
CA LEU C 520 33.95 2.94 -25.38
C LEU C 520 35.12 3.66 -24.74
N GLN C 521 35.35 3.41 -23.46
CA GLN C 521 36.57 3.85 -22.80
C GLN C 521 37.81 3.42 -23.57
N SER C 522 37.79 2.22 -24.14
CA SER C 522 38.95 1.70 -24.85
C SER C 522 39.15 2.44 -26.17
N LEU C 523 38.06 2.90 -26.78
CA LEU C 523 38.16 3.58 -28.07
C LEU C 523 38.77 4.97 -27.89
N PHE C 524 38.35 5.69 -26.85
CA PHE C 524 38.97 6.97 -26.54
C PHE C 524 40.44 6.80 -26.20
N MET C 525 40.81 5.64 -25.64
CA MET C 525 42.20 5.38 -25.37
C MET C 525 42.99 5.20 -26.66
N LEU C 526 42.50 4.40 -27.58
CA LEU C 526 43.26 4.15 -28.80
C LEU C 526 43.28 5.39 -29.67
N ALA C 527 42.16 6.11 -29.76
CA ALA C 527 42.16 7.43 -30.39
C ALA C 527 43.16 8.36 -29.73
N THR C 528 43.32 8.25 -28.40
CA THR C 528 44.33 9.04 -27.70
C THR C 528 45.73 8.61 -28.11
N VAL C 529 45.89 7.36 -28.57
CA VAL C 529 47.18 6.89 -29.06
C VAL C 529 47.37 7.29 -30.52
N VAL C 530 46.31 7.16 -31.32
CA VAL C 530 46.40 7.52 -32.74
C VAL C 530 46.73 9.00 -32.89
N LEU C 531 46.23 9.83 -31.97
CA LEU C 531 46.42 11.27 -32.08
C LEU C 531 47.71 11.72 -31.39
N TYR C 532 48.17 10.98 -30.38
CA TYR C 532 49.45 11.30 -29.75
C TYR C 532 50.63 11.00 -30.67
N PHE C 533 50.43 10.19 -31.72
CA PHE C 533 51.44 9.95 -32.73
C PHE C 533 51.10 10.57 -34.08
N SER C 534 49.95 11.24 -34.19
CA SER C 534 49.59 11.99 -35.39
C SER C 534 49.84 13.50 -35.22
N HIS C 535 50.54 13.89 -34.15
CA HIS C 535 50.87 15.29 -33.91
C HIS C 535 49.62 16.16 -33.87
N LEU C 536 48.75 15.92 -32.90
CA LEU C 536 47.50 16.65 -32.77
C LEU C 536 47.13 16.70 -31.29
N LYS C 537 46.75 17.88 -30.83
CA LYS C 537 46.43 18.11 -29.43
C LYS C 537 45.11 17.49 -29.01
N GLU C 538 44.35 16.90 -29.93
CA GLU C 538 43.06 16.32 -29.58
C GLU C 538 43.20 15.01 -28.82
N TYR C 539 44.42 14.55 -28.55
CA TYR C 539 44.60 13.39 -27.70
C TYR C 539 44.05 13.66 -26.31
N VAL C 540 44.13 14.91 -25.86
CA VAL C 540 43.65 15.30 -24.54
C VAL C 540 42.13 15.19 -24.53
N ALA C 541 41.50 15.56 -25.63
CA ALA C 541 40.04 15.51 -25.71
C ALA C 541 39.52 14.10 -25.50
N SER C 542 40.22 13.11 -26.03
CA SER C 542 39.84 11.73 -25.85
C SER C 542 40.35 11.18 -24.52
N MET C 543 41.47 11.70 -24.04
CA MET C 543 42.12 11.15 -22.87
C MET C 543 41.32 11.46 -21.61
N VAL C 544 40.62 12.60 -21.61
CA VAL C 544 39.85 13.00 -20.42
C VAL C 544 38.51 12.28 -20.39
N PHE C 545 37.94 12.02 -21.55
CA PHE C 545 36.73 11.20 -21.62
C PHE C 545 37.01 9.79 -21.11
N SER C 546 38.16 9.24 -21.49
CA SER C 546 38.53 7.88 -21.06
C SER C 546 38.73 7.81 -19.54
N LEU C 547 39.15 8.92 -18.93
CA LEU C 547 39.20 8.99 -17.47
C LEU C 547 37.80 9.01 -16.87
N ALA C 548 36.99 9.97 -17.30
CA ALA C 548 35.66 10.14 -16.73
C ALA C 548 34.80 8.90 -16.91
N LEU C 549 34.86 8.28 -18.09
CA LEU C 549 34.27 6.96 -18.26
C LEU C 549 34.85 5.97 -17.27
N GLY C 550 36.18 5.96 -17.15
CA GLY C 550 36.84 4.96 -16.34
C GLY C 550 36.45 4.99 -14.88
N TRP C 551 36.38 6.18 -14.30
CA TRP C 551 36.01 6.28 -12.90
C TRP C 551 34.54 5.99 -12.69
N THR C 552 33.68 6.50 -13.59
CA THR C 552 32.27 6.09 -13.60
C THR C 552 32.12 4.59 -13.72
N ASN C 553 33.04 3.92 -14.41
CA ASN C 553 32.96 2.49 -14.59
C ASN C 553 33.46 1.70 -13.39
N MET C 554 33.83 2.36 -12.29
CA MET C 554 33.96 1.66 -11.03
C MET C 554 32.59 1.33 -10.44
N LEU C 555 31.55 2.00 -10.92
CA LEU C 555 30.19 1.69 -10.54
C LEU C 555 29.78 0.33 -11.10
N TYR C 556 30.50 -0.17 -12.10
CA TYR C 556 30.44 -1.57 -12.43
C TYR C 556 30.74 -2.45 -11.23
N TYR C 557 31.81 -2.17 -10.50
CA TYR C 557 32.30 -3.08 -9.48
C TYR C 557 31.57 -2.94 -8.15
N THR C 558 30.50 -2.15 -8.12
CA THR C 558 29.55 -2.17 -7.03
C THR C 558 28.67 -3.41 -7.02
N ARG C 559 28.80 -4.28 -8.02
CA ARG C 559 27.98 -5.47 -8.12
C ARG C 559 28.54 -6.66 -7.36
N GLY C 560 29.74 -6.55 -6.79
CA GLY C 560 30.14 -7.49 -5.77
C GLY C 560 29.55 -7.22 -4.42
N PHE C 561 28.77 -6.15 -4.28
CA PHE C 561 28.21 -5.71 -3.02
C PHE C 561 26.72 -5.50 -3.21
N GLN C 562 25.93 -6.14 -2.34
CA GLN C 562 24.48 -6.19 -2.51
C GLN C 562 23.84 -4.82 -2.45
N GLN C 563 24.28 -3.99 -1.50
CA GLN C 563 23.63 -2.70 -1.30
C GLN C 563 24.10 -1.68 -2.31
N MET C 564 25.38 -1.75 -2.67
CA MET C 564 25.91 -0.84 -3.68
C MET C 564 25.55 -1.31 -5.09
N GLY C 565 25.43 -2.61 -5.29
CA GLY C 565 25.01 -3.11 -6.58
C GLY C 565 23.58 -2.75 -6.89
N ILE C 566 22.68 -2.98 -5.95
CA ILE C 566 21.29 -2.57 -6.11
C ILE C 566 21.20 -1.07 -6.28
N TYR C 567 22.06 -0.33 -5.58
CA TYR C 567 22.10 1.12 -5.75
C TYR C 567 22.45 1.49 -7.18
N ALA C 568 23.38 0.76 -7.79
CA ALA C 568 23.81 1.07 -9.13
C ALA C 568 22.85 0.56 -10.19
N VAL C 569 22.01 -0.41 -9.84
CA VAL C 569 20.94 -0.80 -10.75
C VAL C 569 19.89 0.29 -10.80
N MET C 570 19.54 0.84 -9.64
CA MET C 570 18.63 1.96 -9.62
C MET C 570 19.16 3.14 -10.42
N ILE C 571 20.46 3.41 -10.35
CA ILE C 571 21.06 4.45 -11.18
C ILE C 571 20.81 4.16 -12.66
N GLU C 572 20.98 2.90 -13.06
CA GLU C 572 20.70 2.52 -14.45
C GLU C 572 19.27 2.83 -14.83
N LYS C 573 18.31 2.34 -14.03
CA LYS C 573 16.91 2.53 -14.35
C LYS C 573 16.51 4.00 -14.34
N MET C 574 17.02 4.77 -13.39
CA MET C 574 16.73 6.21 -13.34
C MET C 574 17.18 6.91 -14.61
N ILE C 575 18.37 6.54 -15.11
CA ILE C 575 18.89 7.17 -16.32
C ILE C 575 17.98 6.87 -17.50
N LEU C 576 17.43 5.66 -17.55
CA LEU C 576 16.73 5.20 -18.74
C LEU C 576 15.27 5.62 -18.79
N ARG C 577 14.50 5.47 -17.71
CA ARG C 577 13.12 5.91 -17.69
C ARG C 577 12.97 7.34 -17.20
N ASP C 578 13.52 7.68 -16.03
CA ASP C 578 13.20 8.97 -15.42
C ASP C 578 13.96 10.12 -16.06
N LEU C 579 15.25 9.94 -16.31
CA LEU C 579 16.08 11.05 -16.76
C LEU C 579 15.97 11.27 -18.27
N CYS C 580 15.79 10.20 -19.04
CA CYS C 580 15.65 10.35 -20.48
C CYS C 580 14.31 10.97 -20.84
N ARG C 581 13.24 10.56 -20.17
CA ARG C 581 11.98 11.28 -20.29
C ARG C 581 12.15 12.74 -19.89
N PHE C 582 12.91 12.98 -18.83
CA PHE C 582 13.14 14.34 -18.35
C PHE C 582 13.91 15.18 -19.36
N MET C 583 15.00 14.65 -19.88
CA MET C 583 15.93 15.49 -20.63
C MET C 583 15.41 15.78 -22.03
N PHE C 584 14.50 14.97 -22.56
CA PHE C 584 13.79 15.37 -23.75
C PHE C 584 13.01 16.66 -23.51
N VAL C 585 12.11 16.62 -22.53
CA VAL C 585 11.22 17.76 -22.27
C VAL C 585 12.03 18.96 -21.81
N TYR C 586 13.14 18.73 -21.11
CA TYR C 586 13.95 19.84 -20.63
C TYR C 586 14.71 20.51 -21.77
N ILE C 587 15.21 19.71 -22.72
CA ILE C 587 15.94 20.27 -23.85
C ILE C 587 14.98 20.93 -24.83
N VAL C 588 13.74 20.46 -24.89
CA VAL C 588 12.73 21.10 -25.72
C VAL C 588 12.38 22.46 -25.13
N PHE C 589 12.13 22.51 -23.83
CA PHE C 589 11.89 23.78 -23.17
C PHE C 589 13.11 24.69 -23.27
N LEU C 590 14.29 24.16 -22.91
CA LEU C 590 15.51 24.95 -22.94
C LEU C 590 15.74 25.56 -24.32
N PHE C 591 15.84 24.72 -25.34
CA PHE C 591 16.05 25.23 -26.69
C PHE C 591 14.87 26.08 -27.15
N GLY C 592 13.68 25.78 -26.65
CA GLY C 592 12.51 26.55 -26.96
C GLY C 592 12.56 27.99 -26.49
N PHE C 593 12.71 28.19 -25.18
CA PHE C 593 12.80 29.54 -24.65
C PHE C 593 14.13 30.19 -24.99
N SER C 594 15.19 29.39 -25.18
CA SER C 594 16.48 29.91 -25.58
C SER C 594 16.39 30.70 -26.89
N THR C 595 15.82 30.09 -27.92
CA THR C 595 15.58 30.78 -29.17
C THR C 595 14.73 32.02 -28.98
N ALA C 596 13.76 31.95 -28.08
CA ALA C 596 12.89 33.09 -27.81
C ALA C 596 13.63 34.21 -27.11
N VAL C 597 14.66 33.88 -26.33
CA VAL C 597 15.46 34.88 -25.63
C VAL C 597 16.47 35.51 -26.58
N VAL C 598 17.29 34.71 -27.25
CA VAL C 598 18.31 35.27 -28.14
C VAL C 598 17.69 35.99 -29.33
N THR C 599 16.51 35.56 -29.76
CA THR C 599 15.75 36.33 -30.74
C THR C 599 15.46 37.74 -30.22
N LEU C 600 15.18 37.86 -28.92
CA LEU C 600 14.83 39.15 -28.34
C LEU C 600 16.07 39.97 -28.06
N ILE C 601 17.21 39.33 -27.84
CA ILE C 601 18.45 40.03 -27.54
C ILE C 601 18.98 40.65 -28.83
N GLU C 602 19.58 41.84 -28.68
CA GLU C 602 20.18 42.58 -29.77
C GLU C 602 21.58 43.01 -29.36
N ASP C 603 22.59 42.28 -29.83
CA ASP C 603 23.99 42.58 -29.54
C ASP C 603 24.24 42.58 -28.04
N SER C 629 29.27 38.58 -26.06
CA SER C 629 27.94 38.98 -25.62
C SER C 629 26.95 37.83 -25.75
N TYR C 630 25.79 38.00 -25.13
CA TYR C 630 24.78 36.94 -25.10
C TYR C 630 23.85 36.96 -26.31
N ASN C 631 24.27 37.56 -27.43
CA ASN C 631 23.52 37.45 -28.67
C ASN C 631 23.97 36.19 -29.42
N SER C 632 23.93 35.06 -28.72
CA SER C 632 24.28 33.77 -29.30
C SER C 632 23.35 32.71 -28.73
N LEU C 633 23.23 31.61 -29.46
CA LEU C 633 22.34 30.53 -29.05
C LEU C 633 23.01 29.64 -28.02
N TYR C 634 24.33 29.56 -28.04
CA TYR C 634 25.03 28.78 -27.03
C TYR C 634 24.97 29.47 -25.68
N SER C 635 25.32 30.75 -25.63
CA SER C 635 25.42 31.46 -24.36
C SER C 635 24.05 31.64 -23.72
N THR C 636 22.99 31.60 -24.52
CA THR C 636 21.65 31.68 -23.98
C THR C 636 21.17 30.31 -23.51
N CYS C 637 21.43 29.27 -24.29
CA CYS C 637 21.18 27.91 -23.83
C CYS C 637 22.04 27.58 -22.62
N LEU C 638 23.24 28.16 -22.56
CA LEU C 638 24.14 27.90 -21.43
C LEU C 638 23.69 28.66 -20.20
N GLU C 639 23.19 29.89 -20.36
CA GLU C 639 22.67 30.65 -19.24
C GLU C 639 21.34 30.09 -18.74
N LEU C 640 20.54 29.54 -19.65
CA LEU C 640 19.27 28.95 -19.25
C LEU C 640 19.43 27.57 -18.63
N PHE C 641 20.59 26.95 -18.77
CA PHE C 641 20.89 25.76 -18.00
C PHE C 641 21.47 26.09 -16.64
N LYS C 642 21.88 27.34 -16.42
CA LYS C 642 22.34 27.73 -15.10
C LYS C 642 21.19 27.81 -14.10
N PHE C 643 19.97 28.03 -14.57
CA PHE C 643 18.83 28.10 -13.66
C PHE C 643 18.58 26.78 -12.95
N THR C 644 18.58 25.68 -13.70
CA THR C 644 18.29 24.38 -13.10
C THR C 644 19.35 24.00 -12.07
N ILE C 645 20.58 24.43 -12.29
CA ILE C 645 21.66 24.19 -11.32
C ILE C 645 21.76 25.32 -10.30
N GLY C 646 20.77 26.22 -10.29
CA GLY C 646 20.74 27.26 -9.30
C GLY C 646 21.77 28.35 -9.50
N MET C 647 22.01 28.77 -10.74
CA MET C 647 23.00 29.80 -11.04
C MET C 647 22.48 30.74 -12.09
N GLY C 648 21.17 30.95 -12.11
CA GLY C 648 20.54 31.74 -13.12
C GLY C 648 20.30 33.18 -12.73
N ASP C 649 20.96 34.09 -13.45
CA ASP C 649 20.72 35.51 -13.30
C ASP C 649 19.51 35.83 -14.14
N LEU C 650 18.51 36.48 -13.55
CA LEU C 650 17.36 36.92 -14.31
C LEU C 650 17.64 38.22 -15.04
N GLU C 651 18.87 38.72 -14.96
CA GLU C 651 19.26 39.97 -15.58
C GLU C 651 20.63 39.80 -16.25
N PHE C 652 20.82 38.68 -16.94
CA PHE C 652 22.09 38.46 -17.64
C PHE C 652 22.19 39.24 -18.94
N THR C 653 21.17 40.01 -19.29
CA THR C 653 21.27 40.99 -20.36
C THR C 653 20.43 42.20 -20.00
N GLU C 654 20.93 43.36 -20.41
CA GLU C 654 20.09 44.51 -20.70
C GLU C 654 20.01 44.78 -22.19
N ASN C 655 20.68 43.97 -23.03
CA ASN C 655 20.71 44.18 -24.46
C ASN C 655 19.46 43.62 -25.12
N TYR C 656 18.32 44.16 -24.71
CA TYR C 656 17.02 43.85 -25.31
C TYR C 656 16.24 45.15 -25.37
N ASP C 657 15.03 45.08 -25.91
CA ASP C 657 14.16 46.25 -26.00
C ASP C 657 12.86 46.09 -25.22
N PHE C 658 12.51 44.89 -24.78
CA PHE C 658 11.28 44.64 -24.03
C PHE C 658 11.63 43.83 -22.79
N LYS C 659 11.29 44.38 -21.62
CA LYS C 659 11.67 43.77 -20.35
C LYS C 659 10.56 42.87 -19.81
N ALA C 660 9.30 43.25 -20.01
CA ALA C 660 8.22 42.34 -19.68
C ALA C 660 8.37 41.05 -20.49
N VAL C 661 8.71 41.19 -21.77
CA VAL C 661 8.87 40.03 -22.63
C VAL C 661 10.03 39.16 -22.14
N PHE C 662 11.10 39.81 -21.68
CA PHE C 662 12.30 39.06 -21.31
C PHE C 662 12.09 38.27 -20.04
N ILE C 663 11.29 38.80 -19.11
CA ILE C 663 11.19 38.20 -17.78
C ILE C 663 9.96 37.31 -17.68
N ILE C 664 8.87 37.67 -18.36
CA ILE C 664 7.75 36.74 -18.50
C ILE C 664 8.23 35.44 -19.17
N LEU C 665 9.22 35.57 -20.04
CA LEU C 665 9.72 34.45 -20.81
C LEU C 665 10.69 33.61 -20.00
N LEU C 666 11.44 34.23 -19.09
CA LEU C 666 12.32 33.48 -18.20
C LEU C 666 11.57 32.94 -16.99
N LEU C 667 10.60 33.69 -16.47
CA LEU C 667 9.75 33.16 -15.41
C LEU C 667 8.96 31.96 -15.90
N ALA C 668 8.39 32.05 -17.10
CA ALA C 668 7.82 30.89 -17.77
C ALA C 668 8.82 29.72 -17.82
N TYR C 669 10.10 30.03 -17.99
CA TYR C 669 11.11 28.98 -18.10
C TYR C 669 11.43 28.38 -16.73
N VAL C 670 11.66 29.23 -15.73
CA VAL C 670 12.12 28.73 -14.44
C VAL C 670 10.96 28.36 -13.54
N ILE C 671 9.75 28.29 -14.08
CA ILE C 671 8.60 27.67 -13.43
C ILE C 671 8.35 26.28 -13.99
N LEU C 672 8.40 26.18 -15.32
CA LEU C 672 8.10 24.95 -16.03
C LEU C 672 9.27 23.99 -16.06
N THR C 673 10.47 24.46 -15.71
CA THR C 673 11.67 23.65 -15.68
C THR C 673 12.19 23.43 -14.27
N TYR C 674 12.33 24.49 -13.51
CA TYR C 674 12.91 24.42 -12.17
C TYR C 674 11.84 24.00 -11.17
N ILE C 675 10.79 24.81 -11.05
CA ILE C 675 9.77 24.54 -10.04
C ILE C 675 9.02 23.27 -10.40
N LEU C 676 8.53 23.19 -11.63
CA LEU C 676 7.72 22.06 -12.04
C LEU C 676 8.55 20.81 -12.29
N LEU C 677 9.45 20.89 -13.27
CA LEU C 677 9.89 19.69 -13.98
C LEU C 677 11.06 19.00 -13.27
N LEU C 678 11.85 19.76 -12.51
CA LEU C 678 12.85 19.14 -11.65
C LEU C 678 12.22 18.53 -10.42
N ASN C 679 11.31 19.25 -9.78
CA ASN C 679 10.67 18.70 -8.60
C ASN C 679 9.74 17.56 -8.98
N MET C 680 9.19 17.62 -10.20
CA MET C 680 8.47 16.49 -10.76
C MET C 680 9.37 15.29 -10.96
N LEU C 681 10.62 15.52 -11.38
CA LEU C 681 11.58 14.43 -11.55
C LEU C 681 11.77 13.66 -10.25
N ILE C 682 11.96 14.38 -9.15
CA ILE C 682 12.11 13.75 -7.83
C ILE C 682 10.89 12.89 -7.54
N ALA C 683 9.71 13.41 -7.82
CA ALA C 683 8.48 12.68 -7.62
C ALA C 683 8.44 11.41 -8.47
N LEU C 684 8.92 11.49 -9.70
CA LEU C 684 8.95 10.32 -10.55
C LEU C 684 9.93 9.28 -10.04
N MET C 685 11.09 9.72 -9.58
CA MET C 685 12.06 8.80 -9.03
C MET C 685 11.49 8.06 -7.83
N GLY C 686 10.84 8.77 -6.91
CA GLY C 686 10.20 8.10 -5.78
C GLY C 686 9.21 7.04 -6.20
N GLU C 687 8.41 7.35 -7.22
CA GLU C 687 7.54 6.35 -7.80
C GLU C 687 8.34 5.19 -8.35
N THR C 688 9.48 5.48 -8.97
CA THR C 688 10.32 4.44 -9.53
C THR C 688 10.92 3.57 -8.43
N VAL C 689 11.59 4.18 -7.45
CA VAL C 689 12.25 3.44 -6.37
C VAL C 689 11.28 2.51 -5.67
N ASN C 690 10.03 2.94 -5.49
CA ASN C 690 9.03 2.12 -4.84
C ASN C 690 8.77 0.84 -5.63
N LYS C 691 8.90 0.91 -6.96
CA LYS C 691 8.57 -0.20 -7.83
C LYS C 691 9.76 -1.10 -8.13
N ILE C 692 10.95 -0.54 -8.35
CA ILE C 692 12.09 -1.32 -8.80
C ILE C 692 12.91 -1.87 -7.65
N ALA C 693 12.39 -1.85 -6.43
CA ALA C 693 13.12 -2.35 -5.28
C ALA C 693 13.49 -3.83 -5.43
N GLN C 694 12.52 -4.66 -5.76
CA GLN C 694 12.79 -6.08 -5.96
C GLN C 694 13.37 -6.35 -7.34
N GLU C 695 12.92 -5.59 -8.35
CA GLU C 695 13.47 -5.73 -9.68
C GLU C 695 14.94 -5.39 -9.71
N SER C 696 15.37 -4.43 -8.89
CA SER C 696 16.77 -4.03 -8.88
C SER C 696 17.62 -5.04 -8.12
N LYS C 697 17.02 -5.74 -7.15
CA LYS C 697 17.73 -6.81 -6.46
C LYS C 697 17.93 -8.01 -7.38
N ASN C 698 17.06 -8.18 -8.37
CA ASN C 698 17.12 -9.36 -9.20
C ASN C 698 17.83 -9.08 -10.52
N ILE C 699 18.00 -7.81 -10.87
CA ILE C 699 18.98 -7.44 -11.88
C ILE C 699 20.37 -7.50 -11.29
N TRP C 700 20.52 -7.15 -10.01
CA TRP C 700 21.82 -7.28 -9.35
C TRP C 700 22.31 -8.72 -9.34
N LYS C 701 21.46 -9.65 -8.92
CA LYS C 701 21.87 -11.05 -8.85
C LYS C 701 22.20 -11.60 -10.23
N LEU C 702 21.59 -11.04 -11.27
CA LEU C 702 21.95 -11.43 -12.63
C LEU C 702 23.24 -10.77 -13.07
N GLN C 703 23.46 -9.52 -12.69
CA GLN C 703 24.77 -8.90 -12.88
C GLN C 703 25.87 -9.72 -12.23
N ARG C 704 25.71 -10.03 -10.94
CA ARG C 704 26.69 -10.85 -10.24
C ARG C 704 26.83 -12.23 -10.88
N ALA C 705 25.74 -12.77 -11.42
CA ALA C 705 25.80 -14.09 -12.04
C ALA C 705 26.66 -14.08 -13.30
N ILE C 706 26.49 -13.07 -14.15
CA ILE C 706 27.28 -12.95 -15.37
C ILE C 706 28.75 -12.79 -15.03
N THR C 707 29.04 -12.20 -13.87
CA THR C 707 30.40 -12.11 -13.38
C THR C 707 30.91 -13.46 -12.90
N ILE C 708 30.04 -14.24 -12.28
CA ILE C 708 30.40 -15.59 -11.85
C ILE C 708 30.73 -16.45 -13.05
N LEU C 709 29.90 -16.38 -14.09
CA LEU C 709 30.09 -17.21 -15.27
C LEU C 709 31.32 -16.78 -16.05
N ASP C 710 31.46 -15.49 -16.31
CA ASP C 710 32.63 -14.99 -17.02
C ASP C 710 33.91 -15.29 -16.26
N THR C 711 33.85 -15.26 -14.92
CA THR C 711 35.01 -15.62 -14.12
C THR C 711 35.36 -17.10 -14.30
N GLU C 712 34.36 -17.97 -14.24
CA GLU C 712 34.56 -19.36 -14.61
C GLU C 712 35.14 -19.49 -16.01
N LYS C 713 34.53 -18.82 -16.98
CA LYS C 713 34.93 -18.99 -18.38
C LYS C 713 36.23 -18.29 -18.73
N SER C 714 36.68 -17.34 -17.91
CA SER C 714 37.99 -16.73 -18.09
C SER C 714 39.11 -17.59 -17.56
N PHE C 715 38.81 -18.54 -16.66
CA PHE C 715 39.82 -19.36 -16.00
C PHE C 715 39.62 -20.85 -16.30
N LEU C 716 39.38 -21.22 -17.56
CA LEU C 716 39.56 -22.61 -17.98
C LEU C 716 41.02 -23.02 -17.95
N LYS C 717 41.95 -22.06 -17.94
CA LYS C 717 43.37 -22.33 -18.01
C LYS C 717 44.07 -21.88 -16.75
N CYS C 718 43.58 -20.81 -16.12
CA CYS C 718 44.29 -20.18 -15.01
C CYS C 718 44.44 -21.10 -13.80
N MET C 719 43.34 -21.45 -13.12
CA MET C 719 43.46 -22.21 -11.88
C MET C 719 43.26 -23.70 -12.19
N ARG C 720 42.03 -24.17 -12.39
CA ARG C 720 41.81 -25.17 -13.42
C ARG C 720 40.55 -24.89 -14.23
N LYS C 721 39.35 -24.93 -13.61
CA LYS C 721 38.12 -24.61 -14.30
C LYS C 721 37.19 -23.68 -13.52
N ALA C 722 36.56 -24.22 -12.48
CA ALA C 722 35.58 -23.47 -11.67
C ALA C 722 35.47 -23.95 -10.22
N PHE C 723 36.30 -24.93 -9.81
CA PHE C 723 36.18 -25.61 -8.52
C PHE C 723 34.88 -26.40 -8.35
N ARG C 724 34.11 -26.59 -9.43
CA ARG C 724 33.10 -27.65 -9.55
C ARG C 724 31.81 -27.44 -8.74
N SER C 725 31.81 -26.50 -7.79
CA SER C 725 30.64 -26.06 -7.01
C SER C 725 29.65 -27.17 -6.65
N GLY C 726 30.12 -28.20 -5.97
CA GLY C 726 29.28 -29.35 -5.68
C GLY C 726 30.11 -30.55 -5.28
N LYS C 727 29.42 -31.69 -5.18
CA LYS C 727 30.02 -32.93 -4.74
C LYS C 727 29.33 -34.09 -5.45
N LEU C 728 30.11 -35.11 -5.80
CA LEU C 728 29.58 -36.29 -6.48
C LEU C 728 29.05 -37.29 -5.45
N LEU C 729 27.73 -37.33 -5.29
CA LEU C 729 27.07 -38.14 -4.28
C LEU C 729 26.24 -39.24 -4.93
N GLN C 730 26.12 -40.36 -4.22
CA GLN C 730 25.24 -41.44 -4.62
C GLN C 730 23.83 -41.12 -4.14
N VAL C 731 22.95 -40.72 -5.07
CA VAL C 731 21.57 -40.44 -4.71
C VAL C 731 20.77 -41.73 -4.60
N GLY C 732 21.12 -42.74 -5.39
CA GLY C 732 20.46 -44.02 -5.33
C GLY C 732 21.07 -45.00 -6.31
N TYR C 733 20.24 -45.72 -7.04
CA TYR C 733 20.68 -46.61 -8.11
C TYR C 733 19.85 -46.33 -9.35
N THR C 734 20.51 -46.43 -10.50
CA THR C 734 19.86 -46.28 -11.80
C THR C 734 18.87 -47.42 -11.97
N PRO C 735 17.89 -47.32 -12.88
CA PRO C 735 16.92 -48.42 -13.00
C PRO C 735 17.52 -49.72 -13.48
N ASP C 736 18.71 -49.67 -14.11
CA ASP C 736 19.46 -50.87 -14.46
C ASP C 736 20.31 -51.40 -13.31
N GLY C 737 20.11 -50.90 -12.10
CA GLY C 737 20.80 -51.41 -10.93
C GLY C 737 22.11 -50.73 -10.61
N LYS C 738 22.72 -50.09 -11.60
CA LYS C 738 24.00 -49.44 -11.37
C LYS C 738 23.83 -48.25 -10.44
N ASP C 739 24.95 -47.68 -10.01
CA ASP C 739 24.98 -46.53 -9.12
C ASP C 739 24.50 -45.30 -9.86
N ASP C 740 23.77 -44.44 -9.15
CA ASP C 740 23.40 -43.12 -9.66
C ASP C 740 24.22 -42.09 -8.88
N TYR C 741 25.42 -41.81 -9.37
CA TYR C 741 26.24 -40.74 -8.82
C TYR C 741 25.90 -39.45 -9.56
N ARG C 742 25.73 -38.36 -8.81
CA ARG C 742 25.35 -37.08 -9.37
C ARG C 742 26.06 -35.95 -8.63
N TRP C 743 26.34 -34.88 -9.37
CA TRP C 743 26.91 -33.67 -8.79
C TRP C 743 25.77 -32.87 -8.19
N CYS C 744 25.74 -32.80 -6.86
CA CYS C 744 24.58 -32.37 -6.13
C CYS C 744 24.93 -31.26 -5.14
N PHE C 745 23.97 -30.36 -4.94
CA PHE C 745 24.13 -29.19 -4.08
C PHE C 745 23.28 -29.38 -2.83
N ARG C 746 23.90 -29.28 -1.66
CA ARG C 746 23.21 -29.50 -0.40
C ARG C 746 22.56 -28.22 0.10
N VAL C 747 21.36 -28.36 0.64
CA VAL C 747 20.62 -27.25 1.24
C VAL C 747 19.96 -27.76 2.51
N ASP C 748 20.52 -27.44 3.67
CA ASP C 748 19.87 -27.76 4.91
C ASP C 748 18.60 -26.94 5.07
N GLU C 749 17.54 -27.61 5.54
CA GLU C 749 16.23 -27.00 5.67
C GLU C 749 15.58 -27.50 6.94
N VAL C 750 14.69 -26.67 7.49
CA VAL C 750 14.04 -26.93 8.76
C VAL C 750 12.53 -26.79 8.55
N ASN C 751 11.76 -27.60 9.27
CA ASN C 751 10.32 -27.68 9.08
C ASN C 751 9.66 -27.99 10.41
N TRP C 752 8.77 -27.09 10.85
CA TRP C 752 8.11 -27.19 12.14
C TRP C 752 6.65 -27.57 12.03
N THR C 753 6.22 -28.15 10.90
CA THR C 753 4.82 -28.49 10.65
C THR C 753 4.68 -29.93 10.16
N THR C 754 5.62 -30.41 9.36
CA THR C 754 5.54 -31.72 8.73
C THR C 754 6.36 -32.71 9.52
N TRP C 755 6.22 -32.64 10.86
CA TRP C 755 7.02 -33.39 11.83
C TRP C 755 7.30 -34.82 11.45
N ASN C 756 6.25 -35.62 11.27
CA ASN C 756 6.46 -37.06 11.18
C ASN C 756 7.08 -37.42 9.83
N THR C 757 6.35 -37.21 8.73
CA THR C 757 6.87 -37.34 7.38
C THR C 757 7.70 -38.61 7.20
N ASN C 758 7.09 -39.78 7.24
CA ASN C 758 7.90 -40.98 7.09
C ASN C 758 8.46 -41.05 5.69
N VAL C 759 9.59 -40.40 5.44
CA VAL C 759 10.06 -40.12 4.09
C VAL C 759 10.37 -41.43 3.39
N GLY C 760 11.41 -42.13 3.84
CA GLY C 760 11.92 -43.31 3.15
C GLY C 760 12.81 -42.99 1.95
N ILE C 761 12.47 -41.93 1.24
CA ILE C 761 13.18 -41.37 0.09
C ILE C 761 14.51 -40.76 0.53
N ILE C 762 14.72 -40.64 1.85
CA ILE C 762 16.01 -40.24 2.41
C ILE C 762 17.06 -41.22 1.89
N ASN C 763 18.18 -40.69 1.39
CA ASN C 763 19.07 -41.54 0.62
C ASN C 763 20.21 -42.09 1.49
N GLU C 764 20.59 -41.37 2.56
CA GLU C 764 21.62 -41.84 3.47
C GLU C 764 21.31 -41.53 4.94
N ASP C 765 20.10 -41.86 5.39
CA ASP C 765 19.64 -41.61 6.74
C ASP C 765 20.58 -42.14 7.84
N PRO C 766 21.09 -43.40 7.77
CA PRO C 766 21.78 -43.99 8.93
C PRO C 766 23.01 -43.24 9.44
N GLY C 767 23.52 -42.30 8.65
CA GLY C 767 24.65 -41.48 9.05
C GLY C 767 24.29 -40.03 9.26
N ASN C 768 23.09 -39.63 8.86
CA ASN C 768 22.45 -38.38 9.26
C ASN C 768 23.26 -37.10 9.02
N CYS C 769 24.31 -37.14 8.21
CA CYS C 769 25.02 -35.93 7.81
C CYS C 769 26.09 -36.21 6.75
N GLU C 770 26.88 -35.18 6.44
CA GLU C 770 28.14 -35.37 5.72
C GLU C 770 29.03 -36.40 6.42
N GLY C 771 29.52 -36.04 7.61
CA GLY C 771 30.41 -36.86 8.42
C GLY C 771 31.48 -37.61 7.67
N VAL C 772 31.44 -38.94 7.78
CA VAL C 772 32.20 -39.85 6.93
C VAL C 772 31.16 -40.58 6.08
N LYS C 773 31.62 -41.46 5.18
CA LYS C 773 30.73 -42.17 4.26
C LYS C 773 29.63 -42.91 5.01
N ARG C 774 28.48 -43.03 4.36
CA ARG C 774 27.23 -43.45 5.01
C ARG C 774 26.90 -44.88 4.57
N THR C 775 25.75 -45.37 5.05
CA THR C 775 25.31 -46.75 4.84
C THR C 775 24.56 -46.95 3.53
N LEU C 776 23.96 -45.90 2.97
CA LEU C 776 23.06 -45.90 1.81
C LEU C 776 21.65 -46.35 2.16
N SER C 777 21.41 -46.86 3.36
CA SER C 777 20.04 -47.11 3.81
C SER C 777 19.32 -48.12 2.92
N PHE C 778 19.49 -49.42 3.18
CA PHE C 778 18.93 -50.52 2.38
C PHE C 778 17.47 -50.30 1.92
N SER C 779 16.72 -49.39 2.57
CA SER C 779 15.45 -48.93 2.04
C SER C 779 15.64 -48.32 0.64
N LEU C 780 14.58 -47.71 0.10
CA LEU C 780 14.10 -47.90 -1.28
C LEU C 780 15.12 -48.46 -2.27
N ARG C 781 16.36 -47.97 -2.28
CA ARG C 781 17.41 -48.58 -3.08
C ARG C 781 17.58 -50.06 -2.77
N SER C 782 17.73 -50.89 -3.80
CA SER C 782 18.03 -52.30 -3.63
C SER C 782 18.89 -52.74 -4.81
N SER C 783 20.21 -52.71 -4.62
CA SER C 783 21.15 -53.18 -5.62
C SER C 783 22.56 -53.24 -5.03
N ARG D 117 29.80 -58.88 12.48
CA ARG D 117 30.37 -59.38 11.20
C ARG D 117 29.70 -58.63 10.04
N ARG D 118 29.80 -59.17 8.83
CA ARG D 118 29.20 -58.51 7.68
C ARG D 118 27.76 -58.97 7.48
N SER D 119 27.50 -60.27 7.65
CA SER D 119 26.18 -60.81 7.37
C SER D 119 25.17 -60.46 8.46
N ILE D 120 25.64 -60.08 9.65
CA ILE D 120 24.72 -59.80 10.76
C ILE D 120 24.04 -58.45 10.55
N PHE D 121 24.82 -57.42 10.19
CA PHE D 121 24.21 -56.13 9.88
C PHE D 121 23.34 -56.24 8.63
N GLU D 122 23.72 -57.13 7.70
CA GLU D 122 22.88 -57.41 6.54
C GLU D 122 21.54 -58.01 6.96
N ALA D 123 21.56 -58.88 7.98
CA ALA D 123 20.35 -59.57 8.39
C ALA D 123 19.55 -58.74 9.39
N VAL D 124 20.23 -57.90 10.16
CA VAL D 124 19.54 -56.97 11.06
C VAL D 124 18.95 -55.84 10.22
N ALA D 125 19.59 -55.52 9.10
CA ALA D 125 19.07 -54.50 8.18
C ALA D 125 17.81 -55.04 7.48
N GLN D 126 17.97 -56.12 6.71
CA GLN D 126 16.84 -56.76 6.06
C GLN D 126 15.90 -57.34 7.10
N ASN D 127 14.62 -56.97 7.07
CA ASN D 127 13.70 -57.52 8.05
C ASN D 127 13.48 -59.01 7.76
N ASN D 128 14.32 -59.84 8.37
CA ASN D 128 14.31 -61.28 8.09
C ASN D 128 14.74 -61.97 9.38
N CYS D 129 13.75 -62.34 10.19
CA CYS D 129 14.00 -62.87 11.53
C CYS D 129 14.06 -64.39 11.51
N GLN D 130 14.80 -64.96 10.55
CA GLN D 130 14.99 -66.41 10.45
C GLN D 130 16.46 -66.75 10.60
N ASP D 131 17.33 -66.02 9.89
CA ASP D 131 18.76 -66.22 10.02
C ASP D 131 19.28 -65.80 11.39
N LEU D 132 18.53 -64.97 12.11
CA LEU D 132 18.99 -64.51 13.43
C LEU D 132 18.97 -65.64 14.43
N GLU D 133 17.89 -66.44 14.45
CA GLU D 133 17.80 -67.57 15.37
C GLU D 133 18.94 -68.55 15.17
N SER D 134 19.42 -68.69 13.94
CA SER D 134 20.61 -69.51 13.69
C SER D 134 21.84 -68.91 14.36
N LEU D 135 21.86 -67.58 14.51
CA LEU D 135 22.99 -66.90 15.14
C LEU D 135 22.74 -66.62 16.63
N LEU D 136 21.48 -66.67 17.08
CA LEU D 136 21.23 -66.89 18.50
C LEU D 136 21.92 -68.18 18.94
N LEU D 137 21.80 -69.22 18.11
CA LEU D 137 22.43 -70.50 18.38
C LEU D 137 23.95 -70.40 18.32
N PHE D 138 24.46 -69.52 17.46
CA PHE D 138 25.91 -69.40 17.30
C PHE D 138 26.54 -68.67 18.49
N LEU D 139 25.98 -67.52 18.86
CA LEU D 139 26.59 -66.73 19.93
C LEU D 139 26.39 -67.39 21.28
N GLN D 140 25.44 -68.31 21.39
CA GLN D 140 25.27 -69.12 22.59
C GLN D 140 26.56 -69.87 22.90
N LYS D 141 27.24 -70.34 21.87
CA LYS D 141 28.31 -71.33 22.03
C LYS D 141 29.68 -70.67 22.23
N SER D 142 29.72 -69.33 22.25
CA SER D 142 30.90 -68.65 22.76
C SER D 142 30.63 -67.80 24.00
N LYS D 143 29.98 -66.64 23.85
CA LYS D 143 29.56 -65.86 25.02
C LYS D 143 28.38 -64.92 24.81
N LYS D 144 28.26 -64.39 23.59
CA LYS D 144 27.43 -63.27 23.17
C LYS D 144 27.91 -61.89 23.66
N HIS D 145 28.76 -61.82 24.67
CA HIS D 145 29.03 -60.52 25.30
C HIS D 145 30.10 -59.72 24.57
N LEU D 146 31.34 -60.20 24.56
CA LEU D 146 32.38 -59.52 23.78
C LEU D 146 32.12 -59.67 22.29
N THR D 147 31.50 -60.79 21.90
CA THR D 147 31.29 -61.07 20.48
C THR D 147 30.31 -60.08 19.85
N ASP D 148 29.30 -59.66 20.60
CA ASP D 148 28.49 -58.53 20.16
C ASP D 148 29.30 -57.24 20.21
N ASN D 149 30.16 -57.10 21.21
CA ASN D 149 31.01 -55.93 21.28
C ASN D 149 32.04 -55.92 20.16
N GLU D 150 32.46 -57.10 19.69
CA GLU D 150 33.29 -57.21 18.52
C GLU D 150 32.49 -57.12 17.23
N PHE D 151 31.18 -57.41 17.28
CA PHE D 151 30.27 -57.18 16.18
C PHE D 151 29.62 -55.81 16.24
N LYS D 152 30.25 -54.83 16.91
CA LYS D 152 29.87 -53.43 16.77
C LYS D 152 30.52 -52.92 15.49
N ASP D 153 29.73 -52.26 14.65
CA ASP D 153 30.19 -51.74 13.37
C ASP D 153 31.40 -50.82 13.61
N PRO D 154 32.62 -51.19 13.16
CA PRO D 154 33.77 -50.30 13.40
C PRO D 154 33.61 -48.93 12.74
N GLU D 155 34.31 -47.94 13.29
CA GLU D 155 34.26 -46.52 12.88
C GLU D 155 32.93 -45.84 13.23
N THR D 156 31.97 -46.58 13.82
CA THR D 156 30.72 -45.99 14.27
C THR D 156 30.32 -46.45 15.67
N GLY D 157 30.64 -47.68 16.04
CA GLY D 157 30.24 -48.25 17.30
C GLY D 157 28.84 -48.84 17.33
N LYS D 158 28.20 -49.00 16.17
CA LYS D 158 26.84 -49.54 16.13
C LYS D 158 26.80 -51.02 16.46
N THR D 159 26.32 -51.36 17.65
CA THR D 159 25.88 -52.73 17.88
C THR D 159 24.63 -53.01 17.05
N CYS D 160 24.23 -54.28 17.03
CA CYS D 160 23.09 -54.68 16.21
C CYS D 160 21.79 -53.98 16.60
N LEU D 161 21.70 -53.48 17.84
CA LEU D 161 20.45 -52.86 18.29
C LEU D 161 20.22 -51.54 17.58
N LEU D 162 21.21 -50.63 17.61
CA LEU D 162 21.07 -49.33 16.96
C LEU D 162 20.82 -49.49 15.47
N LYS D 163 21.43 -50.50 14.86
CA LYS D 163 21.25 -50.75 13.44
C LYS D 163 19.80 -51.06 13.10
N ALA D 164 19.07 -51.65 14.05
CA ALA D 164 17.74 -52.17 13.76
C ALA D 164 16.74 -51.02 13.58
N MET D 165 16.70 -50.10 14.54
CA MET D 165 15.73 -49.01 14.45
C MET D 165 16.06 -48.03 13.34
N LEU D 166 17.30 -48.03 12.85
CA LEU D 166 17.65 -47.21 11.70
C LEU D 166 16.91 -47.67 10.46
N ASN D 167 16.99 -48.97 10.17
CA ASN D 167 16.32 -49.57 9.01
C ASN D 167 15.01 -50.19 9.47
N LEU D 168 14.00 -49.35 9.70
CA LEU D 168 12.67 -49.78 10.10
C LEU D 168 11.77 -49.88 8.87
N HIS D 169 10.62 -50.53 9.05
CA HIS D 169 9.63 -50.67 8.00
C HIS D 169 8.26 -50.61 8.63
N ASP D 170 7.52 -49.52 8.37
CA ASP D 170 6.20 -49.29 8.93
C ASP D 170 6.24 -49.29 10.46
N GLY D 171 7.35 -48.83 11.03
CA GLY D 171 7.46 -48.67 12.47
C GLY D 171 7.85 -49.92 13.22
N GLN D 172 8.42 -50.91 12.52
CA GLN D 172 8.89 -52.12 13.18
C GLN D 172 9.77 -52.90 12.21
N ASN D 173 10.88 -53.42 12.74
CA ASN D 173 11.77 -54.30 11.98
C ASN D 173 11.44 -55.77 12.15
N THR D 174 10.97 -56.17 13.34
CA THR D 174 10.68 -57.54 13.74
C THR D 174 11.94 -58.33 14.07
N THR D 175 13.12 -57.71 13.89
CA THR D 175 14.34 -58.24 14.51
C THR D 175 14.58 -57.59 15.87
N ILE D 176 13.98 -56.44 16.12
CA ILE D 176 14.17 -55.72 17.38
C ILE D 176 13.62 -56.57 18.52
N PRO D 177 12.42 -57.17 18.44
CA PRO D 177 12.02 -58.10 19.49
C PRO D 177 12.98 -59.27 19.64
N LEU D 178 13.46 -59.82 18.52
CA LEU D 178 14.37 -60.96 18.58
C LEU D 178 15.70 -60.58 19.20
N LEU D 179 16.30 -59.47 18.72
CA LEU D 179 17.61 -59.09 19.23
C LEU D 179 17.59 -58.80 20.72
N LEU D 180 16.42 -58.43 21.25
CA LEU D 180 16.26 -58.34 22.70
C LEU D 180 16.19 -59.72 23.34
N GLU D 181 15.65 -60.70 22.61
CA GLU D 181 15.55 -62.06 23.13
C GLU D 181 16.92 -62.71 23.26
N ILE D 182 17.83 -62.41 22.33
CA ILE D 182 19.19 -62.93 22.39
C ILE D 182 19.88 -62.34 23.62
N ALA D 183 19.50 -61.13 24.02
CA ALA D 183 20.24 -60.40 25.04
C ALA D 183 19.68 -60.64 26.44
N ARG D 184 18.42 -61.08 26.54
CA ARG D 184 17.81 -61.30 27.86
C ARG D 184 18.12 -62.70 28.37
N GLN D 185 18.05 -63.72 27.50
CA GLN D 185 18.42 -65.07 27.90
C GLN D 185 19.91 -65.13 28.21
N THR D 186 20.71 -64.84 27.20
CA THR D 186 22.16 -64.85 27.35
C THR D 186 22.60 -63.56 28.04
N ASP D 187 23.58 -63.68 28.93
CA ASP D 187 23.88 -62.68 29.95
C ASP D 187 24.24 -61.31 29.34
N SER D 188 24.27 -60.27 30.18
CA SER D 188 24.66 -58.91 29.81
C SER D 188 23.71 -58.26 28.80
N LEU D 189 22.47 -58.03 29.21
CA LEU D 189 21.50 -57.25 28.43
C LEU D 189 21.81 -55.76 28.40
N LYS D 190 22.42 -55.23 29.46
CA LYS D 190 22.61 -53.78 29.56
C LYS D 190 23.51 -53.26 28.45
N GLU D 191 24.57 -53.99 28.13
CA GLU D 191 25.58 -53.50 27.21
C GLU D 191 25.11 -53.49 25.76
N LEU D 192 23.87 -53.91 25.49
CA LEU D 192 23.28 -53.75 24.16
C LEU D 192 22.44 -52.47 24.10
N VAL D 193 21.73 -52.16 25.18
CA VAL D 193 20.84 -50.99 25.19
C VAL D 193 21.58 -49.74 25.65
N ASN D 194 22.50 -49.88 26.61
CA ASN D 194 23.32 -48.76 27.03
C ASN D 194 24.37 -48.43 25.98
N ALA D 195 24.59 -49.35 25.04
CA ALA D 195 25.54 -49.10 23.96
C ALA D 195 25.10 -47.92 23.12
N SER D 196 26.06 -47.35 22.40
CA SER D 196 25.83 -46.17 21.58
C SER D 196 26.86 -46.16 20.47
N TYR D 197 26.79 -45.12 19.64
CA TYR D 197 27.86 -44.87 18.70
C TYR D 197 29.15 -44.58 19.46
N THR D 198 30.29 -44.99 18.89
CA THR D 198 31.58 -44.72 19.50
C THR D 198 32.25 -43.50 18.90
N ASP D 199 31.90 -43.13 17.67
CA ASP D 199 32.55 -42.01 16.99
C ASP D 199 32.30 -40.71 17.74
N SER D 200 33.23 -39.78 17.59
CA SER D 200 33.11 -38.46 18.20
C SER D 200 31.96 -37.65 17.61
N TYR D 201 31.43 -38.05 16.46
CA TYR D 201 30.41 -37.27 15.76
C TYR D 201 28.99 -37.67 16.13
N TYR D 202 28.79 -38.91 16.60
CA TYR D 202 27.53 -39.32 17.23
C TYR D 202 27.75 -39.82 18.65
N LYS D 203 28.76 -39.28 19.33
CA LYS D 203 29.17 -39.75 20.64
C LYS D 203 28.03 -39.71 21.65
N GLY D 204 27.59 -40.88 22.10
CA GLY D 204 26.62 -40.99 23.16
C GLY D 204 25.18 -41.17 22.71
N GLN D 205 24.95 -41.20 21.40
CA GLN D 205 23.61 -41.40 20.87
C GLN D 205 23.23 -42.86 21.04
N THR D 206 22.57 -43.15 22.15
CA THR D 206 22.07 -44.48 22.40
C THR D 206 20.90 -44.77 21.46
N ALA D 207 20.56 -46.06 21.36
CA ALA D 207 19.42 -46.49 20.56
C ALA D 207 18.11 -45.90 21.05
N LEU D 208 18.04 -45.46 22.31
CA LEU D 208 16.83 -44.84 22.83
C LEU D 208 16.56 -43.51 22.11
N HIS D 209 17.61 -42.79 21.74
CA HIS D 209 17.45 -41.55 21.01
C HIS D 209 16.82 -41.80 19.64
N ILE D 210 17.14 -42.95 19.04
CA ILE D 210 16.64 -43.26 17.69
C ILE D 210 15.13 -43.37 17.70
N ALA D 211 14.59 -44.12 18.66
CA ALA D 211 13.15 -44.34 18.72
C ALA D 211 12.39 -43.03 18.92
N ILE D 212 13.03 -42.05 19.57
CA ILE D 212 12.37 -40.78 19.86
C ILE D 212 12.31 -39.93 18.60
N GLU D 213 13.30 -40.04 17.72
CA GLU D 213 13.28 -39.25 16.50
C GLU D 213 12.34 -39.86 15.46
N ARG D 214 12.26 -41.19 15.42
CA ARG D 214 11.44 -41.87 14.43
C ARG D 214 9.96 -41.93 14.82
N ARG D 215 9.60 -41.29 15.94
CA ARG D 215 8.22 -41.21 16.39
C ARG D 215 7.60 -42.59 16.56
N ASN D 216 8.28 -43.48 17.28
CA ASN D 216 7.78 -44.81 17.58
C ASN D 216 7.57 -44.84 19.09
N MET D 217 6.33 -44.60 19.51
CA MET D 217 5.98 -44.67 20.93
C MET D 217 6.32 -46.04 21.51
N ALA D 218 6.08 -47.10 20.73
CA ALA D 218 6.28 -48.45 21.23
C ALA D 218 7.74 -48.70 21.60
N LEU D 219 8.65 -48.46 20.66
CA LEU D 219 10.06 -48.80 20.88
C LEU D 219 10.64 -48.02 22.04
N VAL D 220 10.09 -46.85 22.35
CA VAL D 220 10.48 -46.14 23.56
C VAL D 220 10.04 -46.93 24.78
N THR D 221 8.86 -47.53 24.72
CA THR D 221 8.40 -48.40 25.79
C THR D 221 9.26 -49.65 25.89
N LEU D 222 9.50 -50.32 24.75
CA LEU D 222 10.21 -51.59 24.76
C LEU D 222 11.61 -51.45 25.34
N LEU D 223 12.33 -50.41 24.93
CA LEU D 223 13.73 -50.29 25.34
C LEU D 223 13.86 -49.90 26.80
N VAL D 224 12.98 -49.04 27.31
CA VAL D 224 13.10 -48.56 28.67
C VAL D 224 12.74 -49.66 29.66
N GLU D 225 11.94 -50.62 29.22
CA GLU D 225 11.72 -51.83 30.01
C GLU D 225 13.02 -52.57 30.27
N ASN D 226 13.85 -52.69 29.23
CA ASN D 226 15.07 -53.50 29.27
C ASN D 226 16.29 -52.69 29.70
N GLY D 227 16.10 -51.64 30.48
CA GLY D 227 17.16 -50.71 30.85
C GLY D 227 17.07 -49.42 30.02
N ALA D 228 18.05 -49.20 29.15
CA ALA D 228 18.01 -48.08 28.21
C ALA D 228 17.91 -46.76 28.95
N ASP D 229 18.98 -46.39 29.65
CA ASP D 229 19.06 -45.18 30.46
C ASP D 229 18.48 -43.95 29.77
N VAL D 230 17.57 -43.25 30.46
CA VAL D 230 16.90 -42.08 29.92
C VAL D 230 17.71 -40.82 30.15
N GLN D 231 18.98 -40.97 30.58
CA GLN D 231 19.87 -39.84 30.81
C GLN D 231 21.14 -39.95 29.99
N ALA D 232 21.08 -40.64 28.85
CA ALA D 232 22.24 -40.81 28.00
C ALA D 232 22.51 -39.54 27.21
N ALA D 233 23.73 -39.00 27.39
CA ALA D 233 24.11 -37.72 26.82
C ALA D 233 24.62 -37.93 25.40
N ALA D 234 23.83 -37.52 24.41
CA ALA D 234 24.25 -37.56 23.01
C ALA D 234 25.24 -36.42 22.79
N HIS D 235 26.51 -36.69 23.14
CA HIS D 235 27.53 -35.64 23.13
C HIS D 235 27.85 -35.16 21.72
N GLY D 236 27.73 -36.02 20.73
CA GLY D 236 28.36 -35.86 19.43
C GLY D 236 28.25 -34.52 18.75
N ASP D 237 29.21 -34.21 17.87
CA ASP D 237 29.29 -32.91 17.22
C ASP D 237 28.04 -32.60 16.42
N PHE D 238 27.36 -33.64 15.93
CA PHE D 238 26.04 -33.50 15.33
C PHE D 238 25.05 -32.92 16.34
N PHE D 239 25.27 -33.21 17.62
CA PHE D 239 24.34 -32.90 18.69
C PHE D 239 24.81 -31.72 19.56
N LYS D 240 25.75 -30.92 19.06
CA LYS D 240 26.28 -29.79 19.80
C LYS D 240 25.71 -28.49 19.23
N LYS D 241 26.11 -27.37 19.83
CA LYS D 241 25.62 -26.04 19.45
C LYS D 241 25.83 -25.80 17.96
N THR D 242 25.10 -24.80 17.41
CA THR D 242 24.84 -24.62 15.99
C THR D 242 26.02 -24.95 15.07
N LYS D 243 27.23 -24.51 15.43
CA LYS D 243 28.49 -24.91 14.80
C LYS D 243 28.68 -24.36 13.40
N GLY D 244 27.68 -23.72 12.80
CA GLY D 244 27.75 -23.36 11.41
C GLY D 244 27.85 -24.55 10.45
N ARG D 245 27.51 -25.74 10.93
CA ARG D 245 27.56 -26.98 10.17
C ARG D 245 26.23 -27.71 10.33
N PRO D 246 25.97 -28.74 9.52
CA PRO D 246 24.72 -29.48 9.66
C PRO D 246 24.60 -30.14 11.03
N GLY D 247 23.40 -30.06 11.60
CA GLY D 247 23.16 -30.63 12.91
C GLY D 247 21.85 -30.20 13.50
N PHE D 248 21.39 -30.91 14.53
CA PHE D 248 20.19 -30.56 15.28
C PHE D 248 20.51 -30.63 16.76
N TYR D 249 20.54 -29.48 17.41
CA TYR D 249 20.71 -29.41 18.85
C TYR D 249 19.35 -29.47 19.52
N PHE D 250 19.20 -30.43 20.43
CA PHE D 250 18.00 -30.53 21.26
C PHE D 250 18.27 -30.47 22.75
N GLY D 251 19.50 -30.66 23.21
CA GLY D 251 19.84 -30.68 24.61
C GLY D 251 20.50 -31.96 25.07
N GLU D 252 20.86 -32.83 24.13
CA GLU D 252 21.72 -34.00 24.36
C GLU D 252 21.08 -35.12 25.18
N LEU D 253 19.90 -34.87 25.76
CA LEU D 253 19.26 -35.84 26.65
C LEU D 253 17.94 -36.28 26.04
N PRO D 254 17.56 -37.56 26.20
CA PRO D 254 16.36 -38.03 25.48
C PRO D 254 15.07 -37.31 25.85
N LEU D 255 14.96 -36.77 27.05
CA LEU D 255 13.76 -36.03 27.41
C LEU D 255 13.66 -34.73 26.62
N SER D 256 14.81 -34.12 26.34
CA SER D 256 14.82 -32.87 25.59
C SER D 256 14.57 -33.13 24.10
N LEU D 257 14.98 -34.31 23.62
CA LEU D 257 14.68 -34.71 22.25
C LEU D 257 13.17 -34.81 22.03
N ALA D 258 12.48 -35.42 22.98
CA ALA D 258 11.03 -35.59 22.85
C ALA D 258 10.32 -34.25 22.90
N ALA D 259 10.79 -33.35 23.77
CA ALA D 259 10.17 -32.04 23.88
C ALA D 259 10.35 -31.23 22.61
N CYS D 260 11.52 -31.35 21.97
CA CYS D 260 11.83 -30.60 20.77
C CYS D 260 11.40 -31.30 19.49
N THR D 261 10.65 -32.41 19.60
CA THR D 261 10.25 -33.23 18.47
C THR D 261 8.74 -33.29 18.28
N ASN D 262 7.97 -32.62 19.14
CA ASN D 262 6.52 -32.76 19.23
C ASN D 262 6.17 -34.21 19.51
N GLN D 263 6.64 -34.67 20.67
CA GLN D 263 6.28 -35.93 21.25
C GLN D 263 5.95 -35.67 22.71
N LEU D 264 4.73 -35.21 22.97
CA LEU D 264 4.31 -34.95 24.34
C LEU D 264 3.98 -36.24 25.07
N GLY D 265 3.48 -37.24 24.35
CA GLY D 265 3.27 -38.54 24.93
C GLY D 265 4.56 -39.14 25.46
N ILE D 266 5.66 -38.93 24.73
CA ILE D 266 6.93 -39.50 25.15
C ILE D 266 7.53 -38.70 26.29
N VAL D 267 7.17 -37.42 26.41
CA VAL D 267 7.57 -36.65 27.59
C VAL D 267 6.95 -37.24 28.83
N LYS D 268 5.62 -37.30 28.86
CA LYS D 268 4.93 -37.78 30.06
C LYS D 268 5.29 -39.22 30.38
N PHE D 269 5.61 -40.01 29.35
CA PHE D 269 6.02 -41.40 29.59
C PHE D 269 7.33 -41.47 30.34
N LEU D 270 8.35 -40.77 29.83
CA LEU D 270 9.70 -40.90 30.39
C LEU D 270 9.79 -40.39 31.82
N LEU D 271 8.80 -39.61 32.28
CA LEU D 271 8.82 -39.13 33.65
C LEU D 271 8.06 -40.06 34.60
N GLN D 272 6.96 -40.68 34.13
CA GLN D 272 6.22 -41.68 34.90
C GLN D 272 5.93 -42.88 33.99
N ASN D 273 6.92 -43.78 33.86
CA ASN D 273 6.72 -44.97 33.03
C ASN D 273 6.35 -46.20 33.85
N SER D 274 7.31 -46.94 34.39
CA SER D 274 7.24 -47.59 35.69
C SER D 274 8.61 -47.71 36.36
N TRP D 275 9.69 -47.71 35.55
CA TRP D 275 10.99 -48.27 35.91
C TRP D 275 12.03 -47.18 36.20
N GLN D 276 12.31 -46.34 35.21
CA GLN D 276 13.34 -45.31 35.31
C GLN D 276 12.75 -44.01 34.81
N THR D 277 12.72 -43.00 35.67
CA THR D 277 12.08 -41.72 35.38
C THR D 277 13.14 -40.71 34.95
N ALA D 278 12.85 -39.98 33.88
CA ALA D 278 13.76 -38.94 33.43
C ALA D 278 13.88 -37.85 34.47
N ASP D 279 14.97 -37.09 34.41
CA ASP D 279 15.21 -35.99 35.33
C ASP D 279 14.91 -34.67 34.62
N ILE D 280 13.79 -34.05 35.02
CA ILE D 280 13.47 -32.69 34.59
C ILE D 280 14.64 -31.73 34.86
N SER D 281 15.39 -31.95 35.94
CA SER D 281 16.40 -30.99 36.36
C SER D 281 17.76 -31.22 35.72
N ALA D 282 17.95 -32.33 34.99
CA ALA D 282 19.29 -32.68 34.51
C ALA D 282 19.77 -31.72 33.44
N ARG D 283 21.08 -31.68 33.26
CA ARG D 283 21.75 -30.73 32.39
C ARG D 283 22.56 -31.46 31.33
N ASP D 284 22.81 -30.76 30.22
CA ASP D 284 23.63 -31.27 29.13
C ASP D 284 25.08 -30.84 29.31
N SER D 285 25.89 -31.03 28.27
CA SER D 285 27.30 -30.65 28.29
C SER D 285 27.44 -29.15 28.50
N VAL D 286 26.58 -28.36 27.85
CA VAL D 286 26.64 -26.91 27.95
C VAL D 286 25.76 -26.41 29.10
N GLY D 287 25.31 -27.31 29.97
CA GLY D 287 24.52 -26.92 31.11
C GLY D 287 23.06 -26.67 30.85
N ASN D 288 22.64 -26.64 29.58
CA ASN D 288 21.25 -26.35 29.26
C ASN D 288 20.37 -27.49 29.72
N THR D 289 19.40 -27.16 30.57
CA THR D 289 18.35 -28.10 30.94
C THR D 289 17.39 -28.28 29.78
N VAL D 290 16.29 -29.01 29.99
CA VAL D 290 15.30 -29.17 28.94
C VAL D 290 14.74 -27.81 28.54
N LEU D 291 14.42 -26.95 29.51
CA LEU D 291 13.76 -25.69 29.18
C LEU D 291 14.69 -24.74 28.44
N HIS D 292 15.95 -24.68 28.86
CA HIS D 292 16.95 -23.98 28.07
C HIS D 292 16.98 -24.50 26.64
N ALA D 293 16.85 -25.82 26.48
CA ALA D 293 16.92 -26.41 25.15
C ALA D 293 15.65 -26.11 24.35
N LEU D 294 14.53 -25.87 25.03
CA LEU D 294 13.35 -25.38 24.32
C LEU D 294 13.57 -23.96 23.82
N VAL D 295 14.51 -23.23 24.42
CA VAL D 295 14.79 -21.87 23.98
C VAL D 295 15.78 -21.87 22.82
N GLU D 296 16.83 -22.68 22.92
CA GLU D 296 17.80 -22.81 21.84
C GLU D 296 17.16 -23.27 20.55
N VAL D 297 16.10 -24.07 20.63
CA VAL D 297 15.50 -24.65 19.44
C VAL D 297 14.48 -23.71 18.79
N ALA D 298 14.01 -22.70 19.51
CA ALA D 298 13.06 -21.75 18.94
C ALA D 298 13.71 -20.95 17.83
N ASP D 299 12.92 -20.59 16.82
CA ASP D 299 13.41 -19.94 15.61
C ASP D 299 12.50 -18.80 15.13
N ASN D 300 11.63 -18.30 16.00
CA ASN D 300 10.84 -17.10 15.75
C ASN D 300 9.85 -17.27 14.59
N THR D 301 9.49 -18.50 14.27
CA THR D 301 8.40 -18.79 13.35
C THR D 301 7.18 -19.23 14.14
N ALA D 302 6.00 -19.04 13.55
CA ALA D 302 4.76 -19.15 14.30
C ALA D 302 4.50 -20.59 14.74
N ASP D 303 4.74 -21.55 13.85
CA ASP D 303 4.44 -22.94 14.16
C ASP D 303 5.40 -23.49 15.22
N ASN D 304 6.67 -23.07 15.14
CA ASN D 304 7.63 -23.37 16.19
C ASN D 304 7.24 -22.67 17.48
N THR D 305 6.85 -21.39 17.37
CA THR D 305 6.47 -20.63 18.56
C THR D 305 5.19 -21.16 19.17
N LYS D 306 4.24 -21.56 18.34
CA LYS D 306 3.01 -22.19 18.81
C LYS D 306 3.37 -23.43 19.61
N PHE D 307 4.35 -24.19 19.12
CA PHE D 307 4.69 -25.46 19.75
C PHE D 307 5.52 -25.27 21.02
N VAL D 308 6.69 -24.63 20.88
CA VAL D 308 7.65 -24.54 21.97
C VAL D 308 7.01 -23.93 23.20
N THR D 309 6.12 -22.97 23.00
CA THR D 309 5.42 -22.36 24.11
C THR D 309 4.41 -23.33 24.72
N SER D 310 3.79 -24.15 23.88
CA SER D 310 2.95 -25.23 24.37
C SER D 310 3.76 -26.24 25.18
N MET D 311 4.89 -26.68 24.62
CA MET D 311 5.71 -27.69 25.28
C MET D 311 6.47 -27.09 26.46
N TYR D 312 6.82 -25.80 26.38
CA TYR D 312 7.42 -25.13 27.53
C TYR D 312 6.46 -25.18 28.71
N ASN D 313 5.17 -25.02 28.43
CA ASN D 313 4.16 -25.07 29.49
C ASN D 313 4.15 -26.42 30.17
N GLU D 314 4.09 -27.50 29.39
CA GLU D 314 3.75 -28.82 29.91
C GLU D 314 4.83 -29.37 30.84
N ILE D 315 6.09 -29.33 30.42
CA ILE D 315 7.17 -29.74 31.33
C ILE D 315 7.22 -28.81 32.53
N LEU D 316 6.99 -27.52 32.30
CA LEU D 316 7.02 -26.56 33.38
C LEU D 316 5.85 -26.79 34.33
N MET D 317 4.70 -27.20 33.79
CA MET D 317 3.59 -27.64 34.63
C MET D 317 3.86 -28.99 35.27
N LEU D 318 4.40 -29.95 34.49
CA LEU D 318 4.75 -31.26 35.03
C LEU D 318 5.71 -31.14 36.20
N GLY D 319 6.63 -30.17 36.17
CA GLY D 319 7.58 -30.04 37.24
C GLY D 319 7.00 -29.49 38.53
N ALA D 320 5.69 -29.18 38.53
CA ALA D 320 4.99 -28.90 39.78
C ALA D 320 4.28 -30.14 40.31
N LYS D 321 3.81 -31.00 39.41
CA LYS D 321 3.26 -32.29 39.85
C LYS D 321 4.35 -33.14 40.49
N LEU D 322 5.41 -33.43 39.74
CA LEU D 322 6.61 -34.09 40.25
C LEU D 322 7.62 -33.00 40.62
N HIS D 323 8.32 -33.21 41.74
CA HIS D 323 9.32 -32.26 42.24
C HIS D 323 8.69 -30.89 42.44
N PRO D 324 7.79 -30.73 43.40
CA PRO D 324 7.01 -29.49 43.51
C PRO D 324 7.74 -28.32 44.17
N THR D 325 9.05 -28.44 44.40
CA THR D 325 9.79 -27.44 45.17
C THR D 325 11.11 -27.06 44.49
N LEU D 326 11.08 -26.78 43.19
CA LEU D 326 12.30 -26.63 42.40
C LEU D 326 12.45 -25.26 41.73
N LYS D 327 11.40 -24.77 41.07
CA LYS D 327 11.49 -23.57 40.23
C LYS D 327 12.52 -23.72 39.13
N LEU D 328 12.24 -24.58 38.14
CA LEU D 328 13.12 -24.82 36.99
C LEU D 328 13.66 -23.55 36.34
N GLU D 329 12.82 -22.55 36.14
CA GLU D 329 13.23 -21.34 35.44
C GLU D 329 14.36 -20.59 36.13
N GLU D 330 14.61 -20.84 37.40
CA GLU D 330 15.76 -20.28 38.09
C GLU D 330 17.05 -21.02 37.81
N LEU D 331 17.00 -22.15 37.10
CA LEU D 331 18.20 -22.91 36.83
C LEU D 331 19.07 -22.21 35.80
N THR D 332 20.36 -22.15 36.07
CA THR D 332 21.32 -21.44 35.24
C THR D 332 22.30 -22.42 34.63
N ASN D 333 22.55 -22.26 33.33
CA ASN D 333 23.45 -23.14 32.59
C ASN D 333 24.90 -22.75 32.88
N LYS D 334 25.84 -23.29 32.10
CA LYS D 334 27.25 -22.99 32.28
C LYS D 334 27.52 -21.50 32.13
N LYS D 335 26.79 -20.84 31.23
CA LYS D 335 26.94 -19.41 31.01
C LYS D 335 26.09 -18.59 31.96
N GLY D 336 25.54 -19.22 33.01
CA GLY D 336 24.81 -18.50 34.02
C GLY D 336 23.47 -17.97 33.55
N MET D 337 22.94 -18.53 32.48
CA MET D 337 21.75 -18.01 31.82
C MET D 337 20.55 -18.87 32.17
N THR D 338 19.44 -18.22 32.52
CA THR D 338 18.17 -18.89 32.71
C THR D 338 17.47 -19.07 31.38
N PRO D 339 16.38 -19.84 31.34
CA PRO D 339 15.64 -19.95 30.07
C PRO D 339 15.02 -18.64 29.62
N LEU D 340 14.67 -17.77 30.56
CA LEU D 340 14.13 -16.47 30.19
C LEU D 340 15.22 -15.56 29.63
N ALA D 341 16.34 -15.46 30.35
CA ALA D 341 17.43 -14.62 29.88
C ALA D 341 18.04 -15.16 28.60
N LEU D 342 18.04 -16.49 28.44
CA LEU D 342 18.55 -17.09 27.22
C LEU D 342 17.61 -16.84 26.05
N ALA D 343 16.32 -16.68 26.33
CA ALA D 343 15.37 -16.31 25.29
C ALA D 343 15.54 -14.85 24.91
N ALA D 344 15.97 -14.03 25.86
CA ALA D 344 16.15 -12.61 25.62
C ALA D 344 17.54 -12.31 25.05
N GLY D 345 18.55 -13.08 25.42
CA GLY D 345 19.88 -12.89 24.88
C GLY D 345 20.04 -13.43 23.48
N THR D 346 19.17 -14.37 23.10
CA THR D 346 19.22 -15.04 21.82
C THR D 346 18.12 -14.60 20.87
N GLY D 347 17.33 -13.59 21.24
CA GLY D 347 16.37 -13.02 20.32
C GLY D 347 15.06 -13.74 20.21
N LYS D 348 14.65 -14.48 21.25
CA LYS D 348 13.51 -15.37 21.16
C LYS D 348 12.29 -14.69 21.77
N ILE D 349 11.61 -13.94 20.90
CA ILE D 349 10.53 -13.05 21.32
C ILE D 349 9.26 -13.83 21.60
N GLY D 350 9.01 -14.91 20.86
CA GLY D 350 7.80 -15.68 21.08
C GLY D 350 7.83 -16.42 22.39
N VAL D 351 8.98 -17.01 22.71
CA VAL D 351 9.16 -17.66 24.00
C VAL D 351 9.15 -16.62 25.10
N LEU D 352 9.84 -15.49 24.88
CA LEU D 352 9.84 -14.39 25.83
C LEU D 352 8.43 -13.89 26.08
N ALA D 353 7.67 -13.65 25.03
CA ALA D 353 6.26 -13.27 25.17
C ALA D 353 5.48 -14.33 25.95
N TYR D 354 5.78 -15.60 25.71
CA TYR D 354 5.05 -16.63 26.45
C TYR D 354 5.41 -16.58 27.93
N ILE D 355 6.71 -16.56 28.23
CA ILE D 355 7.16 -16.64 29.62
C ILE D 355 6.65 -15.45 30.41
N LEU D 356 6.59 -14.28 29.78
CA LEU D 356 6.23 -13.05 30.47
C LEU D 356 4.72 -12.87 30.66
N GLN D 357 3.90 -13.14 29.63
CA GLN D 357 2.45 -13.12 29.77
C GLN D 357 1.88 -14.45 30.23
N ARG D 358 2.69 -15.29 30.86
CA ARG D 358 2.26 -16.64 31.24
C ARG D 358 1.22 -16.55 32.34
N GLU D 359 0.03 -17.05 32.08
CA GLU D 359 -1.02 -17.22 33.09
C GLU D 359 -1.49 -18.68 33.02
N ILE D 360 -1.34 -19.39 34.13
CA ILE D 360 -1.77 -20.77 34.25
C ILE D 360 -2.95 -20.79 35.21
N GLN D 361 -4.08 -21.32 34.75
CA GLN D 361 -5.31 -21.32 35.52
C GLN D 361 -5.45 -22.54 36.43
N GLU D 362 -4.60 -23.56 36.27
CA GLU D 362 -4.76 -24.76 37.07
C GLU D 362 -4.37 -24.45 38.52
N PRO D 363 -5.04 -25.03 39.53
CA PRO D 363 -4.71 -24.65 40.92
C PRO D 363 -3.29 -25.00 41.34
N GLU D 364 -2.87 -26.26 41.21
CA GLU D 364 -1.55 -26.66 41.69
C GLU D 364 -0.42 -26.23 40.76
N CYS D 365 -0.72 -25.57 39.64
CA CYS D 365 0.26 -25.01 38.74
C CYS D 365 0.01 -23.52 38.54
N ARG D 366 -0.63 -22.88 39.52
CA ARG D 366 -0.87 -21.45 39.45
C ARG D 366 0.34 -20.63 39.87
N HIS D 367 1.10 -21.09 40.87
CA HIS D 367 2.31 -20.40 41.27
C HIS D 367 3.30 -20.26 40.13
N LEU D 368 3.24 -21.14 39.15
CA LEU D 368 4.04 -21.05 37.95
C LEU D 368 3.47 -20.04 36.96
N SER D 369 2.28 -19.51 37.21
CA SER D 369 1.81 -18.39 36.41
C SER D 369 2.73 -17.21 36.64
N ARG D 370 2.68 -16.28 35.69
CA ARG D 370 3.45 -15.05 35.81
C ARG D 370 2.63 -13.81 35.50
N LYS D 371 1.56 -13.92 34.72
CA LYS D 371 0.59 -12.85 34.53
C LYS D 371 -0.63 -13.18 35.35
N PHE D 372 -0.86 -12.41 36.40
CA PHE D 372 -1.95 -12.65 37.32
C PHE D 372 -3.05 -11.63 37.05
N THR D 373 -4.16 -11.79 37.76
CA THR D 373 -5.25 -10.83 37.76
C THR D 373 -5.53 -10.52 39.22
N GLU D 374 -5.59 -9.23 39.57
CA GLU D 374 -5.83 -8.83 40.95
C GLU D 374 -7.27 -8.42 41.19
N TRP D 375 -7.99 -7.99 40.16
CA TRP D 375 -9.42 -7.77 40.31
C TRP D 375 -10.03 -7.64 38.94
N ALA D 376 -11.34 -7.86 38.89
CA ALA D 376 -12.08 -7.76 37.64
C ALA D 376 -13.50 -7.34 38.01
N TYR D 377 -13.77 -6.04 37.92
CA TYR D 377 -15.10 -5.50 38.14
C TYR D 377 -15.68 -5.12 36.79
N GLY D 378 -16.38 -6.06 36.17
CA GLY D 378 -17.00 -5.80 34.91
C GLY D 378 -16.01 -6.00 33.78
N PRO D 379 -16.05 -5.16 32.74
CA PRO D 379 -15.05 -5.30 31.67
C PRO D 379 -13.64 -4.99 32.12
N VAL D 380 -13.48 -4.19 33.15
CA VAL D 380 -12.16 -3.83 33.65
C VAL D 380 -11.57 -5.05 34.34
N HIS D 381 -10.27 -5.26 34.17
CA HIS D 381 -9.55 -6.25 34.95
C HIS D 381 -8.10 -5.82 35.05
N SER D 382 -7.58 -5.83 36.27
CA SER D 382 -6.24 -5.34 36.57
C SER D 382 -5.29 -6.53 36.62
N SER D 383 -4.37 -6.59 35.66
CA SER D 383 -3.39 -7.66 35.59
C SER D 383 -2.14 -7.28 36.36
N LEU D 384 -1.45 -8.30 36.86
CA LEU D 384 -0.16 -8.14 37.52
C LEU D 384 0.86 -8.98 36.78
N TYR D 385 1.94 -8.35 36.35
CA TYR D 385 3.09 -9.03 35.78
C TYR D 385 4.20 -9.06 36.81
N ASP D 386 4.70 -10.26 37.11
CA ASP D 386 5.87 -10.40 37.97
C ASP D 386 7.02 -9.60 37.36
N LEU D 387 7.96 -9.17 38.18
CA LEU D 387 9.15 -8.48 37.70
C LEU D 387 10.43 -9.17 38.17
N SER D 388 10.34 -10.44 38.52
CA SER D 388 11.51 -11.25 38.79
C SER D 388 12.33 -11.34 37.51
N CYS D 389 13.62 -11.01 37.62
CA CYS D 389 14.60 -11.17 36.56
C CYS D 389 14.42 -10.19 35.40
N ILE D 390 13.64 -9.13 35.59
CA ILE D 390 13.51 -8.05 34.60
C ILE D 390 14.14 -6.76 35.13
N ASP D 391 13.85 -6.40 36.37
CA ASP D 391 14.37 -5.17 36.95
C ASP D 391 15.85 -5.40 37.25
N THR D 392 16.52 -4.47 37.93
CA THR D 392 17.95 -4.62 38.17
C THR D 392 18.18 -5.78 39.14
N CYS D 393 18.07 -7.00 38.61
CA CYS D 393 18.19 -8.23 39.37
C CYS D 393 19.66 -8.58 39.60
N GLU D 394 19.92 -9.80 40.04
CA GLU D 394 21.28 -10.20 40.42
C GLU D 394 22.14 -10.52 39.22
N LYS D 395 21.76 -11.54 38.43
CA LYS D 395 22.66 -12.09 37.44
C LYS D 395 22.45 -11.48 36.07
N ASN D 396 21.26 -11.64 35.50
CA ASN D 396 20.97 -11.23 34.13
C ASN D 396 19.52 -10.76 34.05
N SER D 397 19.33 -9.46 33.96
CA SER D 397 18.01 -8.90 33.81
C SER D 397 17.58 -8.97 32.34
N VAL D 398 16.30 -9.23 32.13
CA VAL D 398 15.77 -9.28 30.77
C VAL D 398 15.91 -7.94 30.07
N LEU D 399 15.86 -6.84 30.82
CA LEU D 399 16.08 -5.54 30.21
C LEU D 399 17.55 -5.34 29.85
N GLU D 400 18.45 -5.70 30.77
CA GLU D 400 19.88 -5.64 30.46
C GLU D 400 20.25 -6.55 29.30
N VAL D 401 19.78 -7.80 29.34
CA VAL D 401 20.11 -8.76 28.30
C VAL D 401 19.57 -8.31 26.95
N ILE D 402 18.40 -7.66 26.94
CA ILE D 402 17.88 -7.05 25.72
C ILE D 402 18.60 -5.75 25.39
N ALA D 403 18.73 -4.84 26.36
CA ALA D 403 19.31 -3.53 26.12
C ALA D 403 20.79 -3.61 25.79
N TYR D 404 21.53 -4.45 26.52
CA TYR D 404 22.97 -4.59 26.33
C TYR D 404 23.31 -5.80 25.48
N SER D 405 22.49 -6.05 24.47
CA SER D 405 22.68 -7.20 23.59
C SER D 405 23.70 -6.89 22.52
N SER D 406 24.35 -7.94 22.02
CA SER D 406 25.19 -7.81 20.83
C SER D 406 24.29 -7.45 19.65
N SER D 407 24.89 -6.99 18.56
CA SER D 407 24.09 -6.38 17.51
C SER D 407 23.37 -7.39 16.64
N GLU D 408 23.80 -8.66 16.62
CA GLU D 408 23.13 -9.63 15.76
C GLU D 408 21.81 -10.07 16.37
N THR D 409 21.87 -10.84 17.48
CA THR D 409 20.89 -10.96 18.56
C THR D 409 19.47 -10.63 18.13
N PRO D 410 18.86 -11.44 17.25
CA PRO D 410 17.71 -10.97 16.47
C PRO D 410 16.59 -10.38 17.31
N ASN D 411 15.89 -9.43 16.72
CA ASN D 411 14.75 -8.79 17.36
C ASN D 411 15.15 -8.08 18.66
N ARG D 412 16.31 -7.42 18.65
CA ARG D 412 16.66 -6.52 19.74
C ARG D 412 15.57 -5.50 19.96
N HIS D 413 14.99 -5.03 18.86
CA HIS D 413 14.09 -3.91 18.86
C HIS D 413 12.64 -4.32 19.09
N ASP D 414 12.30 -5.59 18.88
CA ASP D 414 10.96 -6.09 19.13
C ASP D 414 10.82 -6.73 20.51
N MET D 415 11.92 -7.17 21.12
CA MET D 415 11.83 -7.83 22.42
C MET D 415 11.31 -6.91 23.52
N LEU D 416 11.37 -5.60 23.33
CA LEU D 416 10.86 -4.66 24.32
C LEU D 416 9.41 -4.26 24.06
N LEU D 417 8.89 -4.53 22.88
CA LEU D 417 7.47 -4.34 22.63
C LEU D 417 6.63 -5.39 23.34
N VAL D 418 7.25 -6.48 23.77
CA VAL D 418 6.59 -7.49 24.59
C VAL D 418 6.15 -6.83 25.89
N GLU D 419 4.85 -6.73 26.10
CA GLU D 419 4.31 -6.25 27.37
C GLU D 419 4.85 -7.12 28.50
N PRO D 420 5.16 -6.56 29.68
CA PRO D 420 5.04 -5.22 30.27
C PRO D 420 6.27 -4.32 30.09
N LEU D 421 7.15 -4.65 29.15
CA LEU D 421 8.46 -4.02 29.09
C LEU D 421 8.37 -2.56 28.64
N ASN D 422 7.47 -2.26 27.70
CA ASN D 422 7.18 -0.86 27.38
C ASN D 422 6.76 -0.10 28.62
N ARG D 423 5.67 -0.54 29.24
CA ARG D 423 5.08 0.15 30.37
C ARG D 423 6.06 0.23 31.53
N LEU D 424 6.87 -0.79 31.71
CA LEU D 424 7.82 -0.81 32.82
C LEU D 424 8.90 0.24 32.65
N LEU D 425 9.40 0.40 31.42
CA LEU D 425 10.39 1.42 31.14
C LEU D 425 9.74 2.80 31.14
N GLN D 426 8.57 2.92 30.52
CA GLN D 426 7.83 4.17 30.56
C GLN D 426 7.42 4.54 31.99
N ASP D 427 7.34 3.55 32.88
CA ASP D 427 7.15 3.83 34.29
C ASP D 427 8.42 4.41 34.90
N LYS D 428 9.55 3.76 34.65
CA LYS D 428 10.84 4.28 35.11
C LYS D 428 11.12 5.65 34.51
N TRP D 429 10.72 5.85 33.26
CA TRP D 429 10.92 7.13 32.61
C TRP D 429 10.16 8.24 33.34
N ASP D 430 8.86 8.07 33.47
CA ASP D 430 8.01 9.10 34.03
C ASP D 430 8.20 9.31 35.53
N ARG D 431 8.91 8.40 36.21
CA ARG D 431 9.07 8.47 37.66
C ARG D 431 10.41 9.01 38.12
N PHE D 432 11.54 8.58 37.53
CA PHE D 432 12.83 9.17 37.90
C PHE D 432 13.77 9.49 36.75
N VAL D 433 13.69 8.78 35.63
CA VAL D 433 14.73 8.96 34.59
C VAL D 433 14.45 10.21 33.77
N LYS D 434 13.19 10.56 33.56
CA LYS D 434 12.87 11.75 32.78
C LYS D 434 13.41 13.01 33.43
N ARG D 435 13.31 13.10 34.75
CA ARG D 435 13.78 14.27 35.47
C ARG D 435 15.30 14.29 35.58
N ILE D 436 15.94 13.14 35.44
CA ILE D 436 17.40 13.05 35.47
C ILE D 436 17.95 13.33 34.08
N PHE D 437 17.32 12.75 33.06
CA PHE D 437 17.76 12.93 31.68
C PHE D 437 17.73 14.39 31.27
N TYR D 438 16.69 15.11 31.69
CA TYR D 438 16.58 16.52 31.34
C TYR D 438 17.60 17.35 32.12
N PHE D 439 18.07 16.84 33.25
CA PHE D 439 19.18 17.47 33.95
C PHE D 439 20.50 17.16 33.25
N ASN D 440 20.59 15.98 32.64
CA ASN D 440 21.75 15.65 31.83
C ASN D 440 21.78 16.49 30.55
N PHE D 441 20.62 16.76 29.96
CA PHE D 441 20.58 17.65 28.80
C PHE D 441 20.95 19.07 29.17
N LEU D 442 20.53 19.52 30.35
CA LEU D 442 20.88 20.86 30.79
C LEU D 442 22.38 21.00 31.03
N VAL D 443 22.95 20.10 31.82
CA VAL D 443 24.36 20.20 32.18
C VAL D 443 25.24 20.03 30.95
N TYR D 444 24.72 19.38 29.91
CA TYR D 444 25.47 19.28 28.67
C TYR D 444 25.34 20.55 27.84
N CYS D 445 24.14 21.15 27.84
CA CYS D 445 23.96 22.43 27.16
C CYS D 445 24.83 23.52 27.78
N LEU D 446 24.82 23.64 29.10
CA LEU D 446 25.70 24.58 29.79
C LEU D 446 27.15 24.32 29.43
N TYR D 447 27.55 23.06 29.44
CA TYR D 447 28.90 22.67 29.06
C TYR D 447 29.23 23.11 27.64
N MET D 448 28.25 23.06 26.75
CA MET D 448 28.45 23.49 25.36
C MET D 448 28.41 25.00 25.23
N ILE D 449 27.68 25.68 26.12
CA ILE D 449 27.66 27.14 26.13
C ILE D 449 28.97 27.68 26.71
N ILE D 450 29.64 26.89 27.53
CA ILE D 450 30.84 27.34 28.22
C ILE D 450 32.09 27.00 27.42
N PHE D 451 32.12 25.83 26.78
CA PHE D 451 33.22 25.50 25.87
C PHE D 451 33.12 26.31 24.58
N THR D 452 32.00 26.97 24.35
CA THR D 452 31.81 27.75 23.14
C THR D 452 32.26 29.20 23.34
N MET D 453 31.96 29.77 24.49
CA MET D 453 32.48 31.10 24.82
C MET D 453 33.97 31.05 25.09
N ALA D 454 34.44 30.02 25.79
CA ALA D 454 35.86 29.86 26.01
C ALA D 454 36.64 29.65 24.72
N ALA D 455 35.95 29.25 23.65
CA ALA D 455 36.54 29.08 22.33
C ALA D 455 36.33 30.29 21.43
N TYR D 456 35.13 30.87 21.46
CA TYR D 456 34.87 32.12 20.74
C TYR D 456 35.81 33.23 21.20
N TYR D 457 36.05 33.31 22.51
CA TYR D 457 36.83 34.39 23.10
C TYR D 457 38.26 33.93 23.35
N ARG D 458 38.79 33.12 22.45
CA ARG D 458 40.14 32.63 22.61
C ARG D 458 41.16 33.72 22.29
N PRO D 459 42.41 33.56 22.73
CA PRO D 459 43.47 34.49 22.30
C PRO D 459 43.77 34.34 20.82
N VAL D 460 44.00 35.48 20.18
CA VAL D 460 44.34 35.56 18.76
C VAL D 460 45.69 36.22 18.56
N ASP D 461 46.57 36.16 19.57
CA ASP D 461 47.88 36.78 19.51
C ASP D 461 48.82 36.03 20.44
N GLY D 462 50.03 35.76 19.96
CA GLY D 462 50.98 34.96 20.70
C GLY D 462 50.70 33.48 20.57
N LEU D 463 51.56 32.68 21.21
CA LEU D 463 51.48 31.23 21.20
C LEU D 463 50.98 30.71 22.54
N PRO D 464 50.41 29.51 22.59
CA PRO D 464 49.86 29.01 23.85
C PRO D 464 50.95 28.43 24.73
N PRO D 465 50.70 28.30 26.05
CA PRO D 465 49.55 28.77 26.80
C PRO D 465 49.59 30.28 27.01
N PHE D 466 48.46 30.86 27.41
CA PHE D 466 48.27 32.31 27.41
C PHE D 466 48.01 32.80 28.81
N LYS D 467 48.87 33.71 29.28
CA LYS D 467 48.74 34.30 30.60
C LYS D 467 47.45 35.10 30.71
N MET D 468 47.08 35.42 31.96
CA MET D 468 45.85 36.12 32.26
C MET D 468 46.13 37.58 32.63
N GLU D 469 45.34 38.49 32.05
CA GLU D 469 45.50 39.92 32.28
C GLU D 469 44.30 40.55 32.98
N LYS D 470 43.12 40.41 32.38
CA LYS D 470 41.92 41.13 32.82
C LYS D 470 40.91 40.18 33.43
N THR D 471 39.78 40.72 33.89
CA THR D 471 38.75 39.90 34.49
C THR D 471 38.04 39.05 33.44
N GLY D 472 37.79 39.61 32.25
CA GLY D 472 37.20 38.83 31.18
C GLY D 472 38.06 37.64 30.79
N ASP D 473 39.37 37.75 31.02
CA ASP D 473 40.27 36.65 30.70
C ASP D 473 40.34 35.66 31.86
N TYR D 474 39.80 36.02 33.03
CA TYR D 474 39.67 35.08 34.13
C TYR D 474 38.45 34.18 33.93
N PHE D 475 37.33 34.78 33.49
CA PHE D 475 36.10 34.01 33.30
C PHE D 475 36.31 32.87 32.31
N ARG D 476 37.05 33.12 31.23
CA ARG D 476 37.23 32.08 30.21
C ARG D 476 38.03 30.91 30.76
N VAL D 477 39.01 31.17 31.62
CA VAL D 477 39.81 30.08 32.15
C VAL D 477 38.95 29.18 33.03
N THR D 478 38.05 29.77 33.80
CA THR D 478 37.02 28.99 34.46
C THR D 478 36.21 28.21 33.44
N GLY D 479 36.00 28.80 32.26
CA GLY D 479 35.32 28.09 31.19
C GLY D 479 36.21 27.10 30.47
N GLU D 480 37.53 27.37 30.44
CA GLU D 480 38.46 26.45 29.80
C GLU D 480 38.81 25.27 30.70
N ILE D 481 39.13 25.54 31.97
CA ILE D 481 39.34 24.46 32.93
C ILE D 481 38.10 23.57 32.98
N LEU D 482 36.96 24.17 33.33
CA LEU D 482 35.69 23.45 33.42
C LEU D 482 35.34 22.73 32.13
N SER D 483 35.83 23.21 30.99
CA SER D 483 35.55 22.55 29.72
C SER D 483 36.38 21.28 29.55
N VAL D 484 37.61 21.30 30.06
CA VAL D 484 38.44 20.10 29.99
C VAL D 484 37.91 19.03 30.94
N LEU D 485 37.27 19.44 32.03
CA LEU D 485 36.72 18.48 32.98
C LEU D 485 35.71 17.56 32.32
N GLY D 486 34.83 18.13 31.50
CA GLY D 486 33.86 17.32 30.80
C GLY D 486 34.50 16.37 29.81
N GLY D 487 35.58 16.82 29.16
CA GLY D 487 36.30 15.94 28.27
C GLY D 487 36.91 14.77 29.02
N VAL D 488 37.46 15.03 30.20
CA VAL D 488 37.91 13.95 31.07
C VAL D 488 36.72 13.09 31.48
N TYR D 489 35.58 13.73 31.77
CA TYR D 489 34.38 12.98 32.14
C TYR D 489 33.90 12.10 30.99
N PHE D 490 33.65 12.69 29.82
CA PHE D 490 33.20 11.91 28.68
C PHE D 490 34.29 10.97 28.16
N PHE D 491 35.53 11.13 28.60
CA PHE D 491 36.58 10.19 28.24
C PHE D 491 36.47 8.91 29.06
N PHE D 492 36.28 9.05 30.37
CA PHE D 492 36.16 7.87 31.22
C PHE D 492 34.84 7.16 31.01
N ARG D 493 33.76 7.89 30.73
CA ARG D 493 32.48 7.25 30.44
C ARG D 493 32.58 6.38 29.19
N GLY D 494 33.55 6.65 28.33
CA GLY D 494 33.80 5.78 27.20
C GLY D 494 34.72 4.63 27.54
N ILE D 495 35.55 4.79 28.57
CA ILE D 495 36.34 3.66 29.07
C ILE D 495 35.47 2.73 29.90
N GLN D 496 34.59 3.31 30.73
CA GLN D 496 33.62 2.50 31.46
C GLN D 496 32.76 1.68 30.50
N TYR D 497 32.20 2.32 29.49
CA TYR D 497 31.42 1.64 28.46
C TYR D 497 32.21 0.52 27.78
N PHE D 498 33.54 0.66 27.76
CA PHE D 498 34.39 -0.35 27.15
C PHE D 498 34.57 -1.55 28.07
N LEU D 499 34.91 -1.29 29.34
CA LEU D 499 35.22 -2.35 30.28
C LEU D 499 33.99 -2.91 30.99
N GLN D 500 32.92 -2.13 31.12
CA GLN D 500 31.67 -2.65 31.66
C GLN D 500 30.95 -3.58 30.70
N ARG D 501 31.27 -3.50 29.40
CA ARG D 501 30.64 -4.29 28.36
C ARG D 501 31.60 -5.22 27.65
N ARG D 502 32.83 -4.78 27.37
CA ARG D 502 33.76 -5.46 26.49
C ARG D 502 33.10 -5.71 25.14
N PRO D 503 32.78 -4.65 24.38
CA PRO D 503 32.19 -4.85 23.06
C PRO D 503 33.24 -5.28 22.05
N SER D 504 32.84 -6.20 21.18
CA SER D 504 33.72 -6.65 20.11
C SER D 504 34.01 -5.51 19.16
N MET D 505 35.03 -5.70 18.31
CA MET D 505 35.39 -4.72 17.30
C MET D 505 34.18 -4.41 16.42
N LYS D 506 33.38 -5.43 16.11
CA LYS D 506 32.17 -5.23 15.32
C LYS D 506 31.18 -4.33 16.06
N THR D 507 30.71 -4.77 17.22
CA THR D 507 29.74 -4.05 18.03
C THR D 507 30.22 -2.63 18.31
N LEU D 508 31.52 -2.46 18.44
CA LEU D 508 32.12 -1.16 18.68
C LEU D 508 31.81 -0.14 17.59
N PHE D 509 31.68 -0.57 16.33
CA PHE D 509 31.50 0.36 15.21
C PHE D 509 30.12 0.33 14.58
N VAL D 510 29.17 -0.49 15.07
CA VAL D 510 27.96 -0.79 14.31
C VAL D 510 26.68 -0.50 15.10
N ASP D 511 26.77 -0.35 16.43
CA ASP D 511 25.60 0.05 17.21
C ASP D 511 25.88 1.04 18.32
N SER D 512 27.13 1.42 18.51
CA SER D 512 27.55 2.30 19.61
C SER D 512 27.81 3.72 19.12
N TYR D 513 26.96 4.22 18.24
CA TYR D 513 27.26 5.43 17.50
C TYR D 513 27.28 6.65 18.40
N SER D 514 26.65 6.57 19.57
CA SER D 514 26.70 7.67 20.51
C SER D 514 28.04 7.71 21.24
N GLU D 515 28.35 6.62 21.97
CA GLU D 515 29.55 6.56 22.77
C GLU D 515 30.81 6.81 21.96
N MET D 516 30.78 6.47 20.67
CA MET D 516 31.88 6.82 19.79
C MET D 516 32.03 8.34 19.69
N LEU D 517 30.91 9.06 19.59
CA LEU D 517 30.97 10.47 19.23
C LEU D 517 31.08 11.37 20.45
N PHE D 518 30.82 10.86 21.66
CA PHE D 518 31.17 11.58 22.87
C PHE D 518 32.62 11.31 23.27
N PHE D 519 33.07 10.07 23.12
CA PHE D 519 34.46 9.74 23.35
C PHE D 519 35.36 10.46 22.34
N LEU D 520 34.94 10.51 21.09
CA LEU D 520 35.72 11.19 20.04
C LEU D 520 35.80 12.68 20.32
N GLN D 521 34.69 13.27 20.71
CA GLN D 521 34.68 14.64 21.23
C GLN D 521 35.70 14.80 22.35
N SER D 522 35.82 13.79 23.21
CA SER D 522 36.72 13.88 24.35
C SER D 522 38.17 13.83 23.91
N LEU D 523 38.45 13.12 22.81
CA LEU D 523 39.82 13.00 22.35
C LEU D 523 40.32 14.30 21.74
N PHE D 524 39.46 14.97 20.95
CA PHE D 524 39.80 16.28 20.44
C PHE D 524 39.98 17.28 21.57
N MET D 525 39.27 17.08 22.68
CA MET D 525 39.49 17.94 23.83
C MET D 525 40.86 17.73 24.45
N LEU D 526 41.24 16.49 24.69
CA LEU D 526 42.51 16.25 25.35
C LEU D 526 43.66 16.60 24.42
N ALA D 527 43.55 16.28 23.13
CA ALA D 527 44.49 16.77 22.14
C ALA D 527 44.55 18.30 22.15
N THR D 528 43.43 18.96 22.39
CA THR D 528 43.42 20.41 22.50
C THR D 528 44.15 20.86 23.76
N VAL D 529 44.25 19.98 24.76
CA VAL D 529 45.01 20.30 25.97
C VAL D 529 46.48 19.96 25.75
N VAL D 530 46.76 18.82 25.12
CA VAL D 530 48.14 18.42 24.87
C VAL D 530 48.85 19.46 24.00
N LEU D 531 48.12 20.07 23.07
CA LEU D 531 48.71 21.02 22.14
C LEU D 531 48.71 22.44 22.69
N TYR D 532 47.78 22.77 23.59
CA TYR D 532 47.79 24.08 24.24
C TYR D 532 48.94 24.21 25.22
N PHE D 533 49.53 23.10 25.65
CA PHE D 533 50.72 23.11 26.49
C PHE D 533 51.98 22.64 25.76
N SER D 534 51.86 22.27 24.48
CA SER D 534 53.00 21.93 23.65
C SER D 534 53.40 23.06 22.72
N HIS D 535 52.84 24.25 22.93
CA HIS D 535 53.17 25.43 22.12
C HIS D 535 52.94 25.18 20.64
N LEU D 536 51.69 24.94 20.27
CA LEU D 536 51.34 24.65 18.88
C LEU D 536 49.92 25.13 18.64
N LYS D 537 49.73 25.83 17.53
CA LYS D 537 48.44 26.42 17.17
C LYS D 537 47.39 25.40 16.76
N GLU D 538 47.76 24.12 16.66
CA GLU D 538 46.80 23.11 16.22
C GLU D 538 45.78 22.76 17.31
N TYR D 539 45.86 23.40 18.48
CA TYR D 539 44.83 23.21 19.48
C TYR D 539 43.48 23.68 18.95
N VAL D 540 43.50 24.71 18.10
CA VAL D 540 42.28 25.27 17.52
C VAL D 540 41.67 24.24 16.58
N ALA D 541 42.53 23.53 15.84
CA ALA D 541 42.04 22.53 14.90
C ALA D 541 41.24 21.44 15.58
N SER D 542 41.67 21.05 16.77
CA SER D 542 40.94 20.04 17.55
C SER D 542 39.79 20.67 18.32
N MET D 543 39.95 21.93 18.72
CA MET D 543 38.99 22.57 19.60
C MET D 543 37.68 22.85 18.87
N VAL D 544 37.76 23.08 17.56
CA VAL D 544 36.56 23.40 16.78
C VAL D 544 35.82 22.12 16.40
N PHE D 545 36.55 21.05 16.17
CA PHE D 545 35.93 19.75 15.96
C PHE D 545 35.15 19.31 17.20
N SER D 546 35.74 19.54 18.38
CA SER D 546 35.09 19.15 19.62
C SER D 546 33.82 19.96 19.87
N LEU D 547 33.75 21.19 19.35
CA LEU D 547 32.52 21.96 19.37
C LEU D 547 31.48 21.37 18.44
N ALA D 548 31.84 21.22 17.17
CA ALA D 548 30.92 20.74 16.16
C ALA D 548 30.38 19.36 16.49
N LEU D 549 31.25 18.45 16.96
CA LEU D 549 30.78 17.20 17.52
C LEU D 549 29.83 17.45 18.67
N GLY D 550 30.21 18.34 19.58
CA GLY D 550 29.44 18.54 20.79
C GLY D 550 28.02 19.01 20.54
N TRP D 551 27.84 19.97 19.64
CA TRP D 551 26.50 20.45 19.36
C TRP D 551 25.69 19.43 18.57
N THR D 552 26.31 18.76 17.60
CA THR D 552 25.69 17.61 16.95
C THR D 552 25.29 16.55 17.96
N ASN D 553 26.04 16.40 19.04
CA ASN D 553 25.73 15.40 20.05
C ASN D 553 24.62 15.81 20.99
N MET D 554 23.99 16.97 20.78
CA MET D 554 22.71 17.23 21.43
C MET D 554 21.59 16.43 20.78
N LEU D 555 21.83 15.94 19.55
CA LEU D 555 20.90 15.07 18.87
C LEU D 555 20.83 13.71 19.57
N TYR D 556 21.83 13.41 20.41
CA TYR D 556 21.67 12.36 21.40
C TYR D 556 20.46 12.58 22.28
N TYR D 557 20.30 13.78 22.82
CA TYR D 557 19.31 14.04 23.85
C TYR D 557 17.92 14.28 23.29
N THR D 558 17.74 14.08 21.99
CA THR D 558 16.42 13.99 21.38
C THR D 558 15.71 12.67 21.70
N ARG D 559 16.38 11.76 22.42
CA ARG D 559 15.80 10.47 22.73
C ARG D 559 14.98 10.46 24.01
N GLY D 560 14.96 11.57 24.75
CA GLY D 560 13.93 11.75 25.75
C GLY D 560 12.59 12.17 25.18
N PHE D 561 12.51 12.38 23.88
CA PHE D 561 11.33 12.89 23.21
C PHE D 561 11.01 11.97 22.05
N GLN D 562 9.77 11.49 22.01
CA GLN D 562 9.36 10.46 21.07
C GLN D 562 9.49 10.91 19.62
N GLN D 563 9.08 12.14 19.34
CA GLN D 563 9.03 12.60 17.95
C GLN D 563 10.41 13.04 17.49
N MET D 564 11.17 13.64 18.39
CA MET D 564 12.53 14.05 18.07
C MET D 564 13.50 12.88 18.12
N GLY D 565 13.24 11.92 18.99
CA GLY D 565 14.06 10.73 19.03
C GLY D 565 13.93 9.89 17.79
N ILE D 566 12.69 9.61 17.38
CA ILE D 566 12.44 8.90 16.13
C ILE D 566 13.03 9.67 14.96
N TYR D 567 12.95 11.00 15.02
CA TYR D 567 13.54 11.82 13.98
C TYR D 567 15.04 11.59 13.89
N ALA D 568 15.70 11.46 15.04
CA ALA D 568 17.14 11.29 15.06
C ALA D 568 17.55 9.86 14.75
N VAL D 569 16.66 8.90 14.93
CA VAL D 569 16.94 7.55 14.45
C VAL D 569 16.92 7.51 12.94
N MET D 570 15.94 8.18 12.33
CA MET D 570 15.92 8.28 10.89
C MET D 570 17.18 8.95 10.36
N ILE D 571 17.68 9.98 11.04
CA ILE D 571 18.95 10.60 10.66
C ILE D 571 20.07 9.57 10.66
N GLU D 572 20.11 8.71 11.68
CA GLU D 572 21.10 7.65 11.74
C GLU D 572 21.00 6.74 10.53
N LYS D 573 19.80 6.22 10.26
CA LYS D 573 19.62 5.28 9.17
C LYS D 573 19.92 5.92 7.82
N MET D 574 19.50 7.18 7.62
CA MET D 574 19.79 7.87 6.37
C MET D 574 21.28 7.99 6.12
N ILE D 575 22.04 8.28 7.17
CA ILE D 575 23.48 8.42 7.03
C ILE D 575 24.10 7.09 6.59
N LEU D 576 23.58 5.99 7.12
CA LEU D 576 24.23 4.70 6.95
C LEU D 576 23.86 4.00 5.65
N ARG D 577 22.58 3.93 5.28
CA ARG D 577 22.19 3.31 4.02
C ARG D 577 22.13 4.33 2.89
N ASP D 578 21.41 5.43 3.04
CA ASP D 578 21.15 6.29 1.88
C ASP D 578 22.34 7.18 1.53
N LEU D 579 22.98 7.77 2.54
CA LEU D 579 24.02 8.76 2.26
C LEU D 579 25.37 8.11 1.99
N CYS D 580 25.65 6.98 2.63
CA CYS D 580 26.92 6.30 2.38
C CYS D 580 26.93 5.65 1.01
N ARG D 581 25.82 5.05 0.60
CA ARG D 581 25.67 4.61 -0.78
C ARG D 581 25.83 5.79 -1.73
N PHE D 582 25.25 6.93 -1.36
CA PHE D 582 25.32 8.13 -2.20
C PHE D 582 26.75 8.65 -2.33
N MET D 583 27.45 8.77 -1.22
CA MET D 583 28.70 9.51 -1.22
C MET D 583 29.83 8.70 -1.84
N PHE D 584 29.70 7.37 -1.87
CA PHE D 584 30.63 6.60 -2.68
C PHE D 584 30.51 7.00 -4.14
N VAL D 585 29.31 6.86 -4.71
CA VAL D 585 29.10 7.11 -6.12
C VAL D 585 29.35 8.57 -6.46
N TYR D 586 29.07 9.47 -5.51
CA TYR D 586 29.28 10.88 -5.77
C TYR D 586 30.77 11.22 -5.79
N ILE D 587 31.54 10.62 -4.88
CA ILE D 587 32.97 10.89 -4.83
C ILE D 587 33.68 10.22 -6.00
N VAL D 588 33.14 9.10 -6.49
CA VAL D 588 33.69 8.46 -7.68
C VAL D 588 33.46 9.33 -8.89
N PHE D 589 32.24 9.82 -9.07
CA PHE D 589 31.94 10.75 -10.14
C PHE D 589 32.75 12.04 -9.98
N LEU D 590 32.73 12.64 -8.79
CA LEU D 590 33.44 13.89 -8.55
C LEU D 590 34.91 13.75 -8.88
N PHE D 591 35.59 12.82 -8.23
CA PHE D 591 37.00 12.62 -8.49
C PHE D 591 37.23 12.17 -9.93
N GLY D 592 36.27 11.46 -10.51
CA GLY D 592 36.34 11.03 -11.88
C GLY D 592 36.38 12.15 -12.89
N PHE D 593 35.34 12.99 -12.89
CA PHE D 593 35.32 14.12 -13.81
C PHE D 593 36.30 15.20 -13.40
N SER D 594 36.61 15.30 -12.10
CA SER D 594 37.60 16.25 -11.63
C SER D 594 38.95 16.05 -12.30
N THR D 595 39.47 14.83 -12.28
CA THR D 595 40.69 14.50 -12.99
C THR D 595 40.59 14.80 -14.46
N ALA D 596 39.41 14.57 -15.04
CA ALA D 596 39.19 14.83 -16.45
C ALA D 596 39.20 16.32 -16.76
N VAL D 597 38.78 17.13 -15.79
CA VAL D 597 38.78 18.58 -15.97
C VAL D 597 40.17 19.17 -15.79
N VAL D 598 40.83 18.89 -14.66
CA VAL D 598 42.14 19.45 -14.42
C VAL D 598 43.17 18.93 -15.40
N THR D 599 43.00 17.70 -15.89
CA THR D 599 43.79 17.23 -17.01
C THR D 599 43.66 18.15 -18.21
N LEU D 600 42.46 18.65 -18.45
CA LEU D 600 42.21 19.48 -19.62
C LEU D 600 42.66 20.91 -19.39
N ILE D 601 42.70 21.36 -18.15
CA ILE D 601 43.10 22.71 -17.81
C ILE D 601 44.61 22.82 -17.95
N GLU D 602 45.06 23.99 -18.41
CA GLU D 602 46.48 24.29 -18.58
C GLU D 602 46.75 25.64 -17.94
N ASP D 603 47.31 25.62 -16.75
CA ASP D 603 47.66 26.84 -16.00
C ASP D 603 46.44 27.72 -15.79
N SER D 629 45.33 29.44 -9.38
CA SER D 629 44.59 29.04 -10.57
C SER D 629 43.99 27.66 -10.39
N TYR D 630 43.06 27.30 -11.28
CA TYR D 630 42.35 26.04 -11.19
C TYR D 630 43.08 24.88 -11.86
N ASN D 631 44.39 24.98 -12.06
CA ASN D 631 45.19 23.86 -12.51
C ASN D 631 45.62 23.03 -11.31
N SER D 632 44.66 22.63 -10.48
CA SER D 632 44.90 21.80 -9.31
C SER D 632 43.74 20.84 -9.14
N LEU D 633 44.01 19.75 -8.43
CA LEU D 633 43.00 18.73 -8.23
C LEU D 633 42.07 19.09 -7.09
N TYR D 634 42.55 19.89 -6.13
CA TYR D 634 41.68 20.35 -5.06
C TYR D 634 40.67 21.37 -5.57
N SER D 635 41.16 22.39 -6.27
CA SER D 635 40.28 23.49 -6.69
C SER D 635 39.27 23.02 -7.73
N THR D 636 39.59 21.95 -8.44
CA THR D 636 38.63 21.39 -9.39
C THR D 636 37.63 20.48 -8.69
N CYS D 637 38.10 19.65 -7.77
CA CYS D 637 37.19 18.88 -6.92
C CYS D 637 36.34 19.81 -6.07
N LEU D 638 36.90 20.95 -5.67
CA LEU D 638 36.16 21.90 -4.86
C LEU D 638 35.14 22.66 -5.68
N GLU D 639 35.47 23.01 -6.92
CA GLU D 639 34.51 23.67 -7.79
C GLU D 639 33.43 22.71 -8.27
N LEU D 640 33.76 21.43 -8.43
CA LEU D 640 32.77 20.47 -8.84
C LEU D 640 31.87 20.02 -7.71
N PHE D 641 32.23 20.33 -6.46
CA PHE D 641 31.30 20.16 -5.35
C PHE D 641 30.42 21.38 -5.18
N LYS D 642 30.76 22.49 -5.82
CA LYS D 642 29.88 23.65 -5.75
C LYS D 642 28.61 23.44 -6.54
N PHE D 643 28.63 22.57 -7.55
CA PHE D 643 27.43 22.32 -8.36
C PHE D 643 26.32 21.69 -7.53
N THR D 644 26.64 20.67 -6.73
CA THR D 644 25.63 19.98 -5.95
C THR D 644 24.99 20.91 -4.93
N ILE D 645 25.77 21.87 -4.43
CA ILE D 645 25.24 22.87 -3.50
C ILE D 645 24.72 24.10 -4.23
N GLY D 646 24.61 24.01 -5.55
CA GLY D 646 24.05 25.10 -6.31
C GLY D 646 24.93 26.31 -6.42
N MET D 647 26.24 26.13 -6.61
CA MET D 647 27.17 27.25 -6.71
C MET D 647 28.20 26.99 -7.79
N GLY D 648 27.79 26.28 -8.81
CA GLY D 648 28.69 25.87 -9.86
C GLY D 648 28.70 26.78 -11.07
N ASP D 649 29.84 27.41 -11.31
CA ASP D 649 30.05 28.19 -12.51
C ASP D 649 30.45 27.20 -13.60
N LEU D 650 29.75 27.24 -14.73
CA LEU D 650 30.12 26.41 -15.86
C LEU D 650 31.27 27.03 -16.66
N GLU D 651 31.80 28.16 -16.18
CA GLU D 651 32.86 28.87 -16.86
C GLU D 651 33.90 29.32 -15.84
N PHE D 652 34.24 28.44 -14.89
CA PHE D 652 35.25 28.78 -13.90
C PHE D 652 36.67 28.70 -14.44
N THR D 653 36.84 28.35 -15.71
CA THR D 653 38.11 28.51 -16.40
C THR D 653 37.85 28.87 -17.85
N GLU D 654 38.75 29.69 -18.37
CA GLU D 654 39.03 29.71 -19.80
C GLU D 654 40.40 29.12 -20.10
N ASN D 655 41.13 28.66 -19.08
CA ASN D 655 42.47 28.13 -19.24
C ASN D 655 42.42 26.68 -19.70
N TYR D 656 41.81 26.46 -20.85
CA TYR D 656 41.76 25.17 -21.52
C TYR D 656 41.92 25.43 -23.00
N ASP D 657 41.94 24.35 -23.80
CA ASP D 657 42.05 24.46 -25.25
C ASP D 657 40.83 23.91 -25.98
N PHE D 658 39.95 23.17 -25.31
CA PHE D 658 38.77 22.58 -25.94
C PHE D 658 37.56 22.90 -25.07
N LYS D 659 36.56 23.57 -25.68
CA LYS D 659 35.41 24.05 -24.93
C LYS D 659 34.26 23.06 -25.00
N ALA D 660 34.08 22.39 -26.13
CA ALA D 660 33.12 21.29 -26.19
C ALA D 660 33.50 20.22 -25.17
N VAL D 661 34.80 19.92 -25.07
CA VAL D 661 35.26 18.91 -24.13
C VAL D 661 34.99 19.37 -22.70
N PHE D 662 35.18 20.66 -22.43
CA PHE D 662 35.08 21.15 -21.06
C PHE D 662 33.63 21.14 -20.58
N ILE D 663 32.68 21.39 -21.49
CA ILE D 663 31.30 21.60 -21.07
C ILE D 663 30.48 20.31 -21.24
N ILE D 664 30.79 19.51 -22.27
CA ILE D 664 30.22 18.16 -22.34
C ILE D 664 30.60 17.38 -21.08
N LEU D 665 31.76 17.67 -20.53
CA LEU D 665 32.28 16.94 -19.40
C LEU D 665 31.68 17.44 -18.08
N LEU D 666 31.33 18.73 -18.02
CA LEU D 666 30.65 19.26 -16.85
C LEU D 666 29.15 19.03 -16.92
N LEU D 667 28.56 19.11 -18.11
CA LEU D 667 27.16 18.74 -18.27
C LEU D 667 26.94 17.28 -17.93
N ALA D 668 27.82 16.40 -18.41
CA ALA D 668 27.85 15.02 -17.96
C ALA D 668 27.90 14.93 -16.43
N TYR D 669 28.61 15.86 -15.80
CA TYR D 669 28.76 15.81 -14.36
C TYR D 669 27.51 16.30 -13.65
N VAL D 670 26.96 17.43 -14.09
CA VAL D 670 25.85 18.05 -13.37
C VAL D 670 24.50 17.49 -13.85
N ILE D 671 24.51 16.43 -14.63
CA ILE D 671 23.33 15.63 -14.93
C ILE D 671 23.33 14.36 -14.10
N LEU D 672 24.48 13.71 -14.03
CA LEU D 672 24.62 12.43 -13.35
C LEU D 672 24.79 12.58 -11.85
N THR D 673 25.06 13.79 -11.38
CA THR D 673 25.24 14.09 -9.97
C THR D 673 24.14 14.96 -9.41
N TYR D 674 23.82 16.06 -10.08
CA TYR D 674 22.84 17.01 -9.59
C TYR D 674 21.43 16.54 -9.97
N ILE D 675 21.19 16.43 -11.27
CA ILE D 675 19.85 16.08 -11.75
C ILE D 675 19.50 14.66 -11.32
N LEU D 676 20.39 13.72 -11.63
CA LEU D 676 20.11 12.32 -11.36
C LEU D 676 20.26 11.99 -9.88
N LEU D 677 21.47 12.14 -9.35
CA LEU D 677 21.90 11.36 -8.20
C LEU D 677 21.49 12.03 -6.88
N LEU D 678 21.34 13.36 -6.88
CA LEU D 678 20.76 14.03 -5.72
C LEU D 678 19.27 13.84 -5.66
N ASN D 679 18.59 14.00 -6.79
CA ASN D 679 17.15 13.80 -6.79
C ASN D 679 16.81 12.35 -6.58
N MET D 680 17.69 11.46 -7.03
CA MET D 680 17.58 10.04 -6.72
C MET D 680 17.73 9.80 -5.22
N LEU D 681 18.61 10.53 -4.56
CA LEU D 681 18.79 10.40 -3.12
C LEU D 681 17.48 10.67 -2.38
N ILE D 682 16.81 11.76 -2.75
CA ILE D 682 15.51 12.09 -2.15
C ILE D 682 14.54 10.94 -2.31
N ALA D 683 14.52 10.36 -3.52
CA ALA D 683 13.67 9.23 -3.80
C ALA D 683 14.01 8.04 -2.92
N LEU D 684 15.30 7.81 -2.69
CA LEU D 684 15.70 6.70 -1.83
C LEU D 684 15.30 6.95 -0.39
N MET D 685 15.45 8.19 0.08
CA MET D 685 15.05 8.51 1.43
C MET D 685 13.56 8.26 1.64
N GLY D 686 12.73 8.71 0.71
CA GLY D 686 11.31 8.44 0.80
C GLY D 686 10.98 6.96 0.88
N GLU D 687 11.68 6.15 0.09
CA GLU D 687 11.57 4.71 0.22
C GLU D 687 12.00 4.26 1.61
N THR D 688 13.06 4.87 2.13
CA THR D 688 13.54 4.51 3.46
C THR D 688 12.53 4.89 4.54
N VAL D 689 12.10 6.16 4.56
CA VAL D 689 11.17 6.64 5.59
C VAL D 689 9.91 5.78 5.64
N ASN D 690 9.44 5.34 4.48
CA ASN D 690 8.24 4.50 4.43
C ASN D 690 8.47 3.20 5.18
N LYS D 691 9.70 2.69 5.17
CA LYS D 691 10.00 1.39 5.74
C LYS D 691 10.43 1.47 7.21
N ILE D 692 11.24 2.46 7.59
CA ILE D 692 11.81 2.51 8.92
C ILE D 692 10.94 3.24 9.91
N ALA D 693 9.68 3.49 9.59
CA ALA D 693 8.78 4.21 10.49
C ALA D 693 8.61 3.49 11.81
N GLN D 694 8.29 2.20 11.76
CA GLN D 694 8.13 1.42 12.99
C GLN D 694 9.49 0.97 13.52
N GLU D 695 10.42 0.66 12.63
CA GLU D 695 11.77 0.29 13.07
C GLU D 695 12.44 1.44 13.82
N SER D 696 12.17 2.67 13.42
CA SER D 696 12.78 3.81 14.07
C SER D 696 12.13 4.11 15.41
N LYS D 697 10.84 3.77 15.55
CA LYS D 697 10.18 3.89 16.85
C LYS D 697 10.70 2.87 17.83
N ASN D 698 11.19 1.73 17.34
CA ASN D 698 11.59 0.65 18.23
C ASN D 698 13.09 0.67 18.47
N ILE D 699 13.84 1.37 17.63
CA ILE D 699 15.21 1.74 17.99
C ILE D 699 15.19 2.88 18.99
N TRP D 700 14.21 3.78 18.87
CA TRP D 700 14.08 4.85 19.86
C TRP D 700 13.81 4.29 21.25
N LYS D 701 12.85 3.39 21.38
CA LYS D 701 12.53 2.84 22.69
C LYS D 701 13.69 2.06 23.28
N LEU D 702 14.56 1.52 22.43
CA LEU D 702 15.76 0.87 22.91
C LEU D 702 16.83 1.88 23.29
N GLN D 703 16.95 2.96 22.52
CA GLN D 703 17.78 4.08 22.95
C GLN D 703 17.36 4.59 24.31
N ARG D 704 16.08 4.93 24.47
CA ARG D 704 15.56 5.38 25.76
C ARG D 704 15.78 4.34 26.84
N ALA D 705 15.68 3.05 26.51
CA ALA D 705 15.86 2.00 27.49
C ALA D 705 17.29 1.96 28.02
N ILE D 706 18.27 2.06 27.13
CA ILE D 706 19.67 2.06 27.54
C ILE D 706 19.96 3.26 28.43
N THR D 707 19.22 4.34 28.23
CA THR D 707 19.32 5.50 29.10
C THR D 707 18.69 5.23 30.45
N ILE D 708 17.57 4.51 30.46
CA ILE D 708 16.92 4.12 31.71
C ILE D 708 17.85 3.24 32.52
N LEU D 709 18.47 2.26 31.88
CA LEU D 709 19.33 1.32 32.60
C LEU D 709 20.61 2.00 33.08
N ASP D 710 21.28 2.74 32.21
CA ASP D 710 22.47 3.46 32.62
C ASP D 710 22.18 4.46 33.73
N THR D 711 21.00 5.07 33.70
CA THR D 711 20.61 5.98 34.78
C THR D 711 20.45 5.23 36.09
N GLU D 712 19.77 4.07 36.06
CA GLU D 712 19.75 3.18 37.22
C GLU D 712 21.15 2.81 37.66
N LYS D 713 21.99 2.37 36.73
CA LYS D 713 23.31 1.86 37.08
C LYS D 713 24.31 2.95 37.44
N SER D 714 24.04 4.20 37.07
CA SER D 714 24.86 5.31 37.48
C SER D 714 24.55 5.77 38.91
N PHE D 715 23.36 5.42 39.41
CA PHE D 715 22.90 5.88 40.73
C PHE D 715 22.64 4.72 41.68
N LEU D 716 23.55 3.75 41.75
CA LEU D 716 23.58 2.82 42.88
C LEU D 716 23.97 3.51 44.18
N LYS D 717 24.58 4.69 44.10
CA LYS D 717 25.09 5.40 45.26
C LYS D 717 24.37 6.74 45.43
N CYS D 718 23.95 7.36 44.33
CA CYS D 718 23.43 8.72 44.38
C CYS D 718 22.14 8.83 45.19
N MET D 719 21.03 8.24 44.74
CA MET D 719 19.76 8.44 45.40
C MET D 719 19.51 7.27 46.35
N ARG D 720 19.09 6.11 45.88
CA ARG D 720 19.62 4.87 46.43
C ARG D 720 19.95 3.85 45.34
N LYS D 721 18.95 3.36 44.58
CA LYS D 721 19.21 2.43 43.48
C LYS D 721 18.46 2.77 42.19
N ALA D 722 17.14 2.54 42.20
CA ALA D 722 16.30 2.74 41.02
C ALA D 722 14.84 3.07 41.35
N PHE D 723 14.49 3.20 42.64
CA PHE D 723 13.10 3.32 43.10
C PHE D 723 12.24 2.10 42.80
N ARG D 724 12.84 0.98 42.39
CA ARG D 724 12.26 -0.36 42.48
C ARG D 724 11.14 -0.67 41.49
N SER D 725 10.58 0.35 40.82
CA SER D 725 9.60 0.23 39.73
C SER D 725 8.59 -0.90 39.89
N GLY D 726 7.85 -0.91 40.98
CA GLY D 726 6.94 -1.99 41.28
C GLY D 726 6.53 -2.01 42.73
N LYS D 727 5.85 -3.10 43.10
CA LYS D 727 5.31 -3.25 44.44
C LYS D 727 5.33 -4.73 44.81
N LEU D 728 5.60 -5.02 46.07
CA LEU D 728 5.65 -6.39 46.57
C LEU D 728 4.26 -6.84 46.98
N LEU D 729 3.61 -7.62 46.11
CA LEU D 729 2.24 -8.06 46.30
C LEU D 729 2.19 -9.56 46.53
N GLN D 730 1.18 -9.99 47.30
CA GLN D 730 0.88 -11.40 47.48
C GLN D 730 0.04 -11.88 46.30
N VAL D 731 0.65 -12.63 45.39
CA VAL D 731 -0.09 -13.18 44.26
C VAL D 731 -0.88 -14.42 44.68
N GLY D 732 -0.34 -15.18 45.63
CA GLY D 732 -1.03 -16.35 46.14
C GLY D 732 -0.24 -17.01 47.24
N TYR D 733 -0.13 -18.34 47.18
CA TYR D 733 0.71 -19.10 48.10
C TYR D 733 1.59 -20.05 47.30
N THR D 734 2.81 -20.23 47.78
CA THR D 734 3.76 -21.17 47.19
C THR D 734 3.20 -22.58 47.37
N PRO D 735 3.67 -23.57 46.60
CA PRO D 735 3.09 -24.92 46.75
C PRO D 735 3.35 -25.54 48.10
N ASP D 736 4.34 -25.05 48.85
CA ASP D 736 4.57 -25.47 50.22
C ASP D 736 3.71 -24.70 51.23
N GLY D 737 2.72 -23.95 50.76
CA GLY D 737 1.79 -23.28 51.64
C GLY D 737 2.20 -21.87 52.02
N LYS D 738 3.48 -21.55 51.95
CA LYS D 738 3.95 -20.23 52.33
C LYS D 738 3.42 -19.18 51.36
N ASP D 739 3.64 -17.92 51.72
CA ASP D 739 3.20 -16.77 50.92
C ASP D 739 4.05 -16.69 49.66
N ASP D 740 3.42 -16.31 48.56
CA ASP D 740 4.13 -15.98 47.32
C ASP D 740 4.06 -14.47 47.13
N TYR D 741 5.01 -13.75 47.73
CA TYR D 741 5.16 -12.32 47.51
C TYR D 741 6.06 -12.12 46.30
N ARG D 742 5.67 -11.21 45.41
CA ARG D 742 6.40 -10.94 44.20
C ARG D 742 6.36 -9.45 43.87
N TRP D 743 7.43 -8.98 43.25
CA TRP D 743 7.50 -7.61 42.76
C TRP D 743 6.80 -7.56 41.42
N CYS D 744 5.64 -6.91 41.39
CA CYS D 744 4.69 -7.04 40.30
C CYS D 744 4.29 -5.68 39.75
N PHE D 745 4.03 -5.65 38.45
CA PHE D 745 3.68 -4.43 37.72
C PHE D 745 2.21 -4.50 37.31
N ARG D 746 1.45 -3.48 37.71
CA ARG D 746 0.02 -3.47 37.45
C ARG D 746 -0.28 -2.86 36.08
N VAL D 747 -1.24 -3.46 35.38
CA VAL D 747 -1.70 -2.97 34.09
C VAL D 747 -3.21 -3.11 34.05
N ASP D 748 -3.92 -2.01 34.23
CA ASP D 748 -5.36 -2.02 34.06
C ASP D 748 -5.72 -2.27 32.60
N GLU D 749 -6.72 -3.12 32.40
CA GLU D 749 -7.14 -3.53 31.07
C GLU D 749 -8.65 -3.64 31.03
N VAL D 750 -9.20 -3.46 29.84
CA VAL D 750 -10.64 -3.42 29.61
C VAL D 750 -10.96 -4.40 28.50
N ASN D 751 -12.13 -5.05 28.60
CA ASN D 751 -12.52 -6.11 27.68
C ASN D 751 -14.03 -6.08 27.51
N TRP D 752 -14.46 -5.89 26.25
CA TRP D 752 -15.88 -5.76 25.92
C TRP D 752 -16.44 -6.99 25.20
N THR D 753 -15.76 -8.14 25.30
CA THR D 753 -16.15 -9.36 24.61
C THR D 753 -16.22 -10.55 25.54
N THR D 754 -15.31 -10.64 26.52
CA THR D 754 -15.18 -11.78 27.41
C THR D 754 -15.88 -11.47 28.72
N TRP D 755 -17.08 -10.89 28.61
CA TRP D 755 -17.86 -10.36 29.72
C TRP D 755 -17.86 -11.23 30.97
N ASN D 756 -18.33 -12.48 30.84
CA ASN D 756 -18.60 -13.25 32.04
C ASN D 756 -17.31 -13.71 32.68
N THR D 757 -16.54 -14.58 32.00
CA THR D 757 -15.19 -14.97 32.40
C THR D 757 -15.12 -15.28 33.89
N ASN D 758 -15.73 -16.38 34.35
CA ASN D 758 -15.66 -16.65 35.77
C ASN D 758 -14.23 -17.00 36.17
N VAL D 759 -13.41 -15.99 36.44
CA VAL D 759 -11.97 -16.15 36.52
C VAL D 759 -11.63 -17.09 37.67
N GLY D 760 -11.85 -16.62 38.91
CA GLY D 760 -11.42 -17.36 40.09
C GLY D 760 -9.95 -17.16 40.43
N ILE D 761 -9.12 -17.08 39.38
CA ILE D 761 -7.68 -16.83 39.42
C ILE D 761 -7.40 -15.39 39.89
N ILE D 762 -8.44 -14.56 39.99
CA ILE D 762 -8.35 -13.22 40.58
C ILE D 762 -7.79 -13.40 41.98
N ASN D 763 -6.78 -12.61 42.34
CA ASN D 763 -6.03 -12.90 43.54
C ASN D 763 -6.54 -12.11 44.74
N GLU D 764 -7.13 -10.92 44.50
CA GLU D 764 -7.69 -10.11 45.57
C GLU D 764 -9.00 -9.43 45.18
N ASP D 765 -9.94 -10.18 44.62
CA ASP D 765 -11.23 -9.69 44.16
C ASP D 765 -12.01 -8.89 45.22
N PRO D 766 -12.13 -9.36 46.50
CA PRO D 766 -13.09 -8.72 47.42
C PRO D 766 -12.85 -7.24 47.72
N GLY D 767 -11.68 -6.72 47.35
CA GLY D 767 -11.38 -5.31 47.53
C GLY D 767 -11.26 -4.56 46.22
N ASN D 768 -11.23 -5.28 45.09
CA ASN D 768 -11.44 -4.75 43.75
C ASN D 768 -10.55 -3.56 43.36
N CYS D 769 -9.45 -3.30 44.07
CA CYS D 769 -8.48 -2.30 43.65
C CYS D 769 -7.23 -2.29 44.55
N GLU D 770 -6.36 -1.31 44.31
CA GLU D 770 -5.32 -0.97 45.29
C GLU D 770 -5.92 -0.68 46.66
N GLY D 771 -6.68 0.42 46.75
CA GLY D 771 -7.32 0.87 47.99
C GLY D 771 -6.48 0.74 49.25
N VAL D 772 -7.00 -0.03 50.19
CA VAL D 772 -6.26 -0.51 51.35
C VAL D 772 -6.10 -2.02 51.17
N LYS D 773 -5.41 -2.68 52.09
CA LYS D 773 -5.14 -4.11 51.99
C LYS D 773 -6.43 -4.91 51.82
N ARG D 774 -6.31 -6.03 51.11
CA ARG D 774 -7.46 -6.77 50.60
C ARG D 774 -7.64 -8.06 51.40
N THR D 775 -8.63 -8.86 51.01
CA THR D 775 -9.02 -10.07 51.72
C THR D 775 -8.20 -11.30 51.33
N LEU D 776 -7.62 -11.31 50.12
CA LEU D 776 -6.92 -12.43 49.49
C LEU D 776 -7.88 -13.45 48.87
N SER D 777 -9.19 -13.33 49.13
CA SER D 777 -10.16 -14.16 48.39
C SER D 777 -9.94 -15.65 48.62
N PHE D 778 -10.51 -16.19 49.72
CA PHE D 778 -10.33 -17.61 50.10
C PHE D 778 -10.40 -18.61 48.95
N SER D 779 -10.97 -18.24 47.80
CA SER D 779 -10.83 -19.02 46.58
C SER D 779 -9.35 -19.19 46.22
N LEU D 780 -9.09 -19.77 45.05
CA LEU D 780 -8.11 -20.84 44.82
C LEU D 780 -7.02 -21.00 45.89
N ARG D 781 -6.41 -19.91 46.35
CA ARG D 781 -5.51 -19.99 47.50
C ARG D 781 -6.17 -20.62 48.70
N SER D 782 -5.46 -21.53 49.38
CA SER D 782 -5.92 -22.10 50.65
C SER D 782 -4.70 -22.38 51.52
N SER D 783 -4.37 -21.42 52.38
CA SER D 783 -3.28 -21.58 53.35
C SER D 783 -3.31 -20.45 54.35
N POV E . 28.09 39.76 16.63
P POV E . 25.51 42.77 13.39
C1 POV E . 23.04 41.90 13.25
C2 POV E . 22.18 41.47 14.41
C3 POV E . 22.99 41.24 15.65
C210 POV E . 14.05 33.82 11.71
C310 POV E . 21.02 34.58 11.69
C11 POV E . 27.02 41.58 15.19
O11 POV E . 24.42 41.62 13.58
C211 POV E . 12.69 33.58 11.15
C311 POV E . 20.68 33.12 11.89
C12 POV E . 27.80 40.30 15.25
O12 POV E . 26.80 41.96 13.80
C212 POV E . 11.58 34.01 12.12
C312 POV E . 19.99 32.47 10.71
C13 POV E . 29.56 39.76 16.88
O13 POV E . 25.57 43.17 11.97
C213 POV E . 10.18 33.84 11.56
C313 POV E . 19.34 31.15 11.07
C14 POV E . 27.41 40.61 17.67
O14 POV E . 25.26 43.80 14.42
C214 POV E . 9.87 32.43 11.09
C314 POV E . 18.33 30.67 10.05
C15 POV E . 27.58 38.35 16.74
C215 POV E . 8.59 32.33 10.27
C315 POV E . 17.58 29.45 10.52
C216 POV E . 8.38 30.97 9.63
C316 POV E . 16.82 29.70 11.79
C217 POV E . 8.02 29.87 10.60
C218 POV E . 6.65 30.03 11.19
C21 POV E . 20.31 39.95 14.41
O21 POV E . 21.59 40.19 14.06
C22 POV E . 19.89 38.56 14.04
O22 POV E . 19.61 40.77 14.95
C23 POV E . 18.59 38.49 13.26
C24 POV E . 17.37 38.51 14.18
C25 POV E . 17.39 37.38 15.20
C26 POV E . 17.26 36.00 14.60
C27 POV E . 15.91 35.71 13.98
C28 POV E . 15.72 34.26 13.54
C29 POV E . 14.36 34.00 12.98
C31 POV E . 23.70 39.31 16.85
O31 POV E . 22.89 39.83 15.92
C32 POV E . 23.46 37.84 17.00
O32 POV E . 24.49 39.96 17.48
C33 POV E . 24.66 37.08 17.56
C34 POV E . 24.42 35.58 17.57
C35 POV E . 24.38 34.96 16.18
C36 POV E . 23.30 33.91 16.01
C37 POV E . 22.11 34.39 15.21
C38 POV E . 22.46 34.75 13.77
C39 POV E . 21.29 35.32 12.97
C5 8IJ F . -7.22 25.10 13.30
C6 8IJ F . -6.12 24.05 13.45
C8 8IJ F . -6.48 23.05 14.53
C10 8IJ F . -7.82 22.38 14.23
C17 8IJ F . -4.93 27.18 10.88
C21 8IJ F . -0.22 27.68 10.72
C24 8IJ F . 1.26 27.09 12.66
C26 8IJ F . 3.21 28.49 13.55
C28 8IJ F . 2.71 30.74 14.67
C12 8IJ F . -8.91 23.43 14.09
C14 8IJ F . -8.56 24.43 13.00
C18 8IJ F . -3.75 28.06 10.61
C19 8IJ F . -2.52 27.26 10.31
C23 8IJ F . 0.75 28.19 11.73
C25 8IJ F . 2.00 27.62 13.87
C27 8IJ F . 2.91 29.97 13.37
C29 8IJ F . 1.40 30.45 15.38
C37 8IJ F . 6.00 33.49 21.01
C38 8IJ F . 7.33 33.08 20.40
C39 8IJ F . 8.35 32.67 21.44
C41 8IJ F . -3.86 30.20 9.54
C43 8IJ F . -4.12 30.89 8.24
O1 8IJ F . -6.39 27.88 13.76
O11 8IJ F . -8.15 21.47 15.28
O13 8IJ F . -10.15 22.79 13.78
O3 8IJ F . -8.37 28.01 12.14
O4 8IJ F . -6.88 25.96 12.19
O7 8IJ F . -5.92 23.37 12.21
O9 8IJ F . -5.46 22.06 14.63
C30 8IJ F . 1.21 31.31 16.62
C31 8IJ F . 1.22 32.80 16.33
C32 8IJ F . 1.22 33.68 17.57
C33 8IJ F . 2.38 33.45 18.51
C34 8IJ F . 2.51 34.51 19.58
C35 8IJ F . 3.59 34.20 20.60
C36 8IJ F . 4.94 33.88 19.99
C44 8IJ F . -2.87 30.95 7.38
C45 8IJ F . -1.77 31.76 8.03
C46 8IJ F . -0.41 31.61 7.37
C47 8IJ F . 0.27 30.29 7.65
C48 8IJ F . 1.76 30.28 7.30
C49 8IJ F . 2.68 30.72 8.44
C50 8IJ F . 2.23 31.97 9.16
C51 8IJ F . 3.23 32.47 10.20
C52 8IJ F . 4.36 33.28 9.62
C53 8IJ F . 4.01 34.73 9.34
C54 8IJ F . 4.98 35.41 8.39
C55 8IJ F . 5.22 36.87 8.69
C56 8IJ F . 5.95 37.11 10.00
C57 8IJ F . 6.37 38.55 10.22
C58 8IJ F . 7.25 38.74 11.44
C59 8IJ F . 8.50 37.89 11.40
O15 8IJ F . -9.59 25.42 12.91
O16 8IJ F . -6.04 28.01 11.26
O20 8IJ F . -1.47 27.72 11.19
O22 8IJ F . 0.06 27.29 9.62
O40 8IJ F . -4.03 28.87 9.43
O42 8IJ F . -3.52 30.74 10.55
P2 8IJ F . -7.00 27.55 12.45
N POV G . -10.65 35.85 11.64
P POV G . -13.69 38.16 9.25
C1 POV G . -12.31 39.90 7.82
C2 POV G . -12.92 41.27 7.93
C3 POV G . -14.09 41.43 7.04
C210 POV G . -12.78 48.10 2.99
C310 POV G . -13.75 49.63 13.66
C11 POV G . -11.20 37.41 9.70
O11 POV G . -13.37 38.92 7.89
C211 POV G . -12.13 48.77 1.83
C311 POV G . -14.39 48.58 14.53
C12 POV G . -11.08 37.21 11.19
O12 POV G . -12.52 37.08 9.23
C212 POV G . -12.19 50.29 1.88
C312 POV G . -14.01 48.67 16.00
C13 POV G . -11.85 35.02 11.99
O13 POV G . -13.51 39.07 10.40
C213 POV G . -11.80 50.96 0.57
C313 POV G . -14.84 47.74 16.87
C14 POV G . -9.91 35.18 10.52
O14 POV G . -14.98 37.45 9.07
C214 POV G . -11.40 52.43 0.70
C314 POV G . -14.82 46.29 16.39
C15 POV G . -9.75 35.95 12.83
C215 POV G . -10.95 53.06 -0.61
C315 POV G . -16.18 45.63 16.39
C216 POV G . -10.23 54.39 -0.44
C316 POV G . -17.13 46.29 15.43
C217 POV G . -8.92 54.28 0.33
C218 POV G . -8.17 55.58 0.43
C21 POV G . -11.97 43.45 8.06
O21 POV G . -11.92 42.23 7.51
C22 POV G . -10.90 44.36 7.52
O22 POV G . -12.79 43.76 8.90
C23 POV G . -10.87 45.72 8.20
C24 POV G . -12.18 46.48 8.12
C25 POV G . -12.08 47.96 8.43
C26 POV G . -12.08 48.84 7.19
C27 POV G . -10.95 48.53 6.23
C28 POV G . -11.25 48.93 4.80
C29 POV G . -12.41 48.18 4.25
C31 POV G . -16.23 42.42 7.33
O31 POV G . -14.92 42.49 7.57
C32 POV G . -16.97 43.57 7.93
O32 POV G . -16.74 41.53 6.70
C33 POV G . -16.33 44.92 7.61
C34 POV G . -15.58 45.52 8.79
C35 POV G . -16.49 46.16 9.83
C36 POV G . -15.74 46.88 10.93
C37 POV G . -14.67 47.83 10.41
C38 POV G . -13.72 48.33 11.49
C39 POV G . -14.21 49.57 12.22
N POV H . -4.42 17.19 15.73
P POV H . -0.54 19.05 16.48
C1 POV H . 1.90 20.05 16.63
C2 POV H . 2.12 20.76 17.94
C3 POV H . 3.20 21.79 17.83
C210 POV H . 10.64 20.11 18.19
C310 POV H . 8.81 27.14 12.24
C11 POV H . -1.87 16.97 15.58
O11 POV H . 1.02 18.93 16.83
C211 POV H . 11.35 21.34 18.66
C311 POV H . 10.30 26.87 12.09
C12 POV H . -3.09 17.85 15.44
O12 POV H . -0.67 17.79 15.52
C212 POV H . 10.39 22.51 18.87
C312 POV H . 11.18 28.06 12.41
C13 POV H . -4.75 16.18 14.68
O13 POV H . -0.77 20.29 15.70
C213 POV H . 10.30 23.46 17.69
C313 POV H . 11.40 28.30 13.90
C14 POV H . -4.36 16.51 17.06
O14 POV H . -1.31 18.80 17.71
C214 POV H . 11.52 24.33 17.53
C314 POV H . 11.65 29.75 14.26
C15 POV H . -5.50 18.22 15.76
C215 POV H . 11.52 25.19 16.27
C315 POV H . 12.80 30.41 13.53
C216 POV H . 12.49 26.35 16.35
C316 POV H . 14.14 29.79 13.86
C217 POV H . 13.90 25.94 16.78
C218 POV H . 14.71 27.11 17.28
C21 POV H . 1.68 19.37 19.85
O21 POV H . 2.56 19.77 18.91
C22 POV H . 2.30 18.36 20.77
O22 POV H . 0.55 19.78 19.92
C23 POV H . 3.47 17.60 20.16
C24 POV H . 4.78 18.36 20.26
C25 POV H . 5.90 17.74 19.43
C26 POV H . 7.28 18.32 19.71
C27 POV H . 8.36 17.81 18.77
C28 POV H . 8.64 18.73 17.59
C29 POV H . 9.34 19.97 18.02
C31 POV H . 5.58 21.82 18.04
O31 POV H . 4.43 21.17 18.25
C32 POV H . 5.35 23.15 17.38
O32 POV H . 6.66 21.39 18.34
C33 POV H . 6.06 24.30 18.11
C34 POV H . 6.36 25.48 17.20
C35 POV H . 5.15 26.02 16.45
C36 POV H . 5.49 26.61 15.10
C37 POV H . 6.35 27.85 15.15
C38 POV H . 7.10 28.12 13.86
C39 POV H . 8.33 27.24 13.68
C1 TRD I . -5.19 57.05 14.47
C2 TRD I . -4.43 56.62 13.22
C3 TRD I . -3.50 57.70 12.66
C4 TRD I . -2.85 57.33 11.33
C5 TRD I . -1.47 56.70 11.48
C6 TRD I . -1.28 55.95 12.78
C7 TRD I . 0.05 55.24 12.91
C8 TRD I . 0.24 54.11 11.92
C9 TRD I . 0.91 54.54 10.64
C10 TRD I . 0.74 53.53 9.53
C11 TRD I . -0.69 53.44 9.04
C12 TRD I . -0.88 52.41 7.95
C13 TRD I . 0.11 52.55 6.84
N POV J . 2.98 60.02 -5.13
P POV J . 2.26 60.00 -0.33
C1 POV J . 0.73 58.38 -1.73
C2 POV J . -0.68 57.84 -1.59
C3 POV J . -0.78 56.38 -1.20
C210 POV J . -2.95 49.38 -7.70
C310 POV J . -7.51 53.30 -4.16
C11 POV J . 3.53 60.15 -2.63
O11 POV J . 1.17 58.84 -0.43
C211 POV J . -4.34 49.69 -7.23
C311 POV J . -8.55 52.66 -3.27
C12 POV J . 3.04 59.32 -3.80
O12 POV J . 3.31 59.44 -1.39
C212 POV J . -4.80 48.72 -6.15
C312 POV J . -8.12 51.34 -2.66
C13 POV J . 1.67 60.74 -5.27
O13 POV J . 1.68 61.28 -0.83
C213 POV J . -4.57 47.26 -6.49
C313 POV J . -7.76 50.27 -3.68
C14 POV J . 4.10 61.02 -5.23
O14 POV J . 2.87 59.96 1.01
C214 POV J . -5.26 46.80 -7.77
C314 POV J . -8.88 49.93 -4.65
C15 POV J . 3.11 59.04 -6.24
C215 POV J . -4.99 45.35 -8.13
C315 POV J . -10.11 49.27 -4.03
C216 POV J . -5.45 44.35 -7.10
C316 POV J . -11.06 50.22 -3.33
C217 POV J . -6.96 44.35 -6.87
C218 POV J . -7.73 44.00 -8.12
C21 POV J . -1.12 58.01 -4.04
O21 POV J . -1.52 58.20 -2.75
C22 POV J . -0.25 56.80 -4.24
O22 POV J . -1.42 58.76 -4.93
C23 POV J . -0.09 56.44 -5.72
C24 POV J . -1.40 56.11 -6.40
C25 POV J . -1.73 54.63 -6.46
C26 POV J . -0.66 53.80 -7.16
C27 POV J . -1.16 52.54 -7.84
C28 POV J . -1.83 51.52 -6.92
C29 POV J . -1.89 50.16 -7.55
C31 POV J . -2.93 55.38 -1.09
O31 POV J . -1.96 55.87 -1.86
C32 POV J . -4.10 54.92 -1.89
O32 POV J . -2.84 55.28 0.11
C33 POV J . -4.81 56.04 -2.66
C34 POV J . -4.01 56.57 -3.83
C35 POV J . -4.54 57.86 -4.43
C36 POV J . -5.51 57.68 -5.59
C37 POV J . -6.80 56.95 -5.24
C38 POV J . -6.68 55.43 -5.26
C39 POV J . -7.83 54.73 -4.55
N POV K . -16.44 22.38 -1.91
P POV K . -13.72 24.18 -4.79
C1 POV K . -15.08 25.97 -6.11
C2 POV K . -14.35 26.84 -7.10
C3 POV K . -12.87 26.53 -7.11
C210 POV K . -12.54 37.76 -4.33
C310 POV K . -8.97 36.21 -5.76
C11 POV K . -15.22 24.52 -2.65
O11 POV K . -14.21 25.68 -5.00
C211 POV K . -11.98 38.96 -3.64
C311 POV K . -7.63 36.18 -5.05
C12 POV K . -15.67 23.62 -1.51
O12 POV K . -13.99 24.06 -3.23
C212 POV K . -11.25 39.91 -4.59
C312 POV K . -7.20 37.52 -4.48
C13 POV K . -16.21 21.24 -0.97
O13 POV K . -12.26 24.07 -5.09
C213 POV K . -10.00 39.33 -5.22
C313 POV K . -5.92 37.46 -3.68
C14 POV K . -17.90 22.71 -1.90
O14 POV K . -14.67 23.30 -5.50
C214 POV K . -9.22 40.31 -6.10
C314 POV K . -5.59 38.75 -2.95
C15 POV K . -16.06 21.95 -3.28
C215 POV K . -8.46 41.39 -5.32
C315 POV K . -5.39 39.94 -3.87
C216 POV K . -9.33 42.50 -4.77
C316 POV K . -5.14 41.22 -3.12
C217 POV K . -10.03 43.32 -5.83
C218 POV K . -10.86 44.45 -5.27
C21 POV K . -15.77 28.75 -6.92
O21 POV K . -14.55 28.22 -6.72
C22 POV K . -15.84 30.18 -6.46
O22 POV K . -16.68 28.15 -7.42
C23 POV K . -15.44 31.19 -7.55
C24 POV K . -14.22 32.01 -7.17
C25 POV K . -14.44 32.93 -5.99
C26 POV K . -13.17 33.65 -5.55
C27 POV K . -13.34 34.59 -4.36
C28 POV K . -14.14 35.86 -4.67
C29 POV K . -13.60 37.06 -3.95
C31 POV K . -10.94 27.88 -6.78
O31 POV K . -12.14 27.76 -7.35
C32 POV K . -10.31 29.19 -7.10
O32 POV K . -10.46 27.04 -6.07
C33 POV K . -9.04 29.48 -6.33
C34 POV K . -9.26 29.46 -4.81
C35 POV K . -8.28 30.33 -4.04
C36 POV K . -8.77 31.75 -3.82
C37 POV K . -9.03 32.52 -5.11
C38 POV K . -9.55 33.92 -4.86
C39 POV K . -9.50 34.82 -6.08
N POV L . 11.92 52.54 23.18
P POV L . 10.55 49.64 21.18
C1 POV L . 9.60 47.18 20.90
C2 POV L . 8.44 47.43 19.97
C3 POV L . 8.89 48.06 18.67
C210 POV L . -2.41 46.01 23.48
C310 POV L . 4.10 41.43 19.12
C11 POV L . 12.57 51.33 21.02
O11 POV L . 10.65 48.15 20.62
C211 POV L . -1.45 44.99 24.05
C311 POV L . 4.83 40.22 19.69
C12 POV L . 11.66 52.32 21.71
O12 POV L . 12.10 49.97 21.22
C212 POV L . -1.95 43.56 23.90
C312 POV L . 5.80 39.58 18.70
C13 POV L . 12.18 51.25 23.88
O13 POV L . 9.98 49.63 22.55
C213 POV L . -3.03 43.17 24.90
C313 POV L . 6.51 38.36 19.24
C14 POV L . 13.10 53.44 23.34
O14 POV L . 9.92 50.47 20.13
C214 POV L . -3.58 41.77 24.68
C314 POV L . 5.66 37.11 19.29
C15 POV L . 10.73 53.21 23.79
C215 POV L . -2.53 40.76 24.25
C315 POV L . 5.51 36.44 17.94
C216 POV L . -1.39 40.60 25.24
C316 POV L . 6.81 35.89 17.43
C217 POV L . -0.17 39.91 24.67
C218 POV L . -0.46 38.53 24.13
C21 POV L . 6.41 47.79 21.19
O21 POV L . 7.50 48.34 20.62
C22 POV L . 5.55 48.84 21.82
O22 POV L . 6.18 46.61 21.19
C23 POV L . 4.51 48.26 22.78
C24 POV L . 3.40 47.48 22.10
C25 POV L . 2.52 46.68 23.05
C26 POV L . 1.26 46.11 22.43
C27 POV L . 0.25 47.18 22.04
C28 POV L . -1.05 46.61 21.45
C29 POV L . -2.23 46.70 22.38
C31 POV L . 10.08 46.54 17.30
O31 POV L . 8.89 47.04 17.65
C32 POV L . 9.93 45.47 16.26
O32 POV L . 11.13 46.91 17.76
C33 POV L . 8.49 45.03 16.06
C34 POV L . 7.92 44.30 17.27
C35 POV L . 6.74 45.02 17.91
C36 POV L . 5.78 44.08 18.64
C37 POV L . 4.61 44.76 19.32
C38 POV L . 3.41 43.85 19.57
C39 POV L . 3.75 42.48 20.16
N POV M . 47.06 26.87 0.78
P POV M . 46.98 26.89 5.51
C1 POV M . 48.28 25.04 6.87
C2 POV M . 47.74 23.65 6.66
C3 POV M . 47.80 23.25 5.21
C210 POV M . 41.07 15.44 10.71
C310 POV M . 41.74 14.54 5.44
C11 POV M . 46.34 27.74 3.09
O11 POV M . 48.12 25.78 5.65
C211 POV M . 39.94 14.70 11.37
C311 POV M . 40.99 13.81 6.53
C12 POV M . 47.34 27.77 1.97
O12 POV M . 46.58 26.62 3.98
C212 POV M . 38.64 15.50 11.36
C312 POV M . 39.52 13.61 6.24
C13 POV M . 46.01 27.50 -0.08
O13 POV M . 45.84 26.57 6.39
C213 POV M . 37.38 14.67 11.21
C313 POV M . 38.70 13.27 7.48
C14 POV M . 48.30 26.70 -0.03
O14 POV M . 47.61 28.23 5.58
C214 POV M . 36.70 14.28 12.51
C314 POV M . 37.23 13.02 7.21
C15 POV M . 46.57 25.53 1.24
C215 POV M . 35.41 13.49 12.31
C315 POV M . 36.42 12.78 8.48
C216 POV M . 34.57 13.33 13.56
C316 POV M . 35.00 12.34 8.22
C217 POV M . 33.45 12.30 13.44
C218 POV M . 32.53 12.53 12.26
C21 POV M . 45.88 22.76 7.91
O21 POV M . 46.32 23.67 7.02
C22 POV M . 46.99 21.85 8.36
O22 POV M . 44.74 22.69 8.28
C23 POV M . 46.49 20.52 8.92
C24 POV M . 45.71 20.66 10.22
C25 POV M . 44.90 19.42 10.59
C26 POV M . 43.87 19.03 9.55
C27 POV M . 42.74 18.15 10.08
C28 POV M . 43.18 16.80 10.64
C29 POV M . 42.06 16.05 11.30
C31 POV M . 46.12 22.82 3.59
O31 POV M . 46.52 23.56 4.63
C32 POV M . 47.15 21.81 3.20
O32 POV M . 45.07 22.99 3.04
C33 POV M . 46.79 20.38 3.61
C34 POV M . 46.75 20.19 5.12
C35 POV M . 46.53 18.75 5.55
C36 POV M . 45.29 18.12 4.98
C37 POV M . 44.94 16.76 5.59
C38 POV M . 43.66 16.15 5.04
C39 POV M . 43.13 15.01 5.87
N POV N . 31.46 40.33 20.83
P POV N . 28.34 37.23 19.96
C1 POV N . 29.13 35.98 22.10
C2 POV N . 27.98 35.39 22.88
C3 POV N . 28.16 33.92 23.09
C210 POV N . 20.90 30.95 17.76
C310 POV N . 20.91 28.13 20.92
C11 POV N . 29.09 39.45 21.16
O11 POV N . 28.81 35.89 20.70
C211 POV N . 21.30 29.88 16.78
C311 POV N . 21.91 27.60 19.90
C12 POV N . 30.58 39.17 21.21
O12 POV N . 28.37 38.19 21.23
C212 POV N . 21.53 30.38 15.36
C312 POV N . 21.34 26.61 18.90
C13 POV N . 31.52 41.31 21.96
O13 POV N . 29.36 37.63 18.97
C213 POV N . 20.26 30.63 14.58
C313 POV N . 21.17 25.19 19.42
C14 POV N . 32.85 39.84 20.55
O14 POV N . 26.94 37.06 19.53
C214 POV N . 19.51 31.88 14.97
C314 POV N . 20.09 25.03 20.48
C15 POV N . 30.92 41.01 19.62
C215 POV N . 18.08 31.92 14.51
C315 POV N . 18.69 25.46 20.05
C216 POV N . 17.17 30.95 15.24
C316 POV N . 18.11 24.62 18.93
C217 POV N . 17.09 31.21 16.74
C218 POV N . 16.14 30.28 17.46
C21 POV N . 25.90 36.53 22.47
O21 POV N . 26.77 35.57 22.09
C22 POV N . 24.71 36.57 21.57
O22 POV N . 26.09 37.25 23.42
C23 POV N . 23.62 35.60 22.00
C24 POV N . 24.09 34.16 21.98
C25 POV N . 24.22 33.56 20.60
C26 POV N . 22.89 33.28 19.94
C27 POV N . 21.93 32.49 20.80
C28 POV N . 20.71 31.95 20.06
C29 POV N . 21.09 30.90 19.06
C31 POV N . 29.29 32.32 21.74
O31 POV N . 29.34 33.49 22.36
C32 POV N . 27.95 31.65 21.91
O32 POV N . 30.20 31.85 21.11
C33 POV N . 27.87 30.70 23.10
C34 POV N . 26.51 30.05 23.22
C35 POV N . 25.37 31.04 23.22
C36 POV N . 24.06 30.47 22.71
C37 POV N . 23.51 29.34 23.55
C38 POV N . 22.65 28.37 22.76
C39 POV N . 21.54 29.04 21.95
NA NA O . 22.43 28.65 -6.05
N POV P . 25.00 46.60 11.86
P POV P . 20.87 48.97 12.05
C1 POV P . 19.51 49.29 14.30
C2 POV P . 19.18 47.99 14.99
C3 POV P . 20.43 47.21 15.30
C210 POV P . 10.61 40.73 16.69
C310 POV P . 15.29 38.16 17.60
C11 POV P . 22.97 47.84 10.92
O11 POV P . 20.78 49.15 13.64
C211 POV P . 9.40 39.87 16.46
C311 POV P . 13.84 37.72 17.70
C12 POV P . 24.38 47.92 11.44
O12 POV P . 22.01 47.86 12.02
C212 POV P . 9.21 39.55 14.97
C312 POV P . 13.49 36.52 16.83
C13 POV P . 25.52 45.88 10.65
O13 POV P . 19.60 48.39 11.53
C213 POV P . 8.61 38.18 14.70
C313 POV P . 12.01 36.43 16.53
C14 POV P . 26.14 46.85 12.80
O14 POV P . 21.39 50.21 11.46
C214 POV P . 7.09 38.14 14.61
C314 POV P . 11.61 35.19 15.74
C15 POV P . 23.99 45.73 12.54
C215 POV P . 6.53 36.75 14.30
C315 POV P . 10.13 35.16 15.39
C216 POV P . 5.08 36.73 13.88
C316 POV P . 9.67 33.85 14.81
C217 POV P . 4.44 35.35 13.91
C218 POV P . 5.20 34.32 13.10
C21 POV P . 17.23 46.68 14.48
O21 POV P . 18.40 47.18 14.06
C22 POV P . 16.92 47.12 15.89
O22 POV P . 16.51 45.99 13.82
C23 POV P . 15.79 46.33 16.53
C24 POV P . 14.44 46.57 15.88
C25 POV P . 13.38 45.52 16.22
C26 POV P . 13.81 44.10 15.86
C27 POV P . 12.64 43.11 15.74
C28 POV P . 11.85 42.89 17.03
C29 POV P . 10.63 42.04 16.80
C31 POV P . 21.11 45.08 14.52
O31 POV P . 20.60 46.27 14.22
C32 POV P . 21.46 44.96 15.98
O32 POV P . 21.28 44.21 13.70
C33 POV P . 20.49 44.09 16.76
C34 POV P . 19.08 44.66 16.83
C35 POV P . 18.14 43.87 17.71
C36 POV P . 18.03 42.41 17.34
C37 POV P . 16.96 41.64 18.10
C38 POV P . 16.81 40.19 17.68
C39 POV P . 15.56 39.53 18.21
N POV Q . 5.96 54.46 -7.90
P POV Q . 4.52 50.20 -7.72
C1 POV Q . 2.52 51.04 -6.28
C2 POV Q . 1.25 50.32 -6.59
C3 POV Q . 0.71 49.62 -5.38
C210 POV Q . 1.59 40.46 -8.14
C310 POV Q . -1.93 40.34 -5.94
C11 POV Q . 4.51 52.58 -8.86
O11 POV Q . 3.63 50.12 -6.42
C211 POV Q . 2.23 39.63 -7.08
C311 POV Q . -0.78 40.18 -4.96
C12 POV Q . 4.93 53.39 -7.66
O12 POV Q . 3.77 51.41 -8.43
C212 POV Q . 3.73 39.43 -7.25
C312 POV Q . -0.38 38.75 -4.67
C13 POV Q . 5.34 55.57 -8.70
O13 POV Q . 5.90 50.60 -7.35
C213 POV Q . 4.11 38.40 -8.29
C313 POV Q . -1.24 38.04 -3.63
C14 POV Q . 6.46 55.00 -6.60
O14 POV Q . 4.29 48.98 -8.53
C214 POV Q . 3.93 38.86 -9.72
C314 POV Q . -2.69 37.81 -4.06
C15 POV Q . 7.10 53.89 -8.67
C215 POV Q . 3.83 37.73 -10.72
C315 POV Q . -2.86 36.99 -5.32
C216 POV Q . 2.54 36.95 -10.64
C316 POV Q . -2.39 35.56 -5.20
C217 POV Q . 1.29 37.79 -10.90
C218 POV Q . 0.01 37.00 -10.90
C21 POV Q . 1.19 49.47 -8.84
O21 POV Q . 1.57 49.27 -7.56
C22 POV Q . 1.57 48.31 -9.71
O22 POV Q . 0.63 50.47 -9.22
C23 POV Q . 0.50 47.23 -9.74
C24 POV Q . 0.20 46.66 -8.37
C25 POV Q . 1.26 45.74 -7.83
C26 POV Q . 1.29 44.38 -8.52
C27 POV Q . -0.06 43.69 -8.57
C28 POV Q . 0.02 42.22 -8.99
C29 POV Q . 0.67 41.38 -7.94
C31 POV Q . 1.85 48.67 -3.53
O31 POV Q . 1.67 49.74 -4.30
C32 POV Q . 0.98 47.52 -3.93
O32 POV Q . 2.62 48.65 -2.60
C33 POV Q . -0.36 47.46 -3.23
C34 POV Q . -1.17 46.25 -3.64
C35 POV Q . -1.30 46.09 -5.15
C36 POV Q . -1.52 44.66 -5.59
C37 POV Q . -2.80 44.03 -5.08
C38 POV Q . -2.72 42.53 -4.91
C39 POV Q . -2.32 41.79 -6.18
N POV R . 8.14 49.78 -9.75
P POV R . 10.83 48.41 -13.89
C1 POV R . 9.76 46.26 -14.93
C2 POV R . 8.31 45.96 -15.18
C3 POV R . 7.41 46.94 -14.47
C210 POV R . 5.00 34.85 -14.92
C310 POV R . 8.16 39.75 -10.97
C11 POV R . 9.51 49.50 -11.89
O11 POV R . 9.88 47.14 -13.79
C211 POV R . 4.60 33.55 -15.55
C311 POV R . 7.43 38.75 -10.09
C12 POV R . 9.38 49.25 -10.41
O12 POV R . 10.74 48.91 -12.38
C212 POV R . 4.48 33.64 -17.06
C312 POV R . 7.98 37.35 -10.15
C13 POV R . 8.50 50.88 -8.79
O13 POV R . 12.22 47.97 -14.20
C213 POV R . 3.86 32.41 -17.70
C313 POV R . 7.03 36.31 -9.60
C14 POV R . 7.20 50.33 -10.78
O14 POV R . 10.17 49.42 -14.75
C214 POV R . 4.14 31.13 -16.95
C314 POV R . 7.38 34.89 -9.96
C15 POV R . 7.45 48.70 -9.00
C215 POV R . 3.90 29.87 -17.76
C315 POV R . 6.32 33.91 -9.55
C216 POV R . 4.17 28.59 -16.99
C316 POV R . 4.98 34.20 -10.17
C217 POV R . 2.98 28.09 -16.20
C218 POV R . 1.87 27.58 -17.08
C21 POV R . 7.20 43.84 -15.31
O21 POV R . 8.02 44.64 -14.62
C22 POV R . 6.99 42.54 -14.60
O22 POV R . 6.72 44.13 -16.37
C23 POV R . 7.12 41.32 -15.49
C24 POV R . 5.87 41.07 -16.33
C25 POV R . 4.62 40.91 -15.49
C26 POV R . 4.68 39.74 -14.52
C27 POV R . 4.56 38.39 -15.19
C28 POV R . 4.62 37.22 -14.21
C29 POV R . 4.24 35.92 -14.84
C31 POV R . 6.09 46.87 -12.50
O31 POV R . 6.70 46.18 -13.47
C32 POV R . 5.39 45.94 -11.55
O32 POV R . 6.10 48.06 -12.41
C33 POV R . 5.23 46.52 -10.15
C34 POV R . 4.67 45.49 -9.17
C35 POV R . 5.63 44.34 -8.89
C36 POV R . 4.98 42.97 -8.90
C37 POV R . 5.41 42.11 -10.07
C38 POV R . 6.87 41.75 -10.06
C39 POV R . 7.33 40.98 -11.29
C5 8IJ S . -6.70 16.78 -22.88
C6 8IJ S . -6.75 16.93 -21.36
C8 8IJ S . -8.13 16.62 -20.83
C10 8IJ S . -8.57 15.23 -21.24
C17 8IJ S . -3.10 18.36 -22.93
C21 8IJ S . -1.07 21.64 -20.16
C24 8IJ S . -2.38 23.18 -18.67
C26 8IJ S . -1.99 25.70 -18.37
C28 8IJ S . -2.45 27.25 -20.34
C12 8IJ S . -8.53 15.07 -22.75
C14 8IJ S . -7.15 15.38 -23.30
C18 8IJ S . -2.17 19.54 -22.81
C19 8IJ S . -1.69 19.71 -21.40
C23 8IJ S . -1.45 23.06 -19.86
C25 8IJ S . -3.00 24.57 -18.53
C27 8IJ S . -1.48 26.29 -19.68
C29 8IJ S . -3.66 26.60 -20.99
C37 8IJ S . -5.96 34.08 -19.95
C38 8IJ S . -5.06 34.38 -18.77
C39 8IJ S . -5.70 35.29 -17.75
C41 8IJ S . -0.63 20.23 -24.50
C43 8IJ S . 0.63 19.85 -25.22
O1 8IJ S . -5.94 19.21 -24.35
O11 8IJ S . -9.88 14.97 -20.76
O13 8IJ S . -8.91 13.76 -23.12
O3 8IJ S . -5.22 17.26 -25.84
O4 8IJ S . -5.35 16.99 -23.32
O7 8IJ S . -5.79 16.06 -20.76
O9 8IJ S . -8.15 16.75 -19.41
C30 8IJ S . -4.56 27.59 -21.72
C31 8IJ S . -3.83 28.38 -22.81
C32 8IJ S . -4.66 29.49 -23.43
C33 8IJ S . -5.13 30.52 -22.43
C34 8IJ S . -5.70 31.77 -23.09
C35 8IJ S . -6.29 32.76 -22.11
C36 8IJ S . -5.34 33.15 -20.99
C44 8IJ S . 1.87 20.26 -24.44
C45 8IJ S . 1.96 21.77 -24.28
C46 8IJ S . 3.01 22.23 -23.29
C47 8IJ S . 2.62 22.03 -21.84
C48 8IJ S . 3.48 22.80 -20.85
C49 8IJ S . 2.99 24.20 -20.52
C50 8IJ S . 2.53 25.00 -21.72
C51 8IJ S . 2.17 26.43 -21.41
C52 8IJ S . 3.36 27.36 -21.25
C53 8IJ S . 3.92 27.87 -22.57
C54 8IJ S . 5.31 28.45 -22.45
C55 8IJ S . 5.59 29.62 -23.36
C56 8IJ S . 4.77 30.85 -23.02
C57 8IJ S . 5.17 32.09 -23.80
C58 8IJ S . 4.48 33.36 -23.33
C59 8IJ S . 4.70 33.63 -21.86
O15 8IJ S . -7.14 15.27 -24.71
O16 8IJ S . -3.58 18.31 -24.29
O20 8IJ S . -1.94 21.09 -21.02
O22 8IJ S . -0.13 21.05 -19.69
O40 8IJ S . -0.99 19.27 -23.62
O42 8IJ S . -1.23 21.25 -24.65
P2 8IJ S . -5.12 17.99 -24.56
N POV T . -3.21 20.23 -33.18
P POV T . -1.55 18.51 -37.03
C1 POV T . 0.73 19.79 -37.46
C2 POV T . 0.83 20.31 -38.86
C3 POV T . 1.25 19.25 -39.82
C210 POV T . 7.30 22.15 -43.96
C310 POV T . -1.89 27.61 -45.47
C11 POV T . -1.35 20.06 -34.91
O11 POV T . -0.02 18.55 -37.49
C211 POV T . 8.78 22.39 -44.03
C311 POV T . -3.22 27.01 -45.07
C12 POV T . -2.72 20.54 -34.57
O12 POV T . -1.37 18.72 -35.46
C212 POV T . 9.19 23.30 -45.20
C312 POV T . -4.32 28.02 -44.83
C13 POV T . -4.17 19.08 -33.22
O13 POV T . -2.29 19.64 -37.63
C213 POV T . 10.70 23.35 -45.42
C313 POV T . -5.67 27.38 -44.65
C14 POV T . -2.04 19.86 -32.34
O14 POV T . -2.02 17.13 -37.24
C214 POV T . 11.17 24.51 -46.27
C314 POV T . -5.70 26.32 -43.56
C15 POV T . -3.89 21.41 -32.57
C215 POV T . 12.67 24.56 -46.47
C315 POV T . -6.39 25.04 -43.97
C216 POV T . 13.20 25.89 -46.96
C316 POV T . -5.69 24.34 -45.10
C217 POV T . 12.96 27.05 -45.99
C218 POV T . 13.55 28.35 -46.45
C21 POV T . 1.73 22.31 -39.80
O21 POV T . 1.87 21.34 -38.88
C22 POV T . 2.87 23.28 -39.74
O22 POV T . 0.81 22.39 -40.56
C23 POV T . 2.74 24.46 -40.71
C24 POV T . 2.56 24.03 -42.16
C25 POV T . 2.78 25.14 -43.16
C26 POV T . 4.14 25.08 -43.85
C27 POV T . 5.31 25.13 -42.88
C28 POV T . 6.57 24.49 -43.42
C29 POV T . 6.37 23.04 -43.71
C31 POV T . 0.42 18.62 -41.94
O31 POV T . 0.78 19.61 -41.14
C32 POV T . -0.04 19.12 -43.27
O32 POV T . 0.48 17.46 -41.64
C33 POV T . 0.88 20.18 -43.86
C34 POV T . 0.33 21.59 -43.76
C35 POV T . -0.69 21.93 -44.84
C36 POV T . -1.14 23.38 -44.81
C37 POV T . 0.03 24.36 -44.76
C38 POV T . -0.39 25.80 -44.50
C39 POV T . -0.82 26.56 -45.74
N POV U . -10.27 15.08 -15.11
P POV U . -8.88 19.01 -13.85
C1 POV U . -7.80 21.23 -12.94
C2 POV U . -8.63 22.44 -13.29
C3 POV U . -7.79 23.69 -13.31
C210 POV U . -5.94 27.68 -7.15
C310 POV U . 0.86 27.80 -13.69
C11 POV U . -9.23 16.48 -13.22
O11 POV U . -8.66 20.10 -12.71
C211 POV U . -5.65 29.06 -7.62
C311 POV U . 1.46 28.49 -12.48
C12 POV U . -9.29 16.16 -14.70
O12 POV U . -8.49 17.71 -13.02
C212 POV U . -5.79 29.22 -9.12
C312 POV U . 1.87 29.94 -12.73
C13 POV U . -9.81 13.75 -14.58
O13 POV U . -7.92 19.23 -14.95
C213 POV U . -4.47 29.18 -9.87
C313 POV U . 0.71 30.92 -12.71
C14 POV U . -11.63 15.38 -14.57
O14 POV U . -10.33 18.95 -14.15
C214 POV U . -3.62 30.42 -9.66
C314 POV U . 0.92 32.14 -13.60
C15 POV U . -10.35 15.01 -16.61
C215 POV U . -2.24 30.35 -10.28
C315 POV U . 2.18 32.93 -13.32
C216 POV U . -1.60 31.70 -10.45
C316 POV U . 2.20 33.55 -11.94
C217 POV U . -1.61 32.54 -9.19
C218 POV U . -1.38 34.01 -9.47
C21 POV U . -10.87 22.24 -12.46
O21 POV U . -9.60 22.61 -12.22
C22 POV U . -11.76 22.48 -11.27
O22 POV U . -11.23 21.77 -13.51
C23 POV U . -11.00 22.50 -9.95
C24 POV U . -10.37 23.85 -9.64
C25 POV U . -9.40 23.81 -8.46
C26 POV U . -8.97 25.19 -7.98
C27 POV U . -7.90 25.14 -6.90
C28 POV U . -6.47 25.24 -7.43
C29 POV U . -6.16 26.62 -7.92
C31 POV U . -7.08 25.32 -11.73
O31 POV U . -7.89 24.30 -12.01
C32 POV U . -6.19 25.67 -12.89
O32 POV U . -7.07 25.90 -10.68
C33 POV U . -6.22 27.16 -13.23
C34 POV U . -4.95 27.63 -13.93
C35 POV U . -4.58 26.81 -15.15
C36 POV U . -3.09 26.74 -15.40
C37 POV U . -2.44 28.07 -15.73
C38 POV U . -0.94 28.08 -15.47
C39 POV U . -0.57 28.22 -14.00
C1 TRD V . 2.83 37.82 -45.00
C2 TRD V . 4.10 37.47 -44.23
C3 TRD V . 5.23 38.49 -44.40
C4 TRD V . 6.55 38.05 -43.78
C5 TRD V . 6.76 38.55 -42.37
C6 TRD V . 5.48 38.96 -41.68
C7 TRD V . 5.66 39.48 -40.27
C8 TRD V . 6.20 38.44 -39.32
C9 TRD V . 7.71 38.44 -39.22
C10 TRD V . 8.25 37.14 -38.67
C11 TRD V . 8.06 35.98 -39.62
C12 TRD V . 8.51 34.66 -39.04
C13 TRD V . 9.89 34.71 -38.48
N POV W . 25.77 32.64 -36.35
P POV W . 23.78 29.28 -34.12
C1 POV W . 22.05 29.17 -36.06
C2 POV W . 21.61 27.77 -36.38
C3 POV W . 20.14 27.58 -36.21
C210 POV W . 20.09 21.37 -28.92
C310 POV W . 16.81 20.08 -31.17
C11 POV W . 25.50 30.14 -35.92
O11 POV W . 22.28 29.25 -34.64
C211 POV W . 19.15 21.77 -27.83
C311 POV W . 16.34 21.19 -30.25
C12 POV W . 24.84 31.46 -36.23
O12 POV W . 24.49 29.18 -35.55
C212 POV W . 19.80 22.53 -26.67
C312 POV W . 15.79 20.71 -28.91
C13 POV W . 26.52 32.58 -37.64
O13 POV W . 24.06 30.59 -33.50
C213 POV W . 20.54 21.64 -25.70
C313 POV W . 14.35 20.24 -28.95
C14 POV W . 24.98 33.92 -36.32
O14 POV W . 24.05 28.04 -33.37
C214 POV W . 21.86 21.12 -26.21
C314 POV W . 14.11 18.97 -29.74
C15 POV W . 26.73 32.66 -35.21
C215 POV W . 22.37 19.89 -25.47
C315 POV W . 14.90 17.75 -29.29
C216 POV W . 21.56 18.64 -25.74
C316 POV W . 14.54 17.26 -27.91
C217 POV W . 21.58 18.22 -27.22
C218 POV W . 20.83 16.93 -27.48
C21 POV W . 23.30 26.14 -35.84
O21 POV W . 22.27 26.88 -35.41
C22 POV W . 23.84 25.28 -34.73
O22 POV W . 23.74 26.18 -36.96
C23 POV W . 23.15 23.92 -34.66
C24 POV W . 21.65 24.04 -34.43
C25 POV W . 21.27 24.42 -33.02
C26 POV W . 21.47 23.30 -32.01
C27 POV W . 20.81 21.99 -32.42
C28 POV W . 20.75 20.96 -31.31
C29 POV W . 19.83 21.36 -30.20
C31 POV W . 18.64 28.65 -34.71
O31 POV W . 19.59 28.79 -35.63
C32 POV W . 18.32 27.21 -34.44
O32 POV W . 18.12 29.58 -34.15
C33 POV W . 17.18 26.66 -35.30
C34 POV W . 16.88 25.21 -34.98
C35 POV W . 18.10 24.32 -34.99
C36 POV W . 17.97 23.11 -34.07
C37 POV W . 16.85 22.16 -34.45
C38 POV W . 16.30 21.39 -33.27
C39 POV W . 17.32 20.59 -32.50
N POV X . 24.00 35.42 -42.31
P POV X . 19.54 37.30 -42.60
C1 POV X . 19.67 34.68 -42.49
C2 POV X . 18.87 33.54 -43.10
C3 POV X . 18.00 32.77 -42.10
C210 POV X . 20.72 24.00 -38.55
C310 POV X . 17.14 25.18 -44.43
C11 POV X . 22.09 37.06 -41.92
O11 POV X . 18.85 35.86 -42.49
C211 POV X . 19.90 23.51 -39.70
C311 POV X . 15.78 24.54 -44.66
C12 POV X . 22.65 35.69 -41.70
O12 POV X . 20.69 37.10 -41.51
C212 POV X . 18.48 23.15 -39.28
C312 POV X . 14.98 24.33 -43.38
C13 POV X . 23.82 34.90 -43.71
O13 POV X . 20.15 37.47 -43.94
C213 POV X . 18.41 22.26 -38.05
C313 POV X . 15.67 23.45 -42.36
C14 POV X . 24.79 36.69 -42.37
O14 POV X . 18.59 38.32 -42.09
C214 POV X . 19.14 20.93 -38.21
C314 POV X . 16.01 22.05 -42.86
C15 POV X . 24.74 34.40 -41.51
C215 POV X . 19.11 20.06 -36.96
C315 POV X . 14.82 21.15 -43.17
C216 POV X . 17.72 19.66 -36.51
C316 POV X . 14.16 21.43 -44.50
C217 POV X . 16.97 18.82 -37.52
C218 POV X . 17.66 17.50 -37.81
C21 POV X . 20.89 32.17 -43.55
O21 POV X . 19.69 32.66 -43.95
C22 POV X . 20.98 31.87 -42.09
O22 POV X . 21.80 31.98 -44.31
C23 POV X . 22.19 31.01 -41.72
C24 POV X . 22.19 29.66 -42.41
C25 POV X . 21.70 28.51 -41.55
C26 POV X . 22.49 28.35 -40.26
C27 POV X . 22.50 26.93 -39.69
C28 POV X . 21.12 26.36 -39.34
C29 POV X . 21.23 25.20 -38.40
C31 POV X . 16.83 30.83 -42.76
O31 POV X . 18.01 31.39 -42.53
C32 POV X . 16.99 29.40 -43.24
O32 POV X . 15.78 31.38 -42.60
C33 POV X . 17.73 29.26 -44.55
C34 POV X . 19.23 29.53 -44.42
C35 POV X . 19.95 29.67 -45.76
C36 POV X . 20.54 28.37 -46.31
C37 POV X . 19.52 27.30 -46.64
C38 POV X . 19.09 26.44 -45.45
C39 POV X . 17.82 25.64 -45.70
N POV Y . 2.27 2.02 -27.60
P POV Y . 6.40 3.38 -27.14
C1 POV Y . 7.64 2.97 -29.40
C2 POV Y . 9.03 3.53 -29.55
C3 POV Y . 9.45 4.31 -28.33
C210 POV Y . 10.61 12.56 -36.31
C310 POV Y . 12.74 13.20 -32.82
C11 POV Y . 4.06 3.70 -28.35
O11 POV Y . 6.86 3.87 -28.59
C211 POV Y . 10.60 13.97 -36.81
C311 POV Y . 12.58 14.39 -31.87
C12 POV Y . 2.62 3.45 -27.97
O12 POV Y . 4.89 3.91 -27.18
C212 POV Y . 12.00 14.52 -37.06
C312 POV Y . 12.67 15.74 -32.56
C13 POV Y . 1.17 1.96 -26.58
O13 POV Y . 7.17 4.08 -26.09
C213 POV Y . 12.85 14.67 -35.82
C313 POV Y . 12.41 16.91 -31.64
C14 POV Y . 1.82 1.31 -28.84
O14 POV Y . 6.36 1.90 -27.17
C214 POV Y . 14.20 15.33 -36.04
C314 POV Y . 12.31 18.24 -32.35
C15 POV Y . 3.47 1.33 -27.05
C215 POV Y . 14.15 16.83 -36.30
C315 POV Y . 13.57 18.62 -33.12
C216 POV Y . 13.67 17.22 -37.69
C316 POV Y . 13.41 19.92 -33.88
C217 POV Y . 14.59 16.74 -38.81
C218 POV Y . 14.12 17.18 -40.17
C21 POV Y . 8.96 3.85 -31.93
O21 POV Y . 9.03 4.42 -30.71
C22 POV Y . 8.96 4.89 -33.01
O22 POV Y . 8.91 2.67 -32.11
C23 POV Y . 10.35 5.23 -33.53
C24 POV Y . 10.73 6.68 -33.31
C25 POV Y . 9.88 7.67 -34.10
C26 POV Y . 10.18 9.12 -33.75
C27 POV Y . 9.38 10.14 -34.54
C28 POV Y . 9.74 10.22 -36.03
C29 POV Y . 9.70 11.63 -36.53
C31 POV Y . 10.29 6.50 -28.01
O31 POV Y . 10.32 5.39 -28.74
C32 POV Y . 11.23 7.53 -28.54
O32 POV Y . 9.57 6.65 -27.04
C33 POV Y . 11.10 8.90 -27.88
C34 POV Y . 9.71 9.48 -27.98
C35 POV Y . 9.67 11.00 -27.97
C36 POV Y . 9.75 11.64 -29.34
C37 POV Y . 11.02 11.29 -30.12
C38 POV Y . 11.04 11.88 -31.51
C39 POV Y . 12.41 11.88 -32.16
N POV Z . 0.28 50.35 -29.94
P POV Z . 0.61 46.74 -28.79
C1 POV Z . -0.21 44.53 -27.61
C2 POV Z . 0.22 43.50 -28.64
C3 POV Z . 1.71 43.53 -28.88
C210 POV Z . -7.36 37.37 -34.80
C310 POV Z . -2.50 36.69 -27.19
C11 POV Z . 2.05 48.96 -28.70
O11 POV Z . 0.71 45.64 -27.65
C211 POV Z . -7.85 37.67 -33.42
C311 POV Z . -3.12 36.69 -25.80
C12 POV Z . 1.40 49.32 -30.01
O12 POV Z . 1.26 47.96 -27.99
C212 POV Z . -8.36 36.43 -32.70
C312 POV Z . -2.11 36.43 -24.70
C13 POV Z . -0.64 50.06 -28.80
O13 POV Z . -0.81 47.03 -29.09
C213 POV Z . -9.75 35.98 -33.11
C313 POV Z . -2.71 36.42 -23.30
C14 POV Z . 0.88 51.71 -29.75
O14 POV Z . 1.53 46.34 -29.89
C214 POV Z . -10.20 34.69 -32.43
C314 POV Z . -3.47 35.14 -22.98
C15 POV Z . -0.49 50.33 -31.21
C215 POV Z . -9.73 34.57 -30.99
C315 POV Z . -2.56 33.97 -22.60
C216 POV Z . -10.21 35.68 -30.08
C316 POV Z . -1.81 34.23 -21.32
C217 POV Z . -9.46 35.78 -28.76
C218 POV Z . -9.49 34.51 -27.95
C21 POV Z . -1.51 43.02 -30.21
O21 POV Z . -0.46 43.79 -29.90
C22 POV Z . -2.10 43.42 -31.54
O22 POV Z . -1.93 42.14 -29.52
C23 POV Z . -3.50 42.87 -31.76
C24 POV Z . -3.52 41.37 -31.99
C25 POV Z . -4.92 40.76 -31.91
C26 POV Z . -5.00 39.30 -32.35
C27 POV Z . -4.84 39.11 -33.84
C28 POV Z . -4.91 37.66 -34.30
C29 POV Z . -6.09 37.36 -35.18
C31 POV Z . 2.86 42.70 -26.97
O31 POV Z . 2.30 42.42 -28.15
C32 POV Z . 3.41 41.47 -26.33
O32 POV Z . 2.89 43.81 -26.49
C33 POV Z . 2.89 40.19 -26.96
C34 POV Z . 1.40 39.99 -26.79
C35 POV Z . 0.63 39.97 -28.10
C36 POV Z . -0.65 39.15 -28.02
C37 POV Z . -1.48 39.11 -29.30
C38 POV Z . -2.41 37.91 -29.44
C39 POV Z . -3.23 37.59 -28.19
N POV AA . 13.16 49.63 -17.14
P POV AA . 12.21 48.38 -21.62
C1 POV AA . 9.86 48.91 -22.73
C2 POV AA . 8.73 48.24 -21.99
C3 POV AA . 8.67 48.69 -20.56
C210 POV AA . 1.72 39.28 -22.38
C310 POV AA . 1.89 41.14 -17.31
C11 POV AA . 13.64 48.55 -19.41
O11 POV AA . 10.89 49.26 -21.77
C211 POV AA . 1.23 37.87 -22.56
C311 POV AA . 1.20 39.99 -17.99
C12 POV AA . 13.68 49.78 -18.54
O12 POV AA . 12.33 48.41 -20.04
C212 POV AA . 2.37 36.85 -22.47
C312 POV AA . 1.42 38.64 -17.33
C13 POV AA . 14.19 48.96 -16.28
O13 POV AA . 11.95 46.99 -22.08
C213 POV AA . 1.98 35.52 -21.85
C313 POV AA . 1.13 37.47 -18.27
C14 POV AA . 12.86 50.98 -16.56
O14 POV AA . 13.35 49.13 -22.19
C214 POV AA . 1.49 34.48 -22.85
C314 POV AA . 1.22 36.10 -17.60
C15 POV AA . 11.91 48.81 -17.13
C215 POV AA . 1.13 33.14 -22.20
C315 POV AA . 0.96 34.96 -18.58
C216 POV AA . 0.97 31.98 -23.18
C316 POV AA . 0.80 33.62 -17.90
C217 POV AA . 0.29 30.76 -22.59
C218 POV AA . 0.95 30.23 -21.33
C21 POV AA . 8.05 45.98 -22.42
O21 POV AA . 9.00 46.80 -21.97
C22 POV AA . 6.84 46.74 -22.89
O22 POV AA . 8.14 44.78 -22.43
C23 POV AA . 5.59 45.86 -23.03
C24 POV AA . 5.71 44.82 -24.13
C25 POV AA . 4.68 43.70 -24.04
C26 POV AA . 4.71 42.94 -22.73
C27 POV AA . 4.10 41.54 -22.79
C28 POV AA . 2.60 41.50 -23.12
C29 POV AA . 2.11 40.11 -23.32
C31 POV AA . 8.94 47.45 -18.55
O31 POV AA . 9.38 47.69 -19.79
C32 POV AA . 7.77 48.32 -18.18
O32 POV AA . 9.44 46.63 -17.83
C33 POV AA . 6.44 47.58 -18.17
C34 POV AA . 6.03 47.07 -19.54
C35 POV AA . 4.65 46.43 -19.57
C36 POV AA . 4.48 45.30 -18.57
C37 POV AA . 3.18 44.54 -18.73
C38 POV AA . 3.03 43.36 -17.77
C39 POV AA . 1.90 42.42 -18.13
N POV BA . 26.79 30.34 -31.51
P POV BA . 30.98 29.28 -28.77
C1 POV BA . 30.80 26.80 -27.94
C2 POV BA . 30.39 25.57 -28.72
C3 POV BA . 29.74 25.94 -30.02
C210 POV BA . 25.83 17.08 -22.55
C310 POV BA . 24.79 23.77 -24.09
C11 POV BA . 29.09 30.06 -30.43
O11 POV BA . 30.14 27.95 -28.49
C211 POV BA . 26.07 15.88 -21.69
C311 POV BA . 23.44 23.11 -23.83
C12 POV BA . 27.66 30.50 -30.28
O12 POV BA . 29.79 30.25 -29.17
C212 POV BA . 26.57 14.67 -22.48
C312 POV BA . 23.27 22.62 -22.40
C13 POV BA . 26.43 31.68 -32.05
O13 POV BA . 31.61 29.74 -27.51
C213 POV BA . 26.90 13.47 -21.62
C313 POV BA . 22.11 21.65 -22.26
C14 POV BA . 27.52 29.57 -32.56
O14 POV BA . 31.82 29.04 -29.96
C214 POV BA . 25.74 12.99 -20.76
C314 POV BA . 22.13 20.86 -20.99
C15 POV BA . 25.54 29.61 -31.15
C215 POV BA . 26.13 11.99 -19.70
C315 POV BA . 21.08 19.78 -20.96
C216 POV BA . 25.05 11.69 -18.68
C316 POV BA . 21.22 18.80 -22.09
C217 POV BA . 23.88 10.89 -19.23
C218 POV BA . 24.26 9.46 -19.55
C21 POV BA . 29.45 23.53 -27.89
O21 POV BA . 29.39 24.87 -27.93
C22 POV BA . 28.33 22.96 -27.07
O22 POV BA . 30.28 22.88 -28.45
C23 POV BA . 28.75 21.86 -26.12
C24 POV BA . 28.88 20.52 -26.80
C25 POV BA . 27.60 20.06 -27.48
C26 POV BA . 26.45 19.80 -26.52
C27 POV BA . 26.66 18.61 -25.62
C28 POV BA . 25.47 18.27 -24.73
C29 POV BA . 25.70 17.07 -23.87
C31 POV BA . 27.51 25.96 -30.83
O31 POV BA . 28.37 25.51 -29.93
C32 POV BA . 26.13 25.42 -30.59
O32 POV BA . 27.81 26.71 -31.73
C33 POV BA . 25.01 26.34 -31.05
C34 POV BA . 23.65 25.84 -30.62
C35 POV BA . 23.43 25.89 -29.12
C36 POV BA . 22.76 24.65 -28.55
C37 POV BA . 23.67 23.84 -27.66
C38 POV BA . 24.12 24.59 -26.41
C39 POV BA . 25.13 23.83 -25.57
C5 8IJ CA . 22.70 -5.24 -17.37
C6 8IJ CA . 21.40 -4.44 -17.47
C8 8IJ CA . 20.33 -5.26 -18.17
C10 8IJ CA . 20.10 -6.57 -17.44
C17 8IJ CA . 24.57 -2.00 -16.14
C21 8IJ CA . 23.89 2.58 -17.14
C24 8IJ CA . 22.57 3.39 -19.12
C26 8IJ CA . 23.22 5.29 -20.71
C28 8IJ CA . 25.25 4.98 -22.23
C12 8IJ CA . 21.39 -7.36 -17.34
C14 8IJ CA . 22.47 -6.56 -16.65
C18 8IJ CA . 25.16 -0.65 -16.39
C19 8IJ CA . 24.16 0.45 -16.16
C23 8IJ CA . 23.92 3.34 -18.44
C25 8IJ CA . 22.64 3.89 -20.55
C27 8IJ CA . 24.74 5.35 -20.85
C29 8IJ CA . 25.17 3.50 -22.57
C37 8IJ CA . 25.67 7.00 -29.62
C38 8IJ CA . 25.07 8.33 -29.20
C39 8IJ CA . 24.21 8.95 -30.28
C41 8IJ CA . 27.43 -0.04 -15.91
C43 8IJ CA . 28.41 0.19 -14.81
O1 8IJ CA . 25.01 -3.99 -18.70
O11 8IJ CA . 19.10 -7.34 -18.10
O13 8IJ CA . 21.16 -8.57 -16.62
O3 8IJ CA . 25.98 -5.42 -16.82
O4 8IJ CA . 23.66 -4.45 -16.63
O7 8IJ CA . 20.96 -4.05 -16.17
O9 8IJ CA . 19.11 -4.52 -18.22
C30 8IJ CA . 25.78 3.17 -23.93
C31 8IJ CA . 27.23 3.58 -24.05
C32 8IJ CA . 27.81 3.42 -25.45
C33 8IJ CA . 27.08 4.22 -26.51
C34 8IJ CA . 27.82 4.28 -27.83
C35 8IJ CA . 27.04 4.97 -28.94
C36 8IJ CA . 26.53 6.35 -28.55
C44 8IJ CA . 28.32 1.60 -14.26
C45 8IJ CA . 28.68 2.64 -15.30
C46 8IJ CA . 28.32 4.07 -14.92
C47 8IJ CA . 26.84 4.38 -15.00
C48 8IJ CA . 26.53 5.87 -14.96
C49 8IJ CA . 26.49 6.55 -16.32
C50 8IJ CA . 27.66 6.19 -17.23
C51 8IJ CA . 27.66 6.97 -18.54
C52 8IJ CA . 28.26 8.35 -18.43
C53 8IJ CA . 29.78 8.37 -18.47
C54 8IJ CA . 30.38 9.67 -17.96
C55 8IJ CA . 31.62 10.11 -18.69
C56 8IJ CA . 31.38 10.50 -20.13
C57 8IJ CA . 32.57 11.14 -20.81
C58 8IJ CA . 32.26 11.71 -22.19
C59 8IJ CA . 31.14 12.72 -22.17
O15 8IJ CA . 23.68 -7.30 -16.60
O16 8IJ CA . 25.56 -3.00 -16.46
O20 8IJ CA . 24.16 1.30 -17.33
O22 8IJ CA . 23.65 3.06 -16.07
O40 8IJ CA . 26.25 -0.43 -15.42
O42 8IJ CA . 27.66 0.09 -17.08
P2 8IJ CA . 25.13 -4.30 -17.26
N POV DA . 34.09 -5.89 -17.89
P POV DA . 37.55 -7.69 -15.60
C1 POV DA . 39.18 -5.67 -15.04
C2 POV DA . 40.60 -5.96 -15.39
C3 POV DA . 41.27 -6.79 -14.35
C210 POV DA . 48.03 -3.17 -12.57
C310 POV DA . 47.58 -6.51 -22.81
C11 POV DA . 36.24 -5.61 -16.54
O11 POV DA . 38.54 -6.89 -14.62
C211 POV DA . 48.71 -2.11 -11.76
C311 POV DA . 46.55 -7.53 -23.24
C12 POV DA . 35.58 -6.04 -17.83
O12 POV DA . 36.30 -6.70 -15.59
C212 POV DA . 50.17 -1.87 -12.18
C312 POV DA . 46.24 -7.51 -24.73
C13 POV DA . 33.42 -7.21 -17.68
O13 POV DA . 38.14 -7.77 -16.95
C213 POV DA . 50.94 -0.99 -11.21
C313 POV DA . 45.39 -8.68 -25.16
C14 POV DA . 33.67 -4.95 -16.81
O14 POV DA . 37.14 -8.93 -14.90
C214 POV DA . 52.22 -0.40 -11.79
C314 POV DA . 44.10 -8.81 -24.36
C15 POV DA . 33.66 -5.33 -19.21
C215 POV DA . 52.96 0.50 -10.81
C315 POV DA . 43.81 -10.23 -23.89
C216 POV DA . 54.00 1.41 -11.47
C316 POV DA . 44.86 -10.74 -22.93
C217 POV DA . 53.40 2.41 -12.44
C218 POV DA . 54.43 3.36 -13.03
C21 POV DA . 42.36 -4.63 -16.30
O21 POV DA . 41.32 -4.70 -15.46
C22 POV DA . 43.03 -3.29 -16.24
O22 POV DA . 42.69 -5.55 -17.02
C23 POV DA . 44.19 -3.15 -17.23
C24 POV DA . 45.26 -4.22 -17.08
C25 POV DA . 46.57 -3.90 -17.79
C26 POV DA . 47.65 -3.40 -16.85
C27 POV DA . 47.25 -2.15 -16.09
C28 POV DA . 48.01 -1.98 -14.77
C29 POV DA . 47.73 -3.11 -13.85
C31 POV DA . 42.62 -8.73 -14.50
O31 POV DA . 42.36 -7.51 -14.97
C32 POV DA . 43.77 -9.36 -15.22
O32 POV DA . 42.02 -9.23 -13.59
C33 POV DA . 44.96 -8.42 -15.40
C34 POV DA . 45.09 -7.88 -16.81
C35 POV DA . 45.75 -8.84 -17.78
C36 POV DA . 46.00 -8.25 -19.15
C37 POV DA . 46.69 -6.90 -19.11
C38 POV DA . 46.74 -6.18 -20.44
C39 POV DA . 47.90 -6.59 -21.32
N POV EA . 14.04 -4.80 -18.30
P POV EA . 14.64 -0.96 -20.25
C1 POV EA . 14.93 1.50 -21.14
C2 POV EA . 15.29 1.54 -22.60
C3 POV EA . 16.01 2.81 -22.97
C210 POV EA . 12.49 9.39 -24.42
C310 POV EA . 20.77 10.62 -20.21
C11 POV EA . 13.20 -2.40 -18.59
O11 POV EA . 14.06 0.39 -20.89
C211 POV EA . 13.39 10.17 -25.32
C311 POV EA . 20.16 12.02 -20.30
C12 POV EA . 14.37 -3.34 -18.43
O12 POV EA . 13.68 -1.09 -19.01
C212 POV EA . 14.70 9.45 -25.62
C312 POV EA . 21.00 13.00 -21.09
C13 POV EA . 13.33 -5.06 -17.01
O13 POV EA . 16.04 -0.73 -19.79
C213 POV EA . 15.85 9.88 -24.72
C313 POV EA . 20.86 12.86 -22.60
C14 POV EA . 13.16 -5.23 -19.43
O14 POV EA . 14.36 -2.07 -21.20
C214 POV EA . 16.37 11.27 -25.05
C314 POV EA . 22.08 13.31 -23.38
C15 POV EA . 15.30 -5.61 -18.35
C215 POV EA . 17.43 11.77 -24.08
C315 POV EA . 22.55 14.73 -23.10
C216 POV EA . 18.25 12.92 -24.66
C316 POV EA . 21.53 15.77 -23.52
C217 POV EA . 17.40 14.04 -25.24
C218 POV EA . 18.18 14.91 -26.19
C21 POV EA . 13.68 0.37 -23.93
O21 POV EA . 14.04 1.52 -23.36
C22 POV EA . 12.38 0.51 -24.68
O22 POV EA . 14.31 -0.65 -23.85
C23 POV EA . 11.50 1.64 -24.14
C24 POV EA . 11.87 3.01 -24.70
C25 POV EA . 11.18 4.16 -23.99
C26 POV EA . 11.32 5.51 -24.68
C27 POV EA . 10.77 6.67 -23.88
C28 POV EA . 11.80 7.41 -23.05
C29 POV EA . 12.74 8.19 -23.90
C31 POV EA . 15.39 5.01 -23.64
O31 POV EA . 15.02 3.75 -23.43
C32 POV EA . 16.84 5.23 -23.33
O32 POV EA . 14.64 5.87 -24.02
C33 POV EA . 17.58 5.93 -24.47
C34 POV EA . 18.82 6.69 -24.00
C35 POV EA . 19.77 5.85 -23.17
C36 POV EA . 20.51 6.64 -22.11
C37 POV EA . 21.46 7.69 -22.66
C38 POV EA . 21.80 8.78 -21.64
C39 POV EA . 20.68 9.82 -21.49
C1 TRD FA . 52.04 2.85 -27.19
C2 TRD FA . 51.74 3.82 -26.07
C3 TRD FA . 52.62 5.06 -26.07
C4 TRD FA . 52.45 5.95 -24.84
C5 TRD FA . 51.42 7.06 -25.02
C6 TRD FA . 50.47 6.81 -26.18
C7 TRD FA . 49.46 7.91 -26.40
C8 TRD FA . 48.50 8.10 -25.24
C9 TRD FA . 48.98 9.11 -24.23
C10 TRD FA . 48.30 8.95 -22.89
C11 TRD FA . 48.72 7.69 -22.18
C12 TRD FA . 47.99 7.46 -20.88
C13 TRD FA . 48.02 8.66 -19.97
N POV GA . 51.37 18.62 -7.73
P POV GA . 47.71 16.40 -6.43
C1 POV GA . 48.72 14.32 -7.65
C2 POV GA . 48.43 13.04 -6.90
C3 POV GA . 47.68 12.06 -7.77
C210 POV GA . 39.34 11.76 -2.98
C310 POV GA . 39.69 7.83 -4.33
C11 POV GA . 50.20 17.13 -6.01
O11 POV GA . 47.58 15.20 -7.47
C211 POV GA . 38.17 11.93 -3.90
C311 POV GA . 39.05 8.65 -5.43
C12 POV GA . 50.60 17.37 -7.46
O12 POV GA . 49.19 16.10 -5.95
C212 POV GA . 37.62 13.35 -3.98
C312 POV GA . 37.53 8.66 -5.41
C13 POV GA . 52.75 18.50 -7.14
O13 POV GA . 47.65 17.69 -7.16
C213 POV GA . 36.77 13.75 -2.80
C313 POV GA . 36.88 7.44 -6.05
C14 POV GA . 51.50 18.84 -9.20
O14 POV GA . 46.79 16.15 -5.31
C214 POV GA . 37.56 14.04 -1.54
C314 POV GA . 37.11 6.13 -5.31
C15 POV GA . 50.69 19.79 -7.11
C215 POV GA . 36.73 13.99 -0.27
C315 POV GA . 36.64 6.11 -3.86
C216 POV GA . 36.30 12.59 0.13
C316 POV GA . 35.14 6.24 -3.70
C217 POV GA . 37.47 11.65 0.39
C218 POV GA . 37.04 10.27 0.85
C21 POV GA . 48.09 13.37 -4.55
O21 POV GA . 47.55 13.37 -5.79
C22 POV GA . 47.06 13.70 -3.51
O22 POV GA . 49.24 13.14 -4.33
C23 POV GA . 46.32 12.48 -3.00
C24 POV GA . 45.60 11.72 -4.09
C25 POV GA . 44.33 12.41 -4.56
C26 POV GA . 43.18 12.35 -3.57
C27 POV GA . 42.89 10.95 -3.06
C28 POV GA . 41.58 10.82 -2.32
C29 POV GA . 40.39 11.00 -3.21
C31 POV GA . 46.14 12.46 -9.52
O31 POV GA . 47.35 12.70 -9.02
C32 POV GA . 45.34 11.54 -8.65
O32 POV GA . 45.74 12.94 -10.55
C33 POV GA . 45.47 10.07 -9.03
C34 POV GA . 44.60 9.18 -8.15
C35 POV GA . 44.81 9.40 -6.66
C36 POV GA . 43.60 9.01 -5.83
C37 POV GA . 43.24 7.54 -5.91
C38 POV GA . 41.76 7.28 -5.69
C39 POV GA . 41.21 7.83 -4.39
N POV HA . 56.86 16.26 -11.15
P POV HA . 56.02 14.39 -15.53
C1 POV HA . 55.18 12.95 -13.51
C2 POV HA . 55.04 11.47 -13.21
C3 POV HA . 53.62 10.94 -13.20
C210 POV HA . 48.84 9.15 -4.79
C310 POV HA . 53.03 4.73 -8.22
C11 POV HA . 56.29 16.20 -13.64
O11 POV HA . 55.22 13.14 -14.94
C211 POV HA . 49.41 7.78 -5.00
C311 POV HA . 52.53 3.36 -8.67
C12 POV HA . 55.88 15.86 -12.23
O12 POV HA . 55.43 15.53 -14.59
C212 POV HA . 48.40 6.85 -5.67
C312 POV HA . 51.06 3.34 -9.01
C13 POV HA . 57.85 15.17 -10.92
O13 POV HA . 57.47 14.24 -15.29
C213 POV HA . 47.02 6.85 -5.03
C313 POV HA . 50.14 3.73 -7.86
C14 POV HA . 57.58 17.51 -11.55
O14 POV HA . 55.53 14.62 -16.91
C214 POV HA . 47.03 6.45 -3.56
C314 POV HA . 50.29 2.88 -6.62
C15 POV HA . 56.11 16.52 -9.87
C215 POV HA . 45.66 6.53 -2.90
C315 POV HA . 49.84 1.43 -6.75
C216 POV HA . 44.63 5.60 -3.53
C316 POV HA . 50.84 0.53 -7.45
C217 POV HA . 44.98 4.13 -3.44
C218 POV HA . 45.09 3.65 -2.01
C21 POV HA . 55.78 11.73 -10.86
O21 POV HA . 55.84 11.07 -12.04
C22 POV HA . 54.44 12.32 -10.53
O22 POV HA . 56.74 11.84 -10.13
C23 POV HA . 54.32 12.75 -9.08
C24 POV HA . 54.51 11.60 -8.09
C25 POV HA . 53.22 11.02 -7.54
C26 POV HA . 52.34 12.05 -6.85
C27 POV HA . 51.40 11.48 -5.79
C28 POV HA . 50.40 10.44 -6.29
C29 POV HA . 49.25 10.27 -5.34
C31 POV HA . 53.17 8.70 -12.57
O31 POV HA . 53.59 9.91 -12.19
C32 POV HA . 53.21 7.72 -11.42
O32 POV HA . 52.81 8.44 -13.68
C33 POV HA . 54.60 7.48 -10.85
C34 POV HA . 55.13 8.66 -10.04
C35 POV HA . 56.61 8.56 -9.70
C36 POV HA . 56.92 7.91 -8.35
C37 POV HA . 56.50 6.45 -8.26
C38 POV HA . 55.04 6.23 -7.88
C39 POV HA . 54.54 4.83 -8.14
N POV IA . 25.69 -10.58 -0.56
P POV IA . 27.24 -6.92 1.21
C1 POV IA . 29.56 -7.43 2.28
C2 POV IA . 30.38 -6.28 2.80
C3 POV IA . 29.70 -4.96 2.54
C210 POV IA . 39.64 -3.11 -3.02
C310 POV IA . 37.57 0.31 -1.98
C11 POV IA . 27.54 -8.78 -0.63
O11 POV IA . 28.82 -7.01 1.12
C211 POV IA . 40.50 -2.52 -4.08
C311 POV IA . 37.05 1.37 -2.93
C12 POV IA . 26.57 -9.67 -1.40
O12 POV IA . 26.88 -7.58 -0.19
C212 POV IA . 41.41 -1.41 -3.57
C312 POV IA . 38.08 1.91 -3.89
C13 POV IA . 24.37 -10.85 -1.23
O13 POV IA . 26.81 -5.49 1.24
C213 POV IA . 40.69 -0.18 -3.06
C313 POV IA . 37.53 2.89 -4.90
C14 POV IA . 26.40 -11.89 -0.36
O14 POV IA . 26.80 -7.83 2.29
C214 POV IA . 41.60 0.97 -2.65
C314 POV IA . 38.53 3.28 -5.98
C15 POV IA . 25.43 -9.96 0.78
C215 POV IA . 42.25 1.71 -3.81
C315 POV IA . 39.79 3.94 -5.44
C216 POV IA . 43.42 0.98 -4.45
C316 POV IA . 40.79 4.25 -6.52
C217 POV IA . 44.58 0.74 -3.52
C218 POV IA . 45.76 0.04 -4.19
C21 POV IA . 32.53 -7.27 2.44
O21 POV IA . 31.67 -6.31 2.10
C22 POV IA . 33.80 -7.19 1.65
O22 POV IA . 32.30 -8.10 3.29
C23 POV IA . 34.87 -6.33 2.31
C24 POV IA . 35.26 -5.12 1.50
C25 POV IA . 35.94 -5.44 0.17
C26 POV IA . 36.19 -4.22 -0.70
C27 POV IA . 36.90 -4.50 -2.01
C28 POV IA . 38.35 -4.92 -1.86
C29 POV IA . 39.21 -4.36 -2.95
C31 POV IA . 30.41 -2.96 1.47
O31 POV IA . 30.71 -3.95 2.31
C32 POV IA . 31.54 -2.00 1.33
O32 POV IA . 29.34 -2.86 0.91
C33 POV IA . 31.33 -0.94 0.26
C34 POV IA . 31.07 -1.52 -1.11
C35 POV IA . 31.50 -0.63 -2.27
C36 POV IA . 32.93 -0.85 -2.72
C37 POV IA . 33.97 -0.63 -1.64
C38 POV IA . 35.39 -0.95 -2.09
C39 POV IA . 36.47 -0.37 -1.20
N POV JA . 41.72 15.94 -37.77
P POV JA . 39.72 14.54 -34.85
C1 POV JA . 37.71 13.26 -33.73
C2 POV JA . 38.45 12.44 -32.70
C3 POV JA . 39.21 13.30 -31.73
C210 POV JA . 39.18 0.94 -33.41
C310 POV JA . 34.11 7.30 -29.45
C11 POV JA . 40.86 16.84 -35.52
O11 POV JA . 38.41 14.50 -33.94
C211 POV JA . 37.88 1.46 -33.93
C311 POV JA . 32.66 7.58 -29.81
C12 POV JA . 41.87 16.00 -36.26
O12 POV JA . 39.64 16.08 -35.28
C212 POV JA . 36.67 0.75 -33.34
C312 POV JA . 31.99 8.60 -28.91
C13 POV JA . 40.29 15.73 -38.14
O13 POV JA . 39.55 13.67 -36.03
C213 POV JA . 36.37 -0.61 -33.95
C313 POV JA . 30.54 8.88 -29.27
C14 POV JA . 42.20 17.23 -38.37
O14 POV JA . 40.90 14.37 -33.97
C214 POV JA . 35.22 -1.34 -33.27
C314 POV JA . 29.59 7.79 -28.83
C15 POV JA . 42.54 14.82 -38.31
C215 POV JA . 34.09 -0.42 -32.83
C315 POV JA . 29.24 7.85 -27.34
C216 POV JA . 33.46 0.38 -33.95
C316 POV JA . 28.47 9.10 -26.99
C217 POV JA . 32.62 1.55 -33.48
C218 POV JA . 31.50 1.16 -32.54
C21 POV JA . 39.05 10.28 -33.54
O21 POV JA . 39.39 11.57 -33.39
C22 POV JA . 40.12 9.51 -34.26
O22 POV JA . 38.01 9.82 -33.16
C23 POV JA . 39.63 8.18 -34.81
C24 POV JA . 39.35 7.15 -33.72
C25 POV JA . 38.58 5.93 -34.21
C26 POV JA . 38.49 4.80 -33.20
C27 POV JA . 39.80 4.06 -32.98
C28 POV JA . 39.72 2.92 -31.96
C29 POV JA . 39.97 1.57 -32.57
C31 POV JA . 37.72 14.46 -30.29
O31 POV JA . 38.47 13.36 -30.49
C32 POV JA . 36.99 14.37 -28.98
O32 POV JA . 37.66 15.38 -31.06
C33 POV JA . 36.97 12.97 -28.40
C34 POV JA . 36.21 11.97 -29.26
C35 POV JA . 37.06 10.84 -29.80
C36 POV JA . 36.28 9.56 -30.03
C37 POV JA . 37.09 8.40 -30.61
C38 POV JA . 36.49 7.02 -30.36
C39 POV JA . 34.99 6.90 -30.62
N POV KA . 35.02 30.01 -28.16
P POV KA . 38.28 26.53 -28.15
C1 POV KA . 38.48 24.70 -30.06
C2 POV KA . 37.20 23.97 -30.33
C3 POV KA . 36.08 24.92 -30.66
C210 POV KA . 32.25 13.89 -28.39
C310 POV KA . 28.44 17.56 -29.48
C11 POV KA . 36.90 28.55 -27.19
O11 POV KA . 38.16 26.06 -29.67
C211 POV KA . 31.81 12.65 -27.68
C311 POV KA . 28.39 16.09 -29.14
C12 POV KA . 36.50 29.80 -27.94
O12 POV KA . 36.96 27.41 -28.08
C212 POV KA . 31.83 12.81 -26.17
C312 POV KA . 27.52 15.74 -27.96
C13 POV KA . 34.43 30.69 -26.97
O13 POV KA . 38.18 25.36 -27.24
C213 POV KA . 30.75 12.05 -25.43
C313 POV KA . 27.85 14.38 -27.36
C14 POV KA . 34.81 30.86 -29.37
O14 POV KA . 39.45 27.43 -28.04
C214 POV KA . 31.12 10.63 -25.02
C314 POV KA . 26.95 13.97 -26.20
C15 POV KA . 34.33 28.70 -28.37
C215 POV KA . 30.02 9.91 -24.24
C315 POV KA . 27.36 12.65 -25.58
C216 POV KA . 30.46 8.64 -23.53
C316 POV KA . 26.35 12.12 -24.57
C217 POV KA . 29.31 7.76 -23.06
C218 POV KA . 28.31 8.48 -22.18
C21 POV KA . 36.55 21.96 -29.15
O21 POV KA . 36.81 23.28 -29.09
C22 POV KA . 36.76 21.43 -30.54
O22 POV KA . 36.20 21.32 -28.20
C23 POV KA . 36.20 20.02 -30.72
C24 POV KA . 36.92 18.97 -29.89
C25 POV KA . 36.14 17.67 -29.71
C26 POV KA . 34.77 17.86 -29.08
C27 POV KA . 34.18 16.60 -28.46
C28 POV KA . 33.89 15.47 -29.45
C29 POV KA . 33.47 14.21 -28.76
C31 POV KA . 34.04 25.27 -29.50
O31 POV KA . 35.35 25.13 -29.43
C32 POV KA . 33.54 25.21 -30.92
O32 POV KA . 33.33 25.43 -28.54
C33 POV KA . 32.82 23.91 -31.26
C34 POV KA . 33.72 22.69 -31.19
C35 POV KA . 33.06 21.40 -31.63
C36 POV KA . 31.77 21.09 -30.88
C37 POV KA . 31.19 19.73 -31.19
C38 POV KA . 29.94 19.40 -30.39
C39 POV KA . 29.54 17.93 -30.45
N POV LA . 46.77 20.26 -5.20
P POV LA . 45.69 23.56 -1.43
C1 POV LA . 44.11 22.41 0.31
C2 POV LA . 44.24 21.05 0.94
C3 POV LA . 45.26 20.21 0.22
C210 POV LA . 34.60 15.99 4.31
C310 POV LA . 37.54 18.54 -1.48
C11 POV LA . 46.62 22.04 -3.37
O11 POV LA . 44.70 22.39 -1.00
C211 POV LA . 33.56 15.84 5.38
C311 POV LA . 36.61 17.42 -1.88
C12 POV LA . 46.09 21.50 -4.67
O12 POV LA . 45.85 23.20 -2.97
C212 POV LA . 34.07 15.09 6.61
C312 POV LA . 35.15 17.67 -1.56
C13 POV LA . 47.51 20.60 -6.46
O13 POV LA . 45.01 24.87 -1.28
C213 POV LA . 33.03 14.93 7.69
C313 POV LA . 34.31 16.41 -1.60
C14 POV LA . 47.73 19.73 -4.19
O14 POV LA . 46.99 23.34 -0.76
C214 POV LA . 31.76 14.23 7.23
C314 POV LA . 32.96 16.55 -0.95
C15 POV LA . 45.74 19.21 -5.50
C215 POV LA . 30.58 14.41 8.17
C315 POV LA . 32.21 15.25 -0.87
C216 POV LA . 29.29 13.83 7.65
C316 POV LA . 32.97 14.18 -0.10
C217 POV LA . 29.19 12.31 7.71
C218 POV LA . 29.08 11.79 9.12
C21 POV LA . 42.54 19.60 1.82
O21 POV LA . 42.95 20.37 0.81
C22 POV LA . 41.21 18.97 1.51
O22 POV LA . 43.16 19.45 2.83
C23 POV LA . 40.22 19.03 2.66
C24 POV LA . 40.49 17.98 3.72
C25 POV LA . 40.48 16.56 3.19
C26 POV LA . 39.14 16.12 2.63
C27 POV LA . 38.04 16.01 3.67
C28 POV LA . 36.74 15.43 3.14
C29 POV LA . 35.70 15.28 4.20
C31 POV LA . 45.14 18.46 -1.38
O31 POV LA . 44.54 19.11 -0.39
C32 POV LA . 44.26 17.36 -1.91
O32 POV LA . 46.25 18.72 -1.78
C33 POV LA . 44.57 16.98 -3.36
C34 POV LA . 43.57 15.99 -3.90
C35 POV LA . 42.17 16.57 -4.07
C36 POV LA . 41.06 15.66 -3.57
C37 POV LA . 40.37 16.20 -2.32
C38 POV LA . 39.58 17.48 -2.57
C39 POV LA . 38.98 18.09 -1.32
C5 8IJ MA . 22.12 3.00 18.80
C6 8IJ MA . 21.96 2.58 17.34
C8 8IJ MA . 21.91 1.08 17.22
C10 8IJ MA . 20.78 0.51 18.07
C17 8IJ MA . 22.74 6.72 17.69
C21 8IJ MA . 24.75 8.64 13.84
C24 8IJ MA . 26.21 7.32 12.30
C26 8IJ MA . 28.44 8.07 11.28
C28 8IJ MA . 30.43 8.43 12.84
C12 8IJ MA . 20.94 0.92 19.52
C14 8IJ MA . 20.99 2.43 19.65
C18 8IJ MA . 23.58 7.78 17.07
C19 8IJ MA . 23.33 7.91 15.60
C23 8IJ MA . 26.11 8.50 13.25
C25 8IJ MA . 27.64 6.96 11.93
C27 8IJ MA . 29.15 9.00 12.26
C29 8IJ MA . 30.25 7.32 13.86
C37 8IJ MA . 37.68 6.42 11.36
C38 8IJ MA . 37.48 7.02 9.98
C39 8IJ MA . 38.29 6.33 8.91
C41 8IJ MA . 24.22 9.81 18.17
C43 8IJ MA . 23.69 11.11 18.71
O1 8IJ MA . 24.54 4.58 19.43
O11 8IJ MA . 20.75 -0.91 17.95
O13 8IJ MA . 19.85 0.41 20.29
O3 8IJ MA . 22.78 5.27 21.16
O4 8IJ MA . 22.08 4.44 18.87
O7 8IJ MA . 20.79 3.16 16.79
O9 8IJ MA . 21.72 0.70 15.86
C30 8IJ MA . 31.55 6.84 14.47
C31 8IJ MA . 32.34 7.95 15.14
C32 8IJ MA . 33.74 7.56 15.60
C33 8IJ MA . 34.64 7.10 14.48
C34 8IJ MA . 36.09 7.01 14.88
C35 8IJ MA . 36.98 6.40 13.81
C36 8IJ MA . 36.86 7.08 12.46
C44 8IJ MA . 23.61 12.17 17.63
C45 8IJ MA . 24.97 12.56 17.10
C46 8IJ MA . 24.93 13.42 15.84
C47 8IJ MA . 24.52 12.67 14.59
C48 8IJ MA . 24.80 13.42 13.30
C49 8IJ MA . 26.16 13.13 12.69
C50 8IJ MA . 27.30 13.10 13.69
C51 8IJ MA . 28.68 12.96 13.05
C52 8IJ MA . 29.19 14.25 12.43
C53 8IJ MA . 29.83 15.21 13.42
C54 8IJ MA . 29.99 16.62 12.88
C55 8IJ MA . 31.22 17.34 13.38
C56 8IJ MA . 32.52 16.73 12.90
C57 8IJ MA . 33.75 17.56 13.23
C58 8IJ MA . 35.03 17.05 12.59
C59 8IJ MA . 34.93 16.95 11.08
O15 8IJ MA . 21.17 2.80 21.01
O16 8IJ MA . 23.08 6.61 19.08
O20 8IJ MA . 24.60 7.87 14.92
O22 8IJ MA . 23.88 9.35 13.42
O40 8IJ MA . 23.22 9.06 17.68
O42 8IJ MA . 25.36 9.49 18.15
P2 8IJ MA . 23.21 5.17 19.75
N POV NA . 26.69 9.71 26.94
P POV NA . 25.40 11.90 30.60
C1 POV NA . 26.00 14.44 30.21
C2 POV NA . 26.73 14.99 31.40
C3 POV NA . 25.79 15.34 32.51
C210 POV NA . 27.85 22.69 34.42
C310 POV NA . 35.71 15.40 36.29
C11 POV NA . 26.04 11.91 28.04
O11 POV NA . 25.05 13.45 30.66
C211 POV NA . 27.71 24.15 34.13
C311 POV NA . 35.40 13.92 36.36
C12 POV NA . 27.05 10.81 27.91
O12 POV NA . 25.06 11.62 29.07
C212 POV NA . 28.69 25.02 34.93
C312 POV NA . 36.58 13.02 36.08
C13 POV NA . 26.02 8.59 27.68
O13 POV NA . 26.85 11.69 30.84
C213 POV NA . 28.37 26.51 34.86
C313 POV NA . 36.29 11.57 36.37
C14 POV NA . 25.76 10.23 25.90
O14 POV NA . 24.41 11.19 31.43
C214 POV NA . 29.52 27.42 35.24
C314 POV NA . 35.05 11.05 35.65
C15 POV NA . 27.92 9.19 26.27
C215 POV NA . 29.19 28.89 35.12
C315 POV NA . 34.09 10.31 36.57
C216 POV NA . 30.40 29.81 35.14
C316 POV NA . 33.52 11.20 37.65
C217 POV NA . 31.36 29.59 33.97
C218 POV NA . 32.51 30.58 33.94
C21 POV NA . 28.60 16.45 31.52
O21 POV NA . 27.39 16.23 31.01
C22 POV NA . 29.16 17.76 31.06
O22 POV NA . 29.16 15.69 32.27
C23 POV NA . 30.51 18.11 31.69
C24 POV NA . 30.49 18.09 33.21
C25 POV NA . 31.67 18.79 33.85
C26 POV NA . 31.38 20.23 34.24
C27 POV NA . 30.96 21.11 33.08
C28 POV NA . 30.15 22.33 33.48
C29 POV NA . 28.88 21.93 34.15
C31 POV NA . 25.84 15.16 34.87
O31 POV NA . 26.54 15.37 33.75
C32 POV NA . 26.74 15.21 36.08
O32 POV NA . 24.66 14.97 34.89
C33 POV NA . 27.65 16.42 36.09
C34 POV NA . 29.09 16.09 35.75
C35 POV NA . 29.84 15.42 36.89
C36 POV NA . 31.31 15.21 36.60
C37 POV NA . 32.01 16.46 36.11
C38 POV NA . 33.41 16.21 35.57
C39 POV NA . 34.51 16.27 36.62
N POV OA . 19.84 -2.84 12.58
P POV OA . 22.93 -1.02 10.14
C1 POV OA . 24.56 0.22 8.48
C2 POV OA . 26.00 -0.21 8.65
C3 POV OA . 26.95 0.87 8.18
C210 POV OA . 28.95 1.90 0.92
C310 POV OA . 28.62 9.88 5.62
C11 POV OA . 20.52 -2.07 10.24
O11 POV OA . 23.71 -0.91 8.74
C211 POV OA . 30.31 2.51 0.93
C311 POV OA . 28.95 10.34 4.21
C12 POV OA . 20.50 -1.80 11.72
O12 POV OA . 21.44 -1.17 9.59
C212 POV OA . 30.84 2.77 2.33
C312 POV OA . 30.28 11.09 4.11
C13 POV OA . 18.36 -2.85 12.35
O13 POV OA . 23.07 0.25 10.89
C213 POV OA . 30.62 4.19 2.80
C313 POV OA . 31.49 10.18 4.02
C14 POV OA . 20.39 -4.20 12.27
O14 POV OA . 23.33 -2.30 10.77
C214 POV OA . 31.52 5.20 2.13
C314 POV OA . 32.79 10.84 4.49
C15 POV OA . 20.10 -2.55 14.03
C215 POV OA . 31.22 6.64 2.49
C315 POV OA . 33.15 12.12 3.78
C216 POV OA . 32.37 7.58 2.18
C316 POV OA . 33.41 11.93 2.31
C217 POV OA . 32.91 7.44 0.76
C218 POV OA . 34.28 8.04 0.59
C21 POV OA . 26.25 -2.58 8.38
O21 POV OA . 26.23 -1.37 7.80
C22 POV OA . 26.49 -3.66 7.38
O22 POV OA . 26.10 -2.75 9.56
C23 POV OA . 26.02 -3.30 5.98
C24 POV OA . 27.05 -2.49 5.20
C25 POV OA . 26.50 -1.88 3.90
C26 POV OA . 27.56 -1.29 3.00
C27 POV OA . 26.99 -0.56 1.79
C28 POV OA . 26.88 0.95 1.97
C29 POV OA . 28.23 1.60 1.99
C31 POV OA . 28.00 1.46 6.12
O31 POV OA . 27.29 0.57 6.81
C32 POV OA . 28.34 2.67 6.95
O32 POV OA . 28.34 1.31 4.98
C33 POV OA . 29.81 3.04 6.89
C34 POV OA . 30.07 4.52 7.15
C35 POV OA . 29.48 5.01 8.46
C36 POV OA . 29.05 6.48 8.40
C37 POV OA . 30.19 7.47 8.21
C38 POV OA . 29.75 8.79 7.63
C39 POV OA . 29.47 8.74 6.13
C1 TRD PA . 44.16 22.04 32.36
C2 TRD PA . 43.35 22.91 31.41
C3 TRD PA . 43.97 24.27 31.12
C4 TRD PA . 43.08 25.20 30.31
C5 TRD PA . 43.31 25.14 28.81
C6 TRD PA . 43.64 23.75 28.30
C7 TRD PA . 43.79 23.64 26.80
C8 TRD PA . 42.49 23.81 26.05
C9 TRD PA . 42.13 25.24 25.73
C10 TRD PA . 40.69 25.42 25.33
C11 TRD PA . 39.72 25.18 26.48
C12 TRD PA . 38.28 25.32 26.07
C13 TRD PA . 38.00 26.56 25.26
N POV QA . 35.71 40.67 26.13
P POV QA . 38.69 36.91 26.83
C1 POV QA . 36.15 36.49 27.36
C2 POV QA . 35.39 35.65 28.37
C3 POV QA . 34.69 34.43 27.80
C210 POV QA . 25.01 34.31 26.09
C310 POV QA . 28.21 32.65 32.06
C11 POV QA . 37.69 39.11 25.75
O11 POV QA . 37.47 35.95 27.19
C211 POV QA . 25.03 33.69 27.45
C311 POV QA . 28.06 31.25 32.62
C12 POV QA . 36.19 39.30 25.73
O12 POV QA . 38.01 37.70 25.61
C212 POV QA . 24.96 32.18 27.40
C312 POV QA . 27.73 30.20 31.58
C13 POV QA . 35.54 40.74 27.62
O13 POV QA . 38.94 37.85 27.94
C213 POV QA . 23.86 31.64 26.51
C313 POV QA . 26.45 30.47 30.82
C14 POV QA . 36.70 41.71 25.71
O14 POV QA . 39.79 36.09 26.30
C214 POV QA . 22.47 32.10 26.89
C314 POV QA . 25.22 30.65 31.71
C15 POV QA . 34.39 40.95 25.48
C215 POV QA . 21.38 31.59 25.96
C315 POV QA . 24.81 29.42 32.52
C216 POV QA . 21.24 30.08 25.93
C316 POV QA . 25.61 29.24 33.80
C217 POV QA . 20.89 29.47 27.27
C218 POV QA . 19.56 29.96 27.81
C21 POV QA . 33.65 37.40 28.76
O21 POV QA . 34.52 36.47 29.24
C22 POV QA . 33.07 37.05 27.42
O22 POV QA . 33.38 38.40 29.36
C23 POV QA . 31.90 37.96 27.05
C24 POV QA . 30.73 37.86 28.02
C25 POV QA . 29.62 36.93 27.58
C26 POV QA . 29.02 37.29 26.23
C27 POV QA . 27.57 36.86 26.04
C28 POV QA . 27.31 35.36 26.12
C29 POV QA . 25.98 35.01 25.53
C31 POV QA . 33.28 33.08 29.14
O31 POV QA . 33.47 34.26 28.55
C32 POV QA . 32.00 33.05 29.92
O32 POV QA . 34.04 32.15 29.05
C33 POV QA . 31.93 34.06 31.04
C34 POV QA . 31.76 35.49 30.57
C35 POV QA . 32.00 36.55 31.64
C36 POV QA . 30.77 36.95 32.45
C37 POV QA . 30.11 35.81 33.22
C38 POV QA . 29.12 34.99 32.41
C39 POV QA . 28.80 33.64 33.04
N POV RA . 6.85 9.63 25.20
P POV RA . 7.01 13.68 23.59
C1 POV RA . 6.72 15.34 25.60
C2 POV RA . 6.87 16.80 25.26
C3 POV RA . 7.19 17.02 23.80
C210 POV RA . 16.37 21.90 28.92
C310 POV RA . 15.66 22.81 25.08
C11 POV RA . 8.17 11.83 25.10
O11 POV RA . 7.62 14.58 24.77
C211 POV RA . 17.81 22.24 29.07
C311 POV RA . 16.59 23.07 23.89
C12 POV RA . 8.19 10.33 25.07
O12 POV RA . 7.92 12.38 23.78
C212 POV RA . 18.09 23.73 28.91
C312 POV RA . 18.03 23.40 24.27
C13 POV RA . 6.83 8.28 24.56
O13 POV RA . 7.28 14.32 22.28
C213 POV RA . 17.70 24.29 27.54
C313 POV RA . 18.99 23.32 23.10
C14 POV RA . 6.54 9.48 26.65
O14 POV RA . 5.62 13.34 23.97
C214 POV RA . 18.02 25.78 27.36
C314 POV RA . 20.42 23.67 23.44
C15 POV RA . 5.79 10.47 24.57
C215 POV RA . 19.50 26.10 27.20
C315 POV RA . 20.63 25.12 23.84
C216 POV RA . 20.30 26.08 28.50
C316 POV RA . 22.08 25.44 24.17
C217 POV RA . 19.87 27.13 29.50
C218 POV RA . 20.71 27.13 30.76
C21 POV RA . 7.69 17.49 27.41
O21 POV RA . 7.94 17.33 26.10
C22 POV RA . 8.89 18.03 28.13
O22 POV RA . 6.63 17.24 27.92
C23 POV RA . 8.87 19.53 28.33
C24 POV RA . 10.07 20.22 27.70
C25 POV RA . 11.41 19.79 28.27
C26 POV RA . 12.59 20.30 27.48
C27 POV RA . 13.96 19.95 28.07
C28 POV RA . 14.26 20.63 29.40
C29 POV RA . 15.72 20.93 29.54
C31 POV RA . 8.94 18.15 22.71
O31 POV RA . 7.97 18.22 23.62
C32 POV RA . 9.66 19.46 22.58
O32 POV RA . 9.20 17.17 22.07
C33 POV RA . 10.93 19.36 21.73
C34 POV RA . 12.16 19.00 22.54
C35 POV RA . 13.42 18.90 21.70
C36 POV RA . 14.71 19.08 22.49
C37 POV RA . 14.94 20.49 23.01
C38 POV RA . 14.19 20.85 24.28
C39 POV RA . 14.27 22.31 24.70
N POV SA . 53.41 18.15 15.35
P POV SA . 49.69 17.41 15.12
C1 POV SA . 47.59 15.87 14.76
C2 POV SA . 46.72 16.33 15.90
C3 POV SA . 46.40 17.81 15.81
C210 POV SA . 44.19 9.54 24.82
C310 POV SA . 40.72 11.99 16.81
C11 POV SA . 51.40 19.18 14.16
O11 POV SA . 48.39 16.97 14.30
C211 POV SA . 44.30 8.79 23.53
C311 POV SA . 40.58 11.05 15.61
C12 POV SA . 52.17 19.00 15.44
O12 POV SA . 50.51 18.06 13.91
C212 POV SA . 43.10 7.88 23.27
C312 POV SA . 39.88 11.70 14.43
C13 POV SA . 53.15 16.92 14.54
O13 POV SA . 50.40 16.21 15.63
C213 POV SA . 43.13 6.57 24.05
C313 POV SA . 39.72 10.76 13.24
C14 POV SA . 54.52 18.93 14.72
O14 POV SA . 49.31 18.48 16.05
C214 POV SA . 41.88 5.73 23.84
C314 POV SA . 38.60 9.74 13.42
C15 POV SA . 53.82 17.75 16.74
C215 POV SA . 41.34 5.78 22.43
C315 POV SA . 37.21 10.30 13.17
C216 POV SA . 42.31 5.32 21.37
C316 POV SA . 37.02 10.72 11.74
C217 POV SA . 41.93 5.71 19.95
C218 POV SA . 40.57 5.21 19.53
C21 POV SA . 47.07 15.00 17.86
O21 POV SA . 47.43 16.08 17.15
C22 POV SA . 47.88 14.88 19.12
O22 POV SA . 46.22 14.23 17.52
C23 POV SA . 47.75 13.51 19.77
C24 POV SA . 46.38 13.24 20.38
C25 POV SA . 46.15 11.79 20.74
C26 POV SA . 44.89 11.54 21.57
C27 POV SA . 44.98 12.06 22.99
C28 POV SA . 43.73 11.80 23.83
C29 POV SA . 43.95 10.83 24.95
C31 POV SA . 44.97 18.25 13.98
O31 POV SA . 45.07 17.95 15.28
C32 POV SA . 43.53 18.33 13.55
O32 POV SA . 45.90 18.41 13.26
C33 POV SA . 42.56 17.76 14.59
C34 POV SA . 42.70 16.26 14.78
C35 POV SA . 43.17 15.85 16.17
C36 POV SA . 42.69 14.48 16.58
C37 POV SA . 43.16 14.01 17.95
C38 POV SA . 42.32 12.91 18.58
C39 POV SA . 41.96 11.75 17.65
NA NA TA . 20.15 25.68 -5.47
#